data_6ZKA
#
_entry.id   6ZKA
#
_cell.length_a   1.00
_cell.length_b   1.00
_cell.length_c   1.00
_cell.angle_alpha   90.00
_cell.angle_beta   90.00
_cell.angle_gamma   90.00
#
_symmetry.space_group_name_H-M   'P 1'
#
loop_
_entity.id
_entity.type
_entity.pdbx_description
1 polymer 'NADH-ubiquinone oxidoreductase chain 3'
2 polymer 'NADH-ubiquinone oxidoreductase chain 1'
3 polymer 'NADH-ubiquinone oxidoreductase chain 6'
4 polymer 'NADH-ubiquinone oxidoreductase chain 4L'
5 polymer 'NADH-ubiquinone oxidoreductase chain 5'
6 polymer 'NADH-ubiquinone oxidoreductase chain 4'
7 polymer 'NADH-ubiquinone oxidoreductase chain 2'
8 polymer 'Mitochondrial complex I, B14.7 subunit'
9 polymer 'NADH:ubiquinone oxidoreductase subunit B5'
10 polymer 'Acyl carrier protein'
11 polymer 'NADH dehydrogenase [ubiquinone] 1 alpha subcomplex subunit 8'
12 polymer 'Mitochondrial complex I, PDSW subunit'
13 polymer 'NADH dehydrogenase [ubiquinone] 1 alpha subcomplex subunit 10, mitochondrial'
14 polymer 'NADH:ubiquinone oxidoreductase subunit S5'
15 polymer 'NADH:ubiquinone oxidoreductase subunit A3'
16 polymer 'NADH:ubiquinone oxidoreductase subunit B3'
17 polymer 'NADH dehydrogenase [ubiquinone] 1 subunit C2'
18 polymer 'NADH:ubiquinone oxidoreductase subunit B4'
19 polymer 'Mitochondrial complex I, B16.6 subunit'
20 polymer 'Mitochondrial complex I, B17 subunit'
21 polymer 'NADH:ubiquinone oxidoreductase subunit B7'
22 polymer 'NADH:ubiquinone oxidoreductase subunit B9'
23 polymer 'NADH:ubiquinone oxidoreductase subunit B2'
24 polymer 'NADH dehydrogenase [ubiquinone] 1 beta subcomplex subunit 8, mitochondrial'
25 polymer 'Mitochondrial complex I, ESSS subunit'
26 polymer 'Mitochondrial complex I, KFYI subunit'
27 polymer 'Mitochondrial complex I, MNLL subunit'
28 polymer 'Mitochondrial complex I, MWFE subunit'
29 polymer 'Mitochondrial complex I, ND4L subunit'
30 non-polymer 1,2-DIACYL-SN-GLYCERO-3-PHOSPHOCHOLINE
31 non-polymer 2-decyl-5,6-dimethoxy-3-methylcyclohexa-2,5-diene-1,4-dione
32 non-polymer 1,2-Distearoyl-sn-glycerophosphoethanolamine
33 non-polymer CARDIOLIPIN
34 non-polymer 'S-[2-({N-[(2S)-2-hydroxy-3,3-dimethyl-4-(phosphonooxy)butanoyl]-beta-alanyl}amino)ethyl] tetradecanethioate'
35 non-polymer 'ADENOSINE MONOPHOSPHATE'
36 non-polymer 'MYRISTIC ACID'
37 water water
#
loop_
_entity_poly.entity_id
_entity_poly.type
_entity_poly.pdbx_seq_one_letter_code
_entity_poly.pdbx_strand_id
1 'polypeptide(L)'
;MNLMITLLTNFTLATLLVTIAFWLPQLNVYSEKTSPYECGFDPMGSARLPFSMKFFLVAITFLLFDLEIALLLPLPWASQ
TTNLNTMLTMALLLIFLLAVSLAYEWTQKGLEWTE
;
A
2 'polypeptide(L)'
;MFMINVLTLIIPILLAVAFLTLVERKVLGYMQFRKGPNVVGPYGLLQPIADAIKLFIKEPLRPATSSISMFILAPILALT
LALTMWIPLPMPYPLINMNLGVLFMLAMSSLAVYSILWSGWASNSKYALIGALRAVAQTISYEVTLAIILLSVLLMNGSF
TLSTLIITQEQVWLIFPAWPLAMMWFISTLAETNRAPFDLTEGESELVSGFNVEYAAGPFALFFMAEYANIIMMNIFTTT
LFLGAFHNPYMPELYTINFTIKSLLLSITFLWIRASYPRFRYDQLMHLLWKNFLPLTLALCMWHVSLPILLSSIPPQT
;
H
3 'polypeptide(L)'
;MMTYIVFILSIIFVMGFVGFSSKPSPIYGGLGLIVSGGVGCGIVLNFGGSFLGLMVFLIYLGGMMVVFGYTTAMATEQYP
EVWVSNKVVLGTFITGLLMEFLMVYYVLKDKEVEIVFKFNGMGDWVIYDTGDSGFFSEEAMGIAALYSYGTWLVIVTGWS
LLIGVVVIMEITRGN
;
J
4 'polypeptide(L)'
;(FME)SLVYMNIMMAFTVSLTGLLMYRSHLMSSLLCLEGMMLSLFILATLMILNSHFTLASMMPIILLVFAACEAALGLS
LLVMVSNTYGTDYVQNLNLLQC
;
K
5 'polypeptide(L)'
;(FME)NLFSSLTLVTLILLTMPIAAINFNTHKFTNYPLYVKTTISCAFITSMIPTMMFIHTGQEMIISNWHWLTIQTLKL
SLSFKMDFFSMMFVPVALFVTWSIMEFSMWYMHSDPNINQFFKYLLLFLITMLILVTANNLFQLFIGWEGVGIMSFLLIG
WWYGRTDANTAALQAILYNRIGDIGFILAMAWFLINLNTWDLQQIFMLNPNDSNLPLMGLILAATGKSAQFGLHPWLPSA
MEGPTPVSALLHSSTMVVAGIFLLIRFYPLTENNKFGQSIMLCLGAMTTLFTAMCALTQNDIKKIIAFSTSSQLGLMMVT
IGINQPHLAFLHICTHAFFKAMLFMCSGSIIHSLNDEQDIRKMGGLFKAMPFTTTALIIGSLALTGMPFLTGFYSKDLII
ESANTSYTNAWALLMTLVATSFTAIYSTRIIFFALLGQPRFPTLININENNPFLINSIKRLLIGSLFAGFIISNNIPPMT
IPQMTMPHYLKMTALTVTILGFILALEISNTTHYLKFNYPSNTFKFSNLLGYYPTIMHRLTPYMNLTMSQKSASSLLDLI
WLETILPKTISLAQMKMSTTITSQKGLIKLYFLSFLITILISTTLLNFHE
;
L
6 'polypeptide(L)'
;(FME)LKYIIPTMMLMPLTWLSKNSMIWINTTLHSLLISLTSLLLLNQFGDNSLNFSLTFFSDSLSTPLLILTMWLLPLM
LMASQHHLSKENLARKKLFISMLILLQLFLIMTFTATELIFFYIMFEATLVPTLIIITRWGNQTERLNAGLYFLFYTLAG
SLPLLVALIYIQNTMGSLNFLILQYWVQPMPNSWSNTFMWLACMMAFMVKMPLYGLHLWLPKAHVEAPIAGSMVLAAILL
KLGGYGMMRITLLLNPITDFMAYPFIMLSLWGMIMTSSICLRQTDLKSLIAYSSVSHMALVIVAILIQTPWSYMGATALM
IAHGLTSSMLFCLANSNYERVHSRTMILARGLQTLLPLMAAWWLLASLTNLALPPSINLIGELFVVMSTFSWSNITIILM
GLNMVITALYSLYMLITTQRGKHTHHINNILPSFTRENALMSLHMLPLLLLSLNPKIILGPLY
;
M
7 'polypeptide(L)'
;MNPIILIIILMTVMLGTIIVMISTHWLLIWIGFEMNMLAIIPIMMKKHNPRATEASTKYFLTQSTASMLLMMAIIINLMF
SGQWTVMKLFNPMASMLMTMALAMKLGMAPFHFWVPEVTQGIPLSSGLILLTWQKLAPMSVLYQILPSINLDLILTLSIL
SITIGGWGGLNQTQLRKIMAYSSIAHMGWMTAVLLYNPTMTLLNLIIYIIMTSTMFTLFMANSTTTTLSLSHTWNKAPIM
TILVLITLLSMGGLPPLSGFMPKWMIIQEMTKNDSIILPTLMAITALLNLYFYMRLTYSTALTMFPSTNNMKMKWQFPTT
KRMTLLPTMTVLSTMLLPLTPILSILE
;
N
8 'polypeptide(L)'
;M(AYA)KTLLHQYWDIPEGTECHRKTYAATSIGGASGLVVSAYSVALKTPTSFLEGVARTGRYTFTAAAIGAIFGLTSCI
SAQVREKPDDPLNYLIGGCAGGLTLGARTRSYGIGAAACAYMGLTAALVKMGQLEGWKVFAEPKV
;
V
9 'polypeptide(L)'
;MAAMSLLHRASVSAVVALSGRRLGTRLGFGGFLTRDFPKTVAPVRHSGDHGKRLFIIKPSGFYDKRFLKLLRFYILLTGI
PVVIGITLINVFIGEAELAEIPEGYVPEHWEYFKHPISRWIARTFFDAPEKNYERTMAILQIESEKAELRLKELEVRRLM
RAKGDGPWFQYPTIDKALIDHSPKATPDN
;
W
10 'polypeptide(L)'
;VEVKDFYTTNYQTAVSFSPLGPMPSMALMAVSLSGANVPKSGGRPEESRVPVLTQRKVPGRVTPLCRQYSDAPPLTLEGI
KDRVLYVLKLYDKIDPEKLSVNSHFMKDLGLDSLDQVEIIMAMEDEFGFEIPDIDAEKLMCPQEIVDYIADKKDVYE
;
X
11 'polypeptide(L)'
;MPGIVELPSLEDLKVQEVKVSSSVLKAAAHHYGAQCDKPNKEFMLCRWEEKDPRRCLEEGKLVNQCALEFFRQIKRHCAE
PFTEYWTCIDYSGLQLFRRCRKEQAQFDKCVLDKLGWVRPDLGELSKVTKVKTDRPLPENPYHSRARPEPNPEVEGDLKP
ARHGSRLFFWTM
;
Y
12 'polypeptide(L)'
;PDSWDKDVYPEPPRRTPAPSPQTSLPNPITYLTKAFDLLVDRPVTLVREFIERQHAKNKYYYYHREFRRVPDITECHEKD
VLCMFEAEMQWKRDYKVDQEIVNIIQERLKACQQREGESHRQNCAKELQQFTQVVKAYQDRYHDLGAHYSARKCLAKQKQ
RMLAERKATKEAAAA
;
Z
13 'polypeptide(L)'
;MALRFLRLVPASAASRGLAAVPPRVGGIHTSVQRKLQYGPLAYILGEKTTKKMTENSKLITVDGNICSGK(SEP)KLAKE
VAEKLGLKHFPEAGIHYADSTTGDGKPLPVRFSGNCSLEKFYDDPKSNDGNSYRLQAWLYASRLLQYADALEHLLSTGQG
VVLERSIYSDFVFLEAMYRQGFIRKQCVDHYNQVKKVTVCEYLPPHVVIYVDVPVSEVQSRIQKKGNPHEMKITSAYLQD
IENVYKGTFLPEMSEKCEVLQYSAWEAEDAEKVVEDIQYLKYDKGPWLDQDDRKLHNLRMLVQDKLEVLNYTSIPVFLPE
VTIGAHQSDRVFQEFTELPGRKYRAGYNEDVGDKWIWLK
;
k
14 'polypeptide(L)'
;MPFFDVQKKLGVDLDHWMTIQSAEQPHRIPARCHAFEKEWIECAHGIGSIRAEKECKIEFEDFRECLLRQKTMKRLNAIK
RQRDKLIKEGKYTPPPHHSGQEDLRP
;
l
15 'polypeptide(L)'
;MAPRVAAFLKNVWAKEPVLVASFAIAGLAVILPTLSPYTKYSLMINRATPYNYPVPLRDDGNMPDVPSHPQDPQGPSLEW
LKRL
;
m
16 'polypeptide(L)'
;MAHGHGHEHGPSKMELPDYKQWKIEGTPLETVQEKLAARGLRDPWGRNEAWRYMGGFANNVSFVGALLKGFKWGFAAFVV
AVGAEYYLESQKKDKKHH
;
n
17 'polypeptide(L)'
;VTMMTGRQARAPLQFLPDEARSLPPPKLTDPRLAYIGFLGYCSGLIDNAIRRRPVLSAGLHRQFLYITSFVFVGYYLLKR
QDYMYAVRDHDMFSYIKSHPEDFPEKDKKTYREVFEEFHPVR
;
o
18 'polypeptide(L)'
;KMSFPKYEPSRLASLPTTLDPAEYDISSETRKAQAERLAIRSRLKREYQLQYNDPSRRGVVEDPALIRWTCARSANVYPN
FRPNTKTSLLGALFGIGPLIFWYYVFKTDRDRKEKLIQEGKLDRTFNISY
;
p
19 'polypeptide(L)'
;MAASKVKQDMPPVGGYGPIDYKRNLPRRGLSGYSMFAVGIGALLFGYWSMMRWNRERRRLQIEDFEARIALMPLLQAEKD
RRVLQMLRENLEEEATIMKDVPGWKVGESVFHTTRWVTPMMGELYGLRTGEEILSSTYGFIWYT
;
q
20 'polypeptide(L)'
;MSGYTPDEKLRLQQLRELRRRWLKDQELSPREPVLPPRRVSPVERFWNKFLQDGALWKNVIYKTYRHSIFAFTHVLIPVW
IIHYYLKYHVTTKPYTIVEKKPRIFPGDTILETGEVIPPMKEFPDQHH
;
r
21 'polypeptide(L)'
;MGAHLARRYLGDASVEPEPLRMPTFPPDYGFPERKEREMVATQQEMNDAQLVLQQRDYCAHYLIRFLKCKRDSFPNFLAC
KHEQHDWDYCEHLDYVKRMKEFERERRLLQRKKRREQREADMAKGLGPGEVAPEVAL
;
s
22 'polypeptide(L)'
;MAFLPSAAYLTHQQKVLQLYKRALRHLESRCVHRDKYRYFACLLRARFDEHKNEKDMVKATQLLREAEKEFWHGQHPQPY
IFPESPGGTSYERYECYKVPEWCLDDWHPSEKAMYPDYFAKREQWKKLRRESWEREVKQLQEETPVGGPRTEALPPARKQ
GDLPPLWWHIVTRPRERPM
;
t
23 'polypeptide(L)'
;MAGMSALKRLAPFAHVGGHLFRGRCARAVGAGGVRRAGGGAHIEPRYRQFPQLTRSQVIQAEFFSATMWFWILWRFWHDS
DAVLGHFPYPDPSQWTDEELGIPPDDED
;
u
24 'polypeptide(L)'
;MAAARAGVLGIRWLQKAARNVVPLGARTASHITKDMLPGPYPKTPEERAAAAKKYNMRVEDYEPYPDDGMGYGDYPKLPD
RSQQERDPWYDWDHPDLRLNWGEPMHWDLDMYIRNRVDTSPTPVNWNLMCKHLFGFVAFMLFMFWVGETYPTYQPVGPKQ
YPYNNLYLERGGDPNKEPEPVVHYEI
;
v
25 'polypeptide(L)'
;MAAGMLGLCGRRLLAVAATRGLPAASVRWESSSSRAVIAPSTLAGKRPSEPTLRWQEDPEPEDENLYEKNPDSHGYDKDP
AVDVWNMRVVFFFGFSIVLVLGSTFVAYLPDYRMQEWARREAERLVKYREAHGLPLMESNCFDPSKIQLPEDED
;
w
26 'polypeptide(L)' MAPSAFLRPFWKLLAPARFPSVSSSRSKFYIQEPPHGSPNWLKVGLTLGTSAFLWIYLIKQHNEDVLEYKRRNGLE x
27 'polypeptide(L)' MMNLLQVVRDHWIHVLVPVGFVFGYYLDRKNDEKLAAFRNKSLLYKRELKPQEEVTWK y
28 'polypeptide(L)' MWFEVLPGIAVMGVCLFIPGMATARIHRFSNGGREKRVAHYSYQWYLMERDRRVSGVNRYYVSKGLENID z
29 'polypeptide(L)'
;MAALRALRRLRGAAAQVLRPGAGARLPIQPSRGARQWQPDVEWAEQYGGAVMYPTKETAHWKPPPWNDVDPPKDTLVSNL
TLNFGPQHPAAHGVLRLVMELSGEMVRKCDPHIGLLHRGTEKLIEYKTYLQALPYFDRLDYVSMMCNEQAYSLAVEKLLN
IQPPPRAQWIRVLFGEITRLLNHIMAVTTHALDIGAMTPFFWMFEEREKMFEFYERVSGARMHAAYVRPGGVHQDLPLGL
MDDIYEFSKNFSLRIDELEEMLTNNRIWRNRTVDIGVVTAEDALNYGFSGVMLRGSGIQWDLRKTQPYDVYDQVEFDVPI
GSRGDCYDRYLCRVEEMRQSIRIISQCLNKMPPGEIKVDDAKVSPPKRAEMKTSMESLIHHFKLYTEGYQVPPGATYTAI
EAPKGEFGVYLVSDGSSRPYRCKIKAPGFAHLAGLDKMSKGHMLADVVAIIGTQDIVFGEVDR
;
4
#
# COMPACT_ATOMS: atom_id res chain seq x y z
N MET A 1 -18.47 63.70 35.57
CA MET A 1 -17.39 64.45 36.21
C MET A 1 -17.68 64.67 37.69
N ASN A 2 -18.89 65.14 37.99
CA ASN A 2 -19.35 65.20 39.37
C ASN A 2 -19.44 63.82 39.98
N LEU A 3 -19.76 62.81 39.17
CA LEU A 3 -19.81 61.44 39.65
C LEU A 3 -18.43 60.91 39.98
N MET A 4 -17.41 61.24 39.17
CA MET A 4 -16.05 60.80 39.47
C MET A 4 -15.53 61.47 40.73
N ILE A 5 -15.89 62.74 40.94
CA ILE A 5 -15.54 63.45 42.17
C ILE A 5 -16.22 62.81 43.36
N THR A 6 -17.48 62.39 43.20
CA THR A 6 -18.21 61.80 44.31
C THR A 6 -17.68 60.41 44.67
N LEU A 7 -17.34 59.62 43.66
CA LEU A 7 -16.72 58.32 43.89
C LEU A 7 -15.35 58.46 44.53
N LEU A 8 -14.56 59.44 44.08
CA LEU A 8 -13.26 59.70 44.69
C LEU A 8 -13.40 60.17 46.13
N THR A 9 -14.44 60.96 46.41
CA THR A 9 -14.64 61.44 47.78
C THR A 9 -15.09 60.32 48.70
N ASN A 10 -15.98 59.45 48.24
CA ASN A 10 -16.41 58.31 49.06
C ASN A 10 -15.27 57.33 49.28
N PHE A 11 -14.46 57.07 48.25
CA PHE A 11 -13.31 56.19 48.40
C PHE A 11 -12.25 56.80 49.30
N THR A 12 -12.05 58.13 49.23
CA THR A 12 -11.07 58.79 50.08
C THR A 12 -11.52 58.80 51.53
N LEU A 13 -12.80 59.04 51.78
CA LEU A 13 -13.33 58.99 53.15
C LEU A 13 -13.26 57.59 53.72
N ALA A 14 -13.57 56.57 52.92
CA ALA A 14 -13.49 55.19 53.40
C ALA A 14 -12.06 54.77 53.69
N THR A 15 -11.12 55.13 52.80
CA THR A 15 -9.71 54.80 53.02
C THR A 15 -9.14 55.57 54.21
N LEU A 16 -9.60 56.81 54.42
CA LEU A 16 -9.17 57.59 55.58
C LEU A 16 -9.68 57.00 56.88
N LEU A 17 -10.94 56.54 56.90
CA LEU A 17 -11.48 55.93 58.11
C LEU A 17 -10.84 54.58 58.41
N VAL A 18 -10.53 53.82 57.36
CA VAL A 18 -9.83 52.55 57.56
C VAL A 18 -8.40 52.78 58.03
N THR A 19 -7.73 53.81 57.50
CA THR A 19 -6.38 54.15 57.94
C THR A 19 -6.36 54.66 59.38
N ILE A 20 -7.41 55.38 59.80
CA ILE A 20 -7.56 55.75 61.20
C ILE A 20 -7.76 54.50 62.06
N ALA A 21 -8.68 53.62 61.65
CA ALA A 21 -9.02 52.46 62.47
C ALA A 21 -7.90 51.44 62.57
N PHE A 22 -6.97 51.41 61.62
CA PHE A 22 -5.83 50.51 61.73
C PHE A 22 -4.60 51.14 62.35
N TRP A 23 -4.59 52.46 62.58
CA TRP A 23 -3.38 53.11 63.08
C TRP A 23 -3.62 54.10 64.21
N LEU A 24 -4.85 54.30 64.67
CA LEU A 24 -5.09 55.03 65.91
C LEU A 24 -4.86 54.17 67.16
N PRO A 25 -5.28 52.90 67.27
CA PRO A 25 -4.88 52.12 68.45
C PRO A 25 -3.45 51.61 68.43
N GLN A 26 -2.66 51.94 67.41
CA GLN A 26 -1.23 51.63 67.43
C GLN A 26 -0.43 52.61 68.28
N LEU A 27 -1.05 53.68 68.77
CA LEU A 27 -0.38 54.60 69.68
C LEU A 27 -0.15 53.94 71.03
N ASN A 28 -1.12 53.16 71.50
CA ASN A 28 -0.97 52.47 72.77
C ASN A 28 0.02 51.32 72.64
N VAL A 29 0.75 51.07 73.72
CA VAL A 29 1.73 49.98 73.71
C VAL A 29 1.03 48.63 73.87
N TYR A 30 0.27 48.47 74.97
CA TYR A 30 -0.50 47.28 75.31
C TYR A 30 0.33 45.99 75.34
N LEU A 49 -11.38 23.81 54.80
CA LEU A 49 -12.78 23.37 54.82
C LEU A 49 -13.02 22.32 53.74
N PRO A 50 -13.85 21.33 54.04
CA PRO A 50 -14.25 20.38 53.01
C PRO A 50 -15.19 21.04 52.01
N PHE A 51 -15.10 20.61 50.76
CA PHE A 51 -15.90 21.21 49.72
C PHE A 51 -17.35 20.79 49.88
N SER A 52 -18.26 21.75 49.75
CA SER A 52 -19.70 21.49 49.80
C SER A 52 -20.27 21.73 48.41
N MET A 53 -20.84 20.67 47.82
CA MET A 53 -21.41 20.78 46.47
C MET A 53 -22.63 21.68 46.44
N LYS A 54 -23.29 21.81 47.59
CA LYS A 54 -24.54 22.52 47.72
C LYS A 54 -24.37 24.03 47.59
N PHE A 55 -23.32 24.57 48.19
CA PHE A 55 -23.02 26.00 48.07
C PHE A 55 -22.60 26.37 46.66
N PHE A 56 -21.82 25.50 46.01
CA PHE A 56 -21.46 25.73 44.62
C PHE A 56 -22.68 25.68 43.72
N LEU A 57 -23.62 24.77 43.99
CA LEU A 57 -24.82 24.69 43.16
C LEU A 57 -25.72 25.90 43.35
N VAL A 58 -25.80 26.45 44.56
CA VAL A 58 -26.64 27.63 44.72
C VAL A 58 -25.97 28.86 44.09
N ALA A 59 -24.63 28.90 44.09
CA ALA A 59 -23.94 30.00 43.40
C ALA A 59 -24.11 29.92 41.88
N ILE A 60 -24.07 28.71 41.32
CA ILE A 60 -24.24 28.57 39.88
C ILE A 60 -25.69 28.82 39.49
N THR A 61 -26.64 28.42 40.33
CA THR A 61 -28.05 28.71 40.07
C THR A 61 -28.31 30.21 40.11
N PHE A 62 -27.66 30.92 41.05
CA PHE A 62 -27.65 32.38 41.03
C PHE A 62 -27.11 32.94 39.72
N LEU A 63 -25.98 32.39 39.25
CA LEU A 63 -25.37 32.93 38.02
C LEU A 63 -26.28 32.73 36.81
N LEU A 64 -26.89 31.56 36.68
CA LEU A 64 -27.75 31.28 35.55
C LEU A 64 -29.03 32.11 35.59
N PHE A 65 -29.61 32.28 36.79
CA PHE A 65 -30.82 33.08 36.87
C PHE A 65 -30.48 34.57 36.74
N ASP A 66 -29.26 34.95 37.09
CA ASP A 66 -28.80 36.32 36.93
C ASP A 66 -28.59 36.68 35.46
N LEU A 67 -28.16 35.70 34.65
CA LEU A 67 -28.11 35.89 33.21
C LEU A 67 -29.52 36.01 32.62
N GLU A 68 -30.45 35.21 33.13
CA GLU A 68 -31.84 35.32 32.71
C GLU A 68 -32.46 36.68 33.09
N ILE A 69 -32.05 37.22 34.25
CA ILE A 69 -32.44 38.56 34.65
C ILE A 69 -31.87 39.61 33.71
N ALA A 70 -30.59 39.43 33.32
CA ALA A 70 -29.98 40.34 32.34
C ALA A 70 -30.71 40.35 31.02
N LEU A 71 -31.29 39.21 30.63
CA LEU A 71 -32.22 39.23 29.50
C LEU A 71 -33.49 40.00 29.84
N LEU A 72 -33.96 39.95 31.08
CA LEU A 72 -35.22 40.62 31.40
C LEU A 72 -35.10 42.13 31.66
N LEU A 73 -33.90 42.67 31.83
CA LEU A 73 -33.75 44.07 32.19
C LEU A 73 -34.19 45.15 31.20
N PRO A 74 -34.16 44.96 29.86
CA PRO A 74 -34.73 46.04 29.02
C PRO A 74 -36.25 46.06 28.85
N LEU A 75 -37.01 45.36 29.69
CA LEU A 75 -38.48 45.38 29.57
C LEU A 75 -39.18 46.74 29.75
N PRO A 76 -38.80 47.65 30.67
CA PRO A 76 -39.49 48.95 30.72
C PRO A 76 -39.31 49.79 29.47
N TRP A 77 -38.24 49.56 28.72
CA TRP A 77 -38.05 50.17 27.41
C TRP A 77 -38.69 49.37 26.31
N ALA A 78 -38.77 48.05 26.47
CA ALA A 78 -39.35 47.19 25.44
C ALA A 78 -40.85 47.31 25.37
N SER A 79 -41.50 47.77 26.45
CA SER A 79 -42.94 47.98 26.40
C SER A 79 -43.35 49.18 25.55
N GLN A 80 -42.40 50.01 25.13
CA GLN A 80 -42.67 51.20 24.33
C GLN A 80 -42.75 50.91 22.84
N THR A 81 -42.65 49.65 22.44
CA THR A 81 -42.56 49.30 21.03
C THR A 81 -43.93 49.34 20.37
N THR A 82 -43.90 49.34 19.04
CA THR A 82 -45.11 49.18 18.24
C THR A 82 -45.31 47.71 17.83
N ASN A 83 -44.37 46.84 18.18
CA ASN A 83 -44.58 45.41 17.98
C ASN A 83 -44.95 44.73 19.31
N LEU A 84 -46.11 45.11 19.86
CA LEU A 84 -46.44 44.71 21.23
C LEU A 84 -46.86 43.26 21.36
N ASN A 85 -47.46 42.66 20.33
CA ASN A 85 -47.81 41.25 20.42
C ASN A 85 -46.56 40.38 20.49
N THR A 86 -45.58 40.69 19.64
CA THR A 86 -44.30 39.99 19.66
C THR A 86 -43.55 40.26 20.95
N MET A 87 -43.53 41.52 21.39
CA MET A 87 -42.82 41.88 22.63
C MET A 87 -43.42 41.18 23.84
N LEU A 88 -44.75 41.15 23.93
CA LEU A 88 -45.40 40.49 25.06
C LEU A 88 -45.19 39.00 25.02
N THR A 89 -45.21 38.40 23.82
CA THR A 89 -44.91 36.97 23.67
C THR A 89 -43.49 36.65 24.14
N MET A 90 -42.51 37.46 23.74
CA MET A 90 -41.14 37.13 24.10
C MET A 90 -40.83 37.44 25.56
N ALA A 91 -41.46 38.45 26.14
CA ALA A 91 -41.30 38.75 27.55
C ALA A 91 -41.88 37.64 28.42
N LEU A 92 -43.10 37.20 28.10
CA LEU A 92 -43.69 36.08 28.82
C LEU A 92 -42.92 34.80 28.59
N LEU A 93 -42.31 34.63 27.41
CA LEU A 93 -41.53 33.43 27.14
C LEU A 93 -40.22 33.43 27.95
N LEU A 94 -39.59 34.59 28.12
CA LEU A 94 -38.38 34.62 28.95
C LEU A 94 -38.67 34.39 30.43
N ILE A 95 -39.74 34.99 30.93
CA ILE A 95 -40.07 34.74 32.34
C ILE A 95 -40.54 33.30 32.53
N PHE A 96 -41.18 32.73 31.49
CA PHE A 96 -41.57 31.33 31.53
C PHE A 96 -40.37 30.41 31.51
N LEU A 97 -39.33 30.73 30.75
CA LEU A 97 -38.14 29.87 30.74
C LEU A 97 -37.35 30.00 32.03
N LEU A 98 -37.40 31.17 32.68
CA LEU A 98 -36.85 31.28 34.02
C LEU A 98 -37.62 30.39 34.99
N ALA A 99 -38.95 30.35 34.87
CA ALA A 99 -39.77 29.48 35.70
C ALA A 99 -39.54 28.00 35.40
N VAL A 100 -39.28 27.65 34.15
CA VAL A 100 -39.00 26.26 33.79
C VAL A 100 -37.62 25.86 34.31
N SER A 101 -36.67 26.79 34.33
CA SER A 101 -35.39 26.55 34.98
C SER A 101 -35.56 26.29 36.47
N LEU A 102 -36.41 27.09 37.13
CA LEU A 102 -36.68 26.87 38.54
C LEU A 102 -37.40 25.54 38.79
N ALA A 103 -38.35 25.19 37.92
CA ALA A 103 -39.11 23.95 38.08
C ALA A 103 -38.22 22.73 37.84
N TYR A 104 -37.28 22.83 36.91
CA TYR A 104 -36.33 21.74 36.72
C TYR A 104 -35.35 21.66 37.89
N GLU A 105 -34.97 22.80 38.42
CA GLU A 105 -34.09 22.81 39.59
C GLU A 105 -34.80 22.24 40.81
N TRP A 106 -36.11 22.48 40.92
CA TRP A 106 -36.92 21.97 42.01
C TRP A 106 -37.04 20.45 41.94
N THR A 107 -37.56 19.95 40.82
CA THR A 107 -38.00 18.56 40.74
C THR A 107 -36.85 17.58 40.65
N GLN A 108 -35.66 18.02 40.26
CA GLN A 108 -34.49 17.15 40.21
C GLN A 108 -33.64 17.29 41.47
N LYS A 109 -34.27 17.72 42.57
CA LYS A 109 -33.67 17.80 43.91
C LYS A 109 -32.47 18.75 43.96
N GLY A 110 -32.43 19.74 43.08
CA GLY A 110 -31.35 20.70 43.12
C GLY A 110 -31.48 21.73 44.22
N LEU A 111 -32.56 22.06 44.60
CA LEU A 111 -32.89 22.96 45.70
C LEU A 111 -33.17 22.17 46.98
N GLU A 112 -32.16 21.43 47.47
CA GLU A 112 -32.35 20.59 48.65
C GLU A 112 -31.21 20.78 49.63
N TRP A 113 -31.60 20.82 50.92
CA TRP A 113 -30.80 21.04 52.14
C TRP A 113 -30.31 22.49 52.26
N THR A 114 -30.46 23.25 51.18
CA THR A 114 -30.57 24.70 51.11
C THR A 114 -31.65 24.85 50.07
N GLU A 115 -32.91 24.85 50.50
CA GLU A 115 -34.00 24.73 49.53
C GLU A 115 -34.28 26.04 48.82
N MET B 1 -18.51 74.05 45.49
CA MET B 1 -19.92 74.12 45.85
C MET B 1 -20.56 72.74 45.71
N PHE B 2 -20.09 71.97 44.73
CA PHE B 2 -20.55 70.59 44.63
C PHE B 2 -19.95 69.72 45.73
N MET B 3 -18.72 70.02 46.15
CA MET B 3 -18.10 69.28 47.25
C MET B 3 -18.83 69.53 48.56
N ILE B 4 -19.38 70.74 48.74
CA ILE B 4 -20.24 71.01 49.87
C ILE B 4 -21.48 70.13 49.83
N ASN B 5 -22.00 69.89 48.62
CA ASN B 5 -23.19 69.06 48.49
C ASN B 5 -22.88 67.58 48.76
N VAL B 6 -21.68 67.14 48.37
CA VAL B 6 -21.23 65.78 48.67
C VAL B 6 -21.04 65.60 50.17
N LEU B 7 -20.44 66.59 50.84
CA LEU B 7 -20.25 66.48 52.28
C LEU B 7 -21.56 66.55 53.06
N THR B 8 -22.49 67.42 52.64
CA THR B 8 -23.80 67.45 53.27
C THR B 8 -24.66 66.25 52.92
N LEU B 9 -24.26 65.43 51.94
CA LEU B 9 -24.83 64.10 51.87
C LEU B 9 -24.15 63.16 52.87
N ILE B 10 -22.82 63.00 52.77
CA ILE B 10 -22.18 61.82 53.35
C ILE B 10 -21.90 61.97 54.84
N ILE B 11 -21.70 63.18 55.36
CA ILE B 11 -21.50 63.35 56.81
C ILE B 11 -22.82 63.19 57.57
N PRO B 12 -23.97 63.71 57.11
CA PRO B 12 -25.23 63.32 57.77
C PRO B 12 -25.59 61.85 57.64
N ILE B 13 -25.09 61.14 56.62
CA ILE B 13 -25.22 59.67 56.60
C ILE B 13 -24.54 59.08 57.83
N LEU B 14 -23.32 59.52 58.12
CA LEU B 14 -22.56 58.96 59.24
C LEU B 14 -23.19 59.34 60.58
N LEU B 15 -23.74 60.56 60.68
CA LEU B 15 -24.42 60.95 61.90
C LEU B 15 -25.72 60.18 62.11
N ALA B 16 -26.49 59.97 61.04
CA ALA B 16 -27.73 59.20 61.15
C ALA B 16 -27.45 57.73 61.44
N VAL B 17 -26.33 57.20 60.94
CA VAL B 17 -25.93 55.84 61.31
C VAL B 17 -25.52 55.78 62.77
N ALA B 18 -24.83 56.81 63.25
CA ALA B 18 -24.43 56.86 64.66
C ALA B 18 -25.65 56.89 65.58
N PHE B 19 -26.67 57.65 65.24
CA PHE B 19 -27.85 57.71 66.10
C PHE B 19 -28.88 56.63 65.81
N LEU B 20 -28.77 55.89 64.70
CA LEU B 20 -29.59 54.71 64.52
C LEU B 20 -29.27 53.63 65.55
N THR B 21 -28.02 53.55 65.99
CA THR B 21 -27.66 52.59 67.03
C THR B 21 -28.34 52.92 68.35
N LEU B 22 -28.41 54.21 68.69
CA LEU B 22 -29.17 54.64 69.86
C LEU B 22 -30.66 54.35 69.71
N VAL B 23 -31.22 54.66 68.54
CA VAL B 23 -32.64 54.40 68.31
C VAL B 23 -32.95 52.91 68.40
N GLU B 24 -32.03 52.07 67.91
CA GLU B 24 -32.23 50.63 67.97
C GLU B 24 -32.18 50.13 69.40
N ARG B 25 -31.20 50.58 70.18
CA ARG B 25 -31.09 50.12 71.56
C ARG B 25 -32.26 50.61 72.41
N LYS B 26 -32.75 51.82 72.15
CA LYS B 26 -33.90 52.33 72.88
C LYS B 26 -35.21 51.64 72.47
N VAL B 27 -35.41 51.37 71.19
CA VAL B 27 -36.65 50.75 70.74
C VAL B 27 -36.69 49.28 71.13
N LEU B 28 -35.56 48.58 70.99
CA LEU B 28 -35.46 47.22 71.52
C LEU B 28 -35.49 47.18 73.04
N GLY B 29 -35.18 48.28 73.72
CA GLY B 29 -35.43 48.32 75.14
C GLY B 29 -36.90 48.40 75.44
N TYR B 30 -37.57 49.41 74.90
CA TYR B 30 -38.98 49.63 75.26
C TYR B 30 -39.94 48.62 74.65
N MET B 31 -39.49 47.79 73.70
CA MET B 31 -40.30 46.66 73.29
C MET B 31 -40.03 45.41 74.12
N GLN B 32 -38.97 45.42 74.93
CA GLN B 32 -38.62 44.32 75.81
C GLN B 32 -38.88 44.65 77.27
N PHE B 33 -39.81 45.58 77.51
CA PHE B 33 -40.34 45.92 78.84
C PHE B 33 -39.23 46.46 79.74
N ARG B 34 -38.35 47.26 79.16
CA ARG B 34 -37.24 47.87 79.88
C ARG B 34 -36.91 49.20 79.21
N LYS B 35 -35.88 49.86 79.72
CA LYS B 35 -35.37 51.09 79.14
C LYS B 35 -34.07 50.80 78.44
N GLY B 36 -33.75 51.60 77.44
CA GLY B 36 -32.48 51.48 76.76
C GLY B 36 -31.41 52.29 77.48
N PRO B 37 -30.38 52.69 76.75
CA PRO B 37 -29.36 53.59 77.33
C PRO B 37 -29.96 54.94 77.66
N ASN B 38 -29.95 55.30 78.95
CA ASN B 38 -30.41 56.61 79.38
C ASN B 38 -29.52 57.21 80.46
N VAL B 39 -28.27 56.77 80.55
CA VAL B 39 -27.37 57.16 81.63
C VAL B 39 -26.23 58.03 81.13
N VAL B 40 -25.69 57.72 79.96
CA VAL B 40 -24.48 58.38 79.50
C VAL B 40 -24.76 59.82 79.08
N GLY B 41 -25.71 60.01 78.17
CA GLY B 41 -26.11 61.34 77.80
C GLY B 41 -27.46 61.70 78.38
N PRO B 42 -27.87 62.96 78.22
CA PRO B 42 -29.26 63.32 78.52
C PRO B 42 -30.19 62.60 77.56
N TYR B 43 -31.08 61.78 78.13
CA TYR B 43 -31.91 60.80 77.41
C TYR B 43 -31.06 59.79 76.63
N GLY B 44 -29.84 59.53 77.11
CA GLY B 44 -28.97 58.57 76.48
C GLY B 44 -28.32 59.02 75.19
N LEU B 45 -28.34 60.31 74.88
CA LEU B 45 -27.92 60.80 73.57
C LEU B 45 -26.42 60.74 73.33
N LEU B 46 -25.60 60.57 74.36
CA LEU B 46 -24.16 60.52 74.18
C LEU B 46 -23.63 59.09 74.18
N GLN B 47 -24.51 58.10 74.20
CA GLN B 47 -24.09 56.70 74.08
C GLN B 47 -23.36 56.36 72.78
N PRO B 48 -23.80 56.80 71.56
CA PRO B 48 -22.99 56.46 70.38
C PRO B 48 -21.63 57.14 70.35
N ILE B 49 -21.51 58.36 70.89
CA ILE B 49 -20.22 59.05 70.93
C ILE B 49 -19.26 58.31 71.86
N ALA B 50 -19.75 57.93 73.04
CA ALA B 50 -18.93 57.18 73.99
C ALA B 50 -18.54 55.81 73.45
N ASP B 51 -19.46 55.17 72.73
CA ASP B 51 -19.16 53.85 72.17
C ASP B 51 -18.17 53.95 71.01
N ALA B 52 -18.26 55.02 70.21
CA ALA B 52 -17.28 55.24 69.15
C ALA B 52 -15.89 55.52 69.70
N ILE B 53 -15.80 56.34 70.76
CA ILE B 53 -14.52 56.62 71.39
C ILE B 53 -13.96 55.37 72.05
N LYS B 54 -14.83 54.52 72.60
CA LYS B 54 -14.39 53.25 73.17
C LYS B 54 -13.83 52.32 72.10
N LEU B 55 -14.49 52.26 70.94
CA LEU B 55 -14.05 51.34 69.90
C LEU B 55 -12.79 51.83 69.19
N PHE B 56 -12.57 53.15 69.14
CA PHE B 56 -11.38 53.65 68.45
C PHE B 56 -10.10 53.45 69.26
N ILE B 57 -10.18 53.30 70.58
CA ILE B 57 -9.00 53.13 71.41
C ILE B 57 -8.90 51.73 71.98
N LYS B 58 -9.78 50.81 71.56
CA LYS B 58 -9.68 49.41 71.94
C LYS B 58 -8.45 48.80 71.27
N GLU B 59 -7.86 47.80 71.94
CA GLU B 59 -6.68 47.11 71.45
C GLU B 59 -6.95 46.43 70.11
N PRO B 60 -6.01 46.50 69.17
CA PRO B 60 -6.14 45.73 67.93
C PRO B 60 -6.07 44.23 68.22
N LEU B 61 -6.84 43.47 67.44
CA LEU B 61 -6.94 42.04 67.67
C LEU B 61 -5.71 41.28 67.16
N ARG B 62 -4.91 41.92 66.29
CA ARG B 62 -3.67 41.40 65.70
C ARG B 62 -3.91 40.06 64.99
N PRO B 63 -4.51 40.04 63.82
CA PRO B 63 -4.66 38.78 63.09
C PRO B 63 -3.44 38.44 62.26
N ALA B 64 -3.19 37.15 62.12
CA ALA B 64 -2.15 36.66 61.22
C ALA B 64 -2.78 36.34 59.87
N THR B 65 -3.29 37.40 59.22
CA THR B 65 -4.22 37.29 58.11
C THR B 65 -3.59 36.64 56.88
N SER B 66 -4.43 35.98 56.09
CA SER B 66 -3.96 35.30 54.89
C SER B 66 -3.51 36.30 53.83
N SER B 67 -4.28 37.37 53.65
CA SER B 67 -3.90 38.48 52.81
C SER B 67 -4.10 39.76 53.60
N ILE B 68 -3.07 40.60 53.63
CA ILE B 68 -3.22 41.91 54.25
C ILE B 68 -4.07 42.80 53.35
N SER B 69 -3.91 42.66 52.03
CA SER B 69 -4.50 43.57 51.07
C SER B 69 -6.01 43.48 51.05
N MET B 70 -6.56 42.26 50.99
CA MET B 70 -8.01 42.12 51.01
C MET B 70 -8.58 42.36 52.39
N PHE B 71 -7.78 42.15 53.44
CA PHE B 71 -8.18 42.50 54.79
C PHE B 71 -8.37 44.00 54.94
N ILE B 72 -7.57 44.79 54.22
CA ILE B 72 -7.78 46.24 54.20
C ILE B 72 -8.90 46.60 53.23
N LEU B 73 -9.01 45.90 52.09
CA LEU B 73 -9.94 46.31 51.05
C LEU B 73 -11.39 46.00 51.39
N ALA B 74 -11.66 45.00 52.22
CA ALA B 74 -13.06 44.69 52.53
C ALA B 74 -13.79 45.79 53.31
N PRO B 75 -13.21 46.44 54.34
CA PRO B 75 -13.92 47.60 54.91
C PRO B 75 -13.95 48.81 53.98
N ILE B 76 -12.90 49.03 53.19
CA ILE B 76 -12.87 50.15 52.25
C ILE B 76 -13.97 49.99 51.21
N LEU B 77 -14.08 48.78 50.65
CA LEU B 77 -15.13 48.51 49.66
C LEU B 77 -16.51 48.60 50.28
N ALA B 78 -16.67 48.06 51.50
CA ALA B 78 -17.98 48.11 52.16
C ALA B 78 -18.42 49.53 52.44
N LEU B 79 -17.52 50.38 52.95
CA LEU B 79 -17.87 51.76 53.22
C LEU B 79 -18.06 52.58 51.95
N THR B 80 -17.24 52.34 50.93
CA THR B 80 -17.36 53.09 49.67
C THR B 80 -18.67 52.76 48.99
N LEU B 81 -19.01 51.48 48.89
CA LEU B 81 -20.29 51.10 48.30
C LEU B 81 -21.46 51.51 49.16
N ALA B 82 -21.31 51.56 50.48
CA ALA B 82 -22.39 52.04 51.32
C ALA B 82 -22.64 53.52 51.12
N LEU B 83 -21.59 54.30 50.85
CA LEU B 83 -21.79 55.72 50.62
C LEU B 83 -22.26 56.01 49.20
N THR B 84 -21.89 55.20 48.21
CA THR B 84 -22.31 55.47 46.84
C THR B 84 -23.72 55.02 46.53
N MET B 85 -24.38 54.28 47.41
CA MET B 85 -25.77 53.93 47.19
C MET B 85 -26.72 55.10 47.44
N TRP B 86 -26.24 56.18 48.03
CA TRP B 86 -27.05 57.33 48.41
C TRP B 86 -27.08 58.42 47.35
N ILE B 87 -26.09 58.46 46.49
CA ILE B 87 -25.93 59.55 45.51
C ILE B 87 -26.98 59.62 44.38
N PRO B 88 -27.70 58.57 43.96
CA PRO B 88 -28.82 58.85 43.05
C PRO B 88 -30.18 58.98 43.71
N LEU B 89 -30.26 58.95 45.03
CA LEU B 89 -31.55 58.93 45.73
C LEU B 89 -32.26 60.27 45.59
N PRO B 90 -33.44 60.32 45.01
CA PRO B 90 -34.17 61.57 44.84
C PRO B 90 -34.90 61.92 46.12
N MET B 91 -34.46 63.00 46.76
CA MET B 91 -35.10 63.40 48.02
C MET B 91 -35.26 64.92 48.16
N PRO B 92 -36.01 65.57 47.24
CA PRO B 92 -36.63 65.22 45.97
C PRO B 92 -35.62 65.27 44.84
N TYR B 93 -34.52 65.94 45.07
CA TYR B 93 -33.49 66.03 44.06
C TYR B 93 -32.30 65.20 44.48
N PRO B 94 -31.71 64.42 43.58
CA PRO B 94 -30.54 63.64 43.93
C PRO B 94 -29.25 64.44 43.82
N LEU B 95 -28.23 63.96 44.52
CA LEU B 95 -26.88 64.48 44.35
C LEU B 95 -26.40 64.27 42.93
N ILE B 96 -26.54 63.06 42.41
CA ILE B 96 -26.22 62.72 41.04
C ILE B 96 -27.51 62.27 40.38
N ASN B 97 -28.06 63.12 39.51
CA ASN B 97 -29.26 62.80 38.75
C ASN B 97 -28.84 62.02 37.52
N MET B 98 -28.92 60.71 37.61
CA MET B 98 -28.57 59.82 36.52
C MET B 98 -29.80 59.13 35.99
N ASN B 99 -29.75 58.80 34.70
CA ASN B 99 -30.92 58.25 34.01
C ASN B 99 -31.17 56.82 34.41
N LEU B 100 -30.14 56.10 34.84
CA LEU B 100 -30.27 54.70 35.20
C LEU B 100 -29.95 54.48 36.67
N GLY B 101 -30.50 55.32 37.55
CA GLY B 101 -30.13 55.28 38.94
C GLY B 101 -30.58 54.03 39.66
N VAL B 102 -31.72 53.47 39.26
CA VAL B 102 -32.20 52.22 39.83
C VAL B 102 -31.23 51.09 39.53
N LEU B 103 -30.81 51.00 38.27
CA LEU B 103 -29.88 49.96 37.86
C LEU B 103 -28.50 50.19 38.45
N PHE B 104 -28.11 51.45 38.63
CA PHE B 104 -26.89 51.79 39.35
C PHE B 104 -26.93 51.27 40.78
N MET B 105 -28.05 51.47 41.47
CA MET B 105 -28.16 50.99 42.84
C MET B 105 -28.16 49.47 42.91
N LEU B 106 -28.80 48.82 41.93
CA LEU B 106 -28.81 47.37 41.89
C LEU B 106 -27.42 46.80 41.64
N ALA B 107 -26.64 47.45 40.78
CA ALA B 107 -25.26 47.01 40.51
C ALA B 107 -24.34 47.26 41.69
N MET B 108 -24.41 48.45 42.30
CA MET B 108 -23.55 48.75 43.43
C MET B 108 -23.93 47.95 44.67
N SER B 109 -25.19 47.52 44.79
CA SER B 109 -25.52 46.62 45.88
C SER B 109 -25.11 45.18 45.58
N SER B 110 -25.08 44.79 44.30
CA SER B 110 -24.57 43.47 43.95
C SER B 110 -23.07 43.37 44.17
N LEU B 111 -22.35 44.50 44.13
CA LEU B 111 -20.92 44.48 44.41
C LEU B 111 -20.58 44.31 45.88
N ALA B 112 -21.53 44.51 46.79
CA ALA B 112 -21.20 44.54 48.21
C ALA B 112 -20.91 43.17 48.82
N VAL B 113 -21.11 42.08 48.07
CA VAL B 113 -20.79 40.76 48.59
C VAL B 113 -19.29 40.50 48.61
N TYR B 114 -18.51 41.29 47.87
CA TYR B 114 -17.06 41.06 47.88
C TYR B 114 -16.44 41.46 49.20
N SER B 115 -17.05 42.39 49.93
CA SER B 115 -16.57 42.69 51.27
C SER B 115 -16.73 41.49 52.19
N ILE B 116 -17.87 40.80 52.09
CA ILE B 116 -18.10 39.58 52.87
C ILE B 116 -17.12 38.50 52.44
N LEU B 117 -16.94 38.32 51.13
CA LEU B 117 -16.10 37.25 50.62
C LEU B 117 -14.63 37.48 50.92
N TRP B 118 -14.15 38.72 50.77
CA TRP B 118 -12.77 39.06 51.04
C TRP B 118 -12.47 39.08 52.52
N SER B 119 -13.44 39.47 53.36
CA SER B 119 -13.22 39.41 54.79
C SER B 119 -13.23 37.98 55.29
N GLY B 120 -14.01 37.11 54.65
CA GLY B 120 -14.02 35.72 55.03
C GLY B 120 -12.79 34.97 54.59
N TRP B 121 -12.26 35.30 53.40
CA TRP B 121 -11.05 34.63 52.99
C TRP B 121 -9.82 35.21 53.70
N ALA B 122 -9.81 36.53 53.94
CA ALA B 122 -8.66 37.17 54.58
C ALA B 122 -8.48 36.76 56.03
N SER B 123 -9.52 36.23 56.67
CA SER B 123 -9.38 35.63 57.98
C SER B 123 -8.75 34.26 57.86
N ASN B 124 -8.01 33.85 58.89
CA ASN B 124 -7.43 32.52 58.90
C ASN B 124 -8.44 31.43 59.18
N SER B 125 -9.52 31.76 59.88
CA SER B 125 -10.46 30.75 60.36
C SER B 125 -11.25 30.16 59.19
N LYS B 126 -11.21 28.83 59.09
CA LYS B 126 -12.01 28.14 58.07
C LYS B 126 -13.49 28.32 58.33
N TYR B 127 -13.88 28.40 59.61
CA TYR B 127 -15.29 28.56 59.94
C TYR B 127 -15.77 29.98 59.68
N ALA B 128 -14.87 30.96 59.76
CA ALA B 128 -15.20 32.30 59.31
C ALA B 128 -15.43 32.33 57.81
N LEU B 129 -14.65 31.55 57.05
CA LEU B 129 -14.87 31.45 55.62
C LEU B 129 -16.16 30.70 55.30
N ILE B 130 -16.51 29.70 56.10
CA ILE B 130 -17.77 28.99 55.90
C ILE B 130 -18.97 29.90 56.15
N GLY B 131 -18.91 30.69 57.23
CA GLY B 131 -19.95 31.67 57.48
C GLY B 131 -20.02 32.75 56.43
N ALA B 132 -18.87 33.14 55.87
CA ALA B 132 -18.86 34.11 54.79
C ALA B 132 -19.49 33.55 53.53
N LEU B 133 -19.23 32.27 53.22
CA LEU B 133 -19.83 31.66 52.04
C LEU B 133 -21.33 31.49 52.20
N ARG B 134 -21.79 31.19 53.41
CA ARG B 134 -23.23 31.15 53.69
C ARG B 134 -23.86 32.52 53.54
N ALA B 135 -23.18 33.56 54.02
CA ALA B 135 -23.72 34.92 53.92
C ALA B 135 -23.76 35.40 52.48
N VAL B 136 -22.74 35.05 51.69
CA VAL B 136 -22.71 35.43 50.28
C VAL B 136 -23.80 34.70 49.52
N ALA B 137 -24.01 33.40 49.81
CA ALA B 137 -25.05 32.65 49.11
C ALA B 137 -26.44 33.16 49.47
N GLN B 138 -26.66 33.54 50.73
CA GLN B 138 -27.88 34.22 51.14
C GLN B 138 -28.10 35.52 50.38
N THR B 139 -27.06 36.36 50.30
CA THR B 139 -27.20 37.67 49.70
C THR B 139 -27.44 37.57 48.20
N ILE B 140 -26.70 36.71 47.50
CA ILE B 140 -26.91 36.57 46.06
C ILE B 140 -28.24 35.90 45.76
N SER B 141 -28.75 35.09 46.70
CA SER B 141 -30.09 34.55 46.52
C SER B 141 -31.14 35.65 46.56
N TYR B 142 -31.09 36.51 47.57
CA TYR B 142 -32.12 37.54 47.65
C TYR B 142 -31.91 38.71 46.67
N GLU B 143 -30.73 38.82 46.06
CA GLU B 143 -30.55 39.79 44.96
C GLU B 143 -31.39 39.44 43.74
N VAL B 144 -31.70 38.16 43.55
CA VAL B 144 -32.52 37.72 42.42
C VAL B 144 -33.93 38.30 42.52
N THR B 145 -34.55 38.16 43.69
CA THR B 145 -35.88 38.75 43.88
C THR B 145 -35.82 40.27 43.97
N LEU B 146 -34.74 40.85 44.50
CA LEU B 146 -34.54 42.30 44.38
C LEU B 146 -34.63 42.79 42.94
N ALA B 147 -33.86 42.15 42.05
CA ALA B 147 -33.81 42.55 40.66
C ALA B 147 -35.16 42.36 39.97
N ILE B 148 -35.80 41.22 40.20
CA ILE B 148 -37.04 40.94 39.45
C ILE B 148 -38.22 41.77 39.99
N ILE B 149 -38.32 41.94 41.32
CA ILE B 149 -39.35 42.81 41.90
C ILE B 149 -39.18 44.23 41.42
N LEU B 150 -37.94 44.72 41.41
CA LEU B 150 -37.66 46.09 41.02
C LEU B 150 -37.94 46.32 39.54
N LEU B 151 -37.69 45.31 38.71
CA LEU B 151 -38.05 45.36 37.30
C LEU B 151 -39.56 45.40 37.11
N SER B 152 -40.29 44.59 37.87
CA SER B 152 -41.75 44.54 37.79
C SER B 152 -42.37 45.86 38.21
N VAL B 153 -41.79 46.51 39.21
CA VAL B 153 -42.30 47.80 39.65
C VAL B 153 -42.01 48.87 38.61
N LEU B 154 -40.78 48.90 38.09
CA LEU B 154 -40.41 49.89 37.08
C LEU B 154 -41.09 49.70 35.74
N LEU B 155 -41.78 48.58 35.53
CA LEU B 155 -42.73 48.51 34.43
C LEU B 155 -43.90 49.50 34.58
N MET B 156 -44.18 49.98 35.79
CA MET B 156 -45.11 51.09 35.99
C MET B 156 -44.43 52.44 35.94
N ASN B 157 -43.11 52.50 36.06
CA ASN B 157 -42.39 53.76 36.07
C ASN B 157 -42.09 54.26 34.67
N GLY B 158 -41.65 53.36 33.78
CA GLY B 158 -41.31 53.71 32.43
C GLY B 158 -39.83 53.82 32.16
N SER B 159 -39.01 53.88 33.19
CA SER B 159 -37.59 54.09 33.05
C SER B 159 -36.90 53.58 34.30
N PHE B 160 -35.58 53.66 34.30
CA PHE B 160 -34.77 53.37 35.47
C PHE B 160 -34.44 54.62 36.26
N THR B 161 -35.09 55.73 35.95
CA THR B 161 -34.79 56.98 36.61
C THR B 161 -35.51 57.03 37.96
N LEU B 162 -34.74 57.26 39.01
CA LEU B 162 -35.27 57.33 40.36
C LEU B 162 -36.15 58.55 40.57
N SER B 163 -35.84 59.66 39.90
CA SER B 163 -36.64 60.87 40.06
C SER B 163 -37.98 60.78 39.37
N THR B 164 -38.11 59.93 38.34
CA THR B 164 -39.39 59.70 37.67
C THR B 164 -40.34 58.94 38.58
N LEU B 165 -39.81 58.22 39.55
CA LEU B 165 -40.61 57.40 40.44
C LEU B 165 -41.44 58.25 41.40
N ILE B 166 -41.07 59.52 41.56
CA ILE B 166 -41.92 60.49 42.26
C ILE B 166 -43.10 60.91 41.39
N ILE B 167 -42.86 61.09 40.09
CA ILE B 167 -43.92 61.44 39.16
C ILE B 167 -44.91 60.28 39.01
N THR B 168 -44.39 59.05 39.04
CA THR B 168 -45.19 57.84 38.93
C THR B 168 -46.21 57.74 40.06
N GLN B 169 -45.87 58.24 41.25
CA GLN B 169 -46.73 58.09 42.41
C GLN B 169 -47.35 59.41 42.84
N GLU B 170 -47.77 60.24 41.88
CA GLU B 170 -48.43 61.48 42.25
C GLU B 170 -49.90 61.27 42.58
N GLN B 171 -50.55 60.31 41.96
CA GLN B 171 -51.97 60.09 42.22
C GLN B 171 -52.20 59.06 43.31
N VAL B 172 -51.32 58.07 43.43
CA VAL B 172 -51.48 56.99 44.39
C VAL B 172 -50.10 56.48 44.74
N TRP B 173 -49.96 55.95 45.96
CA TRP B 173 -48.76 55.19 46.30
C TRP B 173 -48.66 53.95 45.43
N LEU B 174 -47.44 53.54 45.16
CA LEU B 174 -47.22 52.39 44.31
C LEU B 174 -47.33 51.09 45.08
N ILE B 175 -47.47 51.18 46.40
CA ILE B 175 -47.82 50.04 47.23
C ILE B 175 -49.28 49.64 47.02
N PHE B 176 -50.10 50.50 46.43
CA PHE B 176 -51.46 50.04 46.15
C PHE B 176 -51.55 49.12 44.93
N PRO B 177 -50.94 49.40 43.77
CA PRO B 177 -50.97 48.36 42.72
C PRO B 177 -49.95 47.25 42.92
N ALA B 178 -49.01 47.40 43.84
CA ALA B 178 -47.92 46.44 43.95
C ALA B 178 -47.59 46.14 45.40
N TRP B 179 -48.60 45.93 46.24
CA TRP B 179 -48.31 45.45 47.60
C TRP B 179 -47.72 44.04 47.72
N PRO B 180 -48.00 43.04 46.86
CA PRO B 180 -47.26 41.78 47.04
C PRO B 180 -45.80 41.90 46.68
N LEU B 181 -45.51 42.67 45.63
CA LEU B 181 -44.15 43.06 45.32
C LEU B 181 -43.53 43.87 46.45
N ALA B 182 -44.32 44.72 47.10
CA ALA B 182 -43.81 45.54 48.19
C ALA B 182 -43.43 44.69 49.40
N MET B 183 -44.24 43.68 49.73
CA MET B 183 -43.93 42.90 50.91
C MET B 183 -42.80 41.91 50.65
N MET B 184 -42.74 41.31 49.45
CA MET B 184 -41.57 40.47 49.13
C MET B 184 -40.30 41.30 48.95
N TRP B 185 -40.44 42.53 48.45
CA TRP B 185 -39.34 43.48 48.41
C TRP B 185 -38.82 43.78 49.80
N PHE B 186 -39.72 44.04 50.74
CA PHE B 186 -39.32 44.45 52.08
C PHE B 186 -38.62 43.31 52.82
N ILE B 187 -39.12 42.09 52.66
CA ILE B 187 -38.46 40.94 53.28
C ILE B 187 -37.14 40.63 52.58
N SER B 188 -37.07 40.89 51.27
CA SER B 188 -35.81 40.66 50.56
C SER B 188 -34.75 41.68 50.93
N THR B 189 -35.13 42.95 51.15
CA THR B 189 -34.16 43.93 51.65
C THR B 189 -33.77 43.64 53.09
N LEU B 190 -34.67 43.02 53.84
CA LEU B 190 -34.32 42.55 55.18
C LEU B 190 -33.27 41.45 55.13
N ALA B 191 -33.40 40.53 54.18
CA ALA B 191 -32.41 39.48 54.01
C ALA B 191 -31.15 39.95 53.31
N GLU B 192 -31.20 41.08 52.61
CA GLU B 192 -29.99 41.63 51.99
C GLU B 192 -29.01 42.17 53.02
N THR B 193 -29.54 42.87 54.02
CA THR B 193 -28.70 43.55 54.99
C THR B 193 -28.29 42.66 56.15
N ASN B 194 -28.48 41.34 56.02
CA ASN B 194 -28.21 40.33 57.06
C ASN B 194 -28.90 40.69 58.36
N ARG B 195 -30.18 41.01 58.25
CA ARG B 195 -30.95 41.61 59.32
C ARG B 195 -32.00 40.62 59.78
N ALA B 196 -32.29 40.64 61.09
CA ALA B 196 -33.13 39.61 61.69
C ALA B 196 -34.56 39.66 61.15
N PRO B 197 -35.17 38.50 60.85
CA PRO B 197 -34.81 37.12 61.15
C PRO B 197 -33.84 36.42 60.18
N PHE B 198 -32.98 37.16 59.49
CA PHE B 198 -32.06 36.59 58.52
C PHE B 198 -30.61 36.79 58.92
N ASP B 199 -30.34 37.06 60.21
CA ASP B 199 -28.99 37.33 60.68
C ASP B 199 -28.35 36.03 61.18
N LEU B 200 -27.80 35.27 60.24
CA LEU B 200 -27.09 34.05 60.59
C LEU B 200 -25.62 34.29 60.89
N THR B 201 -25.17 35.54 60.77
CA THR B 201 -23.86 35.92 61.28
C THR B 201 -23.88 36.14 62.78
N GLU B 202 -25.05 36.11 63.41
CA GLU B 202 -25.19 36.20 64.85
C GLU B 202 -25.81 34.96 65.46
N GLY B 203 -26.14 33.95 64.66
CA GLY B 203 -26.71 32.71 65.15
C GLY B 203 -25.69 31.60 65.23
N GLU B 204 -25.90 30.69 66.18
CA GLU B 204 -24.96 29.60 66.45
C GLU B 204 -25.27 28.34 65.66
N SER B 205 -26.26 28.37 64.77
CA SER B 205 -26.57 27.22 63.94
C SER B 205 -26.31 27.51 62.47
N PHE B 211 -18.70 36.55 60.05
CA PHE B 211 -17.62 36.36 59.10
C PHE B 211 -16.48 37.37 59.29
N ASN B 212 -16.74 38.40 60.08
CA ASN B 212 -15.77 39.46 60.33
C ASN B 212 -15.31 39.49 61.78
N VAL B 213 -15.05 38.31 62.34
CA VAL B 213 -14.65 38.19 63.74
C VAL B 213 -13.16 38.43 63.96
N GLU B 214 -12.36 38.45 62.90
CA GLU B 214 -10.93 38.65 63.03
C GLU B 214 -10.52 40.12 62.89
N TYR B 215 -11.46 41.01 62.63
CA TYR B 215 -11.17 42.43 62.59
C TYR B 215 -11.10 43.00 64.00
N ALA B 216 -10.39 44.12 64.13
CA ALA B 216 -10.32 44.84 65.39
C ALA B 216 -11.62 45.59 65.63
N ALA B 217 -11.68 46.34 66.73
CA ALA B 217 -12.91 47.06 67.07
C ALA B 217 -13.19 48.21 66.10
N GLY B 218 -12.14 48.86 65.62
CA GLY B 218 -12.25 49.88 64.59
C GLY B 218 -12.86 49.41 63.27
N PRO B 219 -12.22 48.43 62.61
CA PRO B 219 -12.80 47.93 61.36
C PRO B 219 -14.11 47.16 61.54
N PHE B 220 -14.36 46.57 62.70
CA PHE B 220 -15.68 46.04 62.98
C PHE B 220 -16.72 47.16 63.04
N ALA B 221 -16.35 48.30 63.63
CA ALA B 221 -17.23 49.46 63.63
C ALA B 221 -17.45 49.99 62.21
N LEU B 222 -16.44 49.84 61.35
CA LEU B 222 -16.59 50.31 59.98
C LEU B 222 -17.54 49.42 59.18
N PHE B 223 -17.41 48.09 59.31
CA PHE B 223 -18.40 47.18 58.74
C PHE B 223 -19.79 47.41 59.29
N PHE B 224 -19.87 47.70 60.59
CA PHE B 224 -21.16 47.91 61.24
C PHE B 224 -21.83 49.18 60.74
N MET B 225 -21.06 50.24 60.54
CA MET B 225 -21.66 51.48 60.07
C MET B 225 -21.96 51.42 58.58
N ALA B 226 -21.22 50.62 57.81
CA ALA B 226 -21.62 50.35 56.43
C ALA B 226 -22.93 49.57 56.38
N GLU B 227 -23.11 48.63 57.31
CA GLU B 227 -24.36 47.87 57.36
C GLU B 227 -25.54 48.74 57.75
N TYR B 228 -25.34 49.68 58.68
CA TYR B 228 -26.48 50.52 59.04
C TYR B 228 -26.76 51.61 58.01
N ALA B 229 -25.73 52.06 57.29
CA ALA B 229 -25.95 52.90 56.12
C ALA B 229 -26.76 52.16 55.07
N ASN B 230 -26.47 50.87 54.88
CA ASN B 230 -27.25 50.06 53.95
C ASN B 230 -28.69 49.92 54.41
N ILE B 231 -28.90 49.79 55.72
CA ILE B 231 -30.26 49.63 56.24
C ILE B 231 -31.09 50.89 56.02
N ILE B 232 -30.54 52.05 56.37
CA ILE B 232 -31.24 53.32 56.18
C ILE B 232 -31.46 53.59 54.71
N MET B 233 -30.48 53.23 53.88
CA MET B 233 -30.57 53.45 52.44
C MET B 233 -31.65 52.57 51.81
N MET B 234 -31.71 51.29 52.18
CA MET B 234 -32.72 50.42 51.59
C MET B 234 -34.10 50.79 52.07
N ASN B 235 -34.22 51.37 53.27
CA ASN B 235 -35.53 51.86 53.70
C ASN B 235 -35.92 53.14 52.96
N ILE B 236 -34.96 54.02 52.70
CA ILE B 236 -35.22 55.21 51.87
C ILE B 236 -35.59 54.82 50.44
N PHE B 237 -34.92 53.81 49.90
CA PHE B 237 -35.18 53.36 48.54
C PHE B 237 -36.53 52.65 48.45
N THR B 238 -36.90 51.88 49.48
CA THR B 238 -38.23 51.30 49.56
C THR B 238 -39.30 52.38 49.70
N THR B 239 -39.01 53.45 50.43
CA THR B 239 -39.93 54.57 50.57
C THR B 239 -40.15 55.29 49.24
N THR B 240 -39.07 55.60 48.53
CA THR B 240 -39.16 56.21 47.20
C THR B 240 -39.87 55.29 46.23
N LEU B 241 -39.72 53.99 46.41
CA LEU B 241 -40.15 53.01 45.45
C LEU B 241 -41.63 52.69 45.58
N PHE B 242 -42.16 52.65 46.81
CA PHE B 242 -43.53 52.23 47.06
C PHE B 242 -44.39 53.24 47.78
N LEU B 243 -43.81 54.22 48.48
CA LEU B 243 -44.56 55.16 49.31
C LEU B 243 -44.20 56.58 48.94
N GLY B 244 -44.19 56.86 47.64
CA GLY B 244 -43.73 58.13 47.11
C GLY B 244 -44.57 59.32 47.55
N ALA B 245 -43.89 60.34 48.04
CA ALA B 245 -44.52 61.45 48.72
C ALA B 245 -44.93 62.54 47.75
N PHE B 246 -45.71 63.48 48.25
CA PHE B 246 -46.08 64.66 47.48
C PHE B 246 -44.86 65.55 47.31
N HIS B 247 -44.69 66.07 46.10
CA HIS B 247 -43.58 66.98 45.80
C HIS B 247 -44.13 68.27 45.21
N ASN B 248 -43.91 69.36 45.93
CA ASN B 248 -44.09 70.70 45.40
C ASN B 248 -42.75 71.22 44.95
N PRO B 249 -42.57 71.58 43.68
CA PRO B 249 -41.24 72.03 43.23
C PRO B 249 -40.81 73.37 43.80
N TYR B 250 -41.74 74.19 44.30
CA TYR B 250 -41.37 75.43 44.94
C TYR B 250 -41.10 75.28 46.43
N MET B 251 -41.55 74.18 47.04
CA MET B 251 -41.24 73.85 48.43
C MET B 251 -40.77 72.41 48.48
N PRO B 252 -39.48 72.16 48.20
CA PRO B 252 -38.97 70.77 48.19
C PRO B 252 -38.88 70.14 49.57
N GLU B 253 -38.87 70.97 50.61
CA GLU B 253 -38.74 70.47 51.97
C GLU B 253 -39.98 69.71 52.41
N LEU B 254 -41.14 69.95 51.79
CA LEU B 254 -42.31 69.12 52.04
C LEU B 254 -42.05 67.66 51.66
N TYR B 255 -41.45 67.45 50.47
CA TYR B 255 -41.06 66.10 50.09
C TYR B 255 -39.99 65.55 51.03
N THR B 256 -39.03 66.39 51.45
CA THR B 256 -37.94 65.87 52.27
C THR B 256 -38.43 65.46 53.66
N ILE B 257 -39.31 66.27 54.26
CA ILE B 257 -39.91 65.91 55.55
C ILE B 257 -40.76 64.64 55.41
N ASN B 258 -41.54 64.55 54.32
CA ASN B 258 -42.45 63.43 54.18
C ASN B 258 -41.70 62.11 53.94
N PHE B 259 -40.69 62.12 53.05
CA PHE B 259 -39.97 60.88 52.80
C PHE B 259 -39.12 60.53 54.01
N THR B 260 -38.64 61.55 54.75
CA THR B 260 -37.82 61.28 55.93
C THR B 260 -38.65 60.62 57.03
N ILE B 261 -39.89 61.06 57.23
CA ILE B 261 -40.76 60.42 58.20
C ILE B 261 -41.09 58.99 57.79
N LYS B 262 -41.37 58.78 56.50
CA LYS B 262 -41.69 57.42 56.04
C LYS B 262 -40.47 56.49 56.13
N SER B 263 -39.27 57.02 55.85
CA SER B 263 -38.07 56.21 55.92
C SER B 263 -37.70 55.89 57.36
N LEU B 264 -37.91 56.84 58.28
CA LEU B 264 -37.69 56.56 59.70
C LEU B 264 -38.66 55.51 60.21
N LEU B 265 -39.94 55.60 59.83
CA LEU B 265 -40.90 54.58 60.25
C LEU B 265 -40.57 53.21 59.67
N LEU B 266 -39.98 53.18 58.49
CA LEU B 266 -39.64 51.89 57.89
C LEU B 266 -38.38 51.29 58.51
N SER B 267 -37.42 52.14 58.91
CA SER B 267 -36.26 51.67 59.67
C SER B 267 -36.67 51.18 61.07
N ILE B 268 -37.61 51.89 61.70
CA ILE B 268 -38.17 51.43 62.97
C ILE B 268 -38.96 50.13 62.77
N THR B 269 -39.51 49.91 61.58
CA THR B 269 -40.17 48.64 61.31
C THR B 269 -39.15 47.50 61.20
N PHE B 270 -37.96 47.78 60.65
CA PHE B 270 -36.85 46.81 60.78
C PHE B 270 -36.54 46.50 62.24
N LEU B 271 -36.52 47.54 63.08
CA LEU B 271 -36.24 47.35 64.50
C LEU B 271 -37.35 46.55 65.20
N TRP B 272 -38.61 46.79 64.80
CA TRP B 272 -39.75 46.03 65.30
C TRP B 272 -39.63 44.57 64.92
N ILE B 273 -39.18 44.30 63.70
CA ILE B 273 -39.10 42.92 63.22
C ILE B 273 -37.99 42.16 63.92
N ARG B 274 -36.87 42.80 64.21
CA ARG B 274 -35.83 42.05 64.93
C ARG B 274 -36.19 41.80 66.40
N ALA B 275 -37.15 42.54 66.94
CA ALA B 275 -37.58 42.36 68.32
C ALA B 275 -38.83 41.52 68.44
N SER B 276 -39.20 40.80 67.38
CA SER B 276 -40.48 40.10 67.36
C SER B 276 -40.42 38.65 66.91
N TYR B 277 -39.36 38.21 66.24
CA TYR B 277 -39.40 36.89 65.64
C TYR B 277 -38.10 36.15 65.91
N PRO B 278 -38.13 34.81 65.95
CA PRO B 278 -36.89 34.05 65.98
C PRO B 278 -36.24 33.99 64.60
N ARG B 279 -34.99 33.51 64.59
CA ARG B 279 -34.26 33.39 63.34
C ARG B 279 -34.77 32.24 62.48
N PHE B 280 -34.55 32.38 61.19
CA PHE B 280 -34.66 31.24 60.29
C PHE B 280 -33.44 30.35 60.42
N ARG B 281 -33.65 29.06 60.23
CA ARG B 281 -32.54 28.19 59.91
C ARG B 281 -32.14 28.47 58.46
N TYR B 282 -30.90 28.11 58.09
CA TYR B 282 -30.34 28.54 56.81
C TYR B 282 -31.08 27.94 55.62
N ASP B 283 -31.37 26.65 55.69
CA ASP B 283 -32.17 26.01 54.66
C ASP B 283 -33.59 26.58 54.60
N GLN B 284 -34.08 27.13 55.70
CA GLN B 284 -35.43 27.67 55.74
C GLN B 284 -35.52 28.99 54.99
N LEU B 285 -34.52 29.88 55.11
CA LEU B 285 -34.58 31.08 54.29
C LEU B 285 -34.15 30.83 52.85
N MET B 286 -33.34 29.80 52.60
CA MET B 286 -33.17 29.34 51.23
C MET B 286 -34.48 28.83 50.63
N HIS B 287 -35.27 28.11 51.43
CA HIS B 287 -36.60 27.67 51.02
C HIS B 287 -37.53 28.85 50.79
N LEU B 288 -37.40 29.88 51.64
CA LEU B 288 -38.22 31.08 51.51
C LEU B 288 -37.92 31.81 50.23
N LEU B 289 -36.65 31.86 49.83
CA LEU B 289 -36.32 32.50 48.57
C LEU B 289 -36.75 31.63 47.38
N TRP B 290 -36.13 30.45 47.26
CA TRP B 290 -36.16 29.73 46.00
C TRP B 290 -37.49 29.04 45.75
N LYS B 291 -38.28 28.80 46.79
CA LYS B 291 -39.50 28.06 46.66
C LYS B 291 -40.75 28.86 47.00
N ASN B 292 -40.60 30.03 47.60
CA ASN B 292 -41.74 30.88 47.90
C ASN B 292 -41.67 32.22 47.20
N PHE B 293 -40.59 32.99 47.37
CA PHE B 293 -40.56 34.34 46.82
C PHE B 293 -40.29 34.33 45.32
N LEU B 294 -39.46 33.42 44.86
CA LEU B 294 -39.12 33.38 43.46
C LEU B 294 -40.26 32.92 42.53
N PRO B 295 -41.08 31.89 42.85
CA PRO B 295 -42.25 31.62 41.98
C PRO B 295 -43.29 32.73 41.96
N LEU B 296 -43.60 33.32 43.11
CA LEU B 296 -44.52 34.45 43.13
C LEU B 296 -43.95 35.66 42.43
N THR B 297 -42.64 35.86 42.54
CA THR B 297 -42.00 37.01 41.91
C THR B 297 -41.97 36.85 40.40
N LEU B 298 -41.78 35.63 39.91
CA LEU B 298 -41.87 35.39 38.46
C LEU B 298 -43.30 35.53 37.96
N ALA B 299 -44.27 35.05 38.73
CA ALA B 299 -45.68 35.19 38.35
C ALA B 299 -46.10 36.65 38.30
N LEU B 300 -45.71 37.43 39.31
CA LEU B 300 -46.01 38.85 39.32
C LEU B 300 -45.20 39.63 38.31
N CYS B 301 -44.04 39.12 37.90
CA CYS B 301 -43.31 39.79 36.82
C CYS B 301 -44.02 39.58 35.50
N MET B 302 -44.53 38.37 35.24
CA MET B 302 -45.41 38.16 34.08
C MET B 302 -46.65 39.03 34.14
N TRP B 303 -47.25 39.16 35.33
CA TRP B 303 -48.46 39.95 35.47
C TRP B 303 -48.20 41.44 35.28
N HIS B 304 -47.07 41.94 35.73
CA HIS B 304 -46.74 43.34 35.55
C HIS B 304 -46.10 43.65 34.21
N VAL B 305 -45.70 42.64 33.45
CA VAL B 305 -45.46 42.86 32.03
C VAL B 305 -46.79 42.98 31.30
N SER B 306 -47.69 42.03 31.51
CA SER B 306 -48.89 41.95 30.69
C SER B 306 -49.95 42.98 31.07
N LEU B 307 -49.96 43.45 32.31
CA LEU B 307 -50.99 44.37 32.81
C LEU B 307 -50.99 45.78 32.21
N PRO B 308 -49.86 46.48 32.00
CA PRO B 308 -49.95 47.77 31.30
C PRO B 308 -50.34 47.65 29.85
N ILE B 309 -50.15 46.47 29.24
CA ILE B 309 -50.58 46.27 27.87
C ILE B 309 -52.08 46.00 27.81
N LEU B 310 -52.61 45.24 28.77
CA LEU B 310 -54.03 44.91 28.73
C LEU B 310 -54.92 46.03 29.28
N LEU B 311 -54.39 46.93 30.09
CA LEU B 311 -55.16 48.05 30.59
C LEU B 311 -54.93 49.34 29.83
N SER B 312 -54.01 49.33 28.85
CA SER B 312 -53.53 50.52 28.16
C SER B 312 -52.98 51.55 29.15
N SER B 313 -52.06 51.11 29.98
CA SER B 313 -51.45 51.94 31.01
C SER B 313 -49.94 51.86 30.95
N ILE B 314 -49.39 51.81 29.74
CA ILE B 314 -47.94 51.79 29.59
C ILE B 314 -47.41 53.19 29.91
N PRO B 315 -46.48 53.31 30.85
CA PRO B 315 -45.97 54.61 31.24
C PRO B 315 -45.08 55.21 30.15
N PRO B 316 -44.80 56.51 30.22
CA PRO B 316 -43.89 57.10 29.22
C PRO B 316 -42.44 56.71 29.45
N GLN B 317 -41.70 56.72 28.36
CA GLN B 317 -40.26 56.48 28.42
C GLN B 317 -39.53 57.64 29.08
N THR B 318 -39.85 58.87 28.67
CA THR B 318 -39.08 60.03 29.11
C THR B 318 -39.64 60.62 30.41
N MET C 1 -4.90 66.32 29.10
CA MET C 1 -4.88 65.14 29.95
C MET C 1 -6.30 64.61 30.13
N MET C 2 -7.26 65.54 30.26
CA MET C 2 -8.64 65.13 30.42
C MET C 2 -9.29 64.80 29.08
N THR C 3 -8.72 65.29 27.98
CA THR C 3 -9.17 64.86 26.65
C THR C 3 -8.72 63.44 26.31
N TYR C 4 -7.85 62.84 27.13
CA TYR C 4 -7.33 61.50 26.92
C TYR C 4 -7.88 60.50 27.93
N ILE C 5 -9.06 60.77 28.49
CA ILE C 5 -9.53 60.03 29.67
C ILE C 5 -9.90 58.59 29.31
N VAL C 6 -10.44 58.36 28.11
CA VAL C 6 -10.74 57.01 27.67
C VAL C 6 -9.45 56.25 27.41
N PHE C 7 -8.44 56.95 26.89
CA PHE C 7 -7.13 56.34 26.71
C PHE C 7 -6.46 55.98 28.04
N ILE C 8 -6.56 56.86 29.04
CA ILE C 8 -5.99 56.59 30.35
C ILE C 8 -6.68 55.41 31.02
N LEU C 9 -8.02 55.35 30.93
CA LEU C 9 -8.75 54.20 31.44
C LEU C 9 -8.40 52.93 30.69
N SER C 10 -8.10 53.02 29.40
CA SER C 10 -7.69 51.84 28.66
C SER C 10 -6.28 51.39 29.05
N ILE C 11 -5.41 52.34 29.44
CA ILE C 11 -4.09 51.96 29.95
C ILE C 11 -4.22 51.21 31.26
N ILE C 12 -5.07 51.72 32.16
CA ILE C 12 -5.34 51.05 33.43
C ILE C 12 -5.99 49.69 33.20
N PHE C 13 -6.79 49.57 32.13
CA PHE C 13 -7.40 48.31 31.73
C PHE C 13 -6.36 47.27 31.33
N VAL C 14 -5.38 47.67 30.52
CA VAL C 14 -4.32 46.75 30.10
C VAL C 14 -3.42 46.40 31.30
N MET C 15 -3.18 47.36 32.18
CA MET C 15 -2.39 47.10 33.38
C MET C 15 -3.07 46.09 34.29
N GLY C 16 -4.39 46.18 34.40
CA GLY C 16 -5.13 45.17 35.15
C GLY C 16 -5.12 43.81 34.48
N PHE C 17 -5.11 43.77 33.14
CA PHE C 17 -5.02 42.47 32.48
C PHE C 17 -3.65 41.84 32.65
N VAL C 18 -2.59 42.64 32.61
CA VAL C 18 -1.24 42.13 32.88
C VAL C 18 -1.14 41.67 34.33
N GLY C 19 -1.85 42.38 35.23
CA GLY C 19 -2.01 41.95 36.60
C GLY C 19 -2.59 40.55 36.78
N PHE C 20 -3.77 40.27 36.24
CA PHE C 20 -4.30 38.94 36.51
C PHE C 20 -3.79 37.88 35.56
N SER C 21 -3.36 38.23 34.35
CA SER C 21 -2.93 37.23 33.39
C SER C 21 -1.55 36.67 33.72
N SER C 22 -0.76 37.39 34.51
CA SER C 22 0.48 36.85 35.05
C SER C 22 0.22 35.83 36.15
N LYS C 23 -1.02 35.76 36.65
CA LYS C 23 -1.59 34.73 37.50
C LYS C 23 -0.85 34.59 38.82
N PRO C 24 -0.99 35.56 39.75
CA PRO C 24 -0.29 35.41 41.04
C PRO C 24 -0.89 34.34 41.93
N SER C 25 -2.20 34.30 42.00
CA SER C 25 -3.04 33.45 42.80
C SER C 25 -4.43 33.75 42.24
N PRO C 26 -5.34 32.78 42.21
CA PRO C 26 -6.64 33.03 41.58
C PRO C 26 -7.50 34.04 42.33
N ILE C 27 -7.17 34.37 43.57
CA ILE C 27 -7.90 35.36 44.33
C ILE C 27 -7.42 36.76 43.98
N TYR C 28 -6.11 36.94 43.90
CA TYR C 28 -5.57 38.19 43.37
C TYR C 28 -5.85 38.33 41.89
N GLY C 29 -5.91 37.21 41.16
CA GLY C 29 -6.35 37.26 39.78
C GLY C 29 -7.80 37.69 39.66
N GLY C 30 -8.65 37.23 40.57
CA GLY C 30 -10.02 37.70 40.61
C GLY C 30 -10.11 39.19 40.90
N LEU C 31 -9.28 39.67 41.84
CA LEU C 31 -9.25 41.10 42.16
C LEU C 31 -8.80 41.94 40.97
N GLY C 32 -7.76 41.47 40.25
CA GLY C 32 -7.31 42.19 39.07
C GLY C 32 -8.34 42.23 37.96
N LEU C 33 -9.07 41.13 37.78
CA LEU C 33 -10.14 41.13 36.79
C LEU C 33 -11.34 41.98 37.23
N ILE C 34 -11.55 42.12 38.53
CA ILE C 34 -12.59 43.03 39.04
C ILE C 34 -12.25 44.48 38.76
N VAL C 35 -11.00 44.87 39.03
CA VAL C 35 -10.56 46.25 38.77
C VAL C 35 -10.58 46.53 37.26
N SER C 36 -10.21 45.53 36.47
CA SER C 36 -10.27 45.66 35.02
C SER C 36 -11.71 45.81 34.53
N GLY C 37 -12.64 45.05 35.12
CA GLY C 37 -14.03 45.17 34.74
C GLY C 37 -14.61 46.54 35.08
N GLY C 38 -14.21 47.09 36.22
CA GLY C 38 -14.63 48.44 36.58
C GLY C 38 -14.12 49.51 35.63
N VAL C 39 -12.83 49.44 35.26
CA VAL C 39 -12.31 50.48 34.37
C VAL C 39 -12.79 50.28 32.93
N GLY C 40 -13.06 49.03 32.52
CA GLY C 40 -13.65 48.82 31.21
C GLY C 40 -15.09 49.28 31.13
N CYS C 41 -15.83 49.13 32.24
CA CYS C 41 -17.12 49.79 32.38
C CYS C 41 -16.99 51.30 32.23
N GLY C 42 -15.97 51.90 32.84
CA GLY C 42 -15.76 53.33 32.69
C GLY C 42 -15.50 53.76 31.26
N ILE C 43 -14.76 52.95 30.51
CA ILE C 43 -14.55 53.19 29.07
C ILE C 43 -15.88 53.17 28.32
N VAL C 44 -16.68 52.13 28.58
CA VAL C 44 -17.99 51.98 27.93
C VAL C 44 -18.93 53.12 28.30
N LEU C 45 -18.89 53.57 29.56
CA LEU C 45 -19.69 54.71 30.00
C LEU C 45 -19.25 55.98 29.30
N ASN C 46 -17.96 56.14 29.05
CA ASN C 46 -17.50 57.33 28.37
C ASN C 46 -17.72 57.29 26.86
N PHE C 47 -18.03 56.15 26.26
CA PHE C 47 -18.59 56.22 24.91
C PHE C 47 -20.11 56.33 24.92
N GLY C 48 -20.73 56.58 26.06
CA GLY C 48 -22.16 56.74 26.12
C GLY C 48 -22.96 55.47 26.35
N GLY C 49 -22.30 54.35 26.62
CA GLY C 49 -22.98 53.11 26.92
C GLY C 49 -23.30 52.93 28.39
N SER C 50 -24.31 53.63 28.88
CA SER C 50 -24.65 53.57 30.29
C SER C 50 -25.20 52.21 30.69
N PHE C 51 -26.12 51.66 29.88
CA PHE C 51 -26.74 50.39 30.22
C PHE C 51 -25.74 49.24 30.09
N LEU C 52 -24.89 49.28 29.07
CA LEU C 52 -23.90 48.22 28.88
C LEU C 52 -22.83 48.26 29.96
N GLY C 53 -22.46 49.45 30.42
CA GLY C 53 -21.54 49.54 31.52
C GLY C 53 -22.13 49.06 32.83
N LEU C 54 -23.40 49.41 33.08
CA LEU C 54 -24.07 48.86 34.24
C LEU C 54 -24.31 47.35 34.12
N MET C 55 -24.34 46.81 32.90
CA MET C 55 -24.36 45.35 32.78
C MET C 55 -23.01 44.73 33.12
N VAL C 56 -21.91 45.42 32.80
CA VAL C 56 -20.61 44.96 33.28
C VAL C 56 -20.57 44.94 34.81
N PHE C 57 -21.14 45.95 35.45
CA PHE C 57 -21.15 45.94 36.92
C PHE C 57 -22.11 44.90 37.49
N LEU C 58 -23.33 44.84 36.98
CA LEU C 58 -24.33 43.96 37.57
C LEU C 58 -24.08 42.50 37.26
N ILE C 59 -23.74 42.18 36.01
CA ILE C 59 -23.73 40.82 35.54
C ILE C 59 -22.33 40.24 35.51
N TYR C 60 -21.36 40.99 34.99
CA TYR C 60 -20.00 40.49 34.95
C TYR C 60 -19.35 40.53 36.33
N LEU C 61 -19.34 41.70 36.96
CA LEU C 61 -18.70 41.81 38.26
C LEU C 61 -19.60 41.33 39.37
N GLY C 62 -20.83 41.83 39.41
CA GLY C 62 -21.74 41.45 40.49
C GLY C 62 -22.37 40.09 40.32
N GLY C 63 -22.37 39.53 39.13
CA GLY C 63 -22.90 38.19 38.98
C GLY C 63 -21.86 37.11 38.80
N MET C 64 -20.94 37.29 37.86
CA MET C 64 -20.10 36.18 37.44
C MET C 64 -18.81 36.10 38.22
N MET C 65 -18.15 37.24 38.44
CA MET C 65 -16.93 37.26 39.23
C MET C 65 -17.20 37.00 40.70
N VAL C 66 -18.43 37.23 41.17
CA VAL C 66 -18.83 36.79 42.50
C VAL C 66 -18.78 35.28 42.58
N VAL C 67 -19.30 34.59 41.56
CA VAL C 67 -19.30 33.14 41.55
C VAL C 67 -17.89 32.60 41.35
N PHE C 68 -17.05 33.30 40.59
CA PHE C 68 -15.64 32.95 40.47
C PHE C 68 -14.90 33.05 41.81
N GLY C 69 -15.06 34.16 42.52
CA GLY C 69 -14.43 34.31 43.81
C GLY C 69 -14.99 33.37 44.85
N TYR C 70 -16.27 33.04 44.73
CA TYR C 70 -16.93 32.09 45.62
C TYR C 70 -16.35 30.68 45.45
N THR C 71 -16.30 30.21 44.20
CA THR C 71 -15.72 28.91 43.90
C THR C 71 -14.23 28.88 44.22
N THR C 72 -13.55 30.01 44.07
CA THR C 72 -12.13 30.08 44.39
C THR C 72 -11.90 30.01 45.90
N ALA C 73 -12.76 30.67 46.68
CA ALA C 73 -12.69 30.56 48.13
C ALA C 73 -13.05 29.16 48.60
N MET C 74 -13.90 28.45 47.86
CA MET C 74 -14.20 27.08 48.23
C MET C 74 -13.14 26.08 47.77
N ALA C 75 -12.30 26.44 46.80
CA ALA C 75 -11.31 25.51 46.29
C ALA C 75 -9.90 25.77 46.79
N THR C 76 -9.47 27.04 46.87
CA THR C 76 -8.12 27.32 47.35
C THR C 76 -8.04 27.18 48.86
N GLU C 77 -8.95 27.80 49.60
CA GLU C 77 -8.98 27.68 51.06
C GLU C 77 -10.39 27.43 51.56
N ASN C 86 5.35 35.44 43.50
CA ASN C 86 6.42 34.61 42.96
C ASN C 86 7.35 35.40 42.05
N LYS C 87 8.29 34.71 41.43
CA LYS C 87 9.27 35.32 40.53
C LYS C 87 8.79 35.36 39.09
N VAL C 88 8.06 34.33 38.65
CA VAL C 88 7.52 34.31 37.30
C VAL C 88 6.42 35.35 37.16
N VAL C 89 5.63 35.53 38.22
CA VAL C 89 4.51 36.47 38.19
C VAL C 89 5.03 37.91 38.15
N LEU C 90 6.02 38.23 38.98
CA LEU C 90 6.53 39.59 39.04
C LEU C 90 7.30 39.95 37.77
N GLY C 91 8.08 39.02 37.24
CA GLY C 91 8.79 39.28 35.99
C GLY C 91 7.86 39.40 34.81
N THR C 92 6.81 38.56 34.77
CA THR C 92 5.80 38.65 33.73
C THR C 92 5.02 39.97 33.82
N PHE C 93 4.74 40.41 35.05
CA PHE C 93 4.02 41.66 35.28
C PHE C 93 4.84 42.85 34.83
N ILE C 94 6.13 42.90 35.18
CA ILE C 94 6.95 44.03 34.76
C ILE C 94 7.21 43.97 33.26
N THR C 95 7.24 42.76 32.68
CA THR C 95 7.39 42.63 31.23
C THR C 95 6.20 43.22 30.49
N GLY C 96 4.97 42.82 30.88
CA GLY C 96 3.79 43.38 30.26
C GLY C 96 3.61 44.86 30.51
N LEU C 97 4.00 45.34 31.69
CA LEU C 97 3.95 46.77 31.99
C LEU C 97 4.91 47.57 31.13
N LEU C 98 6.15 47.06 30.94
CA LEU C 98 7.10 47.78 30.10
C LEU C 98 6.70 47.74 28.63
N MET C 99 6.11 46.61 28.17
CA MET C 99 5.61 46.57 26.80
C MET C 99 4.47 47.58 26.60
N GLU C 100 3.58 47.69 27.58
CA GLU C 100 2.46 48.63 27.46
C GLU C 100 2.94 50.07 27.50
N PHE C 101 3.87 50.40 28.38
CA PHE C 101 4.33 51.79 28.41
C PHE C 101 5.27 52.14 27.27
N LEU C 102 5.93 51.15 26.65
CA LEU C 102 6.62 51.43 25.40
C LEU C 102 5.63 51.70 24.27
N MET C 103 4.51 50.98 24.24
CA MET C 103 3.41 51.31 23.33
C MET C 103 2.89 52.74 23.56
N VAL C 104 2.72 53.13 24.82
CA VAL C 104 2.25 54.48 25.17
C VAL C 104 3.25 55.52 24.70
N TYR C 105 4.53 55.30 24.97
CA TYR C 105 5.56 56.26 24.62
C TYR C 105 5.68 56.43 23.11
N TYR C 106 5.60 55.32 22.36
CA TYR C 106 5.68 55.41 20.91
C TYR C 106 4.47 56.12 20.32
N VAL C 107 3.26 55.75 20.76
CA VAL C 107 2.07 56.34 20.15
C VAL C 107 1.83 57.77 20.64
N LEU C 108 2.48 58.18 21.72
CA LEU C 108 2.41 59.58 22.14
C LEU C 108 3.49 60.44 21.51
N LYS C 109 4.70 59.91 21.29
CA LYS C 109 5.72 60.72 20.63
C LYS C 109 5.52 60.78 19.13
N ASP C 110 4.77 59.84 18.54
CA ASP C 110 4.63 59.79 17.10
C ASP C 110 3.24 60.14 16.61
N LYS C 111 2.23 60.09 17.49
CA LYS C 111 0.80 60.27 17.18
C LYS C 111 0.32 59.25 16.14
N GLU C 112 1.00 58.09 16.07
CA GLU C 112 0.75 57.01 15.13
C GLU C 112 1.63 55.85 15.55
N VAL C 113 1.10 54.62 15.43
CA VAL C 113 1.87 53.43 15.72
C VAL C 113 1.31 52.32 14.83
N GLU C 114 2.07 51.23 14.69
CA GLU C 114 1.58 50.08 13.94
C GLU C 114 2.16 48.82 14.56
N ILE C 115 1.36 48.16 15.41
CA ILE C 115 1.76 46.89 16.00
C ILE C 115 1.35 45.78 15.04
N VAL C 116 0.04 45.62 14.87
CA VAL C 116 -0.53 44.82 13.80
C VAL C 116 -1.41 45.68 12.91
N PHE C 117 -2.20 46.57 13.51
CA PHE C 117 -2.99 47.55 12.82
C PHE C 117 -2.38 48.93 13.03
N LYS C 118 -2.74 49.85 12.17
CA LYS C 118 -2.31 51.23 12.34
C LYS C 118 -3.22 51.91 13.35
N PHE C 119 -2.63 52.65 14.28
CA PHE C 119 -3.35 53.31 15.35
C PHE C 119 -2.97 54.78 15.40
N ASN C 120 -3.98 55.65 15.43
CA ASN C 120 -3.76 57.06 15.66
C ASN C 120 -3.38 57.30 17.12
N GLY C 121 -2.58 58.33 17.35
CA GLY C 121 -2.20 58.72 18.68
C GLY C 121 -2.90 59.94 19.23
N MET C 122 -3.87 60.49 18.52
CA MET C 122 -4.66 61.59 19.09
C MET C 122 -5.60 61.06 20.16
N GLY C 123 -6.18 62.00 20.89
CA GLY C 123 -7.23 61.64 21.83
C GLY C 123 -8.44 61.10 21.09
N ASP C 124 -9.00 60.03 21.62
CA ASP C 124 -10.08 59.31 20.97
C ASP C 124 -11.44 59.98 21.12
N TRP C 125 -11.47 61.24 21.52
CA TRP C 125 -12.65 62.08 21.40
C TRP C 125 -12.94 62.46 19.96
N VAL C 126 -11.95 62.36 19.06
CA VAL C 126 -12.06 62.95 17.73
C VAL C 126 -13.08 62.21 16.88
N ILE C 127 -13.30 60.92 17.15
CA ILE C 127 -14.13 60.07 16.29
C ILE C 127 -15.62 60.20 16.56
N TYR C 128 -16.04 61.06 17.49
CA TYR C 128 -17.42 60.99 17.94
C TYR C 128 -18.34 61.74 16.96
N ASP C 129 -19.63 61.54 17.16
CA ASP C 129 -20.66 62.20 16.38
C ASP C 129 -20.97 63.57 16.99
N THR C 130 -21.46 64.47 16.14
CA THR C 130 -21.67 65.87 16.51
C THR C 130 -23.14 66.25 16.57
N GLY C 131 -24.04 65.28 16.70
CA GLY C 131 -25.46 65.58 16.76
C GLY C 131 -26.12 65.20 18.07
N ASP C 132 -27.42 64.93 18.02
CA ASP C 132 -28.14 64.43 19.19
C ASP C 132 -29.08 63.31 18.77
N SER C 133 -29.60 62.59 19.76
CA SER C 133 -30.54 61.52 19.50
C SER C 133 -31.96 61.87 19.93
N GLY C 134 -32.22 63.11 20.30
CA GLY C 134 -33.57 63.48 20.67
C GLY C 134 -33.91 63.01 22.07
N PHE C 135 -35.10 62.43 22.20
CA PHE C 135 -35.62 61.97 23.49
C PHE C 135 -35.45 60.48 23.71
N PHE C 136 -34.36 59.90 23.22
CA PHE C 136 -34.04 58.53 23.58
C PHE C 136 -32.54 58.34 23.59
N SER C 137 -32.11 57.34 24.36
CA SER C 137 -30.78 56.78 24.22
C SER C 137 -30.84 55.74 23.12
N GLU C 138 -29.98 55.88 22.11
CA GLU C 138 -29.98 54.96 20.97
C GLU C 138 -29.58 53.56 21.40
N GLU C 139 -28.67 53.47 22.36
CA GLU C 139 -28.22 52.20 22.90
C GLU C 139 -29.33 51.51 23.69
N ALA C 140 -30.10 52.30 24.44
CA ALA C 140 -31.26 51.76 25.15
C ALA C 140 -32.33 51.27 24.17
N MET C 141 -32.50 51.96 23.04
CA MET C 141 -33.52 51.54 22.07
C MET C 141 -33.08 50.29 21.33
N GLY C 142 -31.79 50.17 21.04
CA GLY C 142 -31.31 48.97 20.40
C GLY C 142 -31.32 47.76 21.32
N ILE C 143 -31.15 47.98 22.61
CA ILE C 143 -31.29 46.88 23.56
C ILE C 143 -32.76 46.53 23.78
N ALA C 144 -33.63 47.54 23.78
CA ALA C 144 -35.08 47.30 23.88
C ALA C 144 -35.63 46.55 22.69
N ALA C 145 -35.00 46.69 21.52
CA ALA C 145 -35.44 45.98 20.33
C ALA C 145 -35.12 44.50 20.33
N LEU C 146 -34.49 43.98 21.39
CA LEU C 146 -34.34 42.53 21.56
C LEU C 146 -35.69 41.83 21.65
N TYR C 147 -36.70 42.50 22.17
CA TYR C 147 -38.02 41.90 22.31
C TYR C 147 -38.89 42.10 21.08
N SER C 148 -38.64 43.14 20.30
CA SER C 148 -39.41 43.40 19.09
C SER C 148 -38.74 42.81 17.85
N TYR C 149 -37.45 43.04 17.68
CA TYR C 149 -36.77 42.54 16.49
C TYR C 149 -35.94 41.30 16.76
N GLY C 150 -35.50 41.08 17.99
CA GLY C 150 -34.62 39.98 18.32
C GLY C 150 -35.28 38.72 18.82
N THR C 151 -36.35 38.29 18.15
CA THR C 151 -37.16 37.16 18.59
C THR C 151 -36.36 35.86 18.57
N TRP C 152 -35.70 35.58 17.45
CA TRP C 152 -34.86 34.40 17.30
C TRP C 152 -33.68 34.42 18.26
N LEU C 153 -33.18 35.62 18.56
CA LEU C 153 -32.06 35.77 19.48
C LEU C 153 -32.50 35.47 20.91
N VAL C 154 -33.69 35.94 21.28
CA VAL C 154 -34.31 35.60 22.56
C VAL C 154 -34.53 34.10 22.68
N ILE C 155 -34.99 33.47 21.61
CA ILE C 155 -35.26 32.03 21.63
C ILE C 155 -33.98 31.23 21.84
N VAL C 156 -32.94 31.55 21.07
CA VAL C 156 -31.72 30.75 21.18
C VAL C 156 -30.98 31.03 22.49
N THR C 157 -31.08 32.26 23.01
CA THR C 157 -30.41 32.56 24.27
C THR C 157 -31.13 31.91 25.45
N GLY C 158 -32.46 32.01 25.49
CA GLY C 158 -33.21 31.40 26.57
C GLY C 158 -33.16 29.89 26.54
N TRP C 159 -33.13 29.30 25.35
CA TRP C 159 -32.95 27.86 25.26
C TRP C 159 -31.56 27.44 25.72
N SER C 160 -30.53 28.23 25.38
CA SER C 160 -29.20 27.90 25.86
C SER C 160 -29.07 28.06 27.37
N LEU C 161 -29.79 29.00 27.97
CA LEU C 161 -29.73 29.14 29.42
C LEU C 161 -30.48 28.02 30.14
N LEU C 162 -31.61 27.58 29.58
CA LEU C 162 -32.32 26.43 30.14
C LEU C 162 -31.48 25.16 30.03
N ILE C 163 -30.88 24.95 28.86
CA ILE C 163 -29.95 23.84 28.67
C ILE C 163 -28.75 23.97 29.59
N GLY C 164 -28.29 25.19 29.86
CA GLY C 164 -27.18 25.38 30.79
C GLY C 164 -27.51 24.95 32.20
N VAL C 165 -28.73 25.27 32.66
CA VAL C 165 -29.23 24.77 33.94
C VAL C 165 -29.22 23.24 33.96
N VAL C 166 -29.76 22.63 32.89
CA VAL C 166 -29.84 21.17 32.81
C VAL C 166 -28.45 20.53 32.76
N VAL C 167 -27.52 21.14 32.04
CA VAL C 167 -26.16 20.61 31.88
C VAL C 167 -25.39 20.68 33.19
N ILE C 168 -25.52 21.80 33.92
CA ILE C 168 -24.85 21.91 35.22
C ILE C 168 -25.43 20.89 36.21
N MET C 169 -26.74 20.68 36.17
CA MET C 169 -27.29 19.66 37.05
C MET C 169 -26.92 18.25 36.63
N GLU C 170 -26.61 18.01 35.36
CA GLU C 170 -26.15 16.70 34.94
C GLU C 170 -24.72 16.42 35.38
N ILE C 171 -23.81 17.34 35.07
CA ILE C 171 -22.39 17.01 35.26
C ILE C 171 -21.93 17.16 36.70
N THR C 172 -22.65 17.89 37.53
CA THR C 172 -22.27 18.04 38.94
C THR C 172 -22.87 16.97 39.83
N ARG C 173 -23.69 16.09 39.28
CA ARG C 173 -24.35 15.08 40.10
C ARG C 173 -23.45 13.88 40.34
N GLY C 174 -22.67 13.48 39.35
CA GLY C 174 -21.79 12.34 39.48
C GLY C 174 -22.47 10.99 39.37
N ASN C 175 -23.73 10.96 38.95
CA ASN C 175 -24.49 9.72 38.88
C ASN C 175 -25.09 9.57 37.48
N SER D 2 -8.64 54.36 15.83
CA SER D 2 -8.67 55.08 17.09
C SER D 2 -7.85 54.40 18.20
N LEU D 3 -7.43 55.21 19.16
CA LEU D 3 -6.35 54.84 20.06
C LEU D 3 -6.77 53.86 21.15
N VAL D 4 -8.04 53.84 21.53
CA VAL D 4 -8.50 52.94 22.57
C VAL D 4 -8.55 51.50 22.08
N TYR D 5 -8.75 51.31 20.76
CA TYR D 5 -8.83 49.97 20.19
C TYR D 5 -7.52 49.22 20.31
N MET D 6 -6.40 49.95 20.26
CA MET D 6 -5.08 49.38 20.49
C MET D 6 -4.99 48.74 21.86
N ASN D 7 -5.47 49.45 22.87
CA ASN D 7 -5.37 48.93 24.23
C ASN D 7 -6.37 47.80 24.48
N ILE D 8 -7.56 47.85 23.86
CA ILE D 8 -8.50 46.76 24.10
C ILE D 8 -8.03 45.49 23.39
N MET D 9 -7.46 45.63 22.19
CA MET D 9 -6.84 44.49 21.52
C MET D 9 -5.62 43.98 22.26
N MET D 10 -4.82 44.88 22.82
CA MET D 10 -3.67 44.46 23.60
C MET D 10 -4.09 43.76 24.88
N ALA D 11 -5.19 44.20 25.49
CA ALA D 11 -5.75 43.48 26.63
C ALA D 11 -6.21 42.09 26.23
N PHE D 12 -6.84 41.95 25.06
CA PHE D 12 -7.20 40.63 24.56
C PHE D 12 -5.99 39.75 24.34
N THR D 13 -4.91 40.30 23.77
CA THR D 13 -3.73 39.47 23.51
C THR D 13 -2.99 39.15 24.80
N VAL D 14 -3.04 40.04 25.79
CA VAL D 14 -2.43 39.75 27.09
C VAL D 14 -3.19 38.64 27.80
N SER D 15 -4.52 38.70 27.79
CA SER D 15 -5.31 37.63 28.41
C SER D 15 -5.26 36.35 27.57
N LEU D 16 -5.04 36.48 26.26
CA LEU D 16 -4.81 35.31 25.40
C LEU D 16 -3.50 34.61 25.74
N THR D 17 -2.42 35.38 25.91
CA THR D 17 -1.16 34.74 26.29
C THR D 17 -1.18 34.25 27.73
N GLY D 18 -2.02 34.86 28.58
CA GLY D 18 -2.21 34.30 29.91
C GLY D 18 -2.95 32.98 29.87
N LEU D 19 -3.96 32.88 29.01
CA LEU D 19 -4.72 31.66 28.82
C LEU D 19 -3.97 30.62 27.98
N LEU D 20 -2.91 31.00 27.29
CA LEU D 20 -2.16 30.05 26.51
C LEU D 20 -0.86 29.65 27.20
N MET D 21 -0.58 30.20 28.38
CA MET D 21 0.58 29.86 29.20
C MET D 21 0.07 29.58 30.60
N TYR D 22 -0.24 28.32 30.91
CA TYR D 22 -0.77 28.00 32.23
C TYR D 22 0.33 28.04 33.26
N ARG D 23 -0.02 28.40 34.50
CA ARG D 23 0.96 28.15 35.55
C ARG D 23 0.68 26.87 36.30
N SER D 24 -0.34 26.86 37.17
CA SER D 24 -0.74 25.61 37.80
C SER D 24 -2.25 25.44 37.89
N HIS D 25 -2.95 26.53 38.22
CA HIS D 25 -4.36 26.46 38.55
C HIS D 25 -5.24 26.51 37.32
N LEU D 26 -6.29 25.68 37.32
CA LEU D 26 -7.31 25.78 36.28
C LEU D 26 -8.15 27.03 36.45
N MET D 27 -8.25 27.54 37.69
CA MET D 27 -9.04 28.75 37.95
C MET D 27 -8.40 29.97 37.32
N SER D 28 -7.07 30.04 37.32
CA SER D 28 -6.38 31.14 36.68
C SER D 28 -6.57 31.10 35.17
N SER D 29 -6.67 29.91 34.59
CA SER D 29 -7.00 29.77 33.18
C SER D 29 -8.41 30.26 32.90
N LEU D 30 -9.37 29.93 33.77
CA LEU D 30 -10.73 30.41 33.59
C LEU D 30 -10.83 31.92 33.76
N LEU D 31 -9.98 32.49 34.63
CA LEU D 31 -9.96 33.94 34.78
C LEU D 31 -9.39 34.63 33.55
N CYS D 32 -8.36 34.04 32.94
CA CYS D 32 -7.84 34.58 31.68
C CYS D 32 -8.85 34.45 30.55
N LEU D 33 -9.62 33.35 30.54
CA LEU D 33 -10.67 33.17 29.54
C LEU D 33 -11.77 34.22 29.68
N GLU D 34 -12.16 34.52 30.91
CA GLU D 34 -13.18 35.54 31.09
C GLU D 34 -12.62 36.94 30.93
N GLY D 35 -11.32 37.14 31.10
CA GLY D 35 -10.71 38.39 30.70
C GLY D 35 -10.75 38.61 29.21
N MET D 36 -10.49 37.54 28.44
CA MET D 36 -10.67 37.57 26.99
C MET D 36 -12.10 37.95 26.63
N MET D 37 -13.07 37.37 27.33
CA MET D 37 -14.47 37.73 27.08
C MET D 37 -14.76 39.18 27.40
N LEU D 38 -14.25 39.68 28.54
CA LEU D 38 -14.44 41.08 28.92
C LEU D 38 -13.86 42.03 27.89
N SER D 39 -12.67 41.75 27.37
CA SER D 39 -12.09 42.59 26.34
C SER D 39 -12.88 42.52 25.03
N LEU D 40 -13.44 41.35 24.69
CA LEU D 40 -14.31 41.25 23.53
C LEU D 40 -15.58 42.06 23.70
N PHE D 41 -16.13 42.04 24.93
CA PHE D 41 -17.30 42.87 25.26
C PHE D 41 -16.99 44.35 25.06
N ILE D 42 -15.87 44.82 25.61
CA ILE D 42 -15.52 46.24 25.54
C ILE D 42 -15.27 46.65 24.09
N LEU D 43 -14.60 45.80 23.32
CA LEU D 43 -14.26 46.16 21.95
C LEU D 43 -15.50 46.20 21.06
N ALA D 44 -16.37 45.20 21.22
CA ALA D 44 -17.66 45.19 20.53
C ALA D 44 -18.49 46.41 20.90
N THR D 45 -18.52 46.75 22.19
CA THR D 45 -19.33 47.86 22.66
C THR D 45 -18.83 49.19 22.12
N LEU D 46 -17.50 49.38 22.07
CA LEU D 46 -16.98 50.65 21.58
C LEU D 46 -17.22 50.81 20.09
N MET D 47 -17.09 49.73 19.31
CA MET D 47 -17.44 49.77 17.90
C MET D 47 -18.91 50.11 17.67
N ILE D 48 -19.80 49.43 18.39
CA ILE D 48 -21.23 49.55 18.15
C ILE D 48 -21.74 50.91 18.60
N LEU D 49 -21.19 51.44 19.69
CA LEU D 49 -21.56 52.78 20.13
C LEU D 49 -20.98 53.85 19.23
N ASN D 50 -19.76 53.65 18.71
CA ASN D 50 -19.18 54.63 17.81
C ASN D 50 -19.94 54.69 16.49
N SER D 51 -20.35 53.53 15.97
CA SER D 51 -20.99 53.48 14.67
C SER D 51 -22.43 53.95 14.69
N HIS D 52 -23.02 54.14 15.87
CA HIS D 52 -24.46 54.33 16.10
C HIS D 52 -25.26 53.22 15.43
N PHE D 53 -24.76 52.00 15.53
CA PHE D 53 -25.42 50.84 14.96
C PHE D 53 -26.32 50.30 16.04
N THR D 54 -27.61 50.60 15.90
CA THR D 54 -28.56 50.55 17.00
C THR D 54 -28.88 49.10 17.38
N LEU D 55 -29.25 48.28 16.39
CA LEU D 55 -29.64 46.91 16.66
C LEU D 55 -28.50 46.04 17.18
N ALA D 56 -27.26 46.39 16.89
CA ALA D 56 -26.16 45.63 17.47
C ALA D 56 -25.87 46.00 18.92
N SER D 57 -26.59 46.98 19.48
CA SER D 57 -26.46 47.30 20.90
C SER D 57 -26.87 46.14 21.79
N MET D 58 -27.76 45.27 21.31
CA MET D 58 -28.11 44.08 22.09
C MET D 58 -27.09 42.97 21.92
N MET D 59 -26.18 43.08 20.95
CA MET D 59 -25.16 42.06 20.74
C MET D 59 -24.21 41.81 21.91
N PRO D 60 -23.61 42.82 22.57
CA PRO D 60 -22.67 42.49 23.65
C PRO D 60 -23.31 41.82 24.85
N ILE D 61 -24.56 42.18 25.17
CA ILE D 61 -25.33 41.50 26.22
C ILE D 61 -25.40 40.01 25.96
N ILE D 62 -25.78 39.64 24.73
CA ILE D 62 -25.80 38.25 24.29
C ILE D 62 -24.41 37.64 24.44
N LEU D 63 -23.38 38.40 24.01
CA LEU D 63 -22.00 37.98 24.19
C LEU D 63 -21.65 37.80 25.66
N LEU D 64 -22.21 38.64 26.53
CA LEU D 64 -22.00 38.45 27.95
C LEU D 64 -22.68 37.17 28.43
N VAL D 65 -23.95 37.00 28.06
CA VAL D 65 -24.80 36.00 28.71
C VAL D 65 -24.32 34.60 28.41
N PHE D 66 -24.20 34.27 27.11
CA PHE D 66 -23.63 33.00 26.64
C PHE D 66 -22.30 32.71 27.28
N ALA D 67 -21.43 33.71 27.35
CA ALA D 67 -20.09 33.40 27.80
C ALA D 67 -20.06 33.19 29.30
N ALA D 68 -20.94 33.89 30.02
CA ALA D 68 -21.01 33.64 31.45
C ALA D 68 -21.62 32.28 31.72
N CYS D 69 -22.56 31.86 30.85
CA CYS D 69 -23.06 30.49 30.94
C CYS D 69 -21.93 29.50 30.66
N GLU D 70 -21.08 29.84 29.67
CA GLU D 70 -19.88 29.06 29.39
C GLU D 70 -18.98 29.03 30.60
N ALA D 71 -18.82 30.18 31.27
CA ALA D 71 -17.99 30.26 32.47
C ALA D 71 -18.55 29.39 33.57
N ALA D 72 -19.89 29.34 33.68
CA ALA D 72 -20.52 28.51 34.69
C ALA D 72 -20.18 27.05 34.46
N LEU D 73 -20.23 26.63 33.20
CA LEU D 73 -19.87 25.28 32.81
C LEU D 73 -18.42 24.99 33.16
N GLY D 74 -17.55 25.96 32.91
CA GLY D 74 -16.14 25.79 33.23
C GLY D 74 -15.90 25.61 34.71
N LEU D 75 -16.62 26.39 35.53
CA LEU D 75 -16.48 26.29 36.97
C LEU D 75 -16.93 24.92 37.44
N SER D 76 -17.98 24.38 36.81
CA SER D 76 -18.48 23.08 37.19
C SER D 76 -17.47 22.00 36.85
N LEU D 77 -16.82 22.12 35.68
CA LEU D 77 -15.77 21.17 35.33
C LEU D 77 -14.63 21.24 36.31
N LEU D 78 -14.26 22.46 36.72
CA LEU D 78 -13.19 22.66 37.68
C LEU D 78 -13.53 22.00 38.99
N VAL D 79 -14.79 22.13 39.41
CA VAL D 79 -15.21 21.58 40.67
C VAL D 79 -15.16 20.06 40.64
N MET D 80 -15.53 19.47 39.49
CA MET D 80 -15.46 18.03 39.40
C MET D 80 -14.02 17.57 39.36
N VAL D 81 -13.14 18.36 38.73
CA VAL D 81 -11.71 18.10 38.79
C VAL D 81 -11.22 18.26 40.22
N SER D 82 -11.71 19.29 40.91
CA SER D 82 -11.33 19.48 42.29
C SER D 82 -12.00 18.49 43.21
N ASN D 83 -13.03 17.77 42.75
CA ASN D 83 -13.58 16.68 43.54
C ASN D 83 -12.89 15.36 43.29
N THR D 84 -11.81 15.36 42.51
CA THR D 84 -11.04 14.16 42.25
C THR D 84 -9.67 14.18 42.90
N TYR D 85 -8.96 15.31 42.81
CA TYR D 85 -7.58 15.38 43.23
C TYR D 85 -7.35 16.25 44.45
N GLY D 86 -8.37 16.99 44.91
CA GLY D 86 -8.23 17.90 46.01
C GLY D 86 -7.86 19.32 45.60
N THR D 87 -7.17 19.46 44.48
CA THR D 87 -6.82 20.76 43.92
C THR D 87 -7.38 20.88 42.51
N ASP D 88 -7.21 22.06 41.92
CA ASP D 88 -7.53 22.30 40.53
C ASP D 88 -6.27 22.42 39.68
N TYR D 89 -5.21 21.71 40.05
CA TYR D 89 -3.95 21.78 39.33
C TYR D 89 -4.08 21.09 37.97
N VAL D 90 -3.57 21.73 36.93
CA VAL D 90 -3.68 21.19 35.58
C VAL D 90 -2.76 19.99 35.38
N GLN D 91 -1.73 19.84 36.21
CA GLN D 91 -0.82 18.71 36.06
C GLN D 91 -1.41 17.40 36.57
N ASN D 92 -2.53 17.44 37.28
CA ASN D 92 -3.26 16.21 37.62
C ASN D 92 -4.08 15.68 36.47
N LEU D 93 -4.31 16.49 35.44
CA LEU D 93 -5.13 16.09 34.31
C LEU D 93 -4.24 15.59 33.18
N ASN D 94 -3.60 14.45 33.44
CA ASN D 94 -2.67 13.85 32.48
C ASN D 94 -2.88 12.34 32.32
N LEU D 95 -4.07 11.82 32.66
CA LEU D 95 -4.29 10.39 32.54
C LEU D 95 -4.43 9.94 31.10
N LEU D 96 -4.75 10.85 30.19
CA LEU D 96 -5.09 10.52 28.82
C LEU D 96 -3.88 10.52 27.89
N GLN D 97 -2.66 10.61 28.43
CA GLN D 97 -1.46 10.35 27.64
C GLN D 97 -1.35 8.89 27.24
N CYS D 98 -1.96 7.98 28.00
CA CYS D 98 -1.99 6.57 27.67
C CYS D 98 -3.23 5.93 28.29
N ASN E 2 9.29 -36.78 -57.00
CA ASN E 2 8.27 -37.32 -56.13
C ASN E 2 8.75 -38.54 -55.35
N LEU E 3 9.73 -39.27 -55.90
CA LEU E 3 10.35 -40.37 -55.16
C LEU E 3 11.29 -39.84 -54.09
N PHE E 4 12.11 -38.86 -54.47
CA PHE E 4 13.16 -38.30 -53.62
C PHE E 4 12.58 -37.68 -52.36
N SER E 5 11.62 -36.76 -52.53
CA SER E 5 11.09 -36.00 -51.42
C SER E 5 10.22 -36.87 -50.52
N SER E 6 9.47 -37.80 -51.13
CA SER E 6 8.62 -38.69 -50.33
C SER E 6 9.46 -39.60 -49.46
N LEU E 7 10.50 -40.23 -50.01
CA LEU E 7 11.28 -41.14 -49.18
C LEU E 7 12.15 -40.39 -48.17
N THR E 8 12.55 -39.17 -48.52
CA THR E 8 13.17 -38.26 -47.56
C THR E 8 12.29 -38.03 -46.33
N LEU E 9 11.02 -37.68 -46.54
CA LEU E 9 10.17 -37.43 -45.39
C LEU E 9 9.70 -38.71 -44.71
N VAL E 10 9.65 -39.83 -45.46
CA VAL E 10 9.27 -41.12 -44.89
C VAL E 10 10.33 -41.60 -43.91
N THR E 11 11.61 -41.33 -44.18
CA THR E 11 12.67 -41.69 -43.24
C THR E 11 12.47 -41.03 -41.87
N LEU E 12 12.15 -39.74 -41.87
CA LEU E 12 11.99 -39.00 -40.63
C LEU E 12 10.68 -39.35 -39.90
N ILE E 13 9.58 -39.47 -40.65
CA ILE E 13 8.30 -39.85 -40.05
C ILE E 13 8.36 -41.28 -39.49
N LEU E 14 9.06 -42.16 -40.21
CA LEU E 14 9.29 -43.53 -39.75
C LEU E 14 10.08 -43.54 -38.46
N LEU E 15 11.06 -42.65 -38.32
CA LEU E 15 11.76 -42.56 -37.04
C LEU E 15 10.87 -42.03 -35.92
N THR E 16 9.93 -41.14 -36.24
CA THR E 16 9.03 -40.66 -35.20
C THR E 16 7.97 -41.67 -34.79
N MET E 17 7.69 -42.68 -35.62
CA MET E 17 6.61 -43.61 -35.29
C MET E 17 6.80 -44.48 -34.03
N PRO E 18 7.98 -45.00 -33.68
CA PRO E 18 8.07 -45.72 -32.39
C PRO E 18 7.96 -44.81 -31.17
N ILE E 19 8.25 -43.52 -31.30
CA ILE E 19 7.99 -42.58 -30.21
C ILE E 19 6.50 -42.46 -29.96
N ALA E 20 5.73 -42.38 -31.05
CA ALA E 20 4.27 -42.37 -30.92
C ALA E 20 3.74 -43.70 -30.41
N ALA E 21 4.42 -44.81 -30.73
CA ALA E 21 3.98 -46.10 -30.23
C ALA E 21 4.23 -46.24 -28.73
N ILE E 22 5.41 -45.85 -28.26
CA ILE E 22 5.74 -45.96 -26.85
C ILE E 22 5.00 -44.92 -26.01
N ASN E 23 4.56 -43.81 -26.60
CA ASN E 23 3.79 -42.86 -25.80
C ASN E 23 2.32 -43.20 -25.74
N PHE E 24 1.83 -44.09 -26.61
CA PHE E 24 0.40 -44.42 -26.65
C PHE E 24 0.15 -45.83 -26.17
N ASN E 25 0.90 -46.31 -25.17
CA ASN E 25 0.90 -47.72 -24.83
C ASN E 25 0.15 -48.02 -23.54
N THR E 26 -0.29 -49.28 -23.43
CA THR E 26 -0.96 -49.79 -22.25
C THR E 26 -0.30 -51.04 -21.70
N HIS E 27 0.21 -51.91 -22.56
CA HIS E 27 0.78 -53.19 -22.18
C HIS E 27 2.28 -53.07 -21.93
N LYS E 28 2.87 -54.18 -21.51
CA LYS E 28 4.30 -54.36 -21.54
C LYS E 28 4.67 -54.88 -22.93
N PHE E 29 5.55 -54.15 -23.62
CA PHE E 29 5.86 -54.43 -25.01
C PHE E 29 6.51 -55.78 -25.23
N THR E 30 6.12 -56.42 -26.33
CA THR E 30 6.82 -57.59 -26.86
C THR E 30 8.03 -57.08 -27.64
N ASN E 31 9.07 -56.74 -26.89
CA ASN E 31 10.38 -56.32 -27.37
C ASN E 31 10.27 -55.06 -28.26
N TYR E 32 9.88 -53.99 -27.59
CA TYR E 32 10.06 -52.63 -28.12
C TYR E 32 11.48 -52.30 -28.61
N PRO E 33 12.59 -52.76 -27.99
CA PRO E 33 13.90 -52.54 -28.63
C PRO E 33 14.05 -53.16 -30.00
N LEU E 34 13.48 -54.35 -30.21
CA LEU E 34 13.51 -54.97 -31.53
C LEU E 34 12.70 -54.17 -32.53
N TYR E 35 11.60 -53.59 -32.08
CA TYR E 35 10.79 -52.74 -32.96
C TYR E 35 11.51 -51.47 -33.35
N VAL E 36 12.21 -50.83 -32.40
CA VAL E 36 12.97 -49.62 -32.73
C VAL E 36 14.14 -49.94 -33.64
N LYS E 37 14.80 -51.09 -33.42
CA LYS E 37 15.92 -51.48 -34.26
C LYS E 37 15.47 -51.84 -35.68
N THR E 38 14.33 -52.52 -35.80
CA THR E 38 13.74 -52.81 -37.10
C THR E 38 13.36 -51.53 -37.83
N THR E 39 12.80 -50.58 -37.09
CA THR E 39 12.43 -49.29 -37.66
C THR E 39 13.64 -48.53 -38.18
N ILE E 40 14.75 -48.55 -37.44
CA ILE E 40 15.92 -47.82 -37.87
C ILE E 40 16.66 -48.50 -39.02
N SER E 41 16.67 -49.84 -39.06
CA SER E 41 17.18 -50.54 -40.23
C SER E 41 16.33 -50.22 -41.46
N CYS E 42 15.02 -50.13 -41.29
CA CYS E 42 14.15 -49.77 -42.40
C CYS E 42 14.34 -48.31 -42.82
N ALA E 43 14.62 -47.42 -41.87
CA ALA E 43 14.88 -46.03 -42.22
C ALA E 43 16.21 -45.89 -42.94
N PHE E 44 17.19 -46.74 -42.61
CA PHE E 44 18.43 -46.80 -43.39
C PHE E 44 18.17 -47.21 -44.82
N ILE E 45 17.35 -48.25 -45.01
CA ILE E 45 17.02 -48.71 -46.37
C ILE E 45 16.27 -47.62 -47.14
N THR E 46 15.34 -46.94 -46.47
CA THR E 46 14.54 -45.91 -47.13
C THR E 46 15.38 -44.67 -47.45
N SER E 47 16.34 -44.33 -46.60
CA SER E 47 17.21 -43.20 -46.85
C SER E 47 18.25 -43.49 -47.91
N MET E 48 18.54 -44.77 -48.21
CA MET E 48 19.49 -45.07 -49.27
C MET E 48 18.98 -44.70 -50.67
N ILE E 49 17.67 -44.66 -50.91
CA ILE E 49 17.18 -44.33 -52.25
C ILE E 49 17.45 -42.87 -52.64
N PRO E 50 17.16 -41.83 -51.82
CA PRO E 50 17.58 -40.48 -52.22
C PRO E 50 19.08 -40.32 -52.28
N THR E 51 19.82 -41.08 -51.48
CA THR E 51 21.27 -41.08 -51.56
C THR E 51 21.77 -41.62 -52.88
N MET E 52 21.17 -42.72 -53.37
CA MET E 52 21.55 -43.26 -54.67
C MET E 52 21.20 -42.31 -55.80
N MET E 53 20.05 -41.65 -55.72
CA MET E 53 19.74 -40.76 -56.83
C MET E 53 20.36 -39.38 -56.67
N PHE E 54 21.01 -39.10 -55.53
CA PHE E 54 21.99 -38.04 -55.50
C PHE E 54 23.32 -38.48 -56.11
N ILE E 55 23.72 -39.74 -55.91
CA ILE E 55 24.96 -40.22 -56.52
C ILE E 55 24.82 -40.29 -58.04
N HIS E 56 23.61 -40.54 -58.53
CA HIS E 56 23.38 -40.61 -59.97
C HIS E 56 23.51 -39.25 -60.64
N THR E 57 22.66 -38.29 -60.26
CA THR E 57 22.61 -36.99 -60.94
C THR E 57 23.08 -35.80 -60.12
N GLY E 58 23.40 -35.97 -58.85
CA GLY E 58 23.60 -34.80 -58.02
C GLY E 58 22.31 -34.15 -57.59
N GLN E 59 21.23 -34.92 -57.51
CA GLN E 59 19.91 -34.37 -57.26
C GLN E 59 19.77 -33.88 -55.83
N GLU E 60 19.57 -32.58 -55.68
CA GLU E 60 19.40 -31.91 -54.40
C GLU E 60 18.07 -31.17 -54.41
N MET E 61 17.47 -31.01 -53.23
CA MET E 61 16.29 -30.17 -53.14
C MET E 61 16.16 -29.59 -51.75
N ILE E 62 15.15 -28.74 -51.61
CA ILE E 62 14.72 -28.19 -50.33
C ILE E 62 13.24 -28.42 -50.22
N ILE E 63 12.81 -29.02 -49.12
CA ILE E 63 11.41 -29.26 -48.87
C ILE E 63 10.99 -28.26 -47.78
N SER E 64 10.44 -27.13 -48.18
CA SER E 64 9.88 -26.17 -47.23
C SER E 64 8.38 -26.41 -47.17
N ASN E 65 7.99 -27.39 -46.37
CA ASN E 65 6.66 -27.94 -46.55
C ASN E 65 5.60 -27.32 -45.64
N TRP E 66 5.97 -26.81 -44.48
CA TRP E 66 4.99 -26.24 -43.56
C TRP E 66 5.43 -24.84 -43.18
N HIS E 67 4.64 -23.84 -43.58
CA HIS E 67 4.81 -22.49 -43.07
C HIS E 67 4.46 -22.48 -41.59
N TRP E 68 5.42 -22.13 -40.75
CA TRP E 68 5.21 -22.11 -39.32
C TRP E 68 4.89 -20.72 -38.80
N LEU E 69 5.67 -19.71 -39.17
CA LEU E 69 5.53 -18.42 -38.49
C LEU E 69 6.20 -17.31 -39.31
N THR E 70 5.49 -16.22 -39.54
CA THR E 70 6.09 -15.08 -40.25
C THR E 70 6.24 -13.90 -39.30
N ILE E 71 7.48 -13.61 -38.91
CA ILE E 71 7.77 -12.43 -38.09
C ILE E 71 8.14 -11.31 -39.05
N GLN E 72 7.12 -10.73 -39.66
CA GLN E 72 7.05 -9.55 -40.51
C GLN E 72 7.86 -9.60 -41.80
N THR E 73 9.04 -10.10 -41.76
CA THR E 73 9.85 -10.26 -42.97
C THR E 73 10.68 -11.51 -42.84
N LEU E 74 10.54 -12.24 -41.75
CA LEU E 74 11.24 -13.48 -41.54
C LEU E 74 10.17 -14.57 -41.56
N LYS E 75 10.02 -15.21 -42.70
CA LYS E 75 9.12 -16.35 -42.83
C LYS E 75 9.89 -17.59 -42.39
N LEU E 76 9.43 -18.22 -41.32
CA LEU E 76 10.00 -19.45 -40.80
C LEU E 76 9.13 -20.61 -41.22
N SER E 77 9.73 -21.54 -41.94
CA SER E 77 9.06 -22.73 -42.42
C SER E 77 9.81 -23.97 -41.95
N LEU E 78 9.07 -25.05 -41.79
CA LEU E 78 9.67 -26.37 -41.61
C LEU E 78 10.32 -26.74 -42.94
N SER E 79 11.64 -26.60 -43.01
CA SER E 79 12.36 -26.66 -44.26
C SER E 79 13.53 -27.63 -44.13
N PHE E 80 13.59 -28.60 -45.03
CA PHE E 80 14.57 -29.66 -45.00
C PHE E 80 15.49 -29.53 -46.22
N LYS E 81 16.80 -29.52 -45.96
CA LYS E 81 17.79 -29.34 -47.02
C LYS E 81 18.37 -30.70 -47.38
N MET E 82 17.98 -31.22 -48.54
CA MET E 82 18.50 -32.49 -49.03
C MET E 82 19.62 -32.20 -50.03
N ASP E 83 20.81 -32.02 -49.50
CA ASP E 83 22.03 -31.81 -50.25
C ASP E 83 23.01 -32.93 -49.93
N PHE E 84 24.24 -32.77 -50.41
CA PHE E 84 25.33 -33.74 -50.23
C PHE E 84 25.56 -34.12 -48.77
N PHE E 85 25.48 -33.14 -47.87
CA PHE E 85 25.76 -33.37 -46.46
C PHE E 85 24.69 -34.23 -45.83
N SER E 86 23.42 -33.92 -46.08
CA SER E 86 22.33 -34.75 -45.59
C SER E 86 22.32 -36.11 -46.26
N MET E 87 22.54 -36.14 -47.59
CA MET E 87 22.51 -37.37 -48.37
C MET E 87 23.58 -38.36 -47.95
N MET E 88 24.72 -37.89 -47.45
CA MET E 88 25.67 -38.85 -46.94
C MET E 88 25.57 -39.08 -45.44
N PHE E 89 25.20 -38.07 -44.65
CA PHE E 89 25.24 -38.25 -43.21
C PHE E 89 24.06 -39.07 -42.70
N VAL E 90 22.88 -38.92 -43.30
CA VAL E 90 21.70 -39.66 -42.81
C VAL E 90 21.84 -41.17 -42.96
N PRO E 91 22.31 -41.74 -44.09
CA PRO E 91 22.53 -43.21 -44.09
C PRO E 91 23.64 -43.68 -43.19
N VAL E 92 24.72 -42.91 -43.05
CA VAL E 92 25.81 -43.32 -42.16
C VAL E 92 25.36 -43.31 -40.70
N ALA E 93 24.60 -42.28 -40.32
CA ALA E 93 24.06 -42.21 -38.96
C ALA E 93 23.04 -43.32 -38.72
N LEU E 94 22.21 -43.64 -39.70
CA LEU E 94 21.21 -44.69 -39.52
C LEU E 94 21.87 -46.07 -39.46
N PHE E 95 22.92 -46.29 -40.24
CA PHE E 95 23.63 -47.56 -40.22
C PHE E 95 24.35 -47.76 -38.90
N VAL E 96 25.05 -46.71 -38.43
CA VAL E 96 25.73 -46.75 -37.15
C VAL E 96 24.73 -46.95 -36.01
N THR E 97 23.61 -46.22 -36.03
CA THR E 97 22.59 -46.34 -35.00
C THR E 97 21.92 -47.71 -34.99
N TRP E 98 21.75 -48.31 -36.16
CA TRP E 98 21.22 -49.68 -36.23
C TRP E 98 22.18 -50.68 -35.60
N SER E 99 23.48 -50.50 -35.80
CA SER E 99 24.43 -51.33 -35.07
C SER E 99 24.45 -51.04 -33.58
N ILE E 100 24.31 -49.77 -33.19
CA ILE E 100 24.31 -49.41 -31.76
C ILE E 100 23.10 -50.01 -31.06
N MET E 101 21.97 -50.07 -31.73
CA MET E 101 20.79 -50.61 -31.09
C MET E 101 20.75 -52.13 -31.07
N GLU E 102 21.30 -52.81 -32.09
CA GLU E 102 21.42 -54.25 -31.93
C GLU E 102 22.47 -54.60 -30.89
N PHE E 103 23.49 -53.76 -30.71
CA PHE E 103 24.41 -53.90 -29.58
C PHE E 103 23.70 -53.67 -28.25
N SER E 104 22.77 -52.71 -28.20
CA SER E 104 22.12 -52.35 -26.96
C SER E 104 21.09 -53.38 -26.52
N MET E 105 20.55 -54.15 -27.48
CA MET E 105 19.67 -55.25 -27.11
C MET E 105 20.39 -56.33 -26.32
N TRP E 106 21.71 -56.43 -26.44
CA TRP E 106 22.56 -57.28 -25.63
C TRP E 106 23.09 -56.57 -24.39
N TYR E 107 23.67 -55.38 -24.57
CA TYR E 107 24.41 -54.71 -23.51
C TYR E 107 23.48 -54.19 -22.43
N MET E 108 22.27 -53.78 -22.79
CA MET E 108 21.33 -53.19 -21.85
C MET E 108 20.21 -54.16 -21.51
N HIS E 109 20.46 -55.47 -21.64
CA HIS E 109 19.41 -56.46 -21.48
C HIS E 109 18.97 -56.59 -20.02
N SER E 110 19.90 -56.40 -19.08
CA SER E 110 19.58 -56.46 -17.66
C SER E 110 18.87 -55.21 -17.16
N ASP E 111 18.85 -54.15 -17.94
CA ASP E 111 18.26 -52.87 -17.54
C ASP E 111 16.74 -52.98 -17.50
N PRO E 112 16.10 -52.69 -16.37
CA PRO E 112 14.63 -52.72 -16.31
C PRO E 112 13.97 -51.59 -17.08
N ASN E 113 14.71 -50.57 -17.47
CA ASN E 113 14.18 -49.44 -18.23
C ASN E 113 14.74 -49.43 -19.64
N ILE E 114 14.81 -50.59 -20.27
CA ILE E 114 15.38 -50.70 -21.61
C ILE E 114 14.49 -50.03 -22.65
N ASN E 115 13.17 -49.97 -22.42
CA ASN E 115 12.30 -49.30 -23.38
C ASN E 115 12.49 -47.79 -23.31
N GLN E 116 12.67 -47.25 -22.11
CA GLN E 116 13.01 -45.84 -21.96
C GLN E 116 14.37 -45.52 -22.56
N PHE E 117 15.30 -46.48 -22.50
CA PHE E 117 16.62 -46.27 -23.08
C PHE E 117 16.55 -46.23 -24.60
N PHE E 118 15.79 -47.14 -25.21
CA PHE E 118 15.61 -47.10 -26.66
C PHE E 118 14.77 -45.91 -27.10
N LYS E 119 13.83 -45.47 -26.27
CA LYS E 119 13.09 -44.24 -26.55
C LYS E 119 14.02 -43.04 -26.57
N TYR E 120 14.90 -42.93 -25.56
CA TYR E 120 15.83 -41.80 -25.50
C TYR E 120 16.84 -41.84 -26.63
N LEU E 121 17.25 -43.04 -27.02
CA LEU E 121 18.24 -43.18 -28.08
C LEU E 121 17.63 -42.82 -29.44
N LEU E 122 16.36 -43.18 -29.63
CA LEU E 122 15.65 -42.77 -30.84
C LEU E 122 15.35 -41.28 -30.85
N LEU E 123 15.06 -40.69 -29.68
CA LEU E 123 14.85 -39.24 -29.63
C LEU E 123 16.13 -38.47 -29.93
N PHE E 124 17.27 -39.01 -29.51
CA PHE E 124 18.55 -38.47 -29.96
C PHE E 124 18.69 -38.53 -31.47
N LEU E 125 18.37 -39.68 -32.07
CA LEU E 125 18.53 -39.83 -33.51
C LEU E 125 17.62 -38.88 -34.28
N ILE E 126 16.40 -38.67 -33.77
CA ILE E 126 15.46 -37.75 -34.40
C ILE E 126 15.99 -36.31 -34.31
N THR E 127 16.48 -35.90 -33.12
CA THR E 127 17.02 -34.54 -33.01
C THR E 127 18.30 -34.37 -33.82
N MET E 128 19.09 -35.43 -34.00
CA MET E 128 20.31 -35.31 -34.80
C MET E 128 19.98 -35.18 -36.28
N LEU E 129 18.95 -35.87 -36.74
CA LEU E 129 18.60 -35.71 -38.15
C LEU E 129 17.83 -34.42 -38.40
N ILE E 130 17.13 -33.89 -37.40
CA ILE E 130 16.61 -32.53 -37.47
C ILE E 130 17.76 -31.53 -37.60
N LEU E 131 18.84 -31.76 -36.85
CA LEU E 131 20.03 -30.91 -36.93
C LEU E 131 20.65 -30.95 -38.32
N VAL E 132 20.89 -32.15 -38.85
CA VAL E 132 21.66 -32.23 -40.09
C VAL E 132 20.82 -31.99 -41.34
N THR E 133 19.50 -32.11 -41.26
CA THR E 133 18.67 -31.87 -42.42
C THR E 133 18.08 -30.47 -42.46
N ALA E 134 18.43 -29.62 -41.50
CA ALA E 134 17.79 -28.32 -41.38
C ALA E 134 18.27 -27.35 -42.43
N ASN E 135 17.35 -26.49 -42.89
CA ASN E 135 17.68 -25.44 -43.82
C ASN E 135 17.76 -24.06 -43.16
N ASN E 136 17.13 -23.85 -42.02
CA ASN E 136 17.25 -22.58 -41.34
C ASN E 136 17.84 -22.77 -39.95
N LEU E 137 18.30 -21.65 -39.38
CA LEU E 137 19.03 -21.68 -38.13
C LEU E 137 18.14 -22.01 -36.95
N PHE E 138 16.84 -21.72 -37.03
CA PHE E 138 15.94 -22.03 -35.93
C PHE E 138 15.73 -23.53 -35.81
N GLN E 139 15.49 -24.20 -36.93
CA GLN E 139 15.31 -25.64 -36.94
C GLN E 139 16.61 -26.38 -36.63
N LEU E 140 17.74 -25.83 -37.07
CA LEU E 140 19.03 -26.37 -36.69
C LEU E 140 19.26 -26.20 -35.19
N PHE E 141 18.78 -25.10 -34.62
CA PHE E 141 18.92 -24.87 -33.19
C PHE E 141 18.02 -25.79 -32.40
N ILE E 142 16.86 -26.15 -32.95
CA ILE E 142 16.01 -27.19 -32.37
C ILE E 142 16.75 -28.51 -32.29
N GLY E 143 17.35 -28.93 -33.40
CA GLY E 143 18.14 -30.16 -33.40
C GLY E 143 19.37 -30.09 -32.50
N TRP E 144 19.97 -28.91 -32.40
CA TRP E 144 21.18 -28.65 -31.63
C TRP E 144 20.91 -28.79 -30.13
N GLU E 145 19.92 -28.05 -29.63
CA GLU E 145 19.55 -28.17 -28.24
C GLU E 145 18.90 -29.51 -27.93
N GLY E 146 18.26 -30.13 -28.92
CA GLY E 146 17.69 -31.46 -28.71
C GLY E 146 18.75 -32.53 -28.48
N VAL E 147 19.83 -32.51 -29.26
CA VAL E 147 20.89 -33.49 -29.00
C VAL E 147 21.62 -33.15 -27.72
N GLY E 148 21.66 -31.87 -27.32
CA GLY E 148 22.20 -31.55 -26.01
C GLY E 148 21.38 -32.11 -24.86
N ILE E 149 20.06 -32.05 -24.97
CA ILE E 149 19.19 -32.54 -23.90
C ILE E 149 19.18 -34.06 -23.85
N MET E 150 19.20 -34.72 -25.03
CA MET E 150 19.27 -36.16 -25.00
C MET E 150 20.64 -36.64 -24.54
N SER E 151 21.69 -35.85 -24.77
CA SER E 151 22.99 -36.12 -24.19
C SER E 151 22.94 -36.04 -22.67
N PHE E 152 22.29 -35.01 -22.12
CA PHE E 152 22.11 -34.91 -20.67
C PHE E 152 21.41 -36.15 -20.11
N LEU E 153 20.26 -36.50 -20.69
CA LEU E 153 19.46 -37.59 -20.18
C LEU E 153 20.13 -38.95 -20.35
N LEU E 154 21.04 -39.08 -21.32
CA LEU E 154 21.70 -40.35 -21.53
C LEU E 154 23.05 -40.46 -20.81
N ILE E 155 23.73 -39.35 -20.54
CA ILE E 155 24.88 -39.39 -19.63
C ILE E 155 24.41 -39.67 -18.22
N GLY E 156 23.37 -38.98 -17.77
CA GLY E 156 22.82 -39.25 -16.47
C GLY E 156 21.77 -40.34 -16.49
N TRP E 157 22.05 -41.42 -17.23
CA TRP E 157 21.13 -42.54 -17.32
C TRP E 157 21.00 -43.26 -15.98
N TRP E 158 22.14 -43.54 -15.33
CA TRP E 158 22.09 -44.08 -13.97
C TRP E 158 22.11 -42.88 -13.05
N TYR E 159 20.91 -42.38 -12.77
CA TYR E 159 20.75 -41.06 -12.17
C TYR E 159 20.96 -41.05 -10.66
N GLY E 160 21.05 -42.20 -10.02
CA GLY E 160 21.44 -42.24 -8.63
C GLY E 160 22.93 -42.11 -8.41
N ARG E 161 23.72 -42.19 -9.46
CA ARG E 161 25.15 -41.97 -9.39
C ARG E 161 25.46 -40.48 -9.49
N THR E 162 26.16 -39.95 -8.50
CA THR E 162 26.47 -38.52 -8.44
C THR E 162 27.39 -38.10 -9.57
N ASP E 163 28.32 -38.98 -9.98
CA ASP E 163 29.23 -38.68 -11.07
C ASP E 163 28.50 -38.60 -12.41
N ALA E 164 27.45 -39.40 -12.60
CA ALA E 164 26.66 -39.34 -13.83
C ALA E 164 25.91 -38.03 -13.94
N ASN E 165 25.33 -37.56 -12.84
CA ASN E 165 24.62 -36.29 -12.84
C ASN E 165 25.59 -35.13 -13.03
N THR E 166 26.77 -35.23 -12.43
CA THR E 166 27.77 -34.18 -12.57
C THR E 166 28.30 -34.09 -14.00
N ALA E 167 28.55 -35.25 -14.62
CA ALA E 167 29.01 -35.26 -16.00
C ALA E 167 27.94 -34.77 -16.95
N ALA E 168 26.68 -35.11 -16.69
CA ALA E 168 25.58 -34.67 -17.54
C ALA E 168 25.39 -33.16 -17.45
N LEU E 169 25.48 -32.60 -16.25
CA LEU E 169 25.35 -31.16 -16.10
C LEU E 169 26.57 -30.43 -16.65
N GLN E 170 27.75 -31.04 -16.58
CA GLN E 170 28.94 -30.48 -17.19
C GLN E 170 28.83 -30.42 -18.71
N ALA E 171 28.28 -31.46 -19.32
CA ALA E 171 28.02 -31.45 -20.75
C ALA E 171 27.05 -30.36 -21.13
N ILE E 172 25.98 -30.19 -20.34
CA ILE E 172 25.05 -29.08 -20.55
C ILE E 172 25.75 -27.74 -20.46
N LEU E 173 26.60 -27.55 -19.44
CA LEU E 173 27.25 -26.27 -19.19
C LEU E 173 28.14 -25.85 -20.35
N TYR E 174 29.03 -26.76 -20.79
CA TYR E 174 29.90 -26.44 -21.91
C TYR E 174 29.14 -26.26 -23.21
N ASN E 175 28.06 -27.02 -23.41
CA ASN E 175 27.31 -26.80 -24.64
C ASN E 175 26.50 -25.50 -24.61
N ARG E 176 26.06 -25.03 -23.45
CA ARG E 176 25.39 -23.73 -23.40
C ARG E 176 26.39 -22.59 -23.62
N ILE E 177 27.63 -22.78 -23.17
CA ILE E 177 28.68 -21.82 -23.49
C ILE E 177 28.90 -21.73 -25.01
N GLY E 178 28.82 -22.86 -25.70
CA GLY E 178 28.82 -22.81 -27.16
C GLY E 178 27.53 -22.25 -27.77
N ASP E 179 26.40 -22.44 -27.10
CA ASP E 179 25.14 -21.92 -27.60
C ASP E 179 25.09 -20.39 -27.56
N ILE E 180 25.90 -19.79 -26.67
CA ILE E 180 26.13 -18.34 -26.72
C ILE E 180 26.57 -17.92 -28.12
N GLY E 181 27.55 -18.63 -28.68
CA GLY E 181 28.01 -18.31 -30.02
C GLY E 181 27.03 -18.67 -31.10
N PHE E 182 26.27 -19.75 -30.91
CA PHE E 182 25.21 -20.09 -31.86
C PHE E 182 24.18 -18.95 -31.96
N ILE E 183 23.73 -18.46 -30.82
CA ILE E 183 22.69 -17.44 -30.79
C ILE E 183 23.27 -16.09 -31.22
N LEU E 184 24.56 -15.87 -30.99
CA LEU E 184 25.28 -14.76 -31.60
C LEU E 184 25.23 -14.80 -33.12
N ALA E 185 25.50 -15.97 -33.70
CA ALA E 185 25.42 -16.13 -35.15
C ALA E 185 24.01 -15.88 -35.68
N MET E 186 23.00 -16.45 -35.01
CA MET E 186 21.60 -16.24 -35.41
C MET E 186 21.22 -14.77 -35.34
N ALA E 187 21.69 -14.07 -34.31
CA ALA E 187 21.43 -12.65 -34.15
C ALA E 187 22.09 -11.83 -35.23
N TRP E 188 23.34 -12.17 -35.57
CA TRP E 188 24.04 -11.44 -36.62
C TRP E 188 23.37 -11.65 -37.97
N PHE E 189 22.98 -12.89 -38.28
CA PHE E 189 22.39 -13.16 -39.58
C PHE E 189 21.01 -12.54 -39.71
N LEU E 190 20.24 -12.51 -38.62
CA LEU E 190 18.95 -11.83 -38.66
C LEU E 190 19.11 -10.33 -38.81
N ILE E 191 20.02 -9.72 -38.07
CA ILE E 191 20.09 -8.27 -38.10
C ILE E 191 20.76 -7.77 -39.37
N ASN E 192 21.74 -8.50 -39.89
CA ASN E 192 22.48 -7.99 -41.03
C ASN E 192 22.01 -8.53 -42.37
N LEU E 193 21.42 -9.73 -42.41
CA LEU E 193 21.05 -10.37 -43.65
C LEU E 193 19.56 -10.63 -43.76
N ASN E 194 18.80 -10.30 -42.72
CA ASN E 194 17.35 -10.51 -42.59
C ASN E 194 16.95 -11.97 -42.80
N THR E 195 17.77 -12.92 -42.38
CA THR E 195 17.41 -14.30 -42.65
C THR E 195 18.03 -15.21 -41.61
N TRP E 196 17.38 -16.36 -41.46
CA TRP E 196 17.97 -17.54 -40.86
C TRP E 196 18.12 -18.67 -41.85
N ASP E 197 17.56 -18.54 -43.04
CA ASP E 197 17.72 -19.53 -44.10
C ASP E 197 19.13 -19.52 -44.64
N LEU E 198 19.64 -20.71 -44.98
CA LEU E 198 20.99 -20.84 -45.50
C LEU E 198 21.14 -20.24 -46.89
N GLN E 199 20.06 -20.24 -47.67
CA GLN E 199 20.15 -19.81 -49.07
C GLN E 199 20.38 -18.32 -49.16
N GLN E 200 19.66 -17.54 -48.36
CA GLN E 200 19.85 -16.10 -48.39
C GLN E 200 21.14 -15.70 -47.71
N ILE E 201 21.61 -16.46 -46.72
CA ILE E 201 22.94 -16.24 -46.14
C ILE E 201 24.01 -16.43 -47.20
N PHE E 202 23.91 -17.51 -47.97
CA PHE E 202 24.95 -17.82 -48.95
C PHE E 202 24.85 -16.91 -50.18
N MET E 203 23.64 -16.49 -50.52
CA MET E 203 23.44 -15.63 -51.67
C MET E 203 23.85 -14.19 -51.37
N LEU E 204 23.61 -13.72 -50.15
CA LEU E 204 24.06 -12.38 -49.81
C LEU E 204 25.57 -12.33 -49.64
N ASN E 205 26.16 -13.38 -49.04
CA ASN E 205 27.60 -13.64 -48.92
C ASN E 205 28.34 -12.46 -48.30
N PRO E 206 28.20 -12.21 -47.00
CA PRO E 206 28.74 -10.97 -46.43
C PRO E 206 30.26 -11.02 -46.29
N ASN E 207 30.90 -9.88 -46.55
CA ASN E 207 32.35 -9.79 -46.42
C ASN E 207 32.78 -9.58 -44.97
N ASP E 208 31.97 -8.88 -44.18
CA ASP E 208 32.29 -8.61 -42.77
C ASP E 208 31.78 -9.75 -41.88
N SER E 209 32.21 -10.97 -42.21
CA SER E 209 31.72 -12.15 -41.52
C SER E 209 32.65 -12.59 -40.38
N ASN E 210 33.37 -11.68 -39.75
CA ASN E 210 34.19 -12.06 -38.60
C ASN E 210 33.33 -12.50 -37.43
N LEU E 211 32.42 -11.65 -37.00
CA LEU E 211 31.60 -11.91 -35.82
C LEU E 211 30.67 -13.12 -35.93
N PRO E 212 29.89 -13.34 -37.02
CA PRO E 212 29.09 -14.57 -37.07
C PRO E 212 29.92 -15.83 -37.17
N LEU E 213 31.08 -15.78 -37.83
CA LEU E 213 31.92 -16.96 -37.87
C LEU E 213 32.59 -17.23 -36.53
N MET E 214 32.91 -16.17 -35.77
CA MET E 214 33.40 -16.39 -34.40
C MET E 214 32.33 -17.02 -33.54
N GLY E 215 31.08 -16.64 -33.75
CA GLY E 215 29.98 -17.30 -33.06
C GLY E 215 29.83 -18.77 -33.44
N LEU E 216 29.94 -19.07 -34.74
CA LEU E 216 29.85 -20.45 -35.19
C LEU E 216 31.03 -21.29 -34.70
N ILE E 217 32.21 -20.69 -34.61
CA ILE E 217 33.39 -21.37 -34.10
C ILE E 217 33.25 -21.64 -32.60
N LEU E 218 32.66 -20.69 -31.86
CA LEU E 218 32.38 -20.93 -30.45
C LEU E 218 31.35 -22.05 -30.26
N ALA E 219 30.33 -22.07 -31.13
CA ALA E 219 29.33 -23.13 -31.06
C ALA E 219 29.92 -24.49 -31.37
N ALA E 220 30.83 -24.56 -32.32
CA ALA E 220 31.50 -25.83 -32.61
C ALA E 220 32.51 -26.22 -31.54
N THR E 221 33.14 -25.23 -30.90
CA THR E 221 34.03 -25.50 -29.78
C THR E 221 33.29 -26.14 -28.63
N GLY E 222 32.07 -25.67 -28.37
CA GLY E 222 31.24 -26.34 -27.37
C GLY E 222 30.79 -27.71 -27.82
N LYS E 223 30.22 -27.81 -29.02
CA LYS E 223 29.55 -29.03 -29.42
C LYS E 223 30.54 -30.14 -29.80
N SER E 224 31.65 -29.79 -30.41
CA SER E 224 32.65 -30.78 -30.82
C SER E 224 33.81 -30.88 -29.85
N ALA E 225 33.68 -30.29 -28.67
CA ALA E 225 34.63 -30.43 -27.55
C ALA E 225 36.05 -30.04 -27.94
N GLN E 226 36.19 -28.89 -28.57
CA GLN E 226 37.49 -28.36 -28.92
C GLN E 226 38.11 -27.73 -27.66
N PHE E 227 39.37 -27.30 -27.79
CA PHE E 227 40.14 -26.93 -26.61
C PHE E 227 39.59 -25.68 -25.93
N GLY E 228 39.44 -25.76 -24.62
CA GLY E 228 38.80 -24.71 -23.86
C GLY E 228 37.43 -25.15 -23.40
N LEU E 229 36.71 -25.86 -24.28
CA LEU E 229 35.41 -26.42 -23.96
C LEU E 229 35.40 -27.93 -24.17
N HIS E 230 36.57 -28.55 -24.05
CA HIS E 230 36.77 -29.98 -24.26
C HIS E 230 36.40 -30.99 -23.16
N PRO E 231 36.56 -30.76 -21.83
CA PRO E 231 36.54 -31.90 -20.88
C PRO E 231 35.20 -32.60 -20.71
N TRP E 232 34.10 -32.03 -21.22
CA TRP E 232 32.81 -32.68 -21.05
C TRP E 232 32.72 -33.96 -21.84
N LEU E 233 33.45 -34.07 -22.95
CA LEU E 233 33.41 -35.29 -23.74
C LEU E 233 34.12 -36.47 -23.04
N PRO E 234 35.28 -36.30 -22.38
CA PRO E 234 35.74 -37.40 -21.53
C PRO E 234 34.90 -37.60 -20.29
N SER E 235 34.23 -36.56 -19.76
CA SER E 235 33.32 -36.79 -18.65
C SER E 235 32.08 -37.56 -19.08
N ALA E 236 31.69 -37.45 -20.35
CA ALA E 236 30.51 -38.10 -20.92
C ALA E 236 30.64 -39.62 -21.02
N MET E 237 31.79 -40.20 -20.65
CA MET E 237 31.96 -41.65 -20.56
C MET E 237 31.31 -42.23 -19.32
N GLU E 238 30.67 -41.39 -18.52
CA GLU E 238 29.95 -41.85 -17.36
C GLU E 238 28.63 -42.52 -17.75
N GLY E 239 28.11 -42.23 -18.94
CA GLY E 239 26.92 -42.86 -19.44
C GLY E 239 27.18 -44.29 -19.86
N PRO E 240 26.12 -45.01 -20.24
CA PRO E 240 26.29 -46.38 -20.75
C PRO E 240 27.09 -46.39 -22.05
N THR E 241 27.69 -47.55 -22.30
CA THR E 241 28.54 -47.70 -23.48
C THR E 241 27.85 -47.48 -24.83
N PRO E 242 26.57 -47.87 -25.07
CA PRO E 242 25.94 -47.46 -26.32
C PRO E 242 25.72 -45.96 -26.47
N VAL E 243 25.58 -45.24 -25.36
CA VAL E 243 25.50 -43.78 -25.42
C VAL E 243 26.83 -43.20 -25.88
N SER E 244 27.93 -43.69 -25.31
CA SER E 244 29.26 -43.25 -25.70
C SER E 244 29.58 -43.64 -27.14
N ALA E 245 29.06 -44.78 -27.57
CA ALA E 245 29.31 -45.26 -28.92
C ALA E 245 28.51 -44.46 -29.95
N LEU E 246 27.26 -44.18 -29.65
CA LEU E 246 26.41 -43.47 -30.61
C LEU E 246 26.65 -41.98 -30.55
N LEU E 247 26.43 -41.38 -29.40
CA LEU E 247 26.41 -39.92 -29.30
C LEU E 247 27.82 -39.37 -29.27
N HIS E 248 28.65 -39.88 -28.39
CA HIS E 248 29.85 -39.18 -27.96
C HIS E 248 31.09 -39.63 -28.71
N SER E 249 30.90 -40.43 -29.74
CA SER E 249 31.99 -40.80 -30.64
C SER E 249 31.71 -40.42 -32.07
N SER E 250 30.54 -40.75 -32.57
CA SER E 250 30.33 -40.85 -34.00
C SER E 250 29.28 -39.89 -34.54
N THR E 251 28.26 -39.54 -33.76
CA THR E 251 27.10 -38.86 -34.33
C THR E 251 26.87 -37.49 -33.73
N MET E 252 26.75 -37.35 -32.42
CA MET E 252 26.45 -36.03 -31.84
C MET E 252 27.63 -35.08 -31.94
N VAL E 253 28.81 -35.55 -31.54
CA VAL E 253 29.95 -34.66 -31.32
C VAL E 253 30.56 -34.14 -32.61
N VAL E 254 30.15 -34.66 -33.77
CA VAL E 254 30.60 -34.06 -35.02
C VAL E 254 29.72 -32.91 -35.44
N ALA E 255 28.62 -32.67 -34.72
CA ALA E 255 27.61 -31.69 -35.11
C ALA E 255 28.18 -30.28 -35.20
N GLY E 256 29.02 -29.91 -34.24
CA GLY E 256 29.72 -28.63 -34.31
C GLY E 256 30.61 -28.54 -35.53
N ILE E 257 31.37 -29.60 -35.80
CA ILE E 257 32.13 -29.71 -37.05
C ILE E 257 31.19 -29.61 -38.23
N PHE E 258 30.05 -30.31 -38.16
CA PHE E 258 29.05 -30.27 -39.21
C PHE E 258 28.51 -28.87 -39.41
N LEU E 259 28.38 -28.11 -38.31
CA LEU E 259 27.91 -26.73 -38.40
C LEU E 259 28.88 -25.89 -39.23
N LEU E 260 30.18 -26.06 -38.99
CA LEU E 260 31.14 -25.30 -39.77
C LEU E 260 31.27 -25.84 -41.17
N ILE E 261 30.90 -27.10 -41.40
CA ILE E 261 30.89 -27.59 -42.77
C ILE E 261 29.67 -27.04 -43.47
N ARG E 262 28.60 -26.77 -42.72
CA ARG E 262 27.38 -26.27 -43.33
C ARG E 262 27.55 -24.84 -43.82
N PHE E 263 28.38 -24.06 -43.14
CA PHE E 263 28.68 -22.68 -43.49
C PHE E 263 30.01 -22.54 -44.22
N TYR E 264 30.40 -23.51 -45.04
CA TYR E 264 31.63 -23.36 -45.81
C TYR E 264 31.66 -22.24 -46.86
N PRO E 265 30.56 -21.77 -47.47
CA PRO E 265 30.70 -20.57 -48.33
C PRO E 265 31.10 -19.31 -47.59
N LEU E 266 30.94 -19.24 -46.28
CA LEU E 266 31.42 -18.10 -45.52
C LEU E 266 32.85 -18.29 -45.04
N THR E 267 33.21 -19.51 -44.64
CA THR E 267 34.54 -19.75 -44.13
C THR E 267 35.58 -19.74 -45.24
N GLU E 268 35.18 -20.05 -46.48
CA GLU E 268 36.14 -20.08 -47.57
C GLU E 268 36.57 -18.69 -48.01
N ASN E 269 35.83 -17.65 -47.63
CA ASN E 269 36.16 -16.28 -47.97
C ASN E 269 36.68 -15.51 -46.77
N ASN E 270 36.96 -16.19 -45.66
CA ASN E 270 37.43 -15.56 -44.43
C ASN E 270 38.68 -16.30 -44.01
N LYS E 271 39.84 -15.72 -44.30
CA LYS E 271 41.11 -16.35 -43.94
C LYS E 271 41.35 -16.28 -42.44
N PHE E 272 40.81 -15.26 -41.77
CA PHE E 272 40.96 -15.15 -40.33
C PHE E 272 40.19 -16.25 -39.61
N GLY E 273 38.96 -16.54 -40.05
CA GLY E 273 38.21 -17.64 -39.48
C GLY E 273 38.85 -18.99 -39.75
N GLN E 274 39.45 -19.15 -40.94
CA GLN E 274 40.19 -20.36 -41.26
C GLN E 274 41.40 -20.55 -40.36
N SER E 275 42.12 -19.46 -40.07
CA SER E 275 43.28 -19.55 -39.19
C SER E 275 42.86 -19.85 -37.75
N ILE E 276 41.73 -19.29 -37.30
CA ILE E 276 41.21 -19.59 -35.97
C ILE E 276 40.82 -21.06 -35.85
N MET E 277 40.12 -21.59 -36.87
CA MET E 277 39.73 -22.99 -36.86
C MET E 277 40.94 -23.91 -36.97
N LEU E 278 41.95 -23.50 -37.74
CA LEU E 278 43.16 -24.29 -37.89
C LEU E 278 43.93 -24.40 -36.59
N CYS E 279 44.16 -23.26 -35.92
CA CYS E 279 44.90 -23.27 -34.66
C CYS E 279 44.12 -23.96 -33.56
N LEU E 280 42.80 -23.77 -33.52
CA LEU E 280 41.96 -24.42 -32.51
C LEU E 280 41.92 -25.93 -32.70
N GLY E 281 41.81 -26.38 -33.95
CA GLY E 281 41.79 -27.80 -34.20
C GLY E 281 43.13 -28.46 -33.93
N ALA E 282 44.23 -27.78 -34.26
CA ALA E 282 45.55 -28.35 -34.01
C ALA E 282 45.85 -28.42 -32.52
N MET E 283 45.44 -27.37 -31.78
CA MET E 283 45.55 -27.36 -30.33
C MET E 283 44.76 -28.51 -29.71
N THR E 284 43.53 -28.72 -30.18
CA THR E 284 42.68 -29.80 -29.66
C THR E 284 43.26 -31.17 -29.97
N THR E 285 43.68 -31.38 -31.22
CA THR E 285 44.14 -32.70 -31.62
C THR E 285 45.50 -33.03 -31.01
N LEU E 286 46.32 -32.02 -30.70
CA LEU E 286 47.52 -32.30 -29.94
C LEU E 286 47.19 -32.65 -28.50
N PHE E 287 46.42 -31.78 -27.84
CA PHE E 287 46.22 -31.88 -26.40
C PHE E 287 45.47 -33.14 -26.01
N THR E 288 44.43 -33.50 -26.74
CA THR E 288 43.63 -34.66 -26.35
C THR E 288 44.33 -35.97 -26.70
N ALA E 289 45.05 -36.02 -27.81
CA ALA E 289 45.84 -37.20 -28.12
C ALA E 289 47.02 -37.34 -27.16
N MET E 290 47.52 -36.23 -26.62
CA MET E 290 48.53 -36.29 -25.58
C MET E 290 47.95 -36.81 -24.28
N CYS E 291 46.73 -36.38 -23.95
CA CYS E 291 46.07 -36.88 -22.75
C CYS E 291 45.76 -38.36 -22.84
N ALA E 292 45.46 -38.86 -24.05
CA ALA E 292 45.14 -40.27 -24.23
C ALA E 292 46.34 -41.21 -24.07
N LEU E 293 47.56 -40.69 -24.04
CA LEU E 293 48.73 -41.57 -24.01
C LEU E 293 48.93 -42.25 -22.68
N THR E 294 48.33 -41.74 -21.61
CA THR E 294 48.57 -42.22 -20.26
C THR E 294 47.28 -42.63 -19.55
N GLN E 295 46.14 -42.64 -20.22
CA GLN E 295 44.92 -43.00 -19.54
C GLN E 295 44.81 -44.50 -19.39
N ASN E 296 44.00 -44.91 -18.43
CA ASN E 296 43.83 -46.32 -18.12
C ASN E 296 42.41 -46.81 -18.29
N ASP E 297 41.43 -45.93 -18.15
CA ASP E 297 40.06 -46.27 -18.50
C ASP E 297 39.93 -46.30 -20.01
N ILE E 298 39.46 -47.43 -20.54
CA ILE E 298 39.44 -47.65 -21.98
C ILE E 298 38.47 -46.69 -22.69
N LYS E 299 37.37 -46.34 -22.03
CA LYS E 299 36.44 -45.40 -22.62
C LYS E 299 36.99 -43.98 -22.60
N LYS E 300 37.81 -43.63 -21.61
CA LYS E 300 38.49 -42.34 -21.63
C LYS E 300 39.49 -42.25 -22.76
N ILE E 301 40.18 -43.35 -23.06
CA ILE E 301 41.13 -43.37 -24.15
C ILE E 301 40.41 -43.20 -25.48
N ILE E 302 39.28 -43.89 -25.66
CA ILE E 302 38.55 -43.73 -26.91
C ILE E 302 37.87 -42.37 -26.99
N ALA E 303 37.54 -41.76 -25.84
CA ALA E 303 36.94 -40.43 -25.85
C ALA E 303 37.97 -39.35 -26.20
N PHE E 304 39.18 -39.46 -25.68
CA PHE E 304 40.24 -38.56 -26.10
C PHE E 304 40.65 -38.81 -27.55
N SER E 305 40.52 -40.07 -28.01
CA SER E 305 40.72 -40.40 -29.41
C SER E 305 39.75 -39.63 -30.31
N THR E 306 38.46 -39.68 -29.98
CA THR E 306 37.51 -39.01 -30.86
C THR E 306 37.54 -37.50 -30.71
N SER E 307 37.95 -36.97 -29.56
CA SER E 307 38.13 -35.51 -29.51
C SER E 307 39.38 -35.08 -30.27
N SER E 308 40.39 -35.94 -30.36
CA SER E 308 41.53 -35.66 -31.24
C SER E 308 41.12 -35.74 -32.71
N GLN E 309 40.23 -36.66 -33.05
CA GLN E 309 39.76 -36.74 -34.43
C GLN E 309 38.86 -35.56 -34.79
N LEU E 310 38.10 -35.05 -33.83
CA LEU E 310 37.34 -33.83 -34.04
C LEU E 310 38.25 -32.63 -34.21
N GLY E 311 39.38 -32.62 -33.49
CA GLY E 311 40.39 -31.60 -33.72
C GLY E 311 40.99 -31.69 -35.11
N LEU E 312 41.17 -32.92 -35.62
CA LEU E 312 41.65 -33.10 -36.99
C LEU E 312 40.62 -32.62 -38.01
N MET E 313 39.34 -32.86 -37.73
CA MET E 313 38.26 -32.36 -38.59
C MET E 313 38.24 -30.83 -38.60
N MET E 314 38.47 -30.22 -37.44
CA MET E 314 38.54 -28.77 -37.35
C MET E 314 39.76 -28.22 -38.09
N VAL E 315 40.87 -28.96 -38.08
CA VAL E 315 42.05 -28.61 -38.88
C VAL E 315 41.71 -28.61 -40.36
N THR E 316 41.09 -29.69 -40.85
CA THR E 316 40.81 -29.73 -42.27
C THR E 316 39.67 -28.82 -42.69
N ILE E 317 38.85 -28.32 -41.76
CA ILE E 317 38.04 -27.16 -42.09
C ILE E 317 38.92 -25.92 -42.21
N GLY E 318 39.89 -25.79 -41.31
CA GLY E 318 40.75 -24.60 -41.28
C GLY E 318 41.72 -24.47 -42.44
N ILE E 319 41.97 -25.55 -43.18
CA ILE E 319 42.77 -25.47 -44.39
C ILE E 319 41.89 -25.37 -45.64
N ASN E 320 40.62 -24.99 -45.45
CA ASN E 320 39.62 -24.78 -46.51
C ASN E 320 39.37 -26.06 -47.29
N GLN E 321 39.17 -27.15 -46.55
CA GLN E 321 38.80 -28.45 -47.12
C GLN E 321 37.58 -29.00 -46.39
N PRO E 322 36.40 -28.41 -46.60
CA PRO E 322 35.24 -28.84 -45.80
C PRO E 322 34.69 -30.19 -46.22
N HIS E 323 34.87 -30.58 -47.48
CA HIS E 323 34.35 -31.87 -47.92
C HIS E 323 35.23 -33.02 -47.47
N LEU E 324 36.54 -32.80 -47.30
CA LEU E 324 37.37 -33.78 -46.62
C LEU E 324 37.02 -33.91 -45.15
N ALA E 325 36.63 -32.81 -44.50
CA ALA E 325 36.19 -32.87 -43.12
C ALA E 325 34.89 -33.65 -42.98
N PHE E 326 33.98 -33.48 -43.93
CA PHE E 326 32.74 -34.24 -43.91
C PHE E 326 32.98 -35.71 -44.24
N LEU E 327 33.90 -35.97 -45.16
CA LEU E 327 34.32 -37.34 -45.45
C LEU E 327 34.93 -38.00 -44.23
N HIS E 328 35.67 -37.23 -43.43
CA HIS E 328 36.27 -37.79 -42.23
C HIS E 328 35.24 -38.02 -41.15
N ILE E 329 34.17 -37.22 -41.11
CA ILE E 329 33.03 -37.52 -40.25
C ILE E 329 32.41 -38.86 -40.61
N CYS E 330 32.05 -39.02 -41.89
CA CYS E 330 31.36 -40.23 -42.34
C CYS E 330 32.24 -41.46 -42.25
N THR E 331 33.54 -41.28 -42.39
CA THR E 331 34.50 -42.35 -42.21
C THR E 331 34.70 -42.71 -40.74
N HIS E 332 34.87 -41.68 -39.89
CA HIS E 332 35.18 -41.86 -38.49
C HIS E 332 34.05 -42.52 -37.73
N ALA E 333 32.80 -42.33 -38.19
CA ALA E 333 31.63 -42.90 -37.54
C ALA E 333 31.71 -44.42 -37.41
N PHE E 334 32.11 -45.09 -38.50
CA PHE E 334 32.16 -46.55 -38.54
C PHE E 334 33.15 -47.12 -37.54
N PHE E 335 34.44 -46.78 -37.69
CA PHE E 335 35.41 -47.42 -36.84
C PHE E 335 35.37 -46.90 -35.41
N LYS E 336 34.89 -45.68 -35.16
CA LYS E 336 34.91 -45.24 -33.78
C LYS E 336 33.73 -45.80 -33.00
N ALA E 337 32.56 -45.92 -33.65
CA ALA E 337 31.46 -46.64 -33.02
C ALA E 337 31.82 -48.10 -32.80
N MET E 338 32.56 -48.70 -33.73
CA MET E 338 32.97 -50.09 -33.55
C MET E 338 34.00 -50.25 -32.43
N LEU E 339 34.90 -49.27 -32.27
CA LEU E 339 35.87 -49.35 -31.18
C LEU E 339 35.19 -49.22 -29.81
N PHE E 340 34.19 -48.35 -29.69
CA PHE E 340 33.42 -48.34 -28.44
C PHE E 340 32.61 -49.61 -28.23
N MET E 341 32.09 -50.22 -29.30
CA MET E 341 31.35 -51.47 -29.12
C MET E 341 32.26 -52.62 -28.74
N CYS E 342 33.48 -52.65 -29.26
CA CYS E 342 34.45 -53.67 -28.84
C CYS E 342 34.88 -53.45 -27.40
N SER E 343 35.08 -52.20 -27.00
CA SER E 343 35.40 -51.90 -25.61
C SER E 343 34.26 -52.32 -24.69
N GLY E 344 33.01 -52.08 -25.10
CA GLY E 344 31.88 -52.52 -24.30
C GLY E 344 31.72 -54.02 -24.25
N SER E 345 32.11 -54.73 -25.30
CA SER E 345 32.17 -56.18 -25.26
C SER E 345 33.18 -56.66 -24.23
N ILE E 346 34.35 -56.01 -24.18
CA ILE E 346 35.37 -56.34 -23.17
C ILE E 346 34.86 -56.02 -21.77
N ILE E 347 34.22 -54.87 -21.60
CA ILE E 347 33.71 -54.42 -20.30
C ILE E 347 32.63 -55.36 -19.78
N HIS E 348 31.75 -55.82 -20.67
CA HIS E 348 30.71 -56.73 -20.23
C HIS E 348 31.26 -58.13 -19.95
N SER E 349 32.27 -58.57 -20.71
CA SER E 349 32.85 -59.88 -20.42
C SER E 349 33.69 -59.89 -19.16
N LEU E 350 34.16 -58.73 -18.70
CA LEU E 350 34.99 -58.67 -17.51
C LEU E 350 34.24 -58.08 -16.31
N ASN E 351 32.90 -58.15 -16.33
CA ASN E 351 32.02 -57.76 -15.24
C ASN E 351 32.19 -56.29 -14.87
N ASP E 352 31.92 -55.44 -15.87
CA ASP E 352 31.95 -53.98 -15.78
C ASP E 352 33.33 -53.44 -15.45
N GLU E 353 34.37 -54.17 -15.81
CA GLU E 353 35.74 -53.71 -15.67
C GLU E 353 36.12 -52.85 -16.86
N GLN E 354 36.58 -51.62 -16.59
CA GLN E 354 36.89 -50.69 -17.65
C GLN E 354 38.35 -50.26 -17.66
N ASP E 355 39.13 -50.68 -16.67
CA ASP E 355 40.53 -50.28 -16.56
C ASP E 355 41.37 -51.28 -17.32
N ILE E 356 42.28 -50.78 -18.18
CA ILE E 356 43.07 -51.67 -19.02
C ILE E 356 44.18 -52.38 -18.27
N ARG E 357 44.47 -51.97 -17.03
CA ARG E 357 45.43 -52.65 -16.19
C ARG E 357 44.88 -53.92 -15.57
N LYS E 358 43.58 -54.18 -15.70
CA LYS E 358 42.96 -55.43 -15.29
C LYS E 358 42.37 -56.16 -16.48
N MET E 359 43.13 -56.19 -17.58
CA MET E 359 42.72 -56.81 -18.82
C MET E 359 43.91 -57.64 -19.29
N GLY E 360 43.91 -58.03 -20.53
CA GLY E 360 45.07 -58.74 -21.04
C GLY E 360 44.77 -60.19 -21.28
N GLY E 361 45.48 -60.79 -22.23
CA GLY E 361 45.19 -62.15 -22.60
C GLY E 361 43.86 -62.33 -23.30
N LEU E 362 43.33 -61.29 -23.91
CA LEU E 362 42.04 -61.33 -24.58
C LEU E 362 42.18 -61.46 -26.08
N PHE E 363 43.39 -61.70 -26.57
CA PHE E 363 43.60 -61.96 -28.00
C PHE E 363 42.86 -63.22 -28.42
N LYS E 364 43.04 -64.29 -27.68
CA LYS E 364 42.44 -65.58 -28.01
C LYS E 364 41.13 -65.82 -27.30
N ALA E 365 40.95 -65.22 -26.12
CA ALA E 365 39.74 -65.43 -25.33
C ALA E 365 38.54 -64.73 -25.94
N MET E 366 38.74 -63.57 -26.55
CA MET E 366 37.69 -62.83 -27.24
C MET E 366 38.15 -62.63 -28.69
N PRO E 367 38.05 -63.65 -29.54
CA PRO E 367 38.70 -63.54 -30.86
C PRO E 367 38.00 -62.58 -31.82
N PHE E 368 36.67 -62.50 -31.79
CA PHE E 368 35.99 -61.60 -32.71
C PHE E 368 36.12 -60.14 -32.26
N THR E 369 36.06 -59.90 -30.96
CA THR E 369 36.34 -58.58 -30.41
C THR E 369 37.77 -58.15 -30.70
N THR E 370 38.70 -59.10 -30.65
CA THR E 370 40.10 -58.82 -30.97
C THR E 370 40.26 -58.44 -32.43
N THR E 371 39.65 -59.23 -33.34
CA THR E 371 39.71 -58.94 -34.76
C THR E 371 39.15 -57.58 -35.08
N ALA E 372 37.98 -57.26 -34.54
CA ALA E 372 37.36 -55.98 -34.84
C ALA E 372 38.07 -54.82 -34.15
N LEU E 373 38.69 -55.05 -32.99
CA LEU E 373 39.43 -53.98 -32.33
C LEU E 373 40.71 -53.66 -33.08
N ILE E 374 41.38 -54.69 -33.62
CA ILE E 374 42.57 -54.47 -34.42
C ILE E 374 42.23 -53.79 -35.74
N ILE E 375 41.12 -54.19 -36.37
CA ILE E 375 40.69 -53.55 -37.62
C ILE E 375 40.28 -52.10 -37.37
N GLY E 376 39.62 -51.82 -36.25
CA GLY E 376 39.27 -50.45 -35.92
C GLY E 376 40.45 -49.58 -35.54
N SER E 377 41.45 -50.16 -34.87
CA SER E 377 42.63 -49.38 -34.54
C SER E 377 43.50 -49.13 -35.77
N LEU E 378 43.49 -50.04 -36.74
CA LEU E 378 44.19 -49.78 -37.98
C LEU E 378 43.42 -48.78 -38.85
N ALA E 379 42.09 -48.80 -38.80
CA ALA E 379 41.32 -47.80 -39.51
C ALA E 379 41.48 -46.42 -38.87
N LEU E 380 41.65 -46.37 -37.55
CA LEU E 380 41.87 -45.11 -36.86
C LEU E 380 43.23 -44.52 -37.18
N THR E 381 44.27 -45.35 -37.19
CA THR E 381 45.61 -44.88 -37.46
C THR E 381 45.92 -44.71 -38.93
N GLY E 382 44.97 -45.02 -39.81
CA GLY E 382 45.19 -44.83 -41.21
C GLY E 382 46.07 -45.90 -41.81
N MET E 383 45.72 -47.15 -41.56
CA MET E 383 46.23 -48.25 -42.37
C MET E 383 45.81 -48.00 -43.82
N PRO E 384 46.70 -48.24 -44.79
CA PRO E 384 46.35 -48.02 -46.20
C PRO E 384 45.19 -48.89 -46.65
N PHE E 385 44.20 -48.22 -47.25
CA PHE E 385 43.02 -48.70 -47.95
C PHE E 385 41.93 -49.23 -47.03
N LEU E 386 42.09 -49.12 -45.72
CA LEU E 386 40.94 -49.20 -44.83
C LEU E 386 40.22 -47.85 -44.85
N THR E 387 39.13 -47.73 -44.08
CA THR E 387 38.24 -46.59 -44.27
C THR E 387 38.87 -45.27 -43.85
N GLY E 388 39.72 -45.27 -42.81
CA GLY E 388 40.38 -44.06 -42.37
C GLY E 388 41.44 -43.55 -43.32
N PHE E 389 41.91 -44.41 -44.23
CA PHE E 389 42.87 -43.99 -45.25
C PHE E 389 42.24 -43.03 -46.24
N TYR E 390 40.98 -43.27 -46.60
CA TYR E 390 40.35 -42.50 -47.67
C TYR E 390 39.97 -41.09 -47.24
N SER E 391 40.05 -40.76 -45.96
CA SER E 391 39.86 -39.39 -45.51
C SER E 391 41.12 -38.81 -44.88
N LYS E 392 41.68 -39.48 -43.86
CA LYS E 392 42.73 -38.88 -43.03
C LYS E 392 44.04 -38.71 -43.79
N ASP E 393 44.35 -39.64 -44.67
CA ASP E 393 45.57 -39.53 -45.47
C ASP E 393 45.48 -38.36 -46.45
N LEU E 394 44.30 -38.15 -47.04
CA LEU E 394 44.06 -36.97 -47.86
C LEU E 394 44.11 -35.68 -47.04
N ILE E 395 43.68 -35.74 -45.77
CA ILE E 395 43.75 -34.58 -44.89
C ILE E 395 45.19 -34.21 -44.61
N ILE E 396 46.05 -35.20 -44.34
CA ILE E 396 47.45 -34.92 -44.07
C ILE E 396 48.17 -34.42 -45.33
N GLU E 397 47.84 -35.00 -46.49
CA GLU E 397 48.44 -34.54 -47.74
C GLU E 397 48.01 -33.12 -48.08
N SER E 398 46.76 -32.77 -47.80
CA SER E 398 46.29 -31.42 -48.08
C SER E 398 46.82 -30.41 -47.06
N ALA E 399 47.01 -30.83 -45.81
CA ALA E 399 47.56 -29.94 -44.80
C ALA E 399 49.05 -29.71 -45.02
N ASN E 400 49.74 -30.69 -45.59
CA ASN E 400 51.15 -30.49 -45.90
C ASN E 400 51.33 -29.51 -47.05
N THR E 401 50.57 -29.70 -48.12
CA THR E 401 50.79 -28.97 -49.38
C THR E 401 49.85 -27.78 -49.50
N SER E 402 49.88 -26.88 -48.51
CA SER E 402 48.99 -25.73 -48.53
C SER E 402 49.60 -24.58 -47.77
N TYR E 403 49.08 -23.39 -48.02
CA TYR E 403 49.52 -22.19 -47.32
C TYR E 403 48.94 -22.23 -45.91
N THR E 404 49.75 -22.65 -44.95
CA THR E 404 49.25 -23.14 -43.68
C THR E 404 50.10 -22.56 -42.55
N ASN E 405 49.47 -22.31 -41.41
CA ASN E 405 50.16 -22.17 -40.14
C ASN E 405 51.03 -23.40 -39.90
N ALA E 406 52.35 -23.19 -39.87
CA ALA E 406 53.30 -24.30 -39.85
C ALA E 406 53.30 -25.01 -38.51
N TRP E 407 53.08 -24.28 -37.42
CA TRP E 407 52.96 -24.92 -36.12
C TRP E 407 51.71 -25.79 -36.02
N ALA E 408 50.63 -25.37 -36.68
CA ALA E 408 49.42 -26.18 -36.70
C ALA E 408 49.63 -27.47 -37.49
N LEU E 409 50.37 -27.39 -38.59
CA LEU E 409 50.75 -28.58 -39.34
C LEU E 409 51.62 -29.52 -38.52
N LEU E 410 52.59 -28.96 -37.79
CA LEU E 410 53.53 -29.78 -37.05
C LEU E 410 52.84 -30.44 -35.86
N MET E 411 51.92 -29.73 -35.20
CA MET E 411 51.16 -30.32 -34.12
C MET E 411 50.15 -31.34 -34.62
N THR E 412 49.63 -31.16 -35.84
CA THR E 412 48.78 -32.16 -36.45
C THR E 412 49.54 -33.45 -36.72
N LEU E 413 50.80 -33.33 -37.15
CA LEU E 413 51.62 -34.52 -37.39
C LEU E 413 52.02 -35.22 -36.09
N VAL E 414 52.34 -34.45 -35.05
CA VAL E 414 52.65 -35.04 -33.75
C VAL E 414 51.42 -35.74 -33.18
N ALA E 415 50.23 -35.16 -33.39
CA ALA E 415 48.99 -35.82 -33.00
C ALA E 415 48.75 -37.10 -33.79
N THR E 416 49.13 -37.11 -35.07
CA THR E 416 49.03 -38.32 -35.90
C THR E 416 49.90 -39.45 -35.35
N SER E 417 51.12 -39.13 -34.90
CA SER E 417 51.95 -40.15 -34.25
C SER E 417 51.35 -40.59 -32.92
N PHE E 418 50.75 -39.65 -32.18
CA PHE E 418 50.15 -40.00 -30.89
C PHE E 418 48.94 -40.91 -31.04
N THR E 419 48.24 -40.83 -32.19
CA THR E 419 47.12 -41.74 -32.44
C THR E 419 47.59 -43.18 -32.50
N ALA E 420 48.72 -43.42 -33.18
CA ALA E 420 49.31 -44.76 -33.24
C ALA E 420 49.74 -45.21 -31.86
N ILE E 421 50.27 -44.27 -31.06
CA ILE E 421 50.73 -44.61 -29.71
C ILE E 421 49.58 -45.05 -28.81
N TYR E 422 48.47 -44.30 -28.78
CA TYR E 422 47.39 -44.75 -27.90
C TYR E 422 46.60 -45.93 -28.48
N SER E 423 46.59 -46.10 -29.81
CA SER E 423 45.94 -47.28 -30.38
C SER E 423 46.66 -48.55 -30.00
N THR E 424 48.00 -48.56 -30.09
CA THR E 424 48.70 -49.74 -29.62
C THR E 424 48.75 -49.82 -28.10
N ARG E 425 48.51 -48.72 -27.38
CA ARG E 425 48.30 -48.83 -25.94
C ARG E 425 47.06 -49.64 -25.61
N ILE E 426 45.95 -49.37 -26.33
CA ILE E 426 44.73 -50.18 -26.22
C ILE E 426 45.01 -51.64 -26.55
N ILE E 427 45.66 -51.89 -27.69
CA ILE E 427 45.88 -53.28 -28.14
C ILE E 427 46.83 -54.00 -27.22
N PHE E 428 47.83 -53.31 -26.68
CA PHE E 428 48.81 -53.94 -25.81
C PHE E 428 48.23 -54.30 -24.45
N PHE E 429 47.55 -53.36 -23.80
CA PHE E 429 47.09 -53.67 -22.46
C PHE E 429 45.80 -54.46 -22.45
N ALA E 430 44.96 -54.31 -23.46
CA ALA E 430 43.69 -55.02 -23.44
C ALA E 430 43.80 -56.44 -23.99
N LEU E 431 44.57 -56.63 -25.05
CA LEU E 431 44.53 -57.88 -25.81
C LEU E 431 45.78 -58.73 -25.64
N LEU E 432 46.95 -58.11 -25.57
CA LEU E 432 48.19 -58.86 -25.58
C LEU E 432 48.55 -59.28 -24.16
N GLY E 433 49.67 -60.00 -24.06
CA GLY E 433 50.21 -60.32 -22.76
C GLY E 433 49.41 -61.39 -22.05
N GLN E 434 49.38 -61.29 -20.74
CA GLN E 434 48.83 -62.29 -19.85
C GLN E 434 47.66 -61.67 -19.08
N PRO E 435 46.73 -62.48 -18.58
CA PRO E 435 45.54 -61.93 -17.92
C PRO E 435 45.87 -61.18 -16.63
N ARG E 436 45.09 -60.13 -16.39
CA ARG E 436 45.17 -59.38 -15.15
C ARG E 436 43.78 -59.21 -14.54
N PHE E 437 42.75 -59.77 -15.15
CA PHE E 437 41.38 -59.76 -14.65
C PHE E 437 41.19 -60.87 -13.60
N PRO E 438 40.12 -60.80 -12.80
CA PRO E 438 39.93 -61.83 -11.75
C PRO E 438 39.69 -63.24 -12.28
N THR E 439 39.66 -64.17 -11.33
CA THR E 439 39.87 -65.59 -11.60
C THR E 439 38.63 -66.33 -12.05
N LEU E 440 37.45 -65.81 -11.81
CA LEU E 440 36.23 -66.45 -12.29
C LEU E 440 35.95 -65.92 -13.69
N ILE E 441 36.41 -66.65 -14.70
CA ILE E 441 36.31 -66.21 -16.08
C ILE E 441 34.88 -66.40 -16.57
N ASN E 442 34.24 -65.29 -16.94
CA ASN E 442 32.92 -65.30 -17.54
C ASN E 442 32.97 -64.76 -18.97
N ILE E 443 34.09 -64.98 -19.65
CA ILE E 443 34.33 -64.39 -20.96
C ILE E 443 33.44 -65.08 -21.99
N ASN E 444 32.55 -64.30 -22.62
CA ASN E 444 31.62 -64.82 -23.60
C ASN E 444 31.20 -63.68 -24.49
N GLU E 445 31.35 -63.87 -25.81
CA GLU E 445 30.84 -62.91 -26.78
C GLU E 445 29.93 -63.58 -27.80
N ASN E 446 29.33 -64.72 -27.44
CA ASN E 446 28.52 -65.50 -28.36
C ASN E 446 27.04 -65.13 -28.26
N ASN E 447 26.76 -63.84 -28.47
CA ASN E 447 25.40 -63.42 -28.71
C ASN E 447 25.30 -63.01 -30.17
N PRO E 448 24.25 -63.40 -30.90
CA PRO E 448 24.11 -62.93 -32.28
C PRO E 448 23.95 -61.42 -32.41
N PHE E 449 23.38 -60.77 -31.40
CA PHE E 449 23.23 -59.31 -31.43
C PHE E 449 24.58 -58.62 -31.43
N LEU E 450 25.45 -59.02 -30.49
CA LEU E 450 26.81 -58.48 -30.39
C LEU E 450 27.62 -58.75 -31.64
N ILE E 451 27.57 -59.99 -32.15
CA ILE E 451 28.38 -60.37 -33.30
C ILE E 451 27.92 -59.66 -34.56
N ASN E 452 26.60 -59.60 -34.79
CA ASN E 452 26.10 -58.99 -36.01
C ASN E 452 26.26 -57.47 -35.99
N SER E 453 26.08 -56.86 -34.81
CA SER E 453 26.21 -55.42 -34.71
C SER E 453 27.66 -54.98 -34.85
N ILE E 454 28.60 -55.77 -34.34
CA ILE E 454 30.00 -55.44 -34.60
C ILE E 454 30.39 -55.81 -36.03
N LYS E 455 29.74 -56.82 -36.61
CA LYS E 455 30.06 -57.30 -37.95
C LYS E 455 29.72 -56.26 -39.03
N ARG E 456 28.57 -55.59 -38.89
CA ARG E 456 28.19 -54.61 -39.91
C ARG E 456 29.08 -53.38 -39.86
N LEU E 457 29.47 -52.94 -38.66
CA LEU E 457 30.46 -51.87 -38.60
C LEU E 457 31.86 -52.34 -38.95
N LEU E 458 32.11 -53.64 -38.92
CA LEU E 458 33.38 -54.18 -39.38
C LEU E 458 33.48 -54.17 -40.89
N ILE E 459 32.40 -54.56 -41.56
CA ILE E 459 32.30 -54.42 -43.01
C ILE E 459 32.36 -52.96 -43.41
N GLY E 460 31.75 -52.08 -42.60
CA GLY E 460 31.89 -50.65 -42.80
C GLY E 460 33.32 -50.16 -42.66
N SER E 461 34.00 -50.57 -41.60
CA SER E 461 35.38 -50.16 -41.34
C SER E 461 36.36 -50.74 -42.35
N LEU E 462 35.98 -51.81 -43.05
CA LEU E 462 36.81 -52.27 -44.15
C LEU E 462 36.55 -51.47 -45.42
N PHE E 463 35.28 -51.34 -45.84
CA PHE E 463 35.01 -50.96 -47.21
C PHE E 463 34.31 -49.61 -47.38
N ALA E 464 33.89 -48.93 -46.32
CA ALA E 464 33.02 -47.78 -46.46
C ALA E 464 33.76 -46.57 -46.95
N GLY E 465 35.03 -46.41 -46.59
CA GLY E 465 35.83 -45.32 -47.13
C GLY E 465 36.03 -45.44 -48.63
N PHE E 466 36.28 -46.66 -49.11
CA PHE E 466 36.39 -46.94 -50.53
C PHE E 466 35.10 -46.63 -51.27
N ILE E 467 33.98 -47.13 -50.74
CA ILE E 467 32.68 -46.99 -51.41
C ILE E 467 32.22 -45.53 -51.43
N ILE E 468 32.35 -44.83 -50.30
CA ILE E 468 31.94 -43.43 -50.22
C ILE E 468 32.87 -42.55 -51.05
N SER E 469 34.19 -42.76 -50.96
CA SER E 469 35.12 -41.92 -51.70
C SER E 469 35.06 -42.16 -53.20
N ASN E 470 34.55 -43.30 -53.65
CA ASN E 470 34.33 -43.48 -55.08
C ASN E 470 32.91 -43.15 -55.51
N ASN E 471 32.00 -42.86 -54.58
CA ASN E 471 30.66 -42.44 -54.97
C ASN E 471 30.43 -40.93 -54.89
N ILE E 472 31.21 -40.19 -54.12
CA ILE E 472 30.94 -38.77 -53.92
C ILE E 472 31.49 -37.97 -55.09
N PRO E 473 30.85 -36.86 -55.47
CA PRO E 473 31.36 -36.06 -56.58
C PRO E 473 32.55 -35.23 -56.16
N PRO E 474 33.42 -34.85 -57.09
CA PRO E 474 34.51 -33.92 -56.76
C PRO E 474 33.96 -32.53 -56.48
N MET E 475 34.32 -31.98 -55.33
CA MET E 475 33.92 -30.65 -54.95
C MET E 475 35.07 -29.67 -54.86
N THR E 476 36.30 -30.15 -54.76
CA THR E 476 37.50 -29.34 -54.84
C THR E 476 38.39 -29.91 -55.92
N ILE E 477 39.62 -29.44 -56.00
CA ILE E 477 40.64 -30.07 -56.82
C ILE E 477 41.63 -30.76 -55.89
N PRO E 478 41.76 -32.10 -55.94
CA PRO E 478 42.66 -32.78 -55.02
C PRO E 478 44.12 -32.56 -55.39
N GLN E 479 44.91 -32.19 -54.40
CA GLN E 479 46.35 -32.02 -54.57
C GLN E 479 47.00 -33.40 -54.66
N MET E 480 47.54 -33.73 -55.83
CA MET E 480 48.11 -35.05 -56.06
C MET E 480 49.54 -34.98 -56.54
N THR E 481 50.15 -33.79 -56.55
CA THR E 481 51.54 -33.61 -56.95
C THR E 481 52.29 -33.01 -55.77
N MET E 482 53.24 -33.76 -55.23
CA MET E 482 53.94 -33.39 -54.01
C MET E 482 55.20 -34.24 -53.95
N PRO E 483 56.24 -33.78 -53.25
CA PRO E 483 57.47 -34.58 -53.17
C PRO E 483 57.28 -35.84 -52.33
N HIS E 484 58.26 -36.74 -52.44
CA HIS E 484 58.09 -38.08 -51.89
C HIS E 484 58.12 -38.09 -50.37
N TYR E 485 58.89 -37.20 -49.74
CA TYR E 485 58.86 -37.12 -48.29
C TYR E 485 57.56 -36.53 -47.79
N LEU E 486 56.85 -35.80 -48.63
CA LEU E 486 55.64 -35.12 -48.24
C LEU E 486 54.39 -35.92 -48.59
N LYS E 487 54.49 -36.80 -49.59
CA LYS E 487 53.45 -37.78 -49.83
C LYS E 487 53.47 -38.87 -48.76
N MET E 488 54.66 -39.24 -48.30
CA MET E 488 54.83 -40.33 -47.36
C MET E 488 54.88 -39.86 -45.91
N THR E 489 54.31 -38.70 -45.60
CA THR E 489 54.44 -38.15 -44.26
C THR E 489 53.55 -38.88 -43.27
N ALA E 490 52.28 -39.09 -43.63
CA ALA E 490 51.31 -39.67 -42.70
C ALA E 490 51.64 -41.12 -42.37
N LEU E 491 52.04 -41.90 -43.37
CA LEU E 491 52.36 -43.30 -43.14
C LEU E 491 53.63 -43.45 -42.31
N THR E 492 54.65 -42.63 -42.59
CA THR E 492 55.90 -42.69 -41.83
C THR E 492 55.69 -42.25 -40.39
N VAL E 493 54.90 -41.19 -40.18
CA VAL E 493 54.62 -40.70 -38.84
C VAL E 493 53.82 -41.72 -38.04
N THR E 494 52.86 -42.39 -38.68
CA THR E 494 52.10 -43.44 -38.00
C THR E 494 52.97 -44.64 -37.66
N ILE E 495 53.86 -45.04 -38.58
CA ILE E 495 54.76 -46.16 -38.32
C ILE E 495 55.74 -45.82 -37.21
N LEU E 496 56.22 -44.57 -37.17
CA LEU E 496 57.10 -44.16 -36.08
C LEU E 496 56.38 -44.15 -34.74
N GLY E 497 55.10 -43.76 -34.74
CA GLY E 497 54.31 -43.86 -33.52
C GLY E 497 54.15 -45.29 -33.03
N PHE E 498 53.89 -46.22 -33.96
CA PHE E 498 53.80 -47.64 -33.60
C PHE E 498 55.13 -48.18 -33.06
N ILE E 499 56.25 -47.81 -33.69
CA ILE E 499 57.56 -48.31 -33.26
C ILE E 499 57.92 -47.76 -31.88
N LEU E 500 57.75 -46.45 -31.70
CA LEU E 500 58.08 -45.80 -30.44
C LEU E 500 57.22 -46.31 -29.30
N ALA E 501 55.95 -46.58 -29.59
CA ALA E 501 55.11 -47.09 -28.52
C ALA E 501 55.24 -48.60 -28.32
N LEU E 502 55.76 -49.34 -29.30
CA LEU E 502 56.24 -50.68 -29.01
C LEU E 502 57.40 -50.67 -28.03
N GLU E 503 58.30 -49.70 -28.18
CA GLU E 503 59.38 -49.53 -27.20
C GLU E 503 58.82 -49.18 -25.82
N ILE E 504 57.86 -48.25 -25.78
CA ILE E 504 57.22 -47.85 -24.52
C ILE E 504 56.50 -49.03 -23.86
N SER E 505 55.85 -49.88 -24.67
CA SER E 505 55.12 -51.00 -24.12
C SER E 505 56.04 -52.12 -23.65
N ASN E 506 57.13 -52.37 -24.38
CA ASN E 506 58.08 -53.38 -23.93
C ASN E 506 58.88 -52.94 -22.71
N THR E 507 59.02 -51.64 -22.47
CA THR E 507 59.67 -51.23 -21.23
C THR E 507 58.79 -51.45 -20.00
N THR E 508 57.50 -51.73 -20.17
CA THR E 508 56.64 -51.97 -19.01
C THR E 508 56.87 -53.33 -18.36
N HIS E 509 57.49 -54.27 -19.08
CA HIS E 509 57.77 -55.59 -18.54
C HIS E 509 59.05 -55.65 -17.73
N TYR E 510 59.86 -54.60 -17.76
CA TYR E 510 61.15 -54.63 -17.09
C TYR E 510 60.96 -54.47 -15.58
N LEU E 511 61.89 -55.04 -14.82
CA LEU E 511 61.83 -54.96 -13.37
C LEU E 511 62.50 -53.70 -12.83
N LYS E 512 62.08 -52.56 -13.36
CA LYS E 512 62.56 -51.25 -12.93
C LYS E 512 61.37 -50.40 -12.55
N PHE E 513 61.52 -49.60 -11.50
CA PHE E 513 60.45 -48.77 -10.97
C PHE E 513 60.94 -47.34 -10.90
N ASN E 514 60.50 -46.51 -11.85
CA ASN E 514 60.86 -45.10 -11.89
C ASN E 514 59.72 -44.28 -11.31
N TYR E 515 60.07 -43.23 -10.58
CA TYR E 515 59.09 -42.26 -10.13
C TYR E 515 58.51 -41.51 -11.33
N PRO E 516 57.22 -41.16 -11.29
CA PRO E 516 56.62 -40.46 -12.43
C PRO E 516 57.15 -39.04 -12.58
N SER E 517 57.30 -38.63 -13.82
CA SER E 517 57.77 -37.30 -14.14
C SER E 517 56.62 -36.31 -14.09
N ASN E 518 56.91 -35.05 -14.45
CA ASN E 518 55.86 -34.06 -14.56
C ASN E 518 55.15 -34.14 -15.91
N THR E 519 55.81 -34.69 -16.93
CA THR E 519 55.16 -34.91 -18.22
C THR E 519 54.08 -35.99 -18.10
N PHE E 520 54.38 -37.06 -17.35
CA PHE E 520 53.40 -38.11 -17.12
C PHE E 520 52.21 -37.57 -16.33
N LYS E 521 52.46 -36.75 -15.31
CA LYS E 521 51.38 -36.22 -14.51
C LYS E 521 50.59 -35.16 -15.26
N PHE E 522 51.22 -34.50 -16.23
CA PHE E 522 50.49 -33.55 -17.05
C PHE E 522 49.59 -34.27 -18.04
N SER E 523 50.08 -35.36 -18.62
CA SER E 523 49.25 -36.13 -19.54
C SER E 523 48.15 -36.88 -18.80
N ASN E 524 48.44 -37.36 -17.60
CA ASN E 524 47.52 -38.25 -16.89
C ASN E 524 46.41 -37.47 -16.21
N LEU E 525 46.73 -36.32 -15.63
CA LEU E 525 45.74 -35.45 -14.99
C LEU E 525 45.16 -34.44 -15.96
N LEU E 526 45.17 -34.77 -17.26
CA LEU E 526 44.38 -34.14 -18.32
C LEU E 526 44.84 -32.72 -18.58
N GLY E 527 46.14 -32.49 -18.47
CA GLY E 527 46.68 -31.16 -18.63
C GLY E 527 46.33 -30.21 -17.52
N TYR E 528 45.85 -30.73 -16.38
CA TYR E 528 45.43 -30.03 -15.17
C TYR E 528 44.22 -29.13 -15.40
N TYR E 529 43.57 -29.24 -16.58
CA TYR E 529 42.48 -28.32 -16.92
C TYR E 529 41.19 -28.68 -16.21
N PRO E 530 40.71 -29.94 -16.14
CA PRO E 530 39.55 -30.21 -15.30
C PRO E 530 39.83 -30.16 -13.82
N THR E 531 41.08 -30.17 -13.38
CA THR E 531 41.34 -30.02 -11.96
C THR E 531 41.23 -28.56 -11.54
N ILE E 532 41.83 -27.65 -12.30
CA ILE E 532 41.79 -26.24 -11.96
C ILE E 532 40.41 -25.65 -12.26
N MET E 533 40.00 -25.73 -13.52
CA MET E 533 38.83 -24.98 -14.00
C MET E 533 37.52 -25.49 -13.41
N HIS E 534 37.46 -26.76 -13.03
CA HIS E 534 36.23 -27.27 -12.43
C HIS E 534 36.22 -27.10 -10.93
N ARG E 535 37.33 -26.65 -10.34
CA ARG E 535 37.32 -26.23 -8.95
C ARG E 535 37.24 -24.72 -8.81
N LEU E 536 37.94 -23.98 -9.66
CA LEU E 536 38.10 -22.54 -9.45
C LEU E 536 36.90 -21.75 -9.97
N THR E 537 36.45 -22.05 -11.17
CA THR E 537 35.34 -21.33 -11.79
C THR E 537 33.99 -21.62 -11.12
N PRO E 538 33.65 -22.86 -10.68
CA PRO E 538 32.44 -22.97 -9.83
C PRO E 538 32.55 -22.25 -8.50
N TYR E 539 33.71 -22.34 -7.82
CA TYR E 539 33.94 -21.68 -6.54
C TYR E 539 33.64 -20.19 -6.62
N MET E 540 34.36 -19.49 -7.50
CA MET E 540 34.17 -18.06 -7.72
C MET E 540 32.78 -17.71 -8.21
N ASN E 541 32.07 -18.65 -8.84
CA ASN E 541 30.70 -18.32 -9.18
C ASN E 541 29.83 -18.46 -7.95
N LEU E 542 29.95 -19.59 -7.24
CA LEU E 542 28.93 -19.94 -6.26
C LEU E 542 29.05 -19.09 -5.00
N THR E 543 30.27 -18.76 -4.58
CA THR E 543 30.48 -17.76 -3.54
C THR E 543 29.87 -16.42 -3.95
N MET E 544 30.11 -16.00 -5.20
CA MET E 544 29.50 -14.78 -5.70
C MET E 544 27.99 -14.92 -5.78
N SER E 545 27.51 -16.15 -5.99
CA SER E 545 26.07 -16.35 -6.02
C SER E 545 25.44 -16.26 -4.64
N GLN E 546 26.22 -16.47 -3.58
CA GLN E 546 25.64 -16.48 -2.24
C GLN E 546 26.07 -15.28 -1.41
N LYS E 547 27.37 -14.98 -1.37
CA LYS E 547 27.86 -13.89 -0.54
C LYS E 547 27.41 -12.54 -1.08
N SER E 548 27.72 -12.27 -2.35
CA SER E 548 27.42 -10.97 -2.93
C SER E 548 25.95 -10.85 -3.33
N ALA E 549 25.47 -11.78 -4.16
CA ALA E 549 24.17 -11.62 -4.79
C ALA E 549 23.03 -11.93 -3.83
N SER E 550 23.12 -13.04 -3.09
CA SER E 550 22.04 -13.42 -2.21
C SER E 550 22.08 -12.66 -0.90
N SER E 551 23.22 -12.71 -0.21
CA SER E 551 23.30 -12.18 1.14
C SER E 551 23.48 -10.66 1.15
N LEU E 552 24.54 -10.19 0.48
CA LEU E 552 24.94 -8.79 0.61
C LEU E 552 23.95 -7.85 -0.06
N LEU E 553 23.44 -8.22 -1.23
CA LEU E 553 22.56 -7.32 -1.96
C LEU E 553 21.09 -7.56 -1.64
N ASP E 554 20.61 -8.76 -1.90
CA ASP E 554 19.17 -9.01 -1.90
C ASP E 554 18.68 -9.68 -0.63
N LEU E 555 19.50 -9.72 0.41
CA LEU E 555 19.04 -9.90 1.77
C LEU E 555 19.46 -8.76 2.68
N ILE E 556 20.41 -7.93 2.27
CA ILE E 556 20.88 -6.87 3.14
C ILE E 556 20.68 -5.49 2.52
N TRP E 557 21.39 -5.17 1.43
CA TRP E 557 21.50 -3.76 1.08
C TRP E 557 20.30 -3.25 0.29
N LEU E 558 19.79 -4.06 -0.63
CA LEU E 558 18.55 -3.70 -1.30
C LEU E 558 17.37 -3.79 -0.35
N GLU E 559 17.51 -4.59 0.72
CA GLU E 559 16.59 -4.54 1.85
C GLU E 559 16.87 -3.33 2.73
N THR E 560 18.12 -2.86 2.82
CA THR E 560 18.38 -1.78 3.75
C THR E 560 17.92 -0.44 3.20
N ILE E 561 18.21 -0.15 1.92
CA ILE E 561 18.05 1.23 1.47
C ILE E 561 16.59 1.58 1.19
N LEU E 562 15.80 0.70 0.54
CA LEU E 562 14.42 1.17 0.43
C LEU E 562 13.57 0.82 1.67
N PRO E 563 13.23 -0.48 2.00
CA PRO E 563 12.16 -0.66 3.00
C PRO E 563 12.54 -0.46 4.46
N LYS E 564 13.74 -0.89 4.87
CA LYS E 564 14.08 -0.90 6.30
C LYS E 564 14.32 0.51 6.83
N THR E 565 15.01 1.36 6.07
CA THR E 565 15.25 2.72 6.53
C THR E 565 13.99 3.56 6.52
N ILE E 566 13.11 3.35 5.54
CA ILE E 566 11.80 4.00 5.53
C ILE E 566 10.98 3.57 6.75
N SER E 567 10.97 2.27 7.05
CA SER E 567 10.19 1.77 8.18
C SER E 567 10.71 2.29 9.52
N LEU E 568 12.04 2.33 9.67
CA LEU E 568 12.63 2.87 10.90
C LEU E 568 12.38 4.37 11.02
N ALA E 569 12.39 5.10 9.90
CA ALA E 569 12.11 6.52 9.93
C ALA E 569 10.67 6.81 10.34
N GLN E 570 9.72 6.03 9.81
CA GLN E 570 8.34 6.26 10.18
C GLN E 570 8.06 5.83 11.62
N MET E 571 8.76 4.79 12.09
CA MET E 571 8.68 4.42 13.50
C MET E 571 9.20 5.52 14.41
N LYS E 572 10.34 6.12 14.03
CA LYS E 572 10.94 7.16 14.86
C LYS E 572 10.08 8.42 14.88
N MET E 573 9.54 8.80 13.72
CA MET E 573 8.63 9.94 13.68
C MET E 573 7.35 9.65 14.46
N SER E 574 6.86 8.42 14.40
CA SER E 574 5.69 8.02 15.17
C SER E 574 5.94 8.12 16.67
N THR E 575 7.13 7.73 17.12
CA THR E 575 7.43 7.82 18.54
C THR E 575 7.69 9.25 18.98
N THR E 576 8.18 10.12 18.09
CA THR E 576 8.34 11.52 18.47
C THR E 576 6.99 12.23 18.54
N ILE E 577 6.07 11.90 17.64
CA ILE E 577 4.76 12.57 17.64
C ILE E 577 3.93 12.13 18.84
N THR E 578 4.02 10.86 19.23
CA THR E 578 3.17 10.30 20.28
C THR E 578 3.85 10.25 21.65
N SER E 579 4.91 11.01 21.87
CA SER E 579 5.58 11.04 23.17
C SER E 579 5.13 12.23 24.00
N GLN E 580 3.88 12.61 23.89
CA GLN E 580 3.36 13.77 24.60
C GLN E 580 2.96 13.38 26.02
N LYS E 581 3.24 14.27 26.97
CA LYS E 581 3.09 13.97 28.39
C LYS E 581 1.68 14.22 28.91
N GLY E 582 0.71 14.47 28.04
CA GLY E 582 -0.66 14.64 28.48
C GLY E 582 -0.94 15.90 29.25
N LEU E 583 -0.08 16.91 29.15
CA LEU E 583 -0.20 18.12 29.95
C LEU E 583 -0.83 19.22 29.12
N ILE E 584 -1.91 19.80 29.64
CA ILE E 584 -2.66 20.86 28.96
C ILE E 584 -1.80 22.09 28.79
N LYS E 585 -0.95 22.36 29.80
CA LYS E 585 -0.02 23.49 29.81
C LYS E 585 0.90 23.47 28.59
N LEU E 586 1.46 22.30 28.30
CA LEU E 586 2.43 22.20 27.20
C LEU E 586 1.75 22.31 25.85
N TYR E 587 0.51 21.80 25.73
CA TYR E 587 -0.18 21.89 24.45
C TYR E 587 -0.60 23.32 24.15
N PHE E 588 -1.08 24.05 25.15
CA PHE E 588 -1.42 25.45 24.91
C PHE E 588 -0.17 26.31 24.74
N LEU E 589 0.97 25.92 25.33
CA LEU E 589 2.21 26.65 25.05
C LEU E 589 2.66 26.43 23.61
N SER E 590 2.45 25.21 23.10
CA SER E 590 2.70 24.96 21.68
C SER E 590 1.73 25.73 20.79
N PHE E 591 0.48 25.93 21.24
CA PHE E 591 -0.47 26.72 20.45
C PHE E 591 -0.04 28.18 20.37
N LEU E 592 0.48 28.72 21.48
CA LEU E 592 1.02 30.08 21.49
C LEU E 592 2.21 30.20 20.55
N ILE E 593 3.12 29.22 20.58
CA ILE E 593 4.27 29.23 19.67
C ILE E 593 3.81 29.11 18.22
N THR E 594 2.75 28.34 17.97
CA THR E 594 2.13 28.25 16.65
C THR E 594 1.63 29.60 16.16
N ILE E 595 0.92 30.33 17.02
CA ILE E 595 0.37 31.63 16.64
C ILE E 595 1.49 32.65 16.41
N LEU E 596 2.55 32.60 17.22
CA LEU E 596 3.68 33.52 17.04
C LEU E 596 4.45 33.22 15.76
N ILE E 597 4.62 31.95 15.41
CA ILE E 597 5.30 31.61 14.15
C ILE E 597 4.43 31.96 12.95
N SER E 598 3.11 31.79 13.09
CA SER E 598 2.20 32.14 11.99
C SER E 598 2.15 33.64 11.75
N THR E 599 2.20 34.44 12.82
CA THR E 599 2.14 35.88 12.64
C THR E 599 3.50 36.45 12.25
N THR E 600 4.52 36.25 13.10
CA THR E 600 5.78 36.95 12.90
C THR E 600 6.68 36.26 11.88
N LEU E 601 6.69 34.93 11.86
CA LEU E 601 7.65 34.19 11.06
C LEU E 601 7.11 33.74 9.71
N LEU E 602 5.80 33.56 9.58
CA LEU E 602 5.21 33.09 8.33
C LEU E 602 4.30 34.10 7.66
N ASN E 603 3.87 35.15 8.38
CA ASN E 603 3.05 36.26 7.87
C ASN E 603 1.75 35.77 7.25
N PHE E 604 1.07 34.89 7.96
CA PHE E 604 -0.25 34.38 7.55
C PHE E 604 -1.38 35.34 7.87
N HIS E 605 -1.08 36.54 8.37
CA HIS E 605 -2.08 37.52 8.72
C HIS E 605 -2.04 38.76 7.82
N GLU E 606 -1.32 38.68 6.71
CA GLU E 606 -1.11 39.84 5.84
C GLU E 606 -1.78 39.67 4.49
N LEU F 2 -18.53 -8.23 -21.66
CA LEU F 2 -19.50 -8.44 -20.60
C LEU F 2 -20.03 -9.88 -20.67
N LYS F 3 -19.75 -10.54 -21.78
CA LYS F 3 -19.98 -11.98 -21.89
C LYS F 3 -18.96 -12.80 -21.12
N TYR F 4 -17.90 -12.18 -20.61
CA TYR F 4 -16.95 -12.82 -19.70
C TYR F 4 -17.09 -12.34 -18.28
N ILE F 5 -17.46 -11.08 -18.09
CA ILE F 5 -17.56 -10.49 -16.76
C ILE F 5 -18.73 -11.07 -15.99
N ILE F 6 -19.89 -11.19 -16.65
CA ILE F 6 -21.08 -11.72 -16.02
C ILE F 6 -20.96 -13.20 -15.64
N PRO F 7 -20.42 -14.13 -16.45
CA PRO F 7 -20.22 -15.50 -15.93
C PRO F 7 -19.21 -15.60 -14.80
N THR F 8 -18.16 -14.77 -14.84
CA THR F 8 -17.21 -14.72 -13.74
C THR F 8 -17.89 -14.26 -12.46
N MET F 9 -18.80 -13.29 -12.56
CA MET F 9 -19.58 -12.91 -11.38
C MET F 9 -20.59 -13.98 -10.99
N MET F 10 -21.14 -14.71 -11.95
CA MET F 10 -22.08 -15.78 -11.64
C MET F 10 -21.42 -16.97 -10.99
N LEU F 11 -20.09 -17.05 -11.07
CA LEU F 11 -19.36 -18.02 -10.24
C LEU F 11 -19.53 -17.74 -8.74
N MET F 12 -19.81 -16.48 -8.34
CA MET F 12 -20.04 -16.20 -6.92
C MET F 12 -21.31 -16.84 -6.36
N PRO F 13 -22.51 -16.70 -6.96
CA PRO F 13 -23.62 -17.50 -6.44
C PRO F 13 -23.45 -18.97 -6.70
N LEU F 14 -22.67 -19.34 -7.71
CA LEU F 14 -22.39 -20.75 -7.96
C LEU F 14 -21.58 -21.36 -6.83
N THR F 15 -20.62 -20.63 -6.29
CA THR F 15 -19.88 -21.19 -5.16
C THR F 15 -20.63 -21.04 -3.85
N TRP F 16 -21.47 -20.02 -3.69
CA TRP F 16 -22.13 -19.85 -2.41
C TRP F 16 -23.46 -20.60 -2.31
N LEU F 17 -24.03 -21.07 -3.41
CA LEU F 17 -25.23 -21.87 -3.36
C LEU F 17 -24.96 -23.34 -3.60
N SER F 18 -23.71 -23.73 -3.83
CA SER F 18 -23.40 -25.13 -4.07
C SER F 18 -23.54 -25.95 -2.80
N LYS F 19 -23.86 -27.22 -2.97
CA LYS F 19 -23.76 -28.19 -1.89
C LYS F 19 -22.32 -28.30 -1.43
N ASN F 20 -22.13 -28.70 -0.17
CA ASN F 20 -20.84 -28.59 0.49
C ASN F 20 -19.80 -29.50 -0.14
N SER F 21 -20.24 -30.64 -0.68
CA SER F 21 -19.35 -31.54 -1.38
C SER F 21 -19.16 -31.17 -2.84
N MET F 22 -19.87 -30.18 -3.34
CA MET F 22 -19.85 -29.84 -4.75
C MET F 22 -19.16 -28.52 -5.06
N ILE F 23 -18.56 -27.84 -4.08
CA ILE F 23 -18.09 -26.49 -4.36
C ILE F 23 -16.80 -26.47 -5.15
N TRP F 24 -16.02 -27.55 -5.17
CA TRP F 24 -14.87 -27.57 -6.04
C TRP F 24 -15.23 -28.02 -7.44
N ILE F 25 -16.14 -29.00 -7.53
CA ILE F 25 -16.54 -29.56 -8.81
C ILE F 25 -17.27 -28.51 -9.65
N ASN F 26 -18.21 -27.79 -9.04
CA ASN F 26 -19.03 -26.85 -9.79
C ASN F 26 -18.21 -25.65 -10.28
N THR F 27 -17.38 -25.10 -9.40
CA THR F 27 -16.56 -23.96 -9.77
C THR F 27 -15.50 -24.35 -10.79
N THR F 28 -14.95 -25.56 -10.67
CA THR F 28 -13.99 -26.05 -11.65
C THR F 28 -14.63 -26.23 -13.01
N LEU F 29 -15.84 -26.82 -13.04
CA LEU F 29 -16.56 -27.06 -14.29
C LEU F 29 -16.88 -25.75 -14.99
N HIS F 30 -17.47 -24.81 -14.27
CA HIS F 30 -17.94 -23.61 -14.94
C HIS F 30 -16.82 -22.62 -15.21
N SER F 31 -15.74 -22.64 -14.42
CA SER F 31 -14.57 -21.87 -14.80
C SER F 31 -13.87 -22.46 -16.02
N LEU F 32 -13.89 -23.79 -16.19
CA LEU F 32 -13.42 -24.38 -17.44
C LEU F 32 -14.30 -24.00 -18.62
N LEU F 33 -15.61 -23.86 -18.41
CA LEU F 33 -16.48 -23.40 -19.49
C LEU F 33 -16.20 -21.93 -19.85
N ILE F 34 -15.93 -21.08 -18.86
CA ILE F 34 -15.54 -19.70 -19.13
C ILE F 34 -14.22 -19.65 -19.90
N SER F 35 -13.29 -20.55 -19.55
CA SER F 35 -12.01 -20.59 -20.22
C SER F 35 -12.15 -21.06 -21.67
N LEU F 36 -13.05 -22.01 -21.92
CA LEU F 36 -13.37 -22.41 -23.29
C LEU F 36 -13.99 -21.26 -24.06
N THR F 37 -14.83 -20.48 -23.39
CA THR F 37 -15.48 -19.32 -23.99
C THR F 37 -14.48 -18.23 -24.36
N SER F 38 -13.37 -18.13 -23.62
CA SER F 38 -12.38 -17.07 -23.81
C SER F 38 -11.69 -17.07 -25.17
N LEU F 39 -11.84 -18.12 -25.98
CA LEU F 39 -11.20 -18.17 -27.29
C LEU F 39 -11.91 -17.34 -28.34
N LEU F 40 -13.10 -16.81 -28.03
CA LEU F 40 -13.78 -15.90 -28.94
C LEU F 40 -13.08 -14.54 -29.03
N LEU F 41 -12.18 -14.25 -28.10
CA LEU F 41 -11.33 -13.07 -28.12
C LEU F 41 -10.26 -13.12 -29.20
N LEU F 42 -10.08 -14.27 -29.85
CA LEU F 42 -9.13 -14.44 -30.95
C LEU F 42 -9.66 -13.93 -32.28
N ASN F 43 -10.76 -13.17 -32.29
CA ASN F 43 -11.20 -12.40 -33.44
C ASN F 43 -10.36 -11.12 -33.49
N GLN F 44 -9.11 -11.28 -33.89
CA GLN F 44 -8.21 -10.15 -33.98
C GLN F 44 -7.93 -9.85 -35.44
N PHE F 45 -7.64 -8.59 -35.71
CA PHE F 45 -7.46 -8.10 -37.05
C PHE F 45 -6.04 -7.59 -37.20
N GLY F 46 -5.59 -7.51 -38.45
CA GLY F 46 -4.23 -7.06 -38.70
C GLY F 46 -4.03 -5.58 -38.51
N ASP F 47 -5.10 -4.79 -38.58
CA ASP F 47 -5.01 -3.34 -38.39
C ASP F 47 -5.72 -2.87 -37.14
N ASN F 48 -6.96 -3.27 -36.92
CA ASN F 48 -7.77 -2.75 -35.83
C ASN F 48 -7.75 -3.71 -34.66
N SER F 49 -7.89 -3.16 -33.46
CA SER F 49 -8.14 -4.00 -32.32
C SER F 49 -9.63 -4.34 -32.24
N LEU F 50 -9.95 -5.32 -31.42
CA LEU F 50 -11.34 -5.75 -31.24
C LEU F 50 -11.95 -4.85 -30.17
N ASN F 51 -12.72 -3.86 -30.59
CA ASN F 51 -13.13 -2.75 -29.74
C ASN F 51 -14.61 -2.92 -29.41
N PHE F 52 -14.90 -3.44 -28.21
CA PHE F 52 -16.26 -3.85 -27.87
C PHE F 52 -17.16 -2.68 -27.58
N SER F 53 -16.67 -1.70 -26.82
CA SER F 53 -17.51 -0.67 -26.25
C SER F 53 -16.64 0.52 -25.90
N LEU F 54 -17.25 1.52 -25.26
CA LEU F 54 -16.49 2.65 -24.75
C LEU F 54 -15.56 2.25 -23.62
N THR F 55 -15.89 1.18 -22.90
CA THR F 55 -15.17 0.76 -21.71
C THR F 55 -14.16 -0.35 -21.97
N PHE F 56 -14.40 -1.21 -22.96
CA PHE F 56 -13.58 -2.40 -23.09
C PHE F 56 -13.11 -2.62 -24.53
N PHE F 57 -11.87 -3.09 -24.66
CA PHE F 57 -11.34 -3.50 -25.94
C PHE F 57 -10.34 -4.62 -25.71
N SER F 58 -9.97 -5.31 -26.79
CA SER F 58 -9.01 -6.41 -26.68
C SER F 58 -8.22 -6.51 -27.97
N ASP F 59 -6.96 -6.15 -27.93
CA ASP F 59 -6.06 -6.41 -29.04
C ASP F 59 -5.32 -7.73 -28.81
N SER F 60 -4.28 -7.98 -29.59
CA SER F 60 -3.53 -9.22 -29.45
C SER F 60 -2.54 -9.20 -28.30
N LEU F 61 -2.41 -8.11 -27.55
CA LEU F 61 -1.68 -8.17 -26.30
C LEU F 61 -2.54 -8.67 -25.17
N SER F 62 -3.73 -8.10 -25.03
CA SER F 62 -4.56 -8.45 -23.90
C SER F 62 -5.20 -9.81 -24.06
N THR F 63 -5.44 -10.26 -25.30
CA THR F 63 -6.14 -11.52 -25.54
C THR F 63 -5.43 -12.77 -24.99
N PRO F 64 -4.11 -12.99 -25.19
CA PRO F 64 -3.51 -14.18 -24.55
C PRO F 64 -3.43 -14.06 -23.05
N LEU F 65 -3.27 -12.86 -22.50
CA LEU F 65 -3.29 -12.67 -21.06
C LEU F 65 -4.67 -12.97 -20.49
N LEU F 66 -5.72 -12.65 -21.23
CA LEU F 66 -7.07 -12.99 -20.81
C LEU F 66 -7.32 -14.48 -20.86
N ILE F 67 -6.87 -15.14 -21.93
CA ILE F 67 -7.05 -16.58 -22.05
C ILE F 67 -6.27 -17.30 -20.98
N LEU F 68 -5.05 -16.84 -20.68
CA LEU F 68 -4.24 -17.43 -19.61
C LEU F 68 -4.86 -17.17 -18.24
N THR F 69 -5.42 -15.98 -18.03
CA THR F 69 -6.07 -15.64 -16.76
C THR F 69 -7.29 -16.52 -16.52
N MET F 70 -8.16 -16.63 -17.52
CA MET F 70 -9.34 -17.47 -17.41
C MET F 70 -9.01 -18.95 -17.37
N TRP F 71 -7.87 -19.34 -17.92
CA TRP F 71 -7.41 -20.72 -17.81
C TRP F 71 -6.83 -21.03 -16.44
N LEU F 72 -6.26 -20.04 -15.77
CA LEU F 72 -5.54 -20.33 -14.53
C LEU F 72 -6.47 -20.59 -13.36
N LEU F 73 -7.70 -20.06 -13.40
CA LEU F 73 -8.64 -20.26 -12.30
C LEU F 73 -9.04 -21.71 -12.05
N PRO F 74 -9.43 -22.54 -13.04
CA PRO F 74 -9.66 -23.97 -12.72
C PRO F 74 -8.43 -24.68 -12.19
N LEU F 75 -7.25 -24.32 -12.69
CA LEU F 75 -6.01 -24.93 -12.26
C LEU F 75 -5.67 -24.51 -10.83
N MET F 76 -5.99 -23.27 -10.47
CA MET F 76 -5.83 -22.84 -9.08
C MET F 76 -6.79 -23.55 -8.15
N LEU F 77 -8.02 -23.81 -8.60
CA LEU F 77 -8.97 -24.55 -7.77
C LEU F 77 -8.52 -25.99 -7.55
N MET F 78 -8.03 -26.64 -8.61
CA MET F 78 -7.48 -27.98 -8.49
C MET F 78 -6.26 -28.01 -7.59
N ALA F 79 -5.41 -27.00 -7.68
CA ALA F 79 -4.20 -26.96 -6.87
C ALA F 79 -4.51 -26.70 -5.40
N SER F 80 -5.61 -26.00 -5.12
CA SER F 80 -5.88 -25.57 -3.77
C SER F 80 -6.87 -26.44 -3.01
N GLN F 81 -7.63 -27.30 -3.69
CA GLN F 81 -8.66 -28.08 -3.00
C GLN F 81 -8.11 -29.12 -2.04
N HIS F 82 -6.88 -29.58 -2.21
CA HIS F 82 -6.37 -30.60 -1.31
C HIS F 82 -5.93 -30.01 0.04
N HIS F 83 -5.17 -28.92 0.02
CA HIS F 83 -4.67 -28.39 1.28
C HIS F 83 -5.72 -27.59 2.03
N LEU F 84 -6.85 -27.31 1.41
CA LEU F 84 -8.00 -26.71 2.09
C LEU F 84 -9.11 -27.71 2.33
N SER F 85 -8.77 -28.99 2.42
CA SER F 85 -9.80 -30.02 2.62
C SER F 85 -10.36 -29.97 4.04
N LYS F 86 -9.51 -29.70 5.03
CA LYS F 86 -9.93 -29.63 6.41
C LYS F 86 -10.46 -28.26 6.81
N GLU F 87 -10.52 -27.32 5.87
CA GLU F 87 -10.93 -25.96 6.16
C GLU F 87 -12.42 -25.91 6.48
N ASN F 88 -12.81 -24.88 7.24
CA ASN F 88 -14.21 -24.54 7.40
C ASN F 88 -14.84 -24.26 6.04
N LEU F 89 -16.12 -24.61 5.91
CA LEU F 89 -16.82 -24.54 4.64
C LEU F 89 -17.01 -23.10 4.17
N ALA F 90 -17.34 -22.19 5.09
CA ALA F 90 -17.50 -20.79 4.71
C ALA F 90 -16.17 -20.15 4.37
N ARG F 91 -15.09 -20.52 5.07
CA ARG F 91 -13.78 -19.99 4.71
C ARG F 91 -13.30 -20.55 3.38
N LYS F 92 -13.69 -21.78 3.07
CA LYS F 92 -13.39 -22.38 1.78
C LYS F 92 -14.11 -21.63 0.67
N LYS F 93 -15.38 -21.28 0.89
CA LYS F 93 -16.11 -20.49 -0.07
C LYS F 93 -15.58 -19.06 -0.18
N LEU F 94 -15.06 -18.50 0.92
CA LEU F 94 -14.44 -17.18 0.86
C LEU F 94 -13.14 -17.21 0.08
N PHE F 95 -12.38 -18.30 0.21
CA PHE F 95 -11.18 -18.48 -0.60
C PHE F 95 -11.51 -18.53 -2.09
N ILE F 96 -12.52 -19.33 -2.45
CA ILE F 96 -12.93 -19.42 -3.84
C ILE F 96 -13.49 -18.08 -4.32
N SER F 97 -14.16 -17.34 -3.44
CA SER F 97 -14.65 -16.01 -3.78
C SER F 97 -13.52 -15.04 -4.03
N MET F 98 -12.42 -15.15 -3.29
CA MET F 98 -11.28 -14.28 -3.54
C MET F 98 -10.62 -14.60 -4.88
N LEU F 99 -10.55 -15.90 -5.24
CA LEU F 99 -10.01 -16.25 -6.55
C LEU F 99 -10.91 -15.76 -7.70
N ILE F 100 -12.23 -15.91 -7.54
CA ILE F 100 -13.20 -15.44 -8.52
C ILE F 100 -13.12 -13.93 -8.66
N LEU F 101 -13.02 -13.23 -7.54
CA LEU F 101 -12.93 -11.78 -7.53
C LEU F 101 -11.64 -11.31 -8.17
N LEU F 102 -10.56 -12.06 -7.97
CA LEU F 102 -9.29 -11.72 -8.61
C LEU F 102 -9.36 -11.93 -10.12
N GLN F 103 -10.04 -12.99 -10.57
CA GLN F 103 -10.25 -13.19 -12.00
C GLN F 103 -11.08 -12.05 -12.60
N LEU F 104 -12.13 -11.64 -11.87
CA LEU F 104 -12.99 -10.56 -12.30
C LEU F 104 -12.23 -9.24 -12.42
N PHE F 105 -11.33 -8.96 -11.48
CA PHE F 105 -10.54 -7.73 -11.56
C PHE F 105 -9.50 -7.82 -12.67
N LEU F 106 -8.94 -9.01 -12.91
CA LEU F 106 -7.90 -9.17 -13.93
C LEU F 106 -8.46 -9.04 -15.34
N ILE F 107 -9.64 -9.59 -15.59
CA ILE F 107 -10.14 -9.63 -16.97
C ILE F 107 -10.57 -8.24 -17.43
N MET F 108 -10.96 -7.36 -16.52
CA MET F 108 -11.20 -5.99 -16.88
C MET F 108 -10.04 -5.06 -16.52
N THR F 109 -8.98 -5.60 -15.92
CA THR F 109 -7.71 -4.88 -15.98
C THR F 109 -7.14 -4.92 -17.39
N PHE F 110 -7.14 -6.11 -17.99
CA PHE F 110 -6.51 -6.24 -19.30
C PHE F 110 -7.36 -5.68 -20.44
N THR F 111 -8.67 -5.55 -20.26
CA THR F 111 -9.51 -5.02 -21.31
C THR F 111 -9.93 -3.59 -21.11
N ALA F 112 -9.47 -2.93 -20.05
CA ALA F 112 -9.84 -1.55 -19.78
C ALA F 112 -9.35 -0.61 -20.87
N THR F 113 -10.30 -0.07 -21.63
CA THR F 113 -10.01 0.90 -22.69
C THR F 113 -9.37 2.17 -22.13
N GLU F 114 -9.88 2.65 -21.01
CA GLU F 114 -9.42 3.90 -20.42
C GLU F 114 -8.43 3.61 -19.30
N LEU F 115 -7.41 4.45 -19.20
CA LEU F 115 -6.26 4.12 -18.36
C LEU F 115 -6.52 4.29 -16.86
N ILE F 116 -7.44 5.15 -16.44
CA ILE F 116 -7.68 5.25 -15.01
C ILE F 116 -8.56 4.10 -14.55
N PHE F 117 -9.37 3.52 -15.44
CA PHE F 117 -10.11 2.32 -15.08
C PHE F 117 -9.18 1.11 -15.05
N PHE F 118 -8.18 1.12 -15.93
CA PHE F 118 -7.05 0.21 -15.81
C PHE F 118 -6.36 0.34 -14.46
N TYR F 119 -6.13 1.58 -14.01
CA TYR F 119 -5.50 1.80 -12.71
C TYR F 119 -6.34 1.23 -11.58
N ILE F 120 -7.66 1.45 -11.63
CA ILE F 120 -8.51 1.01 -10.53
C ILE F 120 -8.61 -0.51 -10.48
N MET F 121 -8.73 -1.18 -11.63
CA MET F 121 -8.73 -2.64 -11.61
C MET F 121 -7.37 -3.21 -11.25
N PHE F 122 -6.31 -2.57 -11.74
CA PHE F 122 -4.92 -2.92 -11.46
C PHE F 122 -4.62 -2.88 -9.98
N GLU F 123 -5.09 -1.84 -9.29
CA GLU F 123 -4.91 -1.75 -7.85
C GLU F 123 -5.97 -2.54 -7.09
N ALA F 124 -7.11 -2.82 -7.70
CA ALA F 124 -8.13 -3.64 -7.08
C ALA F 124 -7.68 -5.07 -6.95
N THR F 125 -6.80 -5.52 -7.85
CA THR F 125 -6.20 -6.86 -7.74
C THR F 125 -5.40 -7.07 -6.47
N LEU F 126 -4.92 -5.99 -5.83
CA LEU F 126 -4.12 -6.11 -4.61
C LEU F 126 -4.89 -6.74 -3.47
N VAL F 127 -6.15 -6.35 -3.31
CA VAL F 127 -6.92 -6.71 -2.12
C VAL F 127 -7.21 -8.22 -2.05
N PRO F 128 -7.74 -8.91 -3.08
CA PRO F 128 -7.85 -10.37 -2.97
C PRO F 128 -6.54 -11.07 -2.84
N THR F 129 -5.47 -10.57 -3.48
CA THR F 129 -4.18 -11.24 -3.40
C THR F 129 -3.59 -11.12 -1.99
N LEU F 130 -3.64 -9.92 -1.42
CA LEU F 130 -3.25 -9.68 -0.04
C LEU F 130 -4.03 -10.55 0.93
N ILE F 131 -5.34 -10.68 0.72
CA ILE F 131 -6.17 -11.50 1.61
C ILE F 131 -5.80 -12.97 1.49
N ILE F 132 -5.59 -13.46 0.26
CA ILE F 132 -5.24 -14.87 0.03
C ILE F 132 -3.90 -15.21 0.68
N ILE F 133 -2.90 -14.33 0.52
CA ILE F 133 -1.58 -14.56 1.10
C ILE F 133 -1.64 -14.54 2.62
N THR F 134 -2.23 -13.48 3.19
CA THR F 134 -2.18 -13.34 4.64
C THR F 134 -3.15 -14.23 5.39
N ARG F 135 -4.21 -14.70 4.74
CA ARG F 135 -5.18 -15.55 5.40
C ARG F 135 -4.92 -17.03 5.19
N TRP F 136 -4.51 -17.44 3.99
CA TRP F 136 -4.34 -18.85 3.73
C TRP F 136 -2.89 -19.25 3.46
N GLY F 137 -1.95 -18.33 3.62
CA GLY F 137 -0.56 -18.72 3.65
C GLY F 137 -0.23 -19.52 4.89
N ASN F 138 0.85 -20.26 4.83
CA ASN F 138 1.06 -21.30 5.82
C ASN F 138 1.84 -20.82 7.04
N GLN F 139 2.71 -19.83 6.89
CA GLN F 139 3.71 -19.53 7.90
C GLN F 139 3.43 -18.17 8.54
N THR F 140 4.35 -17.76 9.42
CA THR F 140 4.25 -16.48 10.09
C THR F 140 4.52 -15.34 9.13
N GLU F 141 5.57 -15.50 8.32
CA GLU F 141 6.13 -14.48 7.46
C GLU F 141 5.18 -13.97 6.40
N ARG F 142 4.07 -14.69 6.16
CA ARG F 142 3.01 -14.24 5.27
C ARG F 142 2.51 -12.85 5.63
N LEU F 143 2.46 -12.55 6.94
CA LEU F 143 1.98 -11.25 7.38
C LEU F 143 2.92 -10.16 6.93
N ASN F 144 4.23 -10.39 7.16
CA ASN F 144 5.23 -9.47 6.68
C ASN F 144 5.24 -9.44 5.16
N ALA F 145 4.98 -10.60 4.54
CA ALA F 145 4.94 -10.68 3.09
C ALA F 145 3.79 -9.84 2.56
N GLY F 146 2.65 -9.90 3.25
CA GLY F 146 1.50 -9.12 2.85
C GLY F 146 1.74 -7.63 2.97
N LEU F 147 2.65 -7.22 3.85
CA LEU F 147 2.96 -5.81 3.92
C LEU F 147 3.82 -5.37 2.74
N TYR F 148 4.84 -6.17 2.39
CA TYR F 148 5.77 -5.78 1.34
C TYR F 148 5.07 -5.70 -0.01
N PHE F 149 4.32 -6.76 -0.35
CA PHE F 149 3.45 -6.78 -1.52
C PHE F 149 2.48 -5.61 -1.55
N LEU F 150 2.00 -5.17 -0.39
CA LEU F 150 1.07 -4.06 -0.41
C LEU F 150 1.80 -2.75 -0.63
N PHE F 151 2.98 -2.58 -0.03
CA PHE F 151 3.53 -1.25 0.05
C PHE F 151 4.63 -0.96 -0.96
N TYR F 152 5.20 -1.98 -1.61
CA TYR F 152 5.98 -1.64 -2.80
C TYR F 152 5.07 -1.26 -3.95
N THR F 153 3.88 -1.85 -4.02
CA THR F 153 2.93 -1.54 -5.08
C THR F 153 2.41 -0.11 -4.97
N LEU F 154 1.85 0.23 -3.81
CA LEU F 154 1.12 1.49 -3.67
C LEU F 154 2.06 2.69 -3.72
N ALA F 155 3.25 2.56 -3.12
CA ALA F 155 4.28 3.57 -3.24
C ALA F 155 4.73 3.78 -4.68
N GLY F 156 4.59 2.77 -5.53
CA GLY F 156 4.83 2.99 -6.94
C GLY F 156 3.59 3.48 -7.66
N SER F 157 2.41 3.08 -7.19
CA SER F 157 1.23 3.27 -8.01
C SER F 157 0.48 4.55 -7.70
N LEU F 158 0.62 5.07 -6.52
CA LEU F 158 0.04 6.37 -6.22
C LEU F 158 0.69 7.53 -6.99
N PRO F 159 1.98 7.54 -7.31
CA PRO F 159 2.45 8.51 -8.32
C PRO F 159 1.94 8.25 -9.73
N LEU F 160 1.60 7.01 -10.09
CA LEU F 160 1.00 6.74 -11.39
C LEU F 160 -0.36 7.40 -11.53
N LEU F 161 -1.21 7.24 -10.49
CA LEU F 161 -2.54 7.83 -10.42
C LEU F 161 -2.51 9.32 -10.73
N VAL F 162 -1.65 10.06 -10.01
CA VAL F 162 -1.46 11.49 -10.23
C VAL F 162 -1.05 11.75 -11.67
N ALA F 163 -0.09 10.96 -12.17
CA ALA F 163 0.40 11.10 -13.53
C ALA F 163 -0.70 10.89 -14.54
N LEU F 164 -1.54 9.86 -14.31
CA LEU F 164 -2.63 9.58 -15.24
C LEU F 164 -3.64 10.70 -15.22
N ILE F 165 -3.91 11.26 -14.03
CA ILE F 165 -4.88 12.33 -13.93
C ILE F 165 -4.33 13.57 -14.61
N TYR F 166 -2.99 13.75 -14.56
CA TYR F 166 -2.36 14.85 -15.28
C TYR F 166 -2.56 14.70 -16.78
N ILE F 167 -2.44 13.47 -17.30
CA ILE F 167 -2.68 13.23 -18.71
C ILE F 167 -4.13 13.51 -19.04
N GLN F 168 -5.03 13.16 -18.10
CA GLN F 168 -6.45 13.49 -18.23
C GLN F 168 -6.66 14.99 -18.32
N ASN F 169 -5.85 15.76 -17.60
CA ASN F 169 -5.98 17.20 -17.69
C ASN F 169 -5.26 17.76 -18.90
N THR F 170 -4.30 17.04 -19.47
CA THR F 170 -3.53 17.59 -20.57
C THR F 170 -4.09 17.16 -21.92
N MET F 171 -4.30 15.86 -22.10
CA MET F 171 -4.86 15.35 -23.34
C MET F 171 -6.36 15.49 -23.41
N GLY F 172 -7.04 15.62 -22.27
CA GLY F 172 -8.47 15.59 -22.23
C GLY F 172 -9.07 14.21 -22.14
N SER F 173 -8.29 13.16 -22.39
CA SER F 173 -8.79 11.80 -22.37
C SER F 173 -7.69 10.86 -21.90
N LEU F 174 -8.12 9.74 -21.33
CA LEU F 174 -7.25 8.61 -21.06
C LEU F 174 -7.69 7.36 -21.80
N ASN F 175 -8.62 7.48 -22.75
CA ASN F 175 -8.88 6.41 -23.70
C ASN F 175 -7.61 6.10 -24.47
N PHE F 176 -7.22 4.82 -24.45
CA PHE F 176 -6.04 4.36 -25.17
C PHE F 176 -6.23 4.48 -26.67
N LEU F 177 -7.47 4.32 -27.16
CA LEU F 177 -7.74 4.49 -28.58
C LEU F 177 -7.60 5.95 -29.01
N ILE F 178 -8.07 6.88 -28.18
CA ILE F 178 -7.85 8.30 -28.46
C ILE F 178 -6.36 8.65 -28.33
N LEU F 179 -5.70 8.10 -27.31
CA LEU F 179 -4.29 8.39 -27.09
C LEU F 179 -3.39 7.81 -28.16
N GLN F 180 -3.86 6.81 -28.92
CA GLN F 180 -3.11 6.36 -30.09
C GLN F 180 -3.00 7.44 -31.15
N TYR F 181 -3.99 8.32 -31.26
CA TYR F 181 -3.99 9.36 -32.29
C TYR F 181 -3.66 10.74 -31.77
N TRP F 182 -3.78 10.98 -30.47
CA TRP F 182 -3.51 12.30 -29.92
C TRP F 182 -2.22 12.37 -29.14
N VAL F 183 -1.36 11.34 -29.25
CA VAL F 183 -0.12 11.33 -28.49
C VAL F 183 0.82 12.41 -29.02
N GLN F 184 1.29 13.18 -28.18
CA GLN F 184 2.26 14.22 -28.41
C GLN F 184 3.63 13.75 -27.93
N PRO F 185 4.70 14.21 -28.57
CA PRO F 185 6.04 13.81 -28.12
C PRO F 185 6.39 14.40 -26.77
N MET F 186 7.08 13.61 -25.97
CA MET F 186 7.44 14.02 -24.61
C MET F 186 8.90 14.44 -24.59
N PRO F 187 9.20 15.73 -24.58
CA PRO F 187 10.59 16.18 -24.73
C PRO F 187 11.39 16.00 -23.45
N ASN F 188 12.68 16.29 -23.56
CA ASN F 188 13.60 16.23 -22.43
C ASN F 188 13.38 17.43 -21.51
N SER F 189 12.93 17.15 -20.29
CA SER F 189 12.83 18.15 -19.23
C SER F 189 12.79 17.39 -17.92
N TRP F 190 12.88 18.12 -16.81
CA TRP F 190 12.79 17.49 -15.50
C TRP F 190 11.35 17.11 -15.19
N SER F 191 10.41 17.96 -15.62
CA SER F 191 8.99 17.68 -15.46
C SER F 191 8.59 16.40 -16.18
N ASN F 192 9.08 16.23 -17.41
CA ASN F 192 8.81 15.00 -18.15
C ASN F 192 9.64 13.83 -17.63
N THR F 193 10.76 14.09 -16.97
CA THR F 193 11.52 13.02 -16.32
C THR F 193 10.74 12.39 -15.17
N PHE F 194 10.19 13.23 -14.29
CA PHE F 194 9.38 12.67 -13.22
C PHE F 194 8.00 12.23 -13.70
N MET F 195 7.53 12.78 -14.82
CA MET F 195 6.38 12.21 -15.51
C MET F 195 6.66 10.79 -15.95
N TRP F 196 7.86 10.54 -16.50
CA TRP F 196 8.26 9.22 -16.94
C TRP F 196 8.34 8.25 -15.78
N LEU F 197 8.99 8.67 -14.69
CA LEU F 197 9.08 7.82 -13.49
C LEU F 197 7.72 7.52 -12.89
N ALA F 198 6.83 8.50 -12.83
CA ALA F 198 5.49 8.24 -12.30
C ALA F 198 4.70 7.32 -13.22
N CYS F 199 4.92 7.39 -14.53
CA CYS F 199 4.25 6.47 -15.43
C CYS F 199 4.84 5.06 -15.37
N MET F 200 6.12 4.92 -15.01
CA MET F 200 6.79 3.64 -15.17
C MET F 200 7.05 2.85 -13.90
N MET F 201 7.18 3.50 -12.74
CA MET F 201 7.72 2.80 -11.57
C MET F 201 6.72 1.84 -10.92
N ALA F 202 5.42 2.08 -11.06
CA ALA F 202 4.44 1.10 -10.57
C ALA F 202 4.55 -0.20 -11.34
N PHE F 203 4.73 -0.10 -12.65
CA PHE F 203 4.89 -1.32 -13.44
C PHE F 203 6.26 -1.92 -13.24
N MET F 204 7.28 -1.10 -12.97
CA MET F 204 8.60 -1.61 -12.60
C MET F 204 8.54 -2.41 -11.31
N VAL F 205 7.72 -1.99 -10.35
CA VAL F 205 7.53 -2.77 -9.14
C VAL F 205 6.78 -4.05 -9.44
N LYS F 206 5.79 -3.99 -10.33
CA LYS F 206 4.97 -5.17 -10.62
C LYS F 206 5.72 -6.25 -11.39
N MET F 207 6.75 -5.88 -12.15
CA MET F 207 7.39 -6.83 -13.06
C MET F 207 8.08 -8.01 -12.35
N PRO F 208 8.97 -7.82 -11.36
CA PRO F 208 9.57 -6.67 -10.68
C PRO F 208 10.89 -6.25 -11.32
N LEU F 209 11.20 -4.97 -11.21
CA LEU F 209 12.55 -4.52 -11.51
C LEU F 209 13.50 -5.09 -10.47
N TYR F 210 14.70 -5.44 -10.90
CA TYR F 210 15.76 -5.77 -9.96
C TYR F 210 16.10 -4.57 -9.10
N GLY F 211 16.26 -4.81 -7.81
CA GLY F 211 16.39 -3.77 -6.82
C GLY F 211 15.08 -3.35 -6.20
N LEU F 212 13.97 -3.51 -6.93
CA LEU F 212 12.63 -3.35 -6.39
C LEU F 212 11.94 -4.67 -6.19
N HIS F 213 12.66 -5.78 -6.30
CA HIS F 213 12.07 -7.09 -6.43
C HIS F 213 11.80 -7.77 -5.10
N LEU F 214 12.14 -7.12 -3.98
CA LEU F 214 12.25 -7.80 -2.69
C LEU F 214 10.92 -8.29 -2.15
N TRP F 215 9.81 -7.69 -2.60
CA TRP F 215 8.49 -8.16 -2.19
C TRP F 215 8.19 -9.55 -2.75
N LEU F 216 8.79 -9.90 -3.89
CA LEU F 216 8.41 -11.14 -4.57
C LEU F 216 8.90 -12.41 -3.88
N PRO F 217 10.17 -12.55 -3.46
CA PRO F 217 10.53 -13.81 -2.78
C PRO F 217 9.99 -13.94 -1.36
N LYS F 218 9.19 -12.99 -0.88
CA LYS F 218 8.34 -13.19 0.26
C LYS F 218 6.90 -13.44 -0.14
N ALA F 219 6.38 -12.70 -1.12
CA ALA F 219 4.98 -12.82 -1.48
C ALA F 219 4.70 -14.12 -2.22
N HIS F 220 5.59 -14.55 -3.11
CA HIS F 220 5.32 -15.79 -3.83
C HIS F 220 5.66 -16.99 -2.99
N VAL F 221 6.57 -16.84 -2.03
CA VAL F 221 6.99 -17.96 -1.21
C VAL F 221 5.99 -18.21 -0.09
N GLU F 222 5.52 -17.15 0.57
CA GLU F 222 4.65 -17.33 1.71
C GLU F 222 3.20 -17.55 1.32
N ALA F 223 2.86 -17.36 0.04
CA ALA F 223 1.49 -17.52 -0.42
C ALA F 223 1.10 -18.99 -0.38
N PRO F 224 -0.21 -19.29 -0.37
CA PRO F 224 -0.63 -20.65 -0.74
C PRO F 224 -0.43 -20.90 -2.21
N ILE F 225 -0.75 -22.10 -2.69
CA ILE F 225 -0.36 -22.51 -4.03
C ILE F 225 -1.12 -21.71 -5.10
N ALA F 226 -2.41 -21.46 -4.90
CA ALA F 226 -3.17 -20.66 -5.87
C ALA F 226 -2.70 -19.22 -5.87
N GLY F 227 -2.30 -18.71 -4.70
CA GLY F 227 -1.70 -17.39 -4.62
C GLY F 227 -0.42 -17.28 -5.42
N SER F 228 0.47 -18.27 -5.28
CA SER F 228 1.73 -18.26 -6.02
C SER F 228 1.51 -18.43 -7.51
N MET F 229 0.53 -19.26 -7.89
CA MET F 229 0.19 -19.45 -9.30
C MET F 229 -0.28 -18.16 -9.95
N VAL F 230 -1.19 -17.43 -9.28
CA VAL F 230 -1.69 -16.20 -9.89
C VAL F 230 -0.66 -15.08 -9.78
N LEU F 231 0.18 -15.08 -8.75
CA LEU F 231 1.20 -14.04 -8.61
C LEU F 231 2.27 -14.18 -9.67
N ALA F 232 2.76 -15.39 -9.90
CA ALA F 232 3.80 -15.57 -10.91
C ALA F 232 3.22 -15.55 -12.31
N ALA F 233 2.04 -16.12 -12.51
CA ALA F 233 1.56 -16.31 -13.86
C ALA F 233 0.86 -15.09 -14.43
N ILE F 234 0.19 -14.28 -13.61
CA ILE F 234 -0.67 -13.21 -14.11
C ILE F 234 -0.24 -11.85 -13.58
N LEU F 235 -0.06 -11.73 -12.26
CA LEU F 235 0.09 -10.42 -11.65
C LEU F 235 1.43 -9.76 -11.96
N LEU F 236 2.47 -10.53 -12.27
CA LEU F 236 3.70 -9.95 -12.78
C LEU F 236 3.49 -9.30 -14.14
N LYS F 237 2.54 -9.82 -14.90
CA LYS F 237 2.31 -9.43 -16.27
C LYS F 237 1.41 -8.22 -16.38
N LEU F 238 0.77 -7.83 -15.28
CA LEU F 238 0.14 -6.52 -15.19
C LEU F 238 1.15 -5.41 -15.41
N GLY F 239 2.36 -5.57 -14.87
CA GLY F 239 3.41 -4.60 -15.10
C GLY F 239 3.85 -4.51 -16.55
N GLY F 240 4.01 -5.66 -17.22
CA GLY F 240 4.41 -5.66 -18.61
C GLY F 240 3.35 -5.14 -19.54
N TYR F 241 2.10 -5.54 -19.30
CA TYR F 241 0.95 -4.99 -20.02
C TYR F 241 0.86 -3.48 -19.84
N GLY F 242 1.02 -3.01 -18.61
CA GLY F 242 0.88 -1.59 -18.34
C GLY F 242 2.01 -0.78 -18.94
N MET F 243 3.23 -1.33 -18.97
CA MET F 243 4.33 -0.68 -19.68
C MET F 243 4.06 -0.60 -21.18
N MET F 244 3.64 -1.71 -21.79
CA MET F 244 3.36 -1.72 -23.21
C MET F 244 2.23 -0.77 -23.59
N ARG F 245 1.28 -0.52 -22.69
CA ARG F 245 0.31 0.53 -22.97
C ARG F 245 0.88 1.92 -22.72
N ILE F 246 1.64 2.11 -21.63
CA ILE F 246 1.96 3.45 -21.18
C ILE F 246 3.14 4.06 -21.94
N THR F 247 3.98 3.24 -22.57
CA THR F 247 5.14 3.78 -23.30
C THR F 247 4.78 4.39 -24.64
N LEU F 248 3.52 4.28 -25.06
CA LEU F 248 3.01 5.10 -26.14
C LEU F 248 3.18 6.58 -25.85
N LEU F 249 2.88 7.00 -24.62
CA LEU F 249 2.85 8.39 -24.23
C LEU F 249 4.23 8.94 -23.84
N LEU F 250 5.26 8.11 -23.80
CA LEU F 250 6.53 8.47 -23.20
C LEU F 250 7.65 8.61 -24.23
N ASN F 251 7.33 8.81 -25.43
CA ASN F 251 8.36 9.00 -26.45
C ASN F 251 8.59 10.49 -26.70
N PRO F 252 9.82 10.91 -27.00
CA PRO F 252 11.07 10.16 -27.13
C PRO F 252 11.93 10.12 -25.87
N ILE F 253 11.37 10.44 -24.70
CA ILE F 253 12.20 10.58 -23.51
C ILE F 253 12.68 9.22 -23.01
N THR F 254 11.90 8.15 -23.30
CA THR F 254 12.23 6.77 -22.97
C THR F 254 13.61 6.36 -23.48
N ASP F 255 13.99 6.88 -24.65
CA ASP F 255 15.27 6.56 -25.29
C ASP F 255 16.48 6.91 -24.44
N PHE F 256 16.35 7.77 -23.43
CA PHE F 256 17.41 7.84 -22.43
C PHE F 256 16.92 7.59 -21.01
N MET F 257 15.61 7.53 -20.79
CA MET F 257 15.17 7.17 -19.45
C MET F 257 15.28 5.69 -19.20
N ALA F 258 15.34 4.89 -20.26
CA ALA F 258 15.40 3.45 -20.10
C ALA F 258 16.79 2.96 -19.70
N TYR F 259 17.85 3.74 -19.99
CA TYR F 259 19.23 3.34 -19.73
C TYR F 259 19.54 2.85 -18.32
N PRO F 260 19.11 3.49 -17.22
CA PRO F 260 19.40 2.87 -15.91
C PRO F 260 18.67 1.56 -15.69
N PHE F 261 17.38 1.54 -16.05
CA PHE F 261 16.51 0.40 -15.78
C PHE F 261 16.94 -0.82 -16.58
N ILE F 262 17.30 -0.60 -17.86
CA ILE F 262 17.91 -1.63 -18.69
C ILE F 262 19.15 -2.21 -18.04
N MET F 263 20.00 -1.35 -17.46
CA MET F 263 21.18 -1.84 -16.73
C MET F 263 20.75 -2.68 -15.54
N LEU F 264 19.78 -2.16 -14.77
CA LEU F 264 19.22 -2.88 -13.64
C LEU F 264 18.58 -4.18 -14.06
N SER F 265 18.07 -4.25 -15.29
CA SER F 265 17.54 -5.52 -15.68
C SER F 265 18.63 -6.43 -16.24
N LEU F 266 19.56 -5.88 -17.03
CA LEU F 266 20.52 -6.75 -17.70
C LEU F 266 21.51 -7.34 -16.73
N TRP F 267 21.91 -6.57 -15.73
CA TRP F 267 22.70 -7.14 -14.67
C TRP F 267 21.85 -7.90 -13.67
N GLY F 268 20.58 -7.51 -13.54
CA GLY F 268 19.73 -8.12 -12.53
C GLY F 268 19.39 -9.56 -12.86
N MET F 269 19.16 -9.84 -14.14
CA MET F 269 18.98 -11.22 -14.56
C MET F 269 20.26 -12.03 -14.42
N ILE F 270 21.42 -11.39 -14.38
CA ILE F 270 22.63 -12.13 -14.05
C ILE F 270 22.66 -12.43 -12.56
N MET F 271 22.15 -11.50 -11.75
CA MET F 271 22.23 -11.67 -10.30
C MET F 271 21.23 -12.69 -9.81
N THR F 272 19.95 -12.52 -10.15
CA THR F 272 18.89 -13.34 -9.59
C THR F 272 18.99 -14.78 -10.08
N SER F 273 19.38 -14.99 -11.35
CA SER F 273 19.68 -16.33 -11.83
C SER F 273 20.80 -16.97 -11.05
N SER F 274 21.85 -16.19 -10.75
CA SER F 274 22.94 -16.69 -9.91
C SER F 274 22.44 -17.01 -8.51
N ILE F 275 21.48 -16.22 -8.02
CA ILE F 275 20.87 -16.47 -6.72
C ILE F 275 20.18 -17.82 -6.72
N CYS F 276 19.60 -18.21 -7.85
CA CYS F 276 18.94 -19.51 -7.97
C CYS F 276 19.92 -20.66 -7.83
N LEU F 277 21.21 -20.45 -8.10
CA LEU F 277 22.20 -21.50 -7.89
C LEU F 277 22.43 -21.80 -6.42
N ARG F 278 22.13 -20.86 -5.52
CA ARG F 278 22.41 -21.08 -4.10
C ARG F 278 21.16 -21.01 -3.25
N GLN F 279 19.98 -21.19 -3.83
CA GLN F 279 18.76 -21.22 -3.04
C GLN F 279 18.57 -22.59 -2.39
N THR F 280 18.29 -22.58 -1.10
CA THR F 280 17.98 -23.79 -0.38
C THR F 280 16.48 -24.06 -0.34
N ASP F 281 15.68 -23.02 -0.47
CA ASP F 281 14.24 -23.12 -0.55
C ASP F 281 13.88 -23.25 -2.02
N LEU F 282 13.15 -24.31 -2.37
CA LEU F 282 12.81 -24.56 -3.77
C LEU F 282 11.84 -23.51 -4.31
N LYS F 283 10.88 -23.12 -3.48
CA LYS F 283 9.87 -22.15 -3.91
C LYS F 283 10.49 -20.75 -4.05
N SER F 284 11.50 -20.46 -3.23
CA SER F 284 12.27 -19.23 -3.40
C SER F 284 13.09 -19.25 -4.68
N LEU F 285 13.62 -20.41 -5.05
CA LEU F 285 14.35 -20.56 -6.31
C LEU F 285 13.43 -20.28 -7.50
N ILE F 286 12.21 -20.80 -7.46
CA ILE F 286 11.25 -20.55 -8.54
C ILE F 286 10.86 -19.08 -8.60
N ALA F 287 10.76 -18.43 -7.44
CA ALA F 287 10.46 -17.00 -7.38
C ALA F 287 11.59 -16.15 -7.98
N TYR F 288 12.84 -16.44 -7.61
CA TYR F 288 13.96 -15.71 -8.17
C TYR F 288 14.13 -15.98 -9.67
N SER F 289 13.78 -17.18 -10.13
CA SER F 289 13.76 -17.43 -11.57
C SER F 289 12.70 -16.59 -12.26
N SER F 290 11.58 -16.31 -11.60
CA SER F 290 10.60 -15.40 -12.17
C SER F 290 11.12 -13.98 -12.29
N VAL F 291 11.90 -13.53 -11.30
CA VAL F 291 12.51 -12.19 -11.39
C VAL F 291 13.49 -12.15 -12.57
N SER F 292 14.26 -13.22 -12.74
CA SER F 292 15.22 -13.28 -13.83
C SER F 292 14.55 -13.32 -15.19
N HIS F 293 13.43 -14.03 -15.32
CA HIS F 293 12.73 -14.07 -16.61
C HIS F 293 12.04 -12.75 -16.91
N MET F 294 11.48 -12.10 -15.90
CA MET F 294 10.82 -10.83 -16.15
C MET F 294 11.79 -9.69 -16.41
N ALA F 295 13.08 -9.86 -16.05
CA ALA F 295 14.09 -8.87 -16.43
C ALA F 295 14.21 -8.75 -17.96
N LEU F 296 14.09 -9.86 -18.68
CA LEU F 296 14.10 -9.81 -20.14
C LEU F 296 12.90 -9.06 -20.69
N VAL F 297 11.74 -9.24 -20.07
CA VAL F 297 10.54 -8.54 -20.52
C VAL F 297 10.68 -7.04 -20.28
N ILE F 298 11.34 -6.66 -19.18
CA ILE F 298 11.61 -5.24 -18.92
C ILE F 298 12.52 -4.66 -20.00
N VAL F 299 13.63 -5.35 -20.31
CA VAL F 299 14.55 -4.88 -21.35
C VAL F 299 13.85 -4.77 -22.70
N ALA F 300 13.06 -5.78 -23.05
CA ALA F 300 12.36 -5.81 -24.32
C ALA F 300 11.32 -4.72 -24.43
N ILE F 301 10.65 -4.38 -23.34
CA ILE F 301 9.68 -3.30 -23.44
C ILE F 301 10.39 -1.95 -23.51
N LEU F 302 11.52 -1.80 -22.80
CA LEU F 302 12.22 -0.52 -22.80
C LEU F 302 12.93 -0.24 -24.12
N ILE F 303 13.39 -1.27 -24.84
CA ILE F 303 14.04 -0.96 -26.12
C ILE F 303 13.04 -0.78 -27.24
N GLN F 304 11.78 -1.19 -27.02
CA GLN F 304 10.57 -0.88 -27.80
C GLN F 304 10.74 -1.01 -29.32
N THR F 305 11.12 -2.20 -29.75
CA THR F 305 11.14 -2.59 -31.14
C THR F 305 10.03 -3.61 -31.38
N PRO F 306 9.67 -3.88 -32.66
CA PRO F 306 8.66 -4.94 -32.90
C PRO F 306 9.07 -6.31 -32.43
N TRP F 307 10.32 -6.71 -32.68
CA TRP F 307 10.83 -7.99 -32.23
C TRP F 307 10.86 -8.09 -30.72
N SER F 308 11.15 -6.98 -30.04
CA SER F 308 11.22 -7.03 -28.58
C SER F 308 9.83 -7.10 -27.97
N TYR F 309 8.84 -6.44 -28.54
CA TYR F 309 7.49 -6.57 -28.00
C TYR F 309 6.91 -7.94 -28.27
N MET F 310 7.19 -8.51 -29.45
CA MET F 310 6.74 -9.86 -29.74
C MET F 310 7.39 -10.89 -28.81
N GLY F 311 8.70 -10.76 -28.60
CA GLY F 311 9.38 -11.63 -27.66
C GLY F 311 8.91 -11.45 -26.24
N ALA F 312 8.59 -10.22 -25.85
CA ALA F 312 8.18 -9.97 -24.47
C ALA F 312 6.80 -10.52 -24.18
N THR F 313 5.85 -10.42 -25.12
CA THR F 313 4.54 -11.01 -24.84
C THR F 313 4.57 -12.53 -24.94
N ALA F 314 5.38 -13.10 -25.85
CA ALA F 314 5.54 -14.55 -25.89
C ALA F 314 6.18 -15.05 -24.60
N LEU F 315 7.15 -14.30 -24.08
CA LEU F 315 7.85 -14.71 -22.87
C LEU F 315 6.96 -14.53 -21.65
N MET F 316 6.05 -13.55 -21.67
CA MET F 316 5.10 -13.41 -20.58
C MET F 316 4.11 -14.57 -20.51
N ILE F 317 3.56 -14.99 -21.66
CA ILE F 317 2.64 -16.14 -21.67
C ILE F 317 3.37 -17.43 -21.27
N ALA F 318 4.55 -17.64 -21.85
CA ALA F 318 5.33 -18.84 -21.60
C ALA F 318 5.78 -18.94 -20.16
N HIS F 319 6.24 -17.81 -19.59
CA HIS F 319 6.63 -17.80 -18.21
C HIS F 319 5.45 -18.00 -17.27
N GLY F 320 4.27 -17.50 -17.66
CA GLY F 320 3.08 -17.74 -16.87
C GLY F 320 2.80 -19.22 -16.70
N LEU F 321 2.77 -19.94 -17.83
CA LEU F 321 2.53 -21.38 -17.77
C LEU F 321 3.65 -22.13 -17.05
N THR F 322 4.91 -21.78 -17.34
CA THR F 322 6.03 -22.54 -16.79
C THR F 322 6.20 -22.31 -15.29
N SER F 323 6.13 -21.05 -14.85
CA SER F 323 6.29 -20.75 -13.43
C SER F 323 5.11 -21.26 -12.62
N SER F 324 3.89 -21.23 -13.18
CA SER F 324 2.76 -21.79 -12.47
C SER F 324 2.91 -23.30 -12.30
N MET F 325 3.41 -23.98 -13.34
CA MET F 325 3.65 -25.42 -13.25
C MET F 325 4.75 -25.75 -12.24
N LEU F 326 5.82 -24.93 -12.21
CA LEU F 326 6.91 -25.18 -11.28
C LEU F 326 6.50 -24.99 -9.84
N PHE F 327 5.66 -23.98 -9.56
CA PHE F 327 5.12 -23.84 -8.22
C PHE F 327 4.20 -25.00 -7.86
N CYS F 328 3.44 -25.53 -8.82
CA CYS F 328 2.59 -26.67 -8.53
C CYS F 328 3.39 -27.95 -8.27
N LEU F 329 4.51 -28.14 -8.98
CA LEU F 329 5.39 -29.27 -8.73
C LEU F 329 6.05 -29.19 -7.35
N ALA F 330 6.56 -28.00 -7.00
CA ALA F 330 7.12 -27.79 -5.68
C ALA F 330 6.08 -27.96 -4.58
N ASN F 331 4.82 -27.58 -4.86
CA ASN F 331 3.77 -27.82 -3.91
C ASN F 331 3.43 -29.30 -3.78
N SER F 332 3.52 -30.05 -4.87
CA SER F 332 3.24 -31.48 -4.78
C SER F 332 4.29 -32.19 -3.93
N ASN F 333 5.52 -31.69 -3.92
CA ASN F 333 6.47 -32.23 -2.95
C ASN F 333 6.27 -31.68 -1.54
N TYR F 334 5.82 -30.43 -1.42
CA TYR F 334 5.55 -29.86 -0.10
C TYR F 334 4.37 -30.55 0.57
N GLU F 335 3.38 -30.99 -0.18
CA GLU F 335 2.24 -31.65 0.42
C GLU F 335 2.53 -33.07 0.85
N ARG F 336 3.74 -33.56 0.59
CA ARG F 336 4.22 -34.83 1.11
C ARG F 336 5.23 -34.67 2.23
N VAL F 337 6.23 -33.79 2.08
CA VAL F 337 7.28 -33.71 3.09
C VAL F 337 7.12 -32.54 4.06
N HIS F 338 6.21 -31.61 3.76
CA HIS F 338 5.86 -30.47 4.62
C HIS F 338 7.04 -29.58 4.94
N SER F 339 7.94 -29.45 3.97
CA SER F 339 9.05 -28.53 4.03
C SER F 339 9.40 -28.11 2.62
N ARG F 340 9.77 -26.84 2.46
CA ARG F 340 10.16 -26.33 1.16
C ARG F 340 11.66 -26.40 0.93
N THR F 341 12.39 -27.06 1.83
CA THR F 341 13.83 -27.22 1.66
C THR F 341 14.09 -28.20 0.51
N MET F 342 14.88 -27.74 -0.46
CA MET F 342 15.03 -28.49 -1.70
C MET F 342 15.94 -29.70 -1.53
N ILE F 343 16.93 -29.62 -0.65
CA ILE F 343 17.85 -30.73 -0.40
C ILE F 343 17.25 -31.83 0.46
N LEU F 344 16.05 -31.62 1.01
CA LEU F 344 15.47 -32.58 1.95
C LEU F 344 15.04 -33.87 1.25
N ALA F 345 14.07 -33.77 0.35
CA ALA F 345 13.53 -34.93 -0.36
C ALA F 345 14.25 -35.07 -1.69
N ARG F 346 15.11 -36.06 -1.80
CA ARG F 346 15.94 -36.29 -2.96
C ARG F 346 15.53 -37.60 -3.61
N GLY F 347 16.09 -37.84 -4.80
CA GLY F 347 15.92 -39.12 -5.49
C GLY F 347 14.50 -39.46 -5.85
N LEU F 348 13.66 -38.47 -6.11
CA LEU F 348 12.23 -38.68 -6.26
C LEU F 348 11.83 -39.34 -7.56
N GLN F 349 12.73 -39.41 -8.54
CA GLN F 349 12.44 -40.16 -9.76
C GLN F 349 12.37 -41.66 -9.49
N THR F 350 13.09 -42.15 -8.48
CA THR F 350 12.97 -43.56 -8.11
C THR F 350 11.62 -43.87 -7.52
N LEU F 351 10.99 -42.89 -6.87
CA LEU F 351 9.72 -43.06 -6.18
C LEU F 351 8.54 -42.60 -7.01
N LEU F 352 8.69 -41.51 -7.76
CA LEU F 352 7.61 -40.84 -8.49
C LEU F 352 8.07 -40.56 -9.92
N PRO F 353 8.00 -41.56 -10.80
CA PRO F 353 8.62 -41.39 -12.15
C PRO F 353 7.84 -40.49 -13.10
N LEU F 354 6.51 -40.55 -13.10
CA LEU F 354 5.75 -39.69 -14.00
C LEU F 354 5.79 -38.23 -13.55
N MET F 355 5.78 -38.00 -12.24
CA MET F 355 5.97 -36.65 -11.75
C MET F 355 7.38 -36.16 -12.04
N ALA F 356 8.36 -37.07 -12.08
CA ALA F 356 9.70 -36.72 -12.51
C ALA F 356 9.73 -36.34 -13.99
N ALA F 357 8.89 -36.98 -14.82
CA ALA F 357 8.77 -36.54 -16.21
C ALA F 357 8.15 -35.15 -16.30
N TRP F 358 7.21 -34.83 -15.41
CA TRP F 358 6.67 -33.46 -15.39
C TRP F 358 7.73 -32.45 -14.94
N TRP F 359 8.54 -32.81 -13.95
CA TRP F 359 9.67 -31.99 -13.54
C TRP F 359 10.64 -31.77 -14.69
N LEU F 360 10.91 -32.82 -15.46
CA LEU F 360 11.79 -32.72 -16.61
C LEU F 360 11.24 -31.75 -17.66
N LEU F 361 9.96 -31.89 -18.00
CA LEU F 361 9.39 -31.02 -19.03
C LEU F 361 9.31 -29.57 -18.57
N ALA F 362 8.97 -29.34 -17.30
CA ALA F 362 8.94 -27.98 -16.78
C ALA F 362 10.34 -27.37 -16.68
N SER F 363 11.35 -28.19 -16.37
CA SER F 363 12.72 -27.69 -16.37
C SER F 363 13.19 -27.35 -17.77
N LEU F 364 12.85 -28.19 -18.76
CA LEU F 364 13.22 -27.94 -20.15
C LEU F 364 12.56 -26.69 -20.68
N THR F 365 11.30 -26.45 -20.32
CA THR F 365 10.68 -25.20 -20.72
C THR F 365 11.24 -24.01 -19.94
N ASN F 366 11.68 -24.22 -18.69
CA ASN F 366 12.29 -23.13 -17.93
C ASN F 366 13.61 -22.68 -18.57
N LEU F 367 14.43 -23.61 -19.04
CA LEU F 367 15.68 -23.27 -19.69
C LEU F 367 15.51 -22.94 -21.17
N ALA F 368 14.27 -22.78 -21.63
CA ALA F 368 13.91 -22.34 -22.98
C ALA F 368 14.45 -23.29 -24.04
N LEU F 369 14.01 -24.53 -23.95
CA LEU F 369 14.34 -25.51 -24.97
C LEU F 369 13.53 -25.24 -26.24
N PRO F 370 14.17 -25.13 -27.40
CA PRO F 370 13.40 -24.97 -28.63
C PRO F 370 12.66 -26.23 -29.00
N PRO F 371 11.52 -26.13 -29.70
CA PRO F 371 10.85 -24.88 -30.09
C PRO F 371 9.77 -24.38 -29.13
N SER F 372 9.99 -24.39 -27.82
CA SER F 372 8.97 -23.93 -26.92
C SER F 372 8.80 -22.42 -27.02
N ILE F 373 7.62 -21.93 -26.65
CA ILE F 373 7.35 -20.50 -26.70
C ILE F 373 8.19 -19.74 -25.68
N ASN F 374 8.68 -20.44 -24.64
CA ASN F 374 9.76 -19.93 -23.80
C ASN F 374 10.99 -19.56 -24.63
N LEU F 375 11.42 -20.46 -25.50
CA LEU F 375 12.55 -20.14 -26.37
C LEU F 375 12.18 -19.11 -27.42
N ILE F 376 10.94 -19.10 -27.92
CA ILE F 376 10.55 -18.11 -28.92
C ILE F 376 10.62 -16.70 -28.33
N GLY F 377 10.08 -16.52 -27.13
CA GLY F 377 10.15 -15.22 -26.48
C GLY F 377 11.56 -14.84 -26.09
N GLU F 378 12.29 -15.77 -25.45
CA GLU F 378 13.70 -15.61 -25.12
C GLU F 378 14.52 -15.18 -26.32
N LEU F 379 14.43 -15.94 -27.41
CA LEU F 379 15.24 -15.72 -28.60
C LEU F 379 14.90 -14.41 -29.27
N PHE F 380 13.61 -14.04 -29.34
CA PHE F 380 13.24 -12.81 -30.03
C PHE F 380 13.70 -11.59 -29.23
N VAL F 381 13.66 -11.68 -27.91
CA VAL F 381 14.21 -10.61 -27.07
C VAL F 381 15.72 -10.52 -27.26
N VAL F 382 16.40 -11.66 -27.39
CA VAL F 382 17.85 -11.66 -27.59
C VAL F 382 18.22 -11.05 -28.95
N MET F 383 17.43 -11.32 -29.98
CA MET F 383 17.64 -10.70 -31.30
C MET F 383 17.52 -9.18 -31.23
N SER F 384 16.45 -8.71 -30.58
CA SER F 384 16.23 -7.28 -30.51
C SER F 384 17.26 -6.58 -29.63
N THR F 385 17.71 -7.23 -28.56
CA THR F 385 18.73 -6.60 -27.72
C THR F 385 20.10 -6.65 -28.36
N PHE F 386 20.37 -7.64 -29.22
CA PHE F 386 21.58 -7.61 -30.00
C PHE F 386 21.56 -6.46 -30.99
N SER F 387 20.41 -6.18 -31.59
CA SER F 387 20.30 -5.03 -32.47
C SER F 387 20.41 -3.71 -31.71
N TRP F 388 19.95 -3.69 -30.46
CA TRP F 388 20.08 -2.52 -29.59
C TRP F 388 21.55 -2.20 -29.32
N SER F 389 22.30 -3.21 -28.89
CA SER F 389 23.74 -3.11 -28.72
C SER F 389 24.31 -4.52 -28.81
N ASN F 390 25.35 -4.72 -29.61
CA ASN F 390 25.87 -6.06 -29.85
C ASN F 390 26.52 -6.68 -28.62
N ILE F 391 26.90 -5.87 -27.63
CA ILE F 391 27.58 -6.38 -26.46
C ILE F 391 26.62 -7.11 -25.52
N THR F 392 25.31 -6.82 -25.60
CA THR F 392 24.32 -7.42 -24.70
C THR F 392 24.25 -8.92 -24.77
N ILE F 393 24.67 -9.52 -25.91
CA ILE F 393 24.71 -10.96 -26.11
C ILE F 393 25.54 -11.64 -25.03
N ILE F 394 26.59 -10.96 -24.54
CA ILE F 394 27.39 -11.43 -23.40
C ILE F 394 26.49 -11.65 -22.20
N LEU F 395 25.83 -10.58 -21.74
CA LEU F 395 24.91 -10.70 -20.63
C LEU F 395 23.69 -11.52 -20.98
N MET F 396 23.34 -11.62 -22.27
CA MET F 396 22.27 -12.53 -22.63
C MET F 396 22.75 -13.96 -22.54
N GLY F 397 23.91 -14.25 -23.16
CA GLY F 397 24.30 -15.63 -23.34
C GLY F 397 24.72 -16.28 -22.04
N LEU F 398 25.43 -15.51 -21.21
CA LEU F 398 25.81 -15.93 -19.88
C LEU F 398 24.57 -16.24 -19.04
N ASN F 399 23.50 -15.46 -19.22
CA ASN F 399 22.23 -15.73 -18.54
C ASN F 399 21.69 -17.08 -18.94
N MET F 400 21.74 -17.40 -20.24
CA MET F 400 21.26 -18.69 -20.72
C MET F 400 22.15 -19.84 -20.25
N VAL F 401 23.40 -19.57 -19.88
CA VAL F 401 24.17 -20.61 -19.22
C VAL F 401 23.61 -20.85 -17.82
N ILE F 402 23.45 -19.78 -17.05
CA ILE F 402 23.07 -19.90 -15.65
C ILE F 402 21.65 -20.39 -15.53
N THR F 403 20.78 -19.98 -16.46
CA THR F 403 19.41 -20.46 -16.50
C THR F 403 19.35 -21.96 -16.71
N ALA F 404 20.23 -22.49 -17.56
CA ALA F 404 20.32 -23.94 -17.68
C ALA F 404 20.82 -24.55 -16.38
N LEU F 405 21.81 -23.90 -15.76
CA LEU F 405 22.46 -24.46 -14.58
C LEU F 405 21.53 -24.54 -13.38
N TYR F 406 20.72 -23.51 -13.15
CA TYR F 406 19.81 -23.68 -12.03
C TYR F 406 18.60 -24.53 -12.39
N SER F 407 18.27 -24.68 -13.67
CA SER F 407 17.08 -25.45 -13.99
C SER F 407 17.34 -26.92 -13.78
N LEU F 408 18.51 -27.39 -14.16
CA LEU F 408 18.83 -28.80 -14.04
C LEU F 408 19.27 -29.17 -12.64
N TYR F 409 19.95 -28.25 -11.94
CA TYR F 409 20.29 -28.43 -10.54
C TYR F 409 19.06 -28.69 -9.69
N MET F 410 18.02 -27.88 -9.86
CA MET F 410 16.69 -28.15 -9.31
C MET F 410 16.19 -29.53 -9.70
N LEU F 411 16.39 -29.90 -10.97
CA LEU F 411 16.01 -31.23 -11.41
C LEU F 411 16.95 -32.31 -10.86
N ILE F 412 18.22 -31.99 -10.63
CA ILE F 412 19.12 -33.04 -10.15
C ILE F 412 18.96 -33.25 -8.66
N THR F 413 18.73 -32.16 -7.91
CA THR F 413 18.61 -32.24 -6.46
C THR F 413 17.35 -32.98 -6.04
N THR F 414 16.21 -32.62 -6.61
CA THR F 414 14.95 -33.19 -6.15
C THR F 414 14.69 -34.55 -6.77
N GLN F 415 15.02 -34.75 -8.04
CA GLN F 415 14.62 -35.98 -8.70
C GLN F 415 15.71 -37.04 -8.71
N ARG F 416 16.97 -36.67 -8.66
CA ARG F 416 18.04 -37.61 -8.91
C ARG F 416 18.88 -37.82 -7.67
N GLY F 417 19.86 -38.70 -7.79
CA GLY F 417 20.62 -39.13 -6.66
C GLY F 417 19.88 -40.21 -5.88
N LYS F 418 20.35 -40.43 -4.67
CA LYS F 418 19.73 -41.40 -3.78
C LYS F 418 18.58 -40.76 -3.04
N HIS F 419 17.49 -41.51 -2.88
CA HIS F 419 16.36 -41.05 -2.08
C HIS F 419 16.76 -40.90 -0.62
N THR F 420 16.11 -39.99 0.07
CA THR F 420 16.33 -39.82 1.50
C THR F 420 15.75 -41.01 2.24
N HIS F 421 16.54 -41.62 3.12
CA HIS F 421 16.17 -42.88 3.75
C HIS F 421 15.01 -42.69 4.73
N HIS F 422 15.09 -41.67 5.57
CA HIS F 422 14.11 -41.53 6.65
C HIS F 422 12.77 -41.00 6.19
N ILE F 423 12.64 -40.53 4.95
CA ILE F 423 11.37 -40.05 4.45
C ILE F 423 10.64 -41.22 3.83
N ASN F 424 9.51 -41.60 4.43
CA ASN F 424 8.75 -42.75 3.96
C ASN F 424 7.28 -42.42 3.69
N ASN F 425 6.92 -41.14 3.60
CA ASN F 425 5.54 -40.76 3.33
C ASN F 425 5.37 -40.24 1.90
N ILE F 426 6.22 -40.67 0.98
CA ILE F 426 6.12 -40.23 -0.40
C ILE F 426 5.03 -41.03 -1.09
N LEU F 427 3.81 -40.48 -1.07
CA LEU F 427 2.67 -41.14 -1.67
C LEU F 427 2.79 -41.14 -3.19
N PRO F 428 2.18 -42.12 -3.86
CA PRO F 428 2.11 -42.08 -5.32
C PRO F 428 1.30 -40.90 -5.80
N SER F 429 1.61 -40.42 -7.00
CA SER F 429 1.05 -39.19 -7.51
C SER F 429 -0.45 -39.34 -7.74
N PHE F 430 -1.21 -38.41 -7.16
CA PHE F 430 -2.64 -38.43 -7.34
C PHE F 430 -3.00 -38.04 -8.76
N THR F 431 -4.20 -38.45 -9.18
CA THR F 431 -4.69 -38.09 -10.51
C THR F 431 -4.89 -36.60 -10.64
N ARG F 432 -5.28 -35.95 -9.55
CA ARG F 432 -5.40 -34.48 -9.51
C ARG F 432 -4.06 -33.80 -9.78
N GLU F 433 -2.98 -34.34 -9.23
CA GLU F 433 -1.66 -33.71 -9.36
C GLU F 433 -1.12 -33.83 -10.77
N ASN F 434 -1.15 -35.04 -11.34
CA ASN F 434 -0.75 -35.24 -12.72
C ASN F 434 -1.65 -34.48 -13.69
N ALA F 435 -2.93 -34.36 -13.36
CA ALA F 435 -3.86 -33.57 -14.16
C ALA F 435 -3.48 -32.10 -14.16
N LEU F 436 -3.14 -31.57 -12.98
CA LEU F 436 -2.69 -30.20 -12.86
C LEU F 436 -1.43 -29.93 -13.67
N MET F 437 -0.48 -30.88 -13.61
CA MET F 437 0.74 -30.74 -14.40
C MET F 437 0.47 -30.79 -15.89
N SER F 438 -0.42 -31.68 -16.33
CA SER F 438 -0.73 -31.78 -17.75
C SER F 438 -1.53 -30.59 -18.24
N LEU F 439 -2.40 -30.02 -17.41
CA LEU F 439 -3.14 -28.84 -17.82
C LEU F 439 -2.26 -27.59 -17.85
N HIS F 440 -1.13 -27.62 -17.16
CA HIS F 440 -0.11 -26.61 -17.47
C HIS F 440 0.65 -26.94 -18.75
N MET F 441 1.15 -28.17 -18.86
CA MET F 441 2.23 -28.45 -19.81
C MET F 441 1.71 -28.72 -21.22
N LEU F 442 0.58 -29.38 -21.37
CA LEU F 442 0.03 -29.64 -22.69
C LEU F 442 -0.38 -28.37 -23.46
N PRO F 443 -1.07 -27.37 -22.87
CA PRO F 443 -1.27 -26.12 -23.65
C PRO F 443 0.01 -25.38 -23.96
N LEU F 444 0.98 -25.42 -23.04
CA LEU F 444 2.28 -24.79 -23.25
C LEU F 444 3.00 -25.39 -24.44
N LEU F 445 2.95 -26.71 -24.59
CA LEU F 445 3.59 -27.35 -25.74
C LEU F 445 2.78 -27.22 -27.00
N LEU F 446 1.45 -27.18 -26.90
CA LEU F 446 0.62 -26.99 -28.09
C LEU F 446 0.74 -25.59 -28.66
N LEU F 447 1.09 -24.60 -27.84
CA LEU F 447 1.30 -23.27 -28.37
C LEU F 447 2.54 -23.16 -29.26
N SER F 448 3.46 -24.13 -29.21
CA SER F 448 4.56 -24.15 -30.17
C SER F 448 4.08 -24.48 -31.58
N LEU F 449 2.96 -25.17 -31.71
CA LEU F 449 2.42 -25.45 -33.04
C LEU F 449 1.91 -24.19 -33.71
N ASN F 450 1.34 -23.27 -32.95
CA ASN F 450 0.75 -22.05 -33.50
C ASN F 450 1.05 -20.88 -32.58
N PRO F 451 2.29 -20.37 -32.59
CA PRO F 451 2.65 -19.33 -31.64
C PRO F 451 2.22 -17.92 -32.02
N LYS F 452 1.61 -17.74 -33.20
CA LYS F 452 1.25 -16.41 -33.65
C LYS F 452 0.17 -15.77 -32.79
N ILE F 453 -0.63 -16.57 -32.10
CA ILE F 453 -1.64 -16.01 -31.20
C ILE F 453 -1.05 -15.50 -29.90
N ILE F 454 0.22 -15.79 -29.60
CA ILE F 454 0.83 -15.24 -28.40
C ILE F 454 1.97 -14.28 -28.73
N LEU F 455 1.98 -13.74 -29.95
CA LEU F 455 3.04 -12.82 -30.35
C LEU F 455 2.63 -11.36 -30.27
N GLY F 456 1.39 -11.07 -29.89
CA GLY F 456 1.03 -9.73 -29.55
C GLY F 456 0.61 -8.88 -30.72
N PRO F 457 0.36 -7.59 -30.47
CA PRO F 457 -0.36 -6.74 -31.43
C PRO F 457 0.42 -6.39 -32.67
N LEU F 458 1.72 -6.60 -32.69
CA LEU F 458 2.50 -6.23 -33.84
C LEU F 458 3.24 -7.44 -34.41
N TYR F 459 2.63 -8.61 -34.25
CA TYR F 459 2.84 -9.74 -35.13
C TYR F 459 2.40 -9.37 -36.53
N MET G 1 -28.19 8.80 32.92
CA MET G 1 -28.89 9.99 32.47
C MET G 1 -30.34 9.64 32.14
N ASN G 2 -31.25 10.53 32.49
CA ASN G 2 -32.65 10.43 32.11
C ASN G 2 -32.76 10.41 30.60
N PRO G 3 -33.49 9.46 30.00
CA PRO G 3 -33.61 9.41 28.54
C PRO G 3 -34.24 10.63 27.91
N ILE G 4 -35.22 11.27 28.56
CA ILE G 4 -35.77 12.52 28.06
C ILE G 4 -34.71 13.61 28.04
N ILE G 5 -33.92 13.70 29.11
CA ILE G 5 -32.85 14.68 29.18
C ILE G 5 -31.77 14.41 28.13
N LEU G 6 -31.49 13.12 27.87
CA LEU G 6 -30.58 12.74 26.80
C LEU G 6 -31.10 13.17 25.44
N ILE G 7 -32.40 13.02 25.20
CA ILE G 7 -32.97 13.42 23.91
C ILE G 7 -32.92 14.93 23.75
N ILE G 8 -33.25 15.68 24.79
CA ILE G 8 -33.22 17.15 24.73
C ILE G 8 -31.79 17.65 24.52
N ILE G 9 -30.82 17.01 25.17
CA ILE G 9 -29.43 17.43 25.03
C ILE G 9 -28.87 17.08 23.64
N LEU G 10 -29.25 15.92 23.09
CA LEU G 10 -28.80 15.58 21.74
C LEU G 10 -29.47 16.45 20.69
N MET G 11 -30.74 16.81 20.89
CA MET G 11 -31.40 17.76 20.02
C MET G 11 -30.77 19.14 20.13
N THR G 12 -30.20 19.48 21.29
CA THR G 12 -29.54 20.76 21.44
C THR G 12 -28.17 20.78 20.77
N VAL G 13 -27.44 19.65 20.80
CA VAL G 13 -26.22 19.50 19.99
C VAL G 13 -26.53 19.70 18.51
N MET G 14 -27.58 19.01 18.05
CA MET G 14 -28.02 19.13 16.67
C MET G 14 -28.49 20.54 16.35
N LEU G 15 -29.18 21.19 17.28
CA LEU G 15 -29.68 22.54 17.06
C LEU G 15 -28.55 23.55 16.95
N GLY G 16 -27.52 23.41 17.79
CA GLY G 16 -26.36 24.29 17.68
C GLY G 16 -25.65 24.18 16.34
N THR G 17 -25.45 22.94 15.86
CA THR G 17 -24.84 22.75 14.55
C THR G 17 -25.75 23.27 13.42
N ILE G 18 -27.06 23.06 13.54
CA ILE G 18 -28.00 23.52 12.52
C ILE G 18 -28.07 25.05 12.49
N ILE G 19 -28.01 25.70 13.65
CA ILE G 19 -27.95 27.16 13.71
C ILE G 19 -26.69 27.67 13.03
N VAL G 20 -25.56 26.97 13.21
CA VAL G 20 -24.35 27.32 12.47
C VAL G 20 -24.57 27.17 10.96
N MET G 21 -25.26 26.12 10.55
CA MET G 21 -25.45 25.87 9.13
C MET G 21 -26.46 26.79 8.46
N ILE G 22 -27.40 27.39 9.19
CA ILE G 22 -28.48 28.13 8.55
C ILE G 22 -28.39 29.63 8.76
N SER G 23 -27.44 30.12 9.54
CA SER G 23 -27.49 31.51 9.92
C SER G 23 -26.63 32.37 9.01
N THR G 24 -27.08 33.62 8.84
CA THR G 24 -26.41 34.59 8.00
C THR G 24 -25.65 35.63 8.79
N HIS G 25 -25.77 35.60 10.11
CA HIS G 25 -25.19 36.57 11.01
C HIS G 25 -24.08 35.88 11.80
N TRP G 26 -22.96 36.58 12.03
CA TRP G 26 -21.83 35.95 12.70
C TRP G 26 -22.10 35.66 14.16
N LEU G 27 -22.91 36.49 14.82
CA LEU G 27 -23.27 36.24 16.21
C LEU G 27 -24.04 34.93 16.36
N LEU G 28 -24.88 34.61 15.38
CA LEU G 28 -25.61 33.35 15.47
C LEU G 28 -24.74 32.14 15.16
N ILE G 29 -23.71 32.30 14.32
CA ILE G 29 -22.67 31.28 14.17
C ILE G 29 -22.01 31.00 15.51
N TRP G 30 -21.57 32.07 16.18
CA TRP G 30 -20.91 31.95 17.46
C TRP G 30 -21.83 31.35 18.53
N ILE G 31 -23.12 31.70 18.48
CA ILE G 31 -24.12 31.16 19.39
C ILE G 31 -24.34 29.67 19.12
N GLY G 32 -24.33 29.28 17.85
CA GLY G 32 -24.46 27.87 17.52
C GLY G 32 -23.30 27.04 18.04
N PHE G 33 -22.08 27.60 17.97
CA PHE G 33 -20.93 26.90 18.54
C PHE G 33 -21.00 26.82 20.06
N GLU G 34 -21.44 27.90 20.71
CA GLU G 34 -21.58 27.90 22.18
C GLU G 34 -22.63 26.91 22.64
N MET G 35 -23.78 26.89 21.95
CA MET G 35 -24.86 25.97 22.25
C MET G 35 -24.42 24.53 22.04
N ASN G 36 -23.65 24.27 20.98
CA ASN G 36 -23.17 22.93 20.69
C ASN G 36 -22.19 22.46 21.76
N MET G 37 -21.26 23.31 22.20
CA MET G 37 -20.30 22.91 23.22
C MET G 37 -20.98 22.66 24.55
N LEU G 38 -21.87 23.58 24.95
CA LEU G 38 -22.62 23.45 26.20
C LEU G 38 -23.45 22.18 26.23
N ALA G 39 -24.09 21.84 25.11
CA ALA G 39 -24.87 20.62 25.10
C ALA G 39 -24.00 19.37 24.98
N ILE G 40 -22.80 19.43 24.40
CA ILE G 40 -22.07 18.19 24.23
C ILE G 40 -21.22 17.83 25.44
N ILE G 41 -20.99 18.78 26.37
CA ILE G 41 -20.28 18.43 27.61
C ILE G 41 -20.93 17.32 28.43
N PRO G 42 -22.26 17.23 28.62
CA PRO G 42 -22.80 16.04 29.33
C PRO G 42 -22.68 14.74 28.58
N ILE G 43 -22.61 14.77 27.25
CA ILE G 43 -22.47 13.54 26.49
C ILE G 43 -21.09 12.93 26.72
N MET G 44 -20.11 13.77 26.99
CA MET G 44 -18.77 13.30 27.30
C MET G 44 -18.63 12.83 28.73
N MET G 45 -19.37 13.44 29.66
CA MET G 45 -19.39 13.03 31.06
C MET G 45 -20.52 12.06 31.35
N LYS G 46 -20.89 11.23 30.38
CA LYS G 46 -22.02 10.33 30.51
C LYS G 46 -21.80 9.24 31.55
N LYS G 47 -20.55 8.81 31.77
CA LYS G 47 -20.29 7.65 32.59
C LYS G 47 -19.60 7.96 33.92
N HIS G 48 -19.19 9.22 34.15
CA HIS G 48 -18.79 9.76 35.45
C HIS G 48 -17.58 9.04 36.05
N ASN G 49 -16.46 9.18 35.36
CA ASN G 49 -15.17 8.70 35.82
C ASN G 49 -14.14 9.79 35.53
N PRO G 50 -12.98 9.78 36.22
CA PRO G 50 -12.02 10.89 36.06
C PRO G 50 -11.46 11.08 34.66
N ARG G 51 -11.41 10.04 33.83
CA ARG G 51 -10.97 10.21 32.46
C ARG G 51 -11.97 11.00 31.64
N ALA G 52 -13.27 10.84 31.90
CA ALA G 52 -14.26 11.64 31.20
C ALA G 52 -14.25 13.09 31.65
N THR G 53 -13.99 13.33 32.95
CA THR G 53 -13.91 14.72 33.42
C THR G 53 -12.67 15.41 32.87
N GLU G 54 -11.55 14.68 32.79
CA GLU G 54 -10.35 15.23 32.17
C GLU G 54 -10.57 15.50 30.68
N ALA G 55 -11.23 14.59 29.98
CA ALA G 55 -11.50 14.80 28.56
C ALA G 55 -12.45 15.97 28.34
N SER G 56 -13.45 16.12 29.21
CA SER G 56 -14.39 17.22 29.09
C SER G 56 -13.74 18.55 29.45
N THR G 57 -12.81 18.54 30.39
CA THR G 57 -12.08 19.76 30.73
C THR G 57 -11.16 20.19 29.59
N LYS G 58 -10.43 19.23 29.00
CA LYS G 58 -9.57 19.55 27.87
C LYS G 58 -10.37 20.01 26.67
N TYR G 59 -11.51 19.37 26.42
CA TYR G 59 -12.39 19.77 25.34
C TYR G 59 -12.96 21.16 25.58
N PHE G 60 -13.39 21.45 26.82
CA PHE G 60 -13.90 22.76 27.17
C PHE G 60 -12.85 23.84 26.95
N LEU G 61 -11.61 23.60 27.37
CA LEU G 61 -10.57 24.61 27.24
C LEU G 61 -10.22 24.88 25.78
N THR G 62 -10.09 23.83 24.96
CA THR G 62 -9.76 24.06 23.55
C THR G 62 -10.92 24.72 22.81
N GLN G 63 -12.16 24.26 23.03
CA GLN G 63 -13.28 24.83 22.29
C GLN G 63 -13.63 26.22 22.78
N SER G 64 -13.42 26.53 24.06
CA SER G 64 -13.65 27.88 24.57
C SER G 64 -12.60 28.86 24.03
N THR G 65 -11.35 28.42 23.95
CA THR G 65 -10.30 29.23 23.36
C THR G 65 -10.58 29.53 21.90
N ALA G 66 -11.00 28.50 21.15
CA ALA G 66 -11.39 28.66 19.76
C ALA G 66 -12.60 29.58 19.62
N SER G 67 -13.53 29.52 20.57
CA SER G 67 -14.71 30.37 20.51
C SER G 67 -14.36 31.83 20.75
N MET G 68 -13.43 32.10 21.66
CA MET G 68 -12.99 33.48 21.88
C MET G 68 -12.21 34.01 20.68
N LEU G 69 -11.37 33.17 20.06
CA LEU G 69 -10.66 33.59 18.85
C LEU G 69 -11.63 33.83 17.70
N LEU G 70 -12.68 33.01 17.62
CA LEU G 70 -13.73 33.22 16.63
C LEU G 70 -14.44 34.55 16.84
N MET G 71 -14.76 34.88 18.08
CA MET G 71 -15.44 36.15 18.36
C MET G 71 -14.53 37.35 18.11
N MET G 72 -13.23 37.22 18.38
CA MET G 72 -12.30 38.29 18.01
C MET G 72 -12.21 38.46 16.50
N ALA G 73 -12.21 37.36 15.74
CA ALA G 73 -12.22 37.46 14.29
C ALA G 73 -13.49 38.14 13.77
N ILE G 74 -14.63 37.80 14.37
CA ILE G 74 -15.91 38.44 14.04
C ILE G 74 -15.88 39.94 14.34
N ILE G 75 -15.29 40.31 15.47
CA ILE G 75 -15.23 41.70 15.90
C ILE G 75 -14.29 42.52 15.02
N ILE G 76 -13.17 41.93 14.60
CA ILE G 76 -12.27 42.60 13.66
C ILE G 76 -12.94 42.76 12.29
N ASN G 77 -13.71 41.74 11.87
CA ASN G 77 -14.50 41.86 10.66
C ASN G 77 -15.52 42.98 10.75
N LEU G 78 -16.12 43.17 11.94
CA LEU G 78 -17.07 44.26 12.12
C LEU G 78 -16.38 45.63 12.08
N MET G 79 -15.14 45.71 12.61
CA MET G 79 -14.34 46.93 12.44
C MET G 79 -14.15 47.30 10.98
N PHE G 80 -13.63 46.35 10.21
CA PHE G 80 -13.21 46.67 8.86
C PHE G 80 -14.32 46.51 7.83
N SER G 81 -15.54 46.15 8.25
CA SER G 81 -16.64 46.08 7.31
C SER G 81 -17.95 46.64 7.82
N GLY G 82 -18.12 46.91 9.11
CA GLY G 82 -19.36 47.49 9.60
C GLY G 82 -20.58 46.60 9.50
N GLN G 83 -20.39 45.30 9.35
CA GLN G 83 -21.50 44.39 9.09
C GLN G 83 -21.20 43.03 9.68
N TRP G 84 -22.18 42.13 9.59
CA TRP G 84 -22.12 40.84 10.26
C TRP G 84 -22.46 39.68 9.33
N THR G 85 -22.38 39.85 8.02
CA THR G 85 -22.84 38.80 7.13
C THR G 85 -21.82 37.67 7.10
N VAL G 86 -22.32 36.43 7.19
CA VAL G 86 -21.46 35.26 7.10
C VAL G 86 -21.15 35.06 5.62
N MET G 87 -19.99 35.57 5.22
CA MET G 87 -19.48 35.58 3.87
C MET G 87 -17.97 35.72 4.02
N LYS G 88 -17.30 36.19 2.98
CA LYS G 88 -15.87 36.47 3.08
C LYS G 88 -15.58 37.51 4.17
N LEU G 89 -14.42 37.38 4.78
CA LEU G 89 -13.99 38.31 5.79
C LEU G 89 -13.23 39.45 5.13
N PHE G 90 -13.24 40.61 5.77
CA PHE G 90 -12.74 41.83 5.18
C PHE G 90 -11.45 42.31 5.83
N ASN G 91 -10.69 41.36 6.37
CA ASN G 91 -9.39 41.66 6.94
C ASN G 91 -8.62 40.36 6.92
N PRO G 92 -7.33 40.35 6.56
CA PRO G 92 -6.58 39.11 6.64
C PRO G 92 -6.28 38.66 8.06
N MET G 93 -6.23 39.59 9.02
CA MET G 93 -6.05 39.18 10.41
C MET G 93 -7.27 38.46 10.95
N ALA G 94 -8.46 38.96 10.62
CA ALA G 94 -9.69 38.27 10.99
C ALA G 94 -9.81 36.93 10.28
N SER G 95 -9.34 36.85 9.03
CA SER G 95 -9.35 35.59 8.31
C SER G 95 -8.40 34.58 8.94
N MET G 96 -7.22 35.03 9.37
CA MET G 96 -6.28 34.14 10.04
C MET G 96 -6.84 33.66 11.37
N LEU G 97 -7.42 34.58 12.17
CA LEU G 97 -7.96 34.19 13.47
C LEU G 97 -9.13 33.24 13.33
N MET G 98 -9.98 33.45 12.32
CA MET G 98 -11.10 32.54 12.15
C MET G 98 -10.65 31.19 11.63
N THR G 99 -9.63 31.16 10.76
CA THR G 99 -9.10 29.89 10.29
C THR G 99 -8.42 29.12 11.42
N MET G 100 -7.70 29.82 12.30
CA MET G 100 -7.12 29.19 13.48
C MET G 100 -8.19 28.65 14.40
N ALA G 101 -9.25 29.43 14.63
CA ALA G 101 -10.32 29.03 15.53
C ALA G 101 -11.06 27.81 15.00
N LEU G 102 -11.33 27.79 13.69
CA LEU G 102 -11.99 26.64 13.10
C LEU G 102 -11.08 25.42 13.06
N ALA G 103 -9.76 25.63 12.88
CA ALA G 103 -8.82 24.51 12.95
C ALA G 103 -8.72 23.96 14.36
N MET G 104 -8.82 24.81 15.38
CA MET G 104 -8.87 24.33 16.76
C MET G 104 -10.15 23.55 17.04
N LYS G 105 -11.28 24.02 16.51
CA LYS G 105 -12.53 23.29 16.70
C LYS G 105 -12.51 21.95 15.96
N LEU G 106 -11.88 21.90 14.79
CA LEU G 106 -11.72 20.64 14.08
C LEU G 106 -10.66 19.75 14.71
N GLY G 107 -9.73 20.32 15.47
CA GLY G 107 -8.61 19.55 15.95
C GLY G 107 -7.61 19.24 14.87
N MET G 108 -7.42 20.15 13.93
CA MET G 108 -6.40 20.00 12.91
C MET G 108 -5.05 20.38 13.48
N ALA G 109 -4.01 19.67 13.06
CA ALA G 109 -2.66 19.92 13.55
C ALA G 109 -2.17 21.29 13.08
N PRO G 110 -1.45 22.05 13.94
CA PRO G 110 -0.88 21.69 15.23
C PRO G 110 -1.77 22.02 16.42
N PHE G 111 -3.08 22.04 16.20
CA PHE G 111 -4.05 22.14 17.28
C PHE G 111 -4.74 20.82 17.52
N HIS G 112 -4.09 19.73 17.13
CA HIS G 112 -4.63 18.38 17.14
C HIS G 112 -4.53 17.71 18.49
N PHE G 113 -3.82 18.31 19.44
CA PHE G 113 -3.39 17.62 20.65
C PHE G 113 -4.51 17.26 21.61
N TRP G 114 -5.73 17.76 21.39
CA TRP G 114 -6.80 17.36 22.28
C TRP G 114 -7.56 16.15 21.76
N VAL G 115 -7.54 15.90 20.46
CA VAL G 115 -8.41 14.91 19.82
C VAL G 115 -8.13 13.47 20.28
N PRO G 116 -6.87 12.97 20.36
CA PRO G 116 -6.73 11.61 20.92
C PRO G 116 -7.02 11.52 22.40
N GLU G 117 -6.65 12.53 23.19
CA GLU G 117 -6.96 12.54 24.61
C GLU G 117 -8.46 12.56 24.88
N VAL G 118 -9.17 13.50 24.26
CA VAL G 118 -10.60 13.63 24.50
C VAL G 118 -11.35 12.43 23.92
N THR G 119 -10.90 11.90 22.79
CA THR G 119 -11.56 10.73 22.20
C THR G 119 -11.34 9.49 23.06
N GLN G 120 -10.16 9.35 23.65
CA GLN G 120 -9.87 8.23 24.53
C GLN G 120 -10.63 8.32 25.85
N GLY G 121 -10.85 9.54 26.35
CA GLY G 121 -11.45 9.71 27.65
C GLY G 121 -12.95 9.45 27.70
N ILE G 122 -13.62 9.39 26.56
CA ILE G 122 -15.08 9.43 26.52
C ILE G 122 -15.55 8.11 25.94
N PRO G 123 -16.83 7.75 26.11
CA PRO G 123 -17.34 6.51 25.51
C PRO G 123 -17.33 6.55 23.98
N LEU G 124 -17.55 5.36 23.41
CA LEU G 124 -17.49 5.19 21.96
C LEU G 124 -18.61 5.94 21.24
N SER G 125 -19.79 6.01 21.83
CA SER G 125 -20.89 6.74 21.18
C SER G 125 -20.65 8.25 21.20
N SER G 126 -20.10 8.76 22.28
CA SER G 126 -19.81 10.19 22.34
C SER G 126 -18.58 10.54 21.50
N GLY G 127 -17.64 9.62 21.35
CA GLY G 127 -16.55 9.84 20.41
C GLY G 127 -16.98 9.72 18.97
N LEU G 128 -18.01 8.91 18.71
CA LEU G 128 -18.67 8.91 17.42
C LEU G 128 -19.28 10.28 17.13
N ILE G 129 -19.94 10.88 18.12
CA ILE G 129 -20.49 12.22 17.94
C ILE G 129 -19.37 13.24 17.73
N LEU G 130 -18.27 13.10 18.48
CA LEU G 130 -17.18 14.06 18.40
C LEU G 130 -16.46 14.00 17.06
N LEU G 131 -16.27 12.80 16.51
CA LEU G 131 -15.49 12.73 15.29
C LEU G 131 -16.33 12.91 14.02
N THR G 132 -17.66 12.82 14.10
CA THR G 132 -18.49 12.96 12.92
C THR G 132 -19.37 14.21 12.96
N TRP G 133 -20.22 14.34 13.97
CA TRP G 133 -21.17 15.45 13.99
C TRP G 133 -20.49 16.78 14.30
N GLN G 134 -19.44 16.77 15.10
CA GLN G 134 -18.77 18.00 15.50
C GLN G 134 -17.85 18.57 14.44
N LYS G 135 -17.59 17.82 13.37
CA LYS G 135 -16.86 18.41 12.26
C LYS G 135 -17.76 19.23 11.36
N LEU G 136 -19.09 19.01 11.43
CA LEU G 136 -20.00 19.54 10.42
C LEU G 136 -20.12 21.06 10.49
N ALA G 137 -20.24 21.62 11.68
CA ALA G 137 -20.38 23.06 11.81
C ALA G 137 -19.12 23.86 11.43
N PRO G 138 -17.89 23.50 11.88
CA PRO G 138 -16.74 24.29 11.42
C PRO G 138 -16.42 24.12 9.94
N MET G 139 -16.71 22.96 9.35
CA MET G 139 -16.51 22.80 7.91
C MET G 139 -17.48 23.66 7.12
N SER G 140 -18.71 23.83 7.62
CA SER G 140 -19.64 24.71 6.95
C SER G 140 -19.21 26.17 7.04
N VAL G 141 -18.61 26.57 8.17
CA VAL G 141 -18.09 27.93 8.26
C VAL G 141 -16.88 28.11 7.34
N LEU G 142 -15.99 27.12 7.27
CA LEU G 142 -14.87 27.14 6.33
C LEU G 142 -15.35 27.17 4.89
N TYR G 143 -16.47 26.50 4.61
CA TYR G 143 -17.10 26.55 3.29
C TYR G 143 -17.49 27.97 2.93
N GLN G 144 -18.07 28.71 3.87
CA GLN G 144 -18.58 30.02 3.45
C GLN G 144 -17.53 31.12 3.42
N ILE G 145 -16.38 30.95 4.07
CA ILE G 145 -15.38 32.00 4.17
C ILE G 145 -14.19 31.76 3.27
N LEU G 146 -14.25 30.77 2.39
CA LEU G 146 -13.11 30.43 1.54
C LEU G 146 -12.61 31.51 0.56
N PRO G 147 -13.39 32.51 0.12
CA PRO G 147 -12.74 33.64 -0.59
C PRO G 147 -11.73 34.44 0.23
N SER G 148 -11.73 34.32 1.55
CA SER G 148 -10.78 35.05 2.36
C SER G 148 -9.76 34.15 3.06
N ILE G 149 -9.84 32.84 2.89
CA ILE G 149 -8.89 31.95 3.54
C ILE G 149 -7.54 32.04 2.85
N ASN G 150 -6.51 32.35 3.63
CA ASN G 150 -5.14 32.33 3.14
C ASN G 150 -4.75 30.92 2.71
N LEU G 151 -4.19 30.83 1.49
CA LEU G 151 -3.86 29.54 0.90
C LEU G 151 -2.74 28.83 1.63
N ASP G 152 -1.69 29.56 1.98
CA ASP G 152 -0.52 28.95 2.60
C ASP G 152 -0.84 28.44 4.00
N LEU G 153 -1.69 29.16 4.73
CA LEU G 153 -2.14 28.73 6.05
C LEU G 153 -2.96 27.44 5.97
N ILE G 154 -3.96 27.40 5.09
CA ILE G 154 -4.84 26.23 5.04
C ILE G 154 -4.10 25.02 4.48
N LEU G 155 -3.15 25.22 3.57
CA LEU G 155 -2.40 24.08 3.07
C LEU G 155 -1.35 23.62 4.07
N THR G 156 -0.78 24.53 4.85
CA THR G 156 0.12 24.15 5.94
C THR G 156 -0.60 23.32 6.98
N LEU G 157 -1.79 23.77 7.39
CA LEU G 157 -2.65 23.02 8.30
C LEU G 157 -3.03 21.66 7.72
N SER G 158 -3.29 21.60 6.41
CA SER G 158 -3.69 20.35 5.77
C SER G 158 -2.56 19.33 5.77
N ILE G 159 -1.37 19.73 5.31
CA ILE G 159 -0.28 18.76 5.22
C ILE G 159 0.22 18.41 6.61
N LEU G 160 0.14 19.36 7.55
CA LEU G 160 0.59 19.09 8.89
C LEU G 160 -0.36 18.14 9.60
N SER G 161 -1.66 18.27 9.32
CA SER G 161 -2.64 17.32 9.83
C SER G 161 -2.48 15.94 9.21
N ILE G 162 -2.22 15.86 7.90
CA ILE G 162 -2.07 14.56 7.26
C ILE G 162 -0.82 13.84 7.75
N THR G 163 0.30 14.54 7.86
CA THR G 163 1.54 13.91 8.35
C THR G 163 1.44 13.53 9.82
N ILE G 164 0.93 14.44 10.66
CA ILE G 164 0.86 14.17 12.09
C ILE G 164 -0.19 13.10 12.40
N GLY G 165 -1.32 13.11 11.69
CA GLY G 165 -2.30 12.06 11.88
C GLY G 165 -1.85 10.72 11.32
N GLY G 166 -0.98 10.72 10.32
CA GLY G 166 -0.40 9.48 9.87
C GLY G 166 0.58 8.88 10.85
N TRP G 167 1.51 9.71 11.35
CA TRP G 167 2.50 9.17 12.29
C TRP G 167 1.91 8.89 13.66
N GLY G 168 0.85 9.60 14.04
CA GLY G 168 0.29 9.42 15.36
C GLY G 168 -0.40 8.09 15.55
N GLY G 169 -1.09 7.61 14.51
CA GLY G 169 -1.78 6.34 14.62
C GLY G 169 -0.91 5.12 14.53
N LEU G 170 0.35 5.27 14.10
CA LEU G 170 1.26 4.13 14.03
C LEU G 170 1.62 3.59 15.40
N ASN G 171 1.64 4.44 16.42
CA ASN G 171 2.10 4.03 17.72
C ASN G 171 0.97 3.54 18.62
N GLN G 172 -0.25 3.48 18.13
CA GLN G 172 -1.40 3.29 19.00
C GLN G 172 -1.89 1.85 19.00
N THR G 173 -2.32 1.40 20.18
CA THR G 173 -3.07 0.16 20.32
C THR G 173 -4.50 0.40 20.78
N GLN G 174 -4.80 1.57 21.32
CA GLN G 174 -6.17 1.92 21.68
C GLN G 174 -6.94 2.33 20.43
N LEU G 175 -8.17 1.83 20.32
CA LEU G 175 -8.95 2.05 19.10
C LEU G 175 -9.42 3.49 18.97
N ARG G 176 -9.69 4.15 20.09
CA ARG G 176 -10.20 5.52 20.04
C ARG G 176 -9.11 6.51 19.62
N LYS G 177 -7.87 6.26 20.02
CA LYS G 177 -6.78 7.09 19.53
C LYS G 177 -6.47 6.81 18.07
N ILE G 178 -6.67 5.56 17.62
CA ILE G 178 -6.51 5.25 16.20
C ILE G 178 -7.53 6.01 15.36
N MET G 179 -8.79 6.02 15.82
CA MET G 179 -9.82 6.78 15.12
C MET G 179 -9.58 8.27 15.21
N ALA G 180 -8.96 8.74 16.29
CA ALA G 180 -8.69 10.17 16.41
C ALA G 180 -7.58 10.63 15.46
N TYR G 181 -6.48 9.88 15.37
CA TYR G 181 -5.44 10.27 14.42
C TYR G 181 -5.89 10.07 12.97
N SER G 182 -6.73 9.05 12.73
CA SER G 182 -7.37 8.89 11.43
C SER G 182 -8.24 10.08 11.08
N SER G 183 -8.96 10.60 12.09
CA SER G 183 -9.75 11.81 11.92
C SER G 183 -8.88 13.01 11.56
N ILE G 184 -7.74 13.17 12.23
CA ILE G 184 -6.84 14.30 11.97
C ILE G 184 -6.32 14.28 10.53
N ALA G 185 -5.95 13.08 10.05
CA ALA G 185 -5.47 12.94 8.68
C ALA G 185 -6.57 13.20 7.66
N HIS G 186 -7.79 12.70 7.92
CA HIS G 186 -8.88 12.94 6.98
C HIS G 186 -9.34 14.39 6.95
N MET G 187 -9.27 15.11 8.08
CA MET G 187 -9.58 16.54 8.03
C MET G 187 -8.52 17.32 7.28
N GLY G 188 -7.25 16.87 7.35
CA GLY G 188 -6.23 17.47 6.50
C GLY G 188 -6.53 17.31 5.02
N TRP G 189 -6.99 16.12 4.64
CA TRP G 189 -7.44 15.91 3.25
C TRP G 189 -8.65 16.77 2.88
N MET G 190 -9.54 17.06 3.83
CA MET G 190 -10.70 17.88 3.49
C MET G 190 -10.33 19.35 3.28
N THR G 191 -9.48 19.89 4.14
CA THR G 191 -9.06 21.27 3.99
C THR G 191 -8.08 21.50 2.85
N ALA G 192 -7.37 20.45 2.41
CA ALA G 192 -6.43 20.65 1.31
C ALA G 192 -7.14 20.94 -0.01
N VAL G 193 -8.34 20.40 -0.22
CA VAL G 193 -9.08 20.59 -1.45
C VAL G 193 -10.08 21.74 -1.35
N LEU G 194 -10.15 22.41 -0.20
CA LEU G 194 -11.24 23.36 0.09
C LEU G 194 -11.19 24.58 -0.83
N LEU G 195 -10.02 25.22 -0.95
CA LEU G 195 -9.94 26.40 -1.80
C LEU G 195 -10.00 26.07 -3.29
N TYR G 196 -9.76 24.81 -3.66
CA TYR G 196 -9.81 24.42 -5.06
C TYR G 196 -11.21 24.01 -5.47
N ASN G 197 -11.84 23.13 -4.70
CA ASN G 197 -13.21 22.71 -4.95
C ASN G 197 -13.81 22.26 -3.63
N PRO G 198 -14.70 23.05 -3.04
CA PRO G 198 -15.32 22.65 -1.77
C PRO G 198 -16.38 21.56 -1.91
N THR G 199 -16.79 21.22 -3.13
CA THR G 199 -17.63 20.05 -3.32
C THR G 199 -16.88 18.76 -2.97
N MET G 200 -15.59 18.71 -3.27
CA MET G 200 -14.79 17.56 -2.88
C MET G 200 -14.52 17.56 -1.39
N THR G 201 -14.49 18.74 -0.76
CA THR G 201 -14.49 18.83 0.68
C THR G 201 -15.74 18.16 1.27
N LEU G 202 -16.90 18.46 0.70
CA LEU G 202 -18.13 17.84 1.19
C LEU G 202 -18.16 16.34 0.92
N LEU G 203 -17.61 15.91 -0.22
CA LEU G 203 -17.52 14.49 -0.53
C LEU G 203 -16.64 13.75 0.46
N ASN G 204 -15.46 14.31 0.74
CA ASN G 204 -14.56 13.70 1.71
C ASN G 204 -15.16 13.69 3.10
N LEU G 205 -15.90 14.75 3.45
CA LEU G 205 -16.58 14.80 4.74
C LEU G 205 -17.63 13.72 4.87
N ILE G 206 -18.45 13.52 3.83
CA ILE G 206 -19.53 12.55 3.88
C ILE G 206 -19.00 11.12 3.90
N ILE G 207 -18.00 10.82 3.06
CA ILE G 207 -17.44 9.48 3.04
C ILE G 207 -16.71 9.17 4.34
N TYR G 208 -16.02 10.17 4.89
CA TYR G 208 -15.38 10.03 6.20
C TYR G 208 -16.40 9.79 7.31
N ILE G 209 -17.53 10.50 7.28
CA ILE G 209 -18.55 10.32 8.31
C ILE G 209 -19.17 8.94 8.22
N ILE G 210 -19.40 8.45 7.00
CA ILE G 210 -19.95 7.10 6.81
C ILE G 210 -18.97 6.04 7.33
N MET G 211 -17.69 6.15 6.95
CA MET G 211 -16.72 5.13 7.34
C MET G 211 -16.42 5.16 8.84
N THR G 212 -16.35 6.36 9.41
CA THR G 212 -16.08 6.50 10.83
C THR G 212 -17.26 6.05 11.67
N SER G 213 -18.48 6.34 11.21
CA SER G 213 -19.66 5.84 11.89
C SER G 213 -19.76 4.33 11.79
N THR G 214 -19.32 3.75 10.66
CA THR G 214 -19.26 2.30 10.53
C THR G 214 -18.30 1.69 11.52
N MET G 215 -17.09 2.27 11.65
CA MET G 215 -16.09 1.71 12.54
C MET G 215 -16.47 1.86 14.01
N PHE G 216 -17.03 3.01 14.39
CA PHE G 216 -17.54 3.17 15.75
C PHE G 216 -18.73 2.26 16.03
N THR G 217 -19.59 2.02 15.04
CA THR G 217 -20.72 1.13 15.26
C THR G 217 -20.27 -0.31 15.41
N LEU G 218 -19.23 -0.71 14.68
CA LEU G 218 -18.64 -2.04 14.86
C LEU G 218 -17.99 -2.19 16.23
N PHE G 219 -17.27 -1.15 16.67
CA PHE G 219 -16.62 -1.17 17.98
C PHE G 219 -17.66 -1.22 19.10
N MET G 220 -18.75 -0.48 18.96
CA MET G 220 -19.83 -0.54 19.95
C MET G 220 -20.55 -1.89 19.92
N ALA G 221 -20.71 -2.47 18.72
CA ALA G 221 -21.39 -3.75 18.60
C ALA G 221 -20.57 -4.88 19.17
N ASN G 222 -19.25 -4.74 19.22
CA ASN G 222 -18.40 -5.78 19.78
C ASN G 222 -17.82 -5.43 21.14
N SER G 223 -18.13 -4.23 21.66
CA SER G 223 -17.68 -3.74 22.98
C SER G 223 -16.16 -3.71 23.08
N THR G 224 -15.50 -3.26 22.02
CA THR G 224 -14.05 -3.30 21.92
C THR G 224 -13.50 -1.89 21.88
N THR G 225 -12.59 -1.58 22.79
CA THR G 225 -11.87 -0.31 22.76
C THR G 225 -10.37 -0.49 22.57
N THR G 226 -9.87 -1.72 22.52
CA THR G 226 -8.46 -1.98 22.28
C THR G 226 -8.30 -2.88 21.06
N THR G 227 -7.08 -2.89 20.52
CA THR G 227 -6.73 -3.81 19.44
C THR G 227 -6.87 -5.25 19.88
N LEU G 228 -6.45 -5.54 21.10
CA LEU G 228 -6.36 -6.89 21.58
C LEU G 228 -7.72 -7.45 22.00
N SER G 229 -8.66 -6.58 22.37
CA SER G 229 -10.03 -7.04 22.58
C SER G 229 -10.79 -7.16 21.26
N LEU G 230 -10.41 -6.36 20.27
CA LEU G 230 -10.96 -6.51 18.93
C LEU G 230 -10.48 -7.78 18.27
N SER G 231 -9.32 -8.29 18.68
CA SER G 231 -8.79 -9.55 18.15
C SER G 231 -9.54 -10.78 18.66
N HIS G 232 -10.43 -10.65 19.65
CA HIS G 232 -11.26 -11.75 20.08
C HIS G 232 -12.51 -11.92 19.25
N THR G 233 -12.75 -11.03 18.29
CA THR G 233 -14.04 -10.95 17.62
C THR G 233 -14.30 -12.15 16.72
N TRP G 234 -13.24 -12.78 16.21
CA TRP G 234 -13.40 -13.91 15.30
C TRP G 234 -14.01 -15.12 16.00
N ASN G 235 -13.71 -15.30 17.28
CA ASN G 235 -14.21 -16.43 18.04
C ASN G 235 -15.58 -16.16 18.61
N LYS G 236 -16.11 -14.96 18.42
CA LYS G 236 -17.41 -14.57 18.93
C LYS G 236 -18.38 -14.20 17.82
N ALA G 237 -17.96 -13.36 16.88
CA ALA G 237 -18.80 -12.94 15.76
C ALA G 237 -17.93 -12.83 14.52
N PRO G 238 -17.83 -13.90 13.73
CA PRO G 238 -16.92 -13.89 12.57
C PRO G 238 -17.34 -12.99 11.44
N ILE G 239 -18.62 -12.61 11.35
CA ILE G 239 -19.05 -11.65 10.33
C ILE G 239 -18.50 -10.26 10.62
N MET G 240 -18.34 -9.92 11.90
CA MET G 240 -17.84 -8.60 12.29
C MET G 240 -16.40 -8.41 11.89
N THR G 241 -15.62 -9.48 11.83
CA THR G 241 -14.24 -9.37 11.37
C THR G 241 -14.17 -9.06 9.89
N ILE G 242 -15.07 -9.65 9.10
CA ILE G 242 -15.16 -9.33 7.67
C ILE G 242 -15.57 -7.87 7.48
N LEU G 243 -16.49 -7.41 8.33
CA LEU G 243 -16.95 -6.02 8.20
C LEU G 243 -15.87 -5.02 8.60
N VAL G 244 -15.11 -5.32 9.67
CA VAL G 244 -14.03 -4.40 10.01
C VAL G 244 -12.90 -4.50 8.99
N LEU G 245 -12.71 -5.66 8.35
CA LEU G 245 -11.71 -5.80 7.29
C LEU G 245 -12.04 -4.91 6.11
N ILE G 246 -13.26 -5.04 5.58
CA ILE G 246 -13.62 -4.27 4.39
C ILE G 246 -13.72 -2.77 4.71
N THR G 247 -14.14 -2.41 5.93
CA THR G 247 -14.24 -1.00 6.25
C THR G 247 -12.87 -0.37 6.47
N LEU G 248 -11.93 -1.12 7.08
CA LEU G 248 -10.59 -0.58 7.26
C LEU G 248 -9.80 -0.54 5.95
N LEU G 249 -10.03 -1.49 5.05
CA LEU G 249 -9.43 -1.38 3.73
C LEU G 249 -10.02 -0.22 2.96
N SER G 250 -11.28 0.11 3.20
CA SER G 250 -11.89 1.26 2.56
C SER G 250 -11.36 2.57 3.13
N MET G 251 -11.17 2.63 4.45
CA MET G 251 -10.62 3.84 5.06
C MET G 251 -9.17 4.09 4.64
N GLY G 252 -8.44 3.04 4.27
CA GLY G 252 -7.15 3.22 3.66
C GLY G 252 -7.18 3.74 2.25
N GLY G 253 -8.35 3.83 1.63
CA GLY G 253 -8.45 4.35 0.29
C GLY G 253 -8.02 3.38 -0.78
N LEU G 254 -8.09 2.10 -0.51
CA LEU G 254 -7.75 1.10 -1.51
C LEU G 254 -8.91 0.93 -2.46
N PRO G 255 -8.71 1.11 -3.77
CA PRO G 255 -9.75 0.72 -4.71
C PRO G 255 -9.92 -0.79 -4.71
N PRO G 256 -11.11 -1.29 -5.03
CA PRO G 256 -12.31 -0.67 -5.60
C PRO G 256 -13.30 -0.14 -4.56
N LEU G 257 -12.83 0.25 -3.38
CA LEU G 257 -13.70 0.62 -2.27
C LEU G 257 -14.04 2.10 -2.30
N SER G 258 -14.97 2.49 -1.42
CA SER G 258 -15.56 3.81 -1.50
C SER G 258 -14.63 4.88 -0.92
N GLY G 259 -13.77 4.51 0.01
CA GLY G 259 -12.83 5.46 0.55
C GLY G 259 -11.68 5.79 -0.36
N PHE G 260 -11.53 5.05 -1.46
CA PHE G 260 -10.69 5.52 -2.56
C PHE G 260 -11.33 6.70 -3.27
N MET G 261 -12.66 6.82 -3.20
CA MET G 261 -13.39 7.88 -3.88
C MET G 261 -12.99 9.32 -3.52
N PRO G 262 -12.85 9.73 -2.21
CA PRO G 262 -12.51 11.14 -1.95
C PRO G 262 -11.14 11.54 -2.45
N LYS G 263 -10.10 10.80 -2.02
CA LYS G 263 -8.72 11.20 -2.28
C LYS G 263 -8.42 11.27 -3.77
N TRP G 264 -8.95 10.31 -4.54
CA TRP G 264 -8.84 10.32 -6.00
C TRP G 264 -9.45 11.59 -6.59
N MET G 265 -10.69 11.90 -6.19
CA MET G 265 -11.32 13.13 -6.63
C MET G 265 -10.56 14.36 -6.14
N ILE G 266 -9.97 14.29 -4.94
CA ILE G 266 -9.19 15.40 -4.43
C ILE G 266 -7.94 15.59 -5.27
N ILE G 267 -7.27 14.49 -5.64
CA ILE G 267 -6.12 14.60 -6.53
C ILE G 267 -6.58 15.10 -7.89
N GLN G 268 -7.77 14.66 -8.31
CA GLN G 268 -8.36 15.09 -9.57
C GLN G 268 -8.66 16.58 -9.57
N GLU G 269 -8.86 17.17 -8.39
CA GLU G 269 -9.07 18.61 -8.33
C GLU G 269 -7.80 19.38 -8.01
N MET G 270 -6.77 18.72 -7.49
CA MET G 270 -5.57 19.47 -7.18
C MET G 270 -4.60 19.54 -8.34
N THR G 271 -4.69 18.60 -9.30
CA THR G 271 -3.82 18.64 -10.46
C THR G 271 -4.37 19.53 -11.57
N LYS G 272 -5.70 19.75 -11.60
CA LYS G 272 -6.28 20.74 -12.49
C LYS G 272 -5.77 22.14 -12.17
N ASN G 273 -5.46 22.40 -10.91
CA ASN G 273 -4.93 23.65 -10.44
C ASN G 273 -3.41 23.67 -10.41
N ASP G 274 -2.78 22.74 -11.15
CA ASP G 274 -1.34 22.62 -11.35
C ASP G 274 -0.57 22.37 -10.06
N SER G 275 -1.21 21.80 -9.05
CA SER G 275 -0.50 21.34 -7.86
C SER G 275 -0.29 19.85 -8.02
N ILE G 276 0.97 19.46 -8.19
CA ILE G 276 1.32 18.08 -8.47
C ILE G 276 2.09 17.46 -7.31
N ILE G 277 3.03 18.21 -6.74
CA ILE G 277 3.84 17.74 -5.61
C ILE G 277 2.95 17.49 -4.40
N LEU G 278 1.96 18.36 -4.19
CA LEU G 278 1.19 18.32 -2.95
C LEU G 278 0.25 17.12 -2.88
N PRO G 279 -0.60 16.81 -3.88
CA PRO G 279 -1.39 15.57 -3.76
C PRO G 279 -0.56 14.30 -3.84
N THR G 280 0.60 14.36 -4.49
CA THR G 280 1.52 13.22 -4.50
C THR G 280 2.01 12.90 -3.10
N LEU G 281 2.58 13.90 -2.41
CA LEU G 281 3.06 13.69 -1.06
C LEU G 281 1.93 13.40 -0.08
N MET G 282 0.74 13.94 -0.32
CA MET G 282 -0.42 13.62 0.50
C MET G 282 -0.82 12.16 0.37
N ALA G 283 -0.85 11.65 -0.86
CA ALA G 283 -1.23 10.27 -1.08
C ALA G 283 -0.18 9.31 -0.54
N ILE G 284 1.10 9.64 -0.70
CA ILE G 284 2.16 8.80 -0.12
C ILE G 284 2.12 8.85 1.42
N THR G 285 1.77 10.00 1.99
CA THR G 285 1.66 10.09 3.44
C THR G 285 0.47 9.30 3.98
N ALA G 286 -0.61 9.16 3.20
CA ALA G 286 -1.76 8.36 3.59
C ALA G 286 -1.46 6.85 3.68
N LEU G 287 -0.32 6.39 3.15
CA LEU G 287 0.11 5.01 3.33
C LEU G 287 0.41 4.68 4.79
N LEU G 288 0.75 5.69 5.60
CA LEU G 288 0.89 5.51 7.04
C LEU G 288 -0.44 5.13 7.68
N ASN G 289 -1.52 5.81 7.27
CA ASN G 289 -2.86 5.48 7.72
C ASN G 289 -3.24 4.07 7.32
N LEU G 290 -2.94 3.72 6.06
CA LEU G 290 -3.21 2.37 5.59
C LEU G 290 -2.40 1.33 6.35
N TYR G 291 -1.18 1.68 6.78
CA TYR G 291 -0.37 0.74 7.54
C TYR G 291 -1.00 0.41 8.89
N PHE G 292 -1.46 1.42 9.64
CA PHE G 292 -2.06 0.99 10.91
C PHE G 292 -3.47 0.43 10.76
N TYR G 293 -4.18 0.77 9.67
CA TYR G 293 -5.41 0.05 9.35
C TYR G 293 -5.14 -1.43 9.06
N MET G 294 -4.05 -1.70 8.32
CA MET G 294 -3.66 -3.07 8.02
C MET G 294 -3.22 -3.84 9.25
N ARG G 295 -2.57 -3.15 10.19
CA ARG G 295 -2.27 -3.72 11.50
C ARG G 295 -3.54 -4.22 12.18
N LEU G 296 -4.58 -3.38 12.18
CA LEU G 296 -5.85 -3.82 12.78
C LEU G 296 -6.51 -4.95 12.02
N THR G 297 -6.41 -4.96 10.68
CA THR G 297 -6.99 -6.07 9.92
C THR G 297 -6.22 -7.36 10.12
N TYR G 298 -4.91 -7.30 10.31
CA TYR G 298 -4.13 -8.48 10.65
C TYR G 298 -4.54 -9.04 11.99
N SER G 299 -4.69 -8.18 13.00
CA SER G 299 -5.03 -8.67 14.31
C SER G 299 -6.48 -9.15 14.40
N THR G 300 -7.38 -8.66 13.55
CA THR G 300 -8.80 -8.96 13.72
C THR G 300 -9.34 -9.99 12.74
N ALA G 301 -9.10 -9.81 11.44
CA ALA G 301 -9.75 -10.65 10.43
C ALA G 301 -8.81 -11.62 9.74
N LEU G 302 -7.58 -11.21 9.44
CA LEU G 302 -6.71 -12.01 8.60
C LEU G 302 -5.90 -13.04 9.38
N THR G 303 -5.87 -12.94 10.71
CA THR G 303 -5.33 -13.98 11.58
C THR G 303 -6.34 -14.26 12.69
N MET G 304 -6.08 -15.34 13.42
CA MET G 304 -6.88 -15.71 14.57
C MET G 304 -5.99 -15.63 15.81
N PHE G 305 -6.21 -14.61 16.63
CA PHE G 305 -5.47 -14.49 17.88
C PHE G 305 -6.01 -15.50 18.88
N PRO G 306 -5.25 -15.83 19.94
CA PRO G 306 -5.80 -16.74 20.96
C PRO G 306 -6.90 -16.08 21.78
N SER G 307 -7.90 -16.87 22.11
CA SER G 307 -9.03 -16.41 22.91
C SER G 307 -8.91 -16.93 24.34
N THR G 308 -9.95 -16.73 25.12
CA THR G 308 -10.02 -17.21 26.48
C THR G 308 -11.09 -18.27 26.61
N ASN G 309 -11.11 -18.95 27.75
CA ASN G 309 -12.10 -20.01 27.95
C ASN G 309 -13.50 -19.44 28.16
N ASN G 310 -13.63 -18.31 28.85
CA ASN G 310 -14.93 -17.73 29.17
C ASN G 310 -15.68 -17.23 27.94
N MET G 311 -15.00 -17.10 26.79
CA MET G 311 -15.64 -16.81 25.52
C MET G 311 -16.71 -17.83 25.16
N LYS G 312 -16.54 -19.08 25.60
CA LYS G 312 -17.53 -20.12 25.38
C LYS G 312 -18.88 -19.80 26.02
N MET G 313 -18.89 -18.99 27.07
CA MET G 313 -20.18 -18.58 27.62
C MET G 313 -20.87 -17.60 26.69
N LYS G 314 -20.10 -16.69 26.10
CA LYS G 314 -20.68 -15.67 25.22
C LYS G 314 -21.13 -16.24 23.89
N TRP G 315 -20.78 -17.49 23.58
CA TRP G 315 -21.34 -18.17 22.42
C TRP G 315 -22.81 -18.47 22.61
N GLN G 316 -23.31 -18.47 23.83
CA GLN G 316 -24.70 -18.86 24.08
C GLN G 316 -25.66 -17.68 24.09
N PHE G 317 -25.18 -16.48 23.80
CA PHE G 317 -26.01 -15.29 23.91
C PHE G 317 -25.89 -14.44 22.64
N PRO G 318 -27.00 -13.98 22.09
CA PRO G 318 -26.94 -13.16 20.87
C PRO G 318 -26.77 -11.68 21.19
N THR G 319 -26.28 -10.95 20.20
CA THR G 319 -26.07 -9.52 20.34
C THR G 319 -27.41 -8.81 20.37
N THR G 320 -27.82 -8.34 21.54
CA THR G 320 -29.03 -7.56 21.69
C THR G 320 -28.82 -6.07 21.47
N LYS G 321 -27.61 -5.66 21.13
CA LYS G 321 -27.33 -4.24 20.90
C LYS G 321 -27.96 -3.78 19.60
N ARG G 322 -28.61 -2.63 19.65
CA ARG G 322 -29.15 -2.00 18.45
C ARG G 322 -27.98 -1.52 17.60
N MET G 323 -27.69 -2.25 16.54
CA MET G 323 -26.58 -1.89 15.64
C MET G 323 -27.16 -1.04 14.53
N THR G 324 -27.48 0.20 14.89
CA THR G 324 -28.33 1.06 14.07
C THR G 324 -27.61 1.46 12.80
N LEU G 325 -28.22 1.10 11.66
CA LEU G 325 -27.77 1.37 10.29
C LEU G 325 -26.45 0.71 9.95
N LEU G 326 -25.97 -0.25 10.75
CA LEU G 326 -24.68 -0.88 10.48
C LEU G 326 -24.59 -1.65 9.16
N PRO G 327 -25.59 -2.44 8.70
CA PRO G 327 -25.45 -3.00 7.35
C PRO G 327 -25.49 -1.96 6.24
N THR G 328 -26.33 -0.93 6.39
CA THR G 328 -26.40 0.14 5.41
C THR G 328 -25.10 0.92 5.37
N MET G 329 -24.55 1.27 6.54
CA MET G 329 -23.29 1.99 6.60
C MET G 329 -22.13 1.15 6.11
N THR G 330 -22.16 -0.16 6.36
CA THR G 330 -21.09 -1.03 5.88
C THR G 330 -21.12 -1.14 4.37
N VAL G 331 -22.31 -1.20 3.78
CA VAL G 331 -22.42 -1.25 2.33
C VAL G 331 -22.01 0.09 1.71
N LEU G 332 -22.43 1.20 2.30
CA LEU G 332 -22.07 2.50 1.74
C LEU G 332 -20.60 2.83 1.93
N SER G 333 -19.98 2.32 2.99
CA SER G 333 -18.57 2.59 3.17
C SER G 333 -17.67 1.71 2.31
N THR G 334 -18.21 0.71 1.61
CA THR G 334 -17.38 -0.18 0.83
C THR G 334 -17.71 -0.21 -0.65
N MET G 335 -18.98 -0.24 -1.03
CA MET G 335 -19.37 -0.55 -2.40
C MET G 335 -19.87 0.66 -3.18
N LEU G 336 -19.36 1.85 -2.90
CA LEU G 336 -19.98 3.03 -3.46
C LEU G 336 -19.20 3.60 -4.63
N LEU G 337 -17.97 3.14 -4.87
CA LEU G 337 -17.13 3.64 -5.96
C LEU G 337 -17.73 3.54 -7.37
N PRO G 338 -18.49 2.50 -7.79
CA PRO G 338 -19.17 2.58 -9.10
C PRO G 338 -20.17 3.72 -9.23
N LEU G 339 -20.60 4.30 -8.13
CA LEU G 339 -21.47 5.47 -8.14
C LEU G 339 -20.70 6.74 -7.82
N THR G 340 -19.41 6.80 -8.14
CA THR G 340 -18.62 8.02 -7.91
C THR G 340 -19.19 9.29 -8.56
N PRO G 341 -19.72 9.33 -9.78
CA PRO G 341 -20.30 10.59 -10.28
C PRO G 341 -21.57 11.06 -9.57
N ILE G 342 -22.04 10.39 -8.51
CA ILE G 342 -23.14 10.91 -7.70
C ILE G 342 -22.74 12.16 -6.93
N LEU G 343 -21.42 12.44 -6.81
CA LEU G 343 -20.89 13.59 -6.08
C LEU G 343 -21.45 14.93 -6.53
N SER G 344 -21.93 15.02 -7.78
CA SER G 344 -22.51 16.24 -8.30
C SER G 344 -23.77 16.65 -7.56
N ILE G 345 -24.41 15.75 -6.82
CA ILE G 345 -25.53 16.15 -5.96
C ILE G 345 -25.08 17.04 -4.81
N LEU G 346 -23.78 17.13 -4.54
CA LEU G 346 -23.26 18.01 -3.50
C LEU G 346 -22.96 19.40 -4.01
N GLU G 347 -23.00 19.62 -5.32
CA GLU G 347 -22.74 20.94 -5.91
C GLU G 347 -23.82 21.95 -5.51
N LYS H 3 9.61 34.44 4.63
CA LYS H 3 9.43 34.33 3.19
C LYS H 3 10.44 35.24 2.50
N THR H 4 10.82 36.33 3.17
CA THR H 4 11.84 37.22 2.65
C THR H 4 13.25 36.65 2.82
N LEU H 5 13.43 35.70 3.73
CA LEU H 5 14.71 34.99 3.83
C LEU H 5 14.93 34.12 2.59
N LEU H 6 13.89 33.39 2.18
CA LEU H 6 13.95 32.61 0.95
C LEU H 6 14.09 33.49 -0.28
N HIS H 7 13.47 34.69 -0.26
CA HIS H 7 13.63 35.60 -1.38
C HIS H 7 15.05 36.14 -1.47
N GLN H 8 15.66 36.51 -0.35
CA GLN H 8 17.04 36.98 -0.44
C GLN H 8 18.03 35.84 -0.63
N TYR H 9 17.61 34.59 -0.44
CA TYR H 9 18.42 33.48 -0.92
C TYR H 9 18.32 33.35 -2.44
N TRP H 10 17.10 33.27 -2.98
CA TRP H 10 16.93 32.95 -4.39
C TRP H 10 17.14 34.13 -5.33
N ASP H 11 17.27 35.36 -4.82
CA ASP H 11 17.49 36.49 -5.72
C ASP H 11 18.89 36.48 -6.31
N ILE H 12 19.87 35.94 -5.60
CA ILE H 12 21.25 35.95 -6.07
C ILE H 12 21.43 34.78 -7.05
N PRO H 13 22.05 35.01 -8.20
CA PRO H 13 22.33 33.89 -9.12
C PRO H 13 23.36 32.94 -8.54
N GLU H 14 23.33 31.70 -9.05
CA GLU H 14 24.20 30.66 -8.53
C GLU H 14 25.63 30.87 -9.00
N GLY H 15 26.57 30.69 -8.07
CA GLY H 15 27.97 30.79 -8.41
C GLY H 15 28.49 32.20 -8.62
N THR H 16 27.86 33.20 -8.01
CA THR H 16 28.26 34.59 -8.19
C THR H 16 28.79 35.21 -6.90
N GLU H 17 28.02 35.18 -5.82
CA GLU H 17 28.40 35.79 -4.55
C GLU H 17 28.28 34.72 -3.47
N CYS H 18 29.41 34.10 -3.14
CA CYS H 18 29.39 32.89 -2.33
C CYS H 18 29.12 33.18 -0.85
N HIS H 19 29.66 34.29 -0.34
CA HIS H 19 29.54 34.60 1.08
C HIS H 19 28.11 34.96 1.45
N ARG H 20 27.42 35.72 0.59
CA ARG H 20 26.06 36.11 0.91
C ARG H 20 25.07 34.97 0.70
N LYS H 21 25.31 34.09 -0.27
CA LYS H 21 24.51 32.87 -0.39
C LYS H 21 24.70 31.95 0.81
N THR H 22 25.94 31.83 1.29
CA THR H 22 26.21 31.04 2.49
C THR H 22 25.53 31.64 3.71
N TYR H 23 25.55 32.98 3.83
CA TYR H 23 24.91 33.64 4.96
C TYR H 23 23.39 33.53 4.89
N ALA H 24 22.81 33.62 3.69
CA ALA H 24 21.37 33.51 3.54
C ALA H 24 20.88 32.11 3.85
N ALA H 25 21.60 31.09 3.38
CA ALA H 25 21.24 29.72 3.72
C ALA H 25 21.48 29.43 5.20
N THR H 26 22.49 30.05 5.81
CA THR H 26 22.72 29.93 7.24
C THR H 26 21.57 30.54 8.03
N SER H 27 21.04 31.67 7.56
CA SER H 27 19.92 32.31 8.24
C SER H 27 18.63 31.50 8.09
N ILE H 28 18.42 30.89 6.92
CA ILE H 28 17.27 29.99 6.74
C ILE H 28 17.37 28.79 7.67
N GLY H 29 18.57 28.19 7.76
CA GLY H 29 18.77 27.10 8.69
C GLY H 29 18.61 27.51 10.14
N GLY H 30 19.06 28.72 10.48
CA GLY H 30 18.91 29.20 11.85
C GLY H 30 17.46 29.45 12.22
N ALA H 31 16.67 29.95 11.27
CA ALA H 31 15.24 30.15 11.54
C ALA H 31 14.52 28.81 11.71
N SER H 32 14.86 27.82 10.87
CA SER H 32 14.28 26.50 11.03
C SER H 32 14.68 25.84 12.34
N GLY H 33 15.95 26.04 12.75
CA GLY H 33 16.39 25.55 14.04
C GLY H 33 15.72 26.22 15.22
N LEU H 34 15.42 27.52 15.09
CA LEU H 34 14.69 28.20 16.16
C LEU H 34 13.25 27.72 16.25
N VAL H 35 12.61 27.42 15.12
CA VAL H 35 11.25 26.86 15.15
C VAL H 35 11.24 25.48 15.81
N VAL H 36 12.21 24.63 15.43
CA VAL H 36 12.32 23.30 16.02
C VAL H 36 12.62 23.39 17.51
N SER H 37 13.47 24.34 17.91
CA SER H 37 13.80 24.54 19.32
C SER H 37 12.60 25.05 20.11
N ALA H 38 11.79 25.92 19.49
CA ALA H 38 10.60 26.46 20.15
C ALA H 38 9.59 25.37 20.45
N TYR H 39 9.25 24.57 19.44
CA TYR H 39 8.35 23.44 19.71
C TYR H 39 8.98 22.37 20.59
N SER H 40 10.31 22.27 20.57
CA SER H 40 10.99 21.25 21.37
C SER H 40 10.91 21.58 22.86
N VAL H 41 11.21 22.83 23.23
CA VAL H 41 11.04 23.23 24.62
C VAL H 41 9.58 23.49 24.98
N ALA H 42 8.70 23.58 23.98
CA ALA H 42 7.27 23.64 24.27
C ALA H 42 6.74 22.29 24.71
N LEU H 43 6.81 21.29 23.82
CA LEU H 43 6.14 20.03 24.10
C LEU H 43 6.93 19.16 25.06
N LYS H 44 8.24 19.37 25.17
CA LYS H 44 9.09 18.63 26.10
C LYS H 44 9.78 19.65 27.00
N THR H 45 9.37 19.69 28.25
CA THR H 45 9.93 20.64 29.20
C THR H 45 11.35 20.24 29.56
N PRO H 46 12.34 21.10 29.35
CA PRO H 46 13.69 20.79 29.85
C PRO H 46 13.75 20.90 31.37
N THR H 47 14.77 20.26 31.93
CA THR H 47 14.91 20.20 33.37
C THR H 47 15.36 21.53 33.98
N SER H 48 15.89 22.44 33.18
CA SER H 48 16.30 23.74 33.67
C SER H 48 16.27 24.74 32.53
N PHE H 49 16.50 26.01 32.88
CA PHE H 49 16.64 27.05 31.86
C PHE H 49 17.94 26.88 31.08
N LEU H 50 19.00 26.42 31.75
CA LEU H 50 20.28 26.21 31.09
C LEU H 50 20.20 25.03 30.13
N GLU H 51 19.49 23.97 30.51
CA GLU H 51 19.27 22.85 29.59
C GLU H 51 18.40 23.26 28.42
N GLY H 52 17.44 24.16 28.64
CA GLY H 52 16.60 24.64 27.55
C GLY H 52 17.36 25.48 26.55
N VAL H 53 18.20 26.41 27.03
CA VAL H 53 18.99 27.21 26.11
C VAL H 53 20.10 26.39 25.48
N ALA H 54 20.55 25.31 26.14
CA ALA H 54 21.52 24.42 25.52
C ALA H 54 20.89 23.63 24.37
N ARG H 55 19.66 23.13 24.56
CA ARG H 55 18.94 22.47 23.48
C ARG H 55 18.64 23.42 22.33
N THR H 56 18.26 24.66 22.66
CA THR H 56 17.97 25.66 21.63
C THR H 56 19.22 26.00 20.82
N GLY H 57 20.34 26.24 21.50
CA GLY H 57 21.57 26.53 20.81
C GLY H 57 22.10 25.36 20.01
N ARG H 58 21.89 24.14 20.52
CA ARG H 58 22.34 22.93 19.82
C ARG H 58 21.55 22.73 18.54
N TYR H 59 20.21 22.84 18.59
CA TYR H 59 19.40 22.62 17.40
C TYR H 59 19.59 23.76 16.39
N THR H 60 19.71 24.99 16.89
CA THR H 60 19.90 26.14 16.02
C THR H 60 21.25 26.10 15.31
N PHE H 61 22.32 25.74 16.05
CA PHE H 61 23.63 25.64 15.42
C PHE H 61 23.72 24.44 14.49
N THR H 62 23.02 23.35 14.81
CA THR H 62 22.98 22.19 13.93
C THR H 62 22.34 22.54 12.59
N ALA H 63 21.14 23.13 12.63
CA ALA H 63 20.47 23.47 11.39
C ALA H 63 21.14 24.62 10.65
N ALA H 64 21.78 25.55 11.37
CA ALA H 64 22.52 26.62 10.73
C ALA H 64 23.80 26.11 10.09
N ALA H 65 24.45 25.12 10.68
CA ALA H 65 25.64 24.53 10.05
C ALA H 65 25.26 23.72 8.81
N ILE H 66 24.11 23.04 8.87
CA ILE H 66 23.56 22.36 7.69
C ILE H 66 23.33 23.36 6.56
N GLY H 67 22.68 24.48 6.89
CA GLY H 67 22.42 25.49 5.87
C GLY H 67 23.68 26.14 5.33
N ALA H 68 24.65 26.39 6.21
CA ALA H 68 25.91 27.02 5.81
C ALA H 68 26.70 26.12 4.87
N ILE H 69 26.85 24.84 5.23
CA ILE H 69 27.62 23.94 4.40
C ILE H 69 26.86 23.58 3.12
N PHE H 70 25.52 23.58 3.18
CA PHE H 70 24.70 23.44 1.97
C PHE H 70 24.96 24.58 0.98
N GLY H 71 24.80 25.82 1.44
CA GLY H 71 24.95 26.96 0.54
C GLY H 71 26.37 27.12 0.03
N LEU H 72 27.35 26.86 0.91
CA LEU H 72 28.76 26.90 0.51
C LEU H 72 29.07 25.86 -0.54
N THR H 73 28.66 24.61 -0.31
CA THR H 73 28.98 23.52 -1.24
C THR H 73 28.25 23.71 -2.57
N SER H 74 27.00 24.19 -2.52
CA SER H 74 26.24 24.44 -3.74
C SER H 74 26.85 25.55 -4.56
N CYS H 75 27.27 26.65 -3.92
CA CYS H 75 27.83 27.76 -4.69
C CYS H 75 29.22 27.43 -5.21
N ILE H 76 30.03 26.69 -4.44
CA ILE H 76 31.34 26.29 -4.92
C ILE H 76 31.24 25.30 -6.07
N SER H 77 30.29 24.36 -5.99
CA SER H 77 30.10 23.43 -7.10
C SER H 77 29.50 24.11 -8.32
N ALA H 78 28.76 25.19 -8.13
CA ALA H 78 28.30 25.97 -9.28
C ALA H 78 29.43 26.81 -9.87
N GLN H 79 30.40 27.23 -9.06
CA GLN H 79 31.53 28.00 -9.58
C GLN H 79 32.50 27.11 -10.35
N VAL H 80 32.92 26.00 -9.75
CA VAL H 80 33.98 25.19 -10.35
C VAL H 80 33.50 24.39 -11.55
N ARG H 81 32.19 24.21 -11.71
CA ARG H 81 31.65 23.54 -12.88
C ARG H 81 31.10 24.50 -13.92
N GLU H 82 30.94 25.78 -13.55
CA GLU H 82 30.40 26.84 -14.40
C GLU H 82 29.02 26.48 -14.96
N LYS H 83 28.20 25.85 -14.12
CA LYS H 83 26.84 25.44 -14.47
C LYS H 83 25.92 25.91 -13.34
N PRO H 84 25.38 27.13 -13.44
CA PRO H 84 24.53 27.62 -12.34
C PRO H 84 23.15 26.97 -12.30
N ASP H 85 22.55 26.72 -13.47
CA ASP H 85 21.21 26.15 -13.55
C ASP H 85 21.26 24.63 -13.67
N ASP H 86 21.83 24.00 -12.63
CA ASP H 86 22.08 22.56 -12.69
C ASP H 86 21.80 21.92 -11.34
N PRO H 87 20.87 20.97 -11.26
CA PRO H 87 20.48 20.39 -9.97
C PRO H 87 21.51 19.46 -9.35
N LEU H 88 22.55 19.08 -10.09
CA LEU H 88 23.63 18.28 -9.52
C LEU H 88 24.41 19.07 -8.48
N ASN H 89 24.46 20.39 -8.64
CA ASN H 89 25.07 21.27 -7.65
C ASN H 89 24.32 21.20 -6.32
N TYR H 90 22.99 21.24 -6.36
CA TYR H 90 22.25 21.10 -5.12
C TYR H 90 22.18 19.67 -4.63
N LEU H 91 22.42 18.68 -5.50
CA LEU H 91 22.59 17.31 -5.03
C LEU H 91 23.83 17.19 -4.16
N ILE H 92 24.94 17.77 -4.63
CA ILE H 92 26.18 17.78 -3.85
C ILE H 92 26.02 18.60 -2.58
N GLY H 93 25.31 19.73 -2.67
CA GLY H 93 25.08 20.55 -1.49
C GLY H 93 24.19 19.88 -0.45
N GLY H 94 23.16 19.18 -0.90
CA GLY H 94 22.31 18.44 0.02
C GLY H 94 23.01 17.25 0.65
N CYS H 95 23.92 16.60 -0.08
CA CYS H 95 24.72 15.57 0.55
C CYS H 95 25.71 16.15 1.55
N ALA H 96 26.24 17.35 1.28
CA ALA H 96 27.12 18.00 2.25
C ALA H 96 26.34 18.39 3.51
N GLY H 97 25.11 18.88 3.35
CA GLY H 97 24.27 19.14 4.50
C GLY H 97 23.88 17.89 5.25
N GLY H 98 23.70 16.77 4.54
CA GLY H 98 23.43 15.51 5.21
C GLY H 98 24.62 14.98 5.99
N LEU H 99 25.83 15.14 5.44
CA LEU H 99 27.04 14.80 6.18
C LEU H 99 27.22 15.72 7.38
N THR H 100 26.78 16.98 7.28
CA THR H 100 26.80 17.88 8.43
C THR H 100 25.82 17.41 9.50
N LEU H 101 24.62 17.00 9.11
CA LEU H 101 23.64 16.49 10.07
C LEU H 101 24.09 15.18 10.69
N GLY H 102 24.88 14.38 9.97
CA GLY H 102 25.46 13.21 10.59
C GLY H 102 26.62 13.54 11.52
N ALA H 103 27.37 14.59 11.19
CA ALA H 103 28.47 15.01 12.06
C ALA H 103 27.97 15.64 13.35
N ARG H 104 26.82 16.31 13.31
CA ARG H 104 26.26 16.90 14.51
C ARG H 104 25.64 15.84 15.42
N THR H 105 25.03 14.81 14.85
CA THR H 105 24.48 13.71 15.62
C THR H 105 25.52 12.64 15.94
N ARG H 106 26.76 12.79 15.43
CA ARG H 106 27.90 11.91 15.71
C ARG H 106 27.63 10.47 15.31
N SER H 107 27.21 10.29 14.06
CA SER H 107 26.87 8.97 13.53
C SER H 107 27.00 8.98 12.03
N TYR H 108 27.48 7.87 11.47
CA TYR H 108 27.71 7.78 10.03
C TYR H 108 26.47 7.36 9.26
N GLY H 109 25.62 6.52 9.85
CA GLY H 109 24.46 6.04 9.13
C GLY H 109 23.42 7.12 8.90
N ILE H 110 23.16 7.94 9.93
CA ILE H 110 22.33 9.13 9.79
C ILE H 110 22.95 10.10 8.79
N GLY H 111 24.27 10.16 8.73
CA GLY H 111 24.94 11.00 7.75
C GLY H 111 24.70 10.55 6.32
N ALA H 112 24.79 9.25 6.07
CA ALA H 112 24.58 8.75 4.71
C ALA H 112 23.11 8.84 4.31
N ALA H 113 22.20 8.56 5.24
CA ALA H 113 20.78 8.65 4.96
C ALA H 113 20.36 10.10 4.70
N ALA H 114 20.86 11.03 5.51
CA ALA H 114 20.55 12.44 5.30
C ALA H 114 21.23 12.99 4.07
N CYS H 115 22.43 12.49 3.72
CA CYS H 115 23.06 12.79 2.44
C CYS H 115 22.16 12.45 1.28
N ALA H 116 21.68 11.20 1.23
CA ALA H 116 20.86 10.74 0.11
C ALA H 116 19.53 11.51 0.04
N TYR H 117 18.80 11.56 1.15
CA TYR H 117 17.45 12.14 1.09
C TYR H 117 17.48 13.66 0.98
N MET H 118 18.40 14.34 1.69
CA MET H 118 18.48 15.79 1.56
C MET H 118 19.10 16.21 0.23
N GLY H 119 19.98 15.38 -0.36
CA GLY H 119 20.48 15.70 -1.68
C GLY H 119 19.43 15.56 -2.75
N LEU H 120 18.60 14.50 -2.67
CA LEU H 120 17.50 14.38 -3.61
C LEU H 120 16.45 15.45 -3.40
N THR H 121 16.23 15.86 -2.14
CA THR H 121 15.27 16.93 -1.86
C THR H 121 15.75 18.27 -2.40
N ALA H 122 17.03 18.60 -2.20
CA ALA H 122 17.57 19.84 -2.72
C ALA H 122 17.63 19.84 -4.25
N ALA H 123 17.90 18.68 -4.85
CA ALA H 123 17.84 18.56 -6.31
C ALA H 123 16.42 18.82 -6.81
N LEU H 124 15.40 18.28 -6.12
CA LEU H 124 14.02 18.54 -6.48
C LEU H 124 13.63 20.00 -6.30
N VAL H 125 14.18 20.66 -5.27
CA VAL H 125 13.90 22.09 -5.07
C VAL H 125 14.52 22.91 -6.19
N LYS H 126 15.71 22.52 -6.67
CA LYS H 126 16.31 23.23 -7.80
C LYS H 126 15.51 23.02 -9.09
N MET H 127 15.06 21.78 -9.32
CA MET H 127 14.25 21.49 -10.49
C MET H 127 12.91 22.22 -10.44
N GLY H 128 12.34 22.37 -9.24
CA GLY H 128 11.12 23.13 -9.10
C GLY H 128 11.30 24.61 -9.29
N GLN H 129 12.47 25.13 -8.93
CA GLN H 129 12.77 26.51 -9.25
C GLN H 129 12.98 26.70 -10.75
N LEU H 130 13.52 25.70 -11.43
CA LEU H 130 13.76 25.81 -12.86
C LEU H 130 12.46 25.72 -13.65
N GLU H 131 11.73 24.61 -13.53
CA GLU H 131 10.50 24.42 -14.30
C GLU H 131 9.29 25.08 -13.68
N GLY H 132 9.42 25.77 -12.55
CA GLY H 132 8.28 26.45 -11.98
C GLY H 132 7.27 25.55 -11.32
N TRP H 133 7.73 24.52 -10.61
CA TRP H 133 6.83 23.63 -9.90
C TRP H 133 6.24 24.36 -8.70
N LYS H 134 4.95 24.14 -8.46
CA LYS H 134 4.26 24.80 -7.37
C LYS H 134 3.86 23.79 -6.31
N VAL H 135 4.18 24.09 -5.07
CA VAL H 135 3.74 23.28 -3.93
C VAL H 135 2.47 23.85 -3.31
N PHE H 136 2.41 25.16 -3.06
CA PHE H 136 1.19 25.84 -2.64
C PHE H 136 0.64 26.57 -3.86
N ALA H 137 0.01 25.82 -4.75
CA ALA H 137 -0.49 26.38 -5.99
C ALA H 137 -1.78 27.16 -5.78
N GLU H 138 -1.86 28.32 -6.42
CA GLU H 138 -3.06 29.15 -6.35
C GLU H 138 -4.21 28.47 -7.08
N PRO H 139 -5.43 28.53 -6.54
CA PRO H 139 -6.59 28.01 -7.28
C PRO H 139 -6.84 28.80 -8.55
N LYS H 140 -6.90 28.10 -9.67
CA LYS H 140 -7.11 28.72 -10.96
C LYS H 140 -8.40 28.29 -11.66
N VAL H 141 -8.90 27.09 -11.40
CA VAL H 141 -10.12 26.63 -12.08
C VAL H 141 -11.25 26.39 -11.08
N GLY I 51 13.97 -70.40 -12.76
CA GLY I 51 14.26 -70.65 -11.36
C GLY I 51 14.90 -69.47 -10.67
N LYS I 52 14.73 -69.43 -9.34
CA LYS I 52 15.13 -68.35 -8.42
C LYS I 52 14.81 -66.95 -8.98
N ARG I 53 13.54 -66.78 -9.32
CA ARG I 53 13.02 -65.46 -9.64
C ARG I 53 12.88 -64.65 -8.36
N LEU I 54 13.34 -63.40 -8.38
CA LEU I 54 13.32 -62.54 -7.21
C LEU I 54 12.31 -61.42 -7.38
N PHE I 55 11.65 -61.08 -6.28
CA PHE I 55 10.71 -59.96 -6.29
C PHE I 55 11.47 -58.66 -6.47
N ILE I 56 11.02 -57.83 -7.39
CA ILE I 56 11.63 -56.53 -7.63
C ILE I 56 10.80 -55.49 -6.91
N ILE I 57 11.38 -54.90 -5.86
CA ILE I 57 10.72 -53.81 -5.16
C ILE I 57 10.76 -52.58 -6.05
N LYS I 58 9.58 -52.03 -6.34
CA LYS I 58 9.42 -50.85 -7.15
C LYS I 58 8.24 -50.08 -6.58
N PRO I 59 8.16 -48.77 -6.82
CA PRO I 59 6.99 -48.03 -6.34
C PRO I 59 5.74 -48.41 -7.13
N SER I 60 4.61 -47.94 -6.63
CA SER I 60 3.33 -48.28 -7.22
C SER I 60 3.20 -47.64 -8.59
N GLY I 61 3.12 -48.46 -9.63
CA GLY I 61 2.89 -48.02 -10.97
C GLY I 61 1.43 -48.00 -11.37
N PHE I 62 0.52 -48.25 -10.43
CA PHE I 62 -0.91 -48.26 -10.75
C PHE I 62 -1.40 -46.86 -11.07
N TYR I 63 -0.99 -45.86 -10.30
CA TYR I 63 -1.64 -44.57 -10.36
C TYR I 63 -1.13 -43.73 -11.52
N ASP I 64 0.15 -43.87 -11.88
CA ASP I 64 0.65 -43.24 -13.10
C ASP I 64 0.02 -43.84 -14.34
N LYS I 65 -0.11 -45.17 -14.38
CA LYS I 65 -0.72 -45.83 -15.53
C LYS I 65 -2.19 -45.50 -15.64
N ARG I 66 -2.88 -45.38 -14.50
CA ARG I 66 -4.29 -45.00 -14.51
C ARG I 66 -4.46 -43.57 -14.99
N PHE I 67 -3.58 -42.66 -14.57
CA PHE I 67 -3.61 -41.30 -15.09
C PHE I 67 -3.38 -41.27 -16.59
N LEU I 68 -2.41 -42.02 -17.09
CA LEU I 68 -2.12 -41.95 -18.52
C LEU I 68 -3.22 -42.59 -19.36
N LYS I 69 -3.85 -43.65 -18.85
CA LYS I 69 -5.01 -44.23 -19.53
C LYS I 69 -6.18 -43.26 -19.56
N LEU I 70 -6.47 -42.60 -18.44
CA LEU I 70 -7.58 -41.67 -18.42
C LEU I 70 -7.29 -40.41 -19.23
N LEU I 71 -6.02 -39.97 -19.27
CA LEU I 71 -5.63 -38.85 -20.11
C LEU I 71 -5.83 -39.15 -21.58
N ARG I 72 -5.34 -40.31 -22.03
CA ARG I 72 -5.53 -40.71 -23.42
C ARG I 72 -6.99 -40.94 -23.74
N PHE I 73 -7.76 -41.50 -22.80
CA PHE I 73 -9.18 -41.72 -23.01
C PHE I 73 -9.94 -40.41 -23.21
N TYR I 74 -9.71 -39.44 -22.33
CA TYR I 74 -10.46 -38.20 -22.45
C TYR I 74 -9.94 -37.27 -23.54
N ILE I 75 -8.69 -37.41 -23.97
CA ILE I 75 -8.29 -36.69 -25.17
C ILE I 75 -8.94 -37.32 -26.40
N LEU I 76 -8.87 -38.65 -26.53
CA LEU I 76 -9.42 -39.32 -27.71
C LEU I 76 -10.94 -39.28 -27.76
N LEU I 77 -11.62 -39.13 -26.60
CA LEU I 77 -13.08 -39.15 -26.51
C LEU I 77 -13.73 -38.10 -27.39
N THR I 78 -13.16 -36.91 -27.45
CA THR I 78 -13.59 -35.93 -28.43
C THR I 78 -12.64 -35.81 -29.60
N GLY I 79 -11.37 -36.21 -29.45
CA GLY I 79 -10.41 -36.00 -30.51
C GLY I 79 -10.63 -36.89 -31.72
N ILE I 80 -10.99 -38.15 -31.49
CA ILE I 80 -11.31 -39.06 -32.60
C ILE I 80 -12.59 -38.60 -33.32
N PRO I 81 -13.69 -38.19 -32.65
CA PRO I 81 -14.78 -37.56 -33.42
C PRO I 81 -14.39 -36.27 -34.11
N VAL I 82 -13.49 -35.46 -33.54
CA VAL I 82 -13.05 -34.24 -34.21
C VAL I 82 -12.22 -34.56 -35.44
N VAL I 83 -11.33 -35.56 -35.36
CA VAL I 83 -10.52 -35.93 -36.53
C VAL I 83 -11.38 -36.56 -37.62
N ILE I 84 -12.34 -37.41 -37.24
CA ILE I 84 -13.25 -38.01 -38.22
C ILE I 84 -14.13 -36.94 -38.86
N GLY I 85 -14.61 -35.97 -38.06
CA GLY I 85 -15.42 -34.91 -38.61
C GLY I 85 -14.66 -33.97 -39.53
N ILE I 86 -13.41 -33.64 -39.17
CA ILE I 86 -12.57 -32.83 -40.02
C ILE I 86 -12.25 -33.55 -41.32
N THR I 87 -12.05 -34.87 -41.25
CA THR I 87 -11.81 -35.65 -42.45
C THR I 87 -13.04 -35.68 -43.36
N LEU I 88 -14.23 -35.84 -42.78
CA LEU I 88 -15.46 -35.84 -43.58
C LEU I 88 -15.76 -34.47 -44.16
N ILE I 89 -15.44 -33.39 -43.44
CA ILE I 89 -15.62 -32.05 -43.99
C ILE I 89 -14.64 -31.80 -45.12
N ASN I 90 -13.40 -32.27 -44.99
CA ASN I 90 -12.41 -32.04 -46.04
C ASN I 90 -12.67 -32.90 -47.26
N VAL I 91 -13.27 -34.07 -47.09
CA VAL I 91 -13.54 -34.94 -48.23
C VAL I 91 -14.86 -34.59 -48.91
N PHE I 92 -15.95 -34.49 -48.14
CA PHE I 92 -17.28 -34.40 -48.74
C PHE I 92 -17.80 -32.97 -48.88
N ILE I 93 -17.58 -32.12 -47.89
CA ILE I 93 -17.92 -30.71 -48.04
C ILE I 93 -16.85 -30.00 -48.87
N GLY I 94 -15.60 -30.12 -48.45
CA GLY I 94 -14.50 -29.63 -49.24
C GLY I 94 -14.23 -28.15 -49.06
N GLU I 95 -13.14 -27.73 -49.67
CA GLU I 95 -12.56 -26.41 -49.46
C GLU I 95 -13.06 -25.46 -50.53
N ALA I 96 -13.14 -24.18 -50.19
CA ALA I 96 -13.68 -23.19 -51.11
C ALA I 96 -12.68 -22.89 -52.23
N GLU I 97 -13.21 -22.40 -53.35
CA GLU I 97 -12.42 -21.99 -54.49
C GLU I 97 -12.36 -20.48 -54.54
N LEU I 98 -11.17 -19.94 -54.82
CA LEU I 98 -11.05 -18.49 -54.94
C LEU I 98 -11.72 -18.02 -56.21
N ALA I 99 -12.57 -17.00 -56.08
CA ALA I 99 -13.29 -16.43 -57.20
C ALA I 99 -13.21 -14.91 -57.12
N GLU I 100 -13.33 -14.27 -58.28
CA GLU I 100 -13.46 -12.83 -58.30
C GLU I 100 -14.84 -12.43 -57.82
N ILE I 101 -14.91 -11.27 -57.17
CA ILE I 101 -16.22 -10.80 -56.68
C ILE I 101 -17.06 -10.35 -57.86
N PRO I 102 -18.28 -10.84 -58.01
CA PRO I 102 -19.13 -10.42 -59.13
C PRO I 102 -19.55 -8.97 -59.02
N GLU I 103 -20.04 -8.44 -60.14
CA GLU I 103 -20.41 -7.03 -60.20
C GLU I 103 -21.69 -6.80 -59.43
N GLY I 104 -21.63 -5.92 -58.42
CA GLY I 104 -22.75 -5.63 -57.58
C GLY I 104 -22.94 -6.55 -56.40
N TYR I 105 -22.14 -7.62 -56.31
CA TYR I 105 -22.27 -8.59 -55.24
C TYR I 105 -21.47 -8.13 -54.03
N VAL I 106 -22.12 -8.10 -52.88
CA VAL I 106 -21.48 -7.77 -51.62
C VAL I 106 -21.33 -9.07 -50.83
N PRO I 107 -20.12 -9.60 -50.68
CA PRO I 107 -19.96 -10.86 -49.94
C PRO I 107 -20.16 -10.66 -48.45
N GLU I 108 -20.65 -11.71 -47.79
CA GLU I 108 -20.68 -11.74 -46.35
C GLU I 108 -19.27 -11.87 -45.81
N HIS I 109 -19.09 -11.55 -44.53
CA HIS I 109 -17.74 -11.48 -43.98
C HIS I 109 -17.13 -12.86 -43.83
N TRP I 110 -17.95 -13.89 -43.66
CA TRP I 110 -17.46 -15.26 -43.60
C TRP I 110 -17.15 -15.84 -44.97
N GLU I 111 -17.59 -15.19 -46.04
CA GLU I 111 -17.30 -15.63 -47.40
C GLU I 111 -15.94 -15.21 -47.90
N TYR I 112 -15.12 -14.59 -47.06
CA TYR I 112 -13.75 -14.26 -47.40
C TYR I 112 -12.75 -15.29 -46.88
N PHE I 113 -13.23 -16.44 -46.44
CA PHE I 113 -12.38 -17.45 -45.87
C PHE I 113 -12.58 -18.76 -46.61
N LYS I 114 -11.55 -19.59 -46.59
CA LYS I 114 -11.42 -20.73 -47.48
C LYS I 114 -11.88 -22.03 -46.85
N HIS I 115 -11.55 -22.27 -45.59
CA HIS I 115 -11.91 -23.58 -45.03
C HIS I 115 -13.31 -23.52 -44.43
N PRO I 116 -14.10 -24.60 -44.54
CA PRO I 116 -15.47 -24.61 -43.97
C PRO I 116 -15.54 -24.36 -42.47
N ILE I 117 -14.58 -24.87 -41.70
CA ILE I 117 -14.61 -24.66 -40.26
C ILE I 117 -14.29 -23.20 -39.94
N SER I 118 -13.39 -22.60 -40.72
CA SER I 118 -13.08 -21.18 -40.55
C SER I 118 -14.25 -20.30 -40.92
N ARG I 119 -14.95 -20.64 -42.01
CA ARG I 119 -16.15 -19.91 -42.41
C ARG I 119 -17.26 -20.07 -41.37
N TRP I 120 -17.35 -21.25 -40.76
CA TRP I 120 -18.35 -21.48 -39.73
C TRP I 120 -18.04 -20.69 -38.46
N ILE I 121 -16.76 -20.61 -38.08
CA ILE I 121 -16.35 -19.81 -36.93
C ILE I 121 -16.61 -18.34 -37.19
N ALA I 122 -16.31 -17.87 -38.40
CA ALA I 122 -16.50 -16.46 -38.73
C ALA I 122 -17.98 -16.10 -38.79
N ARG I 123 -18.82 -17.03 -39.27
CA ARG I 123 -20.25 -16.76 -39.37
C ARG I 123 -20.93 -16.86 -38.01
N THR I 124 -20.49 -17.80 -37.17
CA THR I 124 -21.22 -18.11 -35.94
C THR I 124 -20.81 -17.19 -34.80
N PHE I 125 -19.52 -16.96 -34.63
CA PHE I 125 -19.00 -16.36 -33.41
C PHE I 125 -18.46 -14.95 -33.59
N PHE I 126 -17.82 -14.65 -34.70
CA PHE I 126 -17.00 -13.45 -34.78
C PHE I 126 -17.78 -12.30 -35.39
N ASP I 127 -17.49 -11.09 -34.90
CA ASP I 127 -17.95 -9.88 -35.55
C ASP I 127 -17.35 -9.75 -36.93
N ALA I 128 -18.11 -9.14 -37.83
CA ALA I 128 -17.55 -8.74 -39.11
C ALA I 128 -16.52 -7.63 -38.91
N PRO I 129 -15.53 -7.53 -39.81
CA PRO I 129 -14.61 -6.39 -39.74
C PRO I 129 -15.28 -5.05 -39.97
N GLU I 130 -16.34 -5.02 -40.78
CA GLU I 130 -17.13 -3.82 -40.98
C GLU I 130 -17.75 -3.34 -39.68
N LYS I 131 -18.34 -4.28 -38.93
CA LYS I 131 -19.00 -3.97 -37.67
C LYS I 131 -18.02 -3.44 -36.64
N ASN I 132 -16.88 -4.12 -36.48
CA ASN I 132 -15.88 -3.67 -35.52
C ASN I 132 -15.28 -2.33 -35.93
N TYR I 133 -15.12 -2.13 -37.23
CA TYR I 133 -14.54 -0.91 -37.76
C TYR I 133 -15.44 0.30 -37.48
N GLU I 134 -16.71 0.18 -37.81
CA GLU I 134 -17.64 1.30 -37.64
C GLU I 134 -18.04 1.48 -36.18
N ARG I 135 -18.05 0.40 -35.40
CA ARG I 135 -18.21 0.51 -33.95
C ARG I 135 -17.03 1.23 -33.32
N THR I 136 -15.82 0.98 -33.82
CA THR I 136 -14.63 1.70 -33.37
C THR I 136 -14.75 3.18 -33.70
N MET I 137 -15.29 3.50 -34.88
CA MET I 137 -15.49 4.90 -35.24
C MET I 137 -16.50 5.59 -34.33
N ALA I 138 -17.58 4.90 -33.95
CA ALA I 138 -18.53 5.47 -33.01
C ALA I 138 -17.91 5.69 -31.63
N ILE I 139 -17.11 4.73 -31.17
CA ILE I 139 -16.38 4.86 -29.90
C ILE I 139 -15.43 6.05 -29.94
N LEU I 140 -14.68 6.19 -31.04
CA LEU I 140 -13.71 7.27 -31.15
C LEU I 140 -14.38 8.62 -31.22
N GLN I 141 -15.55 8.72 -31.88
CA GLN I 141 -16.25 9.98 -31.93
C GLN I 141 -16.77 10.39 -30.55
N ILE I 142 -17.36 9.43 -29.82
CA ILE I 142 -17.87 9.70 -28.47
C ILE I 142 -16.74 10.14 -27.54
N GLU I 143 -15.61 9.42 -27.58
CA GLU I 143 -14.54 9.71 -26.64
C GLU I 143 -13.78 10.99 -27.01
N SER I 144 -13.68 11.31 -28.30
CA SER I 144 -13.06 12.57 -28.69
C SER I 144 -13.94 13.76 -28.34
N GLU I 145 -15.26 13.61 -28.47
CA GLU I 145 -16.16 14.67 -28.06
C GLU I 145 -16.14 14.88 -26.55
N LYS I 146 -16.05 13.79 -25.77
CA LYS I 146 -15.92 13.93 -24.32
C LYS I 146 -14.61 14.59 -23.93
N ALA I 147 -13.54 14.30 -24.66
CA ALA I 147 -12.25 14.91 -24.36
C ALA I 147 -12.24 16.41 -24.66
N GLU I 148 -12.84 16.80 -25.79
CA GLU I 148 -12.93 18.21 -26.13
C GLU I 148 -13.80 18.96 -25.14
N LEU I 149 -14.88 18.33 -24.67
CA LEU I 149 -15.70 18.95 -23.65
C LEU I 149 -14.99 19.08 -22.31
N ARG I 150 -14.11 18.13 -21.97
CA ARG I 150 -13.35 18.27 -20.73
C ARG I 150 -12.34 19.41 -20.82
N LEU I 151 -11.70 19.57 -21.98
CA LEU I 151 -10.75 20.68 -22.17
C LEU I 151 -11.47 22.03 -22.13
N LYS I 152 -12.63 22.11 -22.77
CA LYS I 152 -13.44 23.32 -22.70
C LYS I 152 -13.94 23.60 -21.30
N GLU I 153 -14.25 22.55 -20.53
CA GLU I 153 -14.69 22.72 -19.16
C GLU I 153 -13.59 23.28 -18.28
N LEU I 154 -12.35 22.81 -18.48
CA LEU I 154 -11.21 23.37 -17.75
C LEU I 154 -10.99 24.83 -18.09
N GLU I 155 -11.08 25.17 -19.37
CA GLU I 155 -10.86 26.57 -19.76
C GLU I 155 -11.97 27.49 -19.28
N VAL I 156 -13.22 27.00 -19.28
CA VAL I 156 -14.36 27.77 -18.76
C VAL I 156 -14.21 28.00 -17.26
N ARG I 157 -13.81 26.97 -16.50
CA ARG I 157 -13.61 27.14 -15.06
C ARG I 157 -12.49 28.13 -14.76
N ARG I 158 -11.43 28.10 -15.57
CA ARG I 158 -10.33 29.04 -15.37
C ARG I 158 -10.79 30.48 -15.61
N LEU I 159 -11.54 30.71 -16.69
CA LEU I 159 -12.01 32.05 -17.02
C LEU I 159 -13.04 32.55 -16.01
N MET I 160 -13.94 31.69 -15.55
CA MET I 160 -14.96 32.14 -14.61
C MET I 160 -14.38 32.39 -13.22
N ARG I 161 -13.37 31.63 -12.80
CA ARG I 161 -12.72 31.95 -11.54
C ARG I 161 -11.89 33.22 -11.66
N ALA I 162 -11.28 33.46 -12.81
CA ALA I 162 -10.46 34.66 -12.97
C ALA I 162 -11.31 35.92 -13.04
N LYS I 163 -12.42 35.89 -13.77
CA LYS I 163 -13.17 37.11 -14.06
C LYS I 163 -14.41 37.28 -13.19
N GLY I 164 -15.02 36.19 -12.74
CA GLY I 164 -16.19 36.31 -11.89
C GLY I 164 -17.45 36.73 -12.59
N ASP I 165 -17.48 36.69 -13.92
CA ASP I 165 -18.62 37.18 -14.69
C ASP I 165 -19.56 36.07 -15.16
N GLY I 166 -19.31 34.84 -14.76
CA GLY I 166 -20.16 33.74 -15.18
C GLY I 166 -21.09 33.30 -14.06
N PRO I 167 -21.87 32.25 -14.33
CA PRO I 167 -22.73 31.70 -13.28
C PRO I 167 -22.00 30.93 -12.19
N TRP I 168 -20.74 30.59 -12.40
CA TRP I 168 -20.00 29.86 -11.38
C TRP I 168 -19.11 30.84 -10.63
N PHE I 169 -18.64 30.40 -9.45
CA PHE I 169 -17.78 31.16 -8.55
C PHE I 169 -18.42 32.47 -8.14
N GLN I 170 -19.74 32.45 -7.97
CA GLN I 170 -20.51 33.62 -7.56
C GLN I 170 -20.63 33.58 -6.05
N TYR I 171 -19.67 34.18 -5.40
CA TYR I 171 -19.68 34.22 -3.95
C TYR I 171 -20.59 35.34 -3.47
N PRO I 172 -21.28 35.16 -2.34
CA PRO I 172 -22.35 36.08 -1.97
C PRO I 172 -21.86 37.46 -1.58
N THR I 173 -22.65 38.46 -1.93
CA THR I 173 -22.56 39.81 -1.39
C THR I 173 -23.86 40.09 -0.64
N ILE I 174 -23.94 41.28 -0.05
CA ILE I 174 -25.10 41.63 0.76
C ILE I 174 -26.28 41.93 -0.15
N ASP I 175 -27.43 41.33 0.14
CA ASP I 175 -28.69 41.64 -0.52
C ASP I 175 -29.06 43.09 -0.25
N LYS I 176 -29.28 43.85 -1.33
CA LYS I 176 -29.65 45.25 -1.19
C LYS I 176 -31.12 45.45 -0.80
N ALA I 177 -31.92 44.38 -0.80
CA ALA I 177 -33.29 44.47 -0.32
C ALA I 177 -33.38 44.57 1.20
N LEU I 178 -32.25 44.44 1.91
CA LEU I 178 -32.23 44.63 3.35
C LEU I 178 -32.12 46.09 3.74
N ILE I 179 -31.84 46.98 2.80
CA ILE I 179 -31.63 48.40 3.10
C ILE I 179 -32.96 49.07 3.36
N ASP I 180 -33.06 49.77 4.49
CA ASP I 180 -34.18 50.65 4.77
C ASP I 180 -33.99 51.95 4.01
N HIS I 181 -34.98 52.33 3.20
CA HIS I 181 -34.92 53.57 2.42
C HIS I 181 -35.86 54.63 2.94
N SER I 182 -36.33 54.48 4.17
CA SER I 182 -37.27 55.43 4.77
C SER I 182 -36.54 56.70 5.21
N PRO I 183 -37.26 57.80 5.40
CA PRO I 183 -36.64 58.98 6.02
C PRO I 183 -36.26 58.70 7.47
N LYS I 184 -35.01 58.98 7.79
CA LYS I 184 -34.49 58.64 9.11
C LYS I 184 -34.72 59.80 10.08
N ALA I 185 -34.21 59.65 11.30
CA ALA I 185 -34.41 60.66 12.31
C ALA I 185 -33.62 61.93 12.03
N THR I 186 -32.47 61.80 11.40
CA THR I 186 -31.65 62.92 10.97
C THR I 186 -31.61 62.96 9.45
N PRO I 187 -31.47 64.15 8.83
CA PRO I 187 -31.59 64.22 7.37
C PRO I 187 -30.39 63.73 6.57
N ASP I 188 -29.18 63.84 7.12
CA ASP I 188 -27.96 63.71 6.34
C ASP I 188 -27.53 62.25 6.29
N ASN I 189 -28.22 61.47 5.46
CA ASN I 189 -27.99 60.03 5.31
C ASN I 189 -28.61 59.44 4.05
N ASP J 71 25.65 -63.91 -18.14
CA ASP J 71 26.57 -63.06 -17.40
C ASP J 71 26.37 -63.12 -15.89
N ALA J 72 27.45 -62.84 -15.14
CA ALA J 72 27.50 -62.67 -13.69
C ALA J 72 26.89 -63.85 -12.94
N PRO J 73 27.59 -64.98 -12.84
CA PRO J 73 27.01 -66.17 -12.21
C PRO J 73 26.84 -65.95 -10.72
N PRO J 74 25.77 -66.48 -10.14
CA PRO J 74 25.47 -66.18 -8.73
C PRO J 74 26.39 -66.92 -7.79
N LEU J 75 26.77 -66.24 -6.71
CA LEU J 75 27.65 -66.83 -5.72
C LEU J 75 26.84 -67.66 -4.73
N THR J 76 27.41 -68.76 -4.30
CA THR J 76 26.87 -69.58 -3.22
C THR J 76 27.81 -69.51 -2.03
N LEU J 77 27.31 -69.93 -0.87
CA LEU J 77 28.16 -69.98 0.32
C LEU J 77 29.25 -71.04 0.17
N GLU J 78 28.91 -72.17 -0.46
CA GLU J 78 29.91 -73.20 -0.70
C GLU J 78 30.94 -72.73 -1.71
N GLY J 79 30.50 -71.99 -2.74
CA GLY J 79 31.43 -71.47 -3.72
C GLY J 79 32.37 -70.41 -3.17
N ILE J 80 31.84 -69.49 -2.36
CA ILE J 80 32.66 -68.50 -1.70
C ILE J 80 33.64 -69.16 -0.74
N LYS J 81 33.19 -70.18 -0.01
CA LYS J 81 34.06 -70.90 0.92
C LYS J 81 35.18 -71.63 0.17
N ASP J 82 34.84 -72.26 -0.95
CA ASP J 82 35.82 -72.95 -1.77
C ASP J 82 36.85 -72.00 -2.34
N ARG J 83 36.42 -70.82 -2.80
CA ARG J 83 37.35 -69.89 -3.39
C ARG J 83 38.25 -69.22 -2.35
N VAL J 84 37.70 -68.94 -1.15
CA VAL J 84 38.51 -68.37 -0.07
C VAL J 84 39.57 -69.37 0.39
N LEU J 85 39.16 -70.62 0.61
CA LEU J 85 40.13 -71.64 1.00
C LEU J 85 41.09 -71.96 -0.13
N TYR J 86 40.68 -71.76 -1.38
CA TYR J 86 41.56 -71.99 -2.51
C TYR J 86 42.69 -70.98 -2.56
N VAL J 87 42.35 -69.70 -2.40
CA VAL J 87 43.35 -68.64 -2.38
C VAL J 87 44.26 -68.79 -1.16
N LEU J 88 43.71 -69.24 -0.04
CA LEU J 88 44.56 -69.45 1.13
C LEU J 88 45.44 -70.70 1.00
N LYS J 89 45.01 -71.71 0.25
CA LYS J 89 45.87 -72.84 -0.04
C LYS J 89 46.93 -72.51 -1.06
N LEU J 90 46.73 -71.48 -1.86
CA LEU J 90 47.78 -71.02 -2.78
C LEU J 90 48.71 -69.99 -2.14
N TYR J 91 48.79 -69.96 -0.81
CA TYR J 91 49.63 -69.01 -0.09
C TYR J 91 50.69 -69.78 0.68
N ASP J 92 51.95 -69.44 0.45
CA ASP J 92 53.08 -70.24 0.91
C ASP J 92 53.34 -70.15 2.39
N LYS J 93 52.71 -69.22 3.10
CA LYS J 93 52.86 -69.14 4.55
C LYS J 93 51.79 -69.93 5.29
N ILE J 94 50.87 -70.56 4.57
CA ILE J 94 49.84 -71.41 5.15
C ILE J 94 50.01 -72.80 4.57
N ASP J 95 50.20 -73.78 5.44
CA ASP J 95 50.17 -75.16 4.96
C ASP J 95 48.75 -75.61 4.71
N PRO J 96 48.44 -76.22 3.57
CA PRO J 96 47.05 -76.51 3.22
C PRO J 96 46.43 -77.66 3.99
N GLU J 97 47.19 -78.38 4.82
CA GLU J 97 46.64 -79.47 5.63
C GLU J 97 46.19 -79.02 7.01
N LYS J 98 46.71 -77.89 7.49
CA LYS J 98 46.29 -77.33 8.77
C LYS J 98 45.13 -76.34 8.60
N LEU J 99 44.91 -75.87 7.39
CA LEU J 99 43.90 -74.85 7.13
C LEU J 99 42.49 -75.43 7.22
N SER J 100 41.60 -74.67 7.88
CA SER J 100 40.19 -74.96 7.91
C SER J 100 39.45 -73.62 7.82
N VAL J 101 38.11 -73.68 7.88
CA VAL J 101 37.34 -72.46 7.81
C VAL J 101 37.42 -71.65 9.09
N ASN J 102 37.81 -72.27 10.21
CA ASN J 102 37.87 -71.60 11.49
C ASN J 102 39.30 -71.38 11.96
N SER J 103 40.26 -71.46 11.04
CA SER J 103 41.66 -71.26 11.39
C SER J 103 41.91 -69.77 11.56
N HIS J 104 42.12 -69.34 12.81
CA HIS J 104 42.50 -67.97 13.06
C HIS J 104 43.88 -67.70 12.50
N PHE J 105 44.04 -66.57 11.81
CA PHE J 105 45.28 -66.33 11.08
C PHE J 105 46.45 -66.08 12.03
N MET J 106 46.21 -65.40 13.14
CA MET J 106 47.28 -65.08 14.06
C MET J 106 47.45 -66.12 15.16
N LYS J 107 46.35 -66.70 15.64
CA LYS J 107 46.42 -67.60 16.78
C LYS J 107 46.59 -69.06 16.39
N ASP J 108 46.05 -69.47 15.24
CA ASP J 108 46.20 -70.84 14.77
C ASP J 108 47.26 -70.97 13.68
N LEU J 109 47.29 -70.05 12.72
CA LEU J 109 48.21 -70.13 11.60
C LEU J 109 49.51 -69.37 11.83
N GLY J 110 49.58 -68.56 12.89
CA GLY J 110 50.81 -67.87 13.24
C GLY J 110 51.25 -66.81 12.26
N LEU J 111 50.30 -66.09 11.68
CA LEU J 111 50.60 -65.10 10.66
C LEU J 111 50.69 -63.70 11.26
N ASP J 112 51.32 -62.82 10.50
CA ASP J 112 51.52 -61.43 10.87
C ASP J 112 50.28 -60.62 10.50
N SER J 113 50.22 -59.38 10.97
CA SER J 113 49.16 -58.49 10.53
C SER J 113 49.37 -58.02 9.10
N LEU J 114 50.63 -57.93 8.66
CA LEU J 114 50.91 -57.64 7.26
C LEU J 114 50.45 -58.79 6.38
N ASP J 115 50.60 -60.03 6.89
CA ASP J 115 50.10 -61.20 6.19
C ASP J 115 48.57 -61.17 6.09
N GLN J 116 47.90 -60.66 7.12
CA GLN J 116 46.45 -60.56 7.10
C GLN J 116 45.99 -59.51 6.10
N VAL J 117 46.73 -58.40 5.99
CA VAL J 117 46.46 -57.39 4.99
C VAL J 117 46.61 -57.97 3.58
N GLU J 118 47.67 -58.76 3.36
CA GLU J 118 47.87 -59.39 2.06
C GLU J 118 46.79 -60.44 1.76
N ILE J 119 46.31 -61.15 2.78
CA ILE J 119 45.22 -62.11 2.60
C ILE J 119 43.94 -61.40 2.18
N ILE J 120 43.62 -60.27 2.82
CA ILE J 120 42.43 -59.53 2.43
C ILE J 120 42.58 -58.92 1.04
N MET J 121 43.79 -58.49 0.67
CA MET J 121 44.00 -57.99 -0.68
C MET J 121 43.86 -59.07 -1.72
N ALA J 122 44.28 -60.30 -1.40
CA ALA J 122 44.07 -61.41 -2.32
C ALA J 122 42.60 -61.79 -2.40
N MET J 123 41.85 -61.63 -1.31
CA MET J 123 40.39 -61.82 -1.36
C MET J 123 39.73 -60.77 -2.25
N GLU J 124 40.20 -59.52 -2.16
CA GLU J 124 39.70 -58.44 -3.01
C GLU J 124 39.99 -58.71 -4.47
N ASP J 125 41.20 -59.16 -4.78
CA ASP J 125 41.54 -59.50 -6.15
C ASP J 125 40.78 -60.73 -6.63
N GLU J 126 40.44 -61.63 -5.72
CA GLU J 126 39.71 -62.83 -6.07
C GLU J 126 38.27 -62.51 -6.46
N PHE J 127 37.56 -61.80 -5.60
CA PHE J 127 36.13 -61.57 -5.80
C PHE J 127 35.83 -60.24 -6.47
N GLY J 128 36.83 -59.40 -6.71
CA GLY J 128 36.65 -58.24 -7.54
C GLY J 128 36.01 -57.04 -6.89
N PHE J 129 36.05 -56.94 -5.56
CA PHE J 129 35.52 -55.77 -4.88
C PHE J 129 36.43 -55.46 -3.69
N GLU J 130 36.28 -54.24 -3.17
CA GLU J 130 37.13 -53.76 -2.10
C GLU J 130 36.47 -53.99 -0.75
N ILE J 131 37.21 -54.58 0.18
CA ILE J 131 36.84 -54.59 1.59
C ILE J 131 37.49 -53.38 2.25
N PRO J 132 36.73 -52.50 2.89
CA PRO J 132 37.34 -51.35 3.57
C PRO J 132 38.16 -51.77 4.78
N ASP J 133 39.06 -50.88 5.19
CA ASP J 133 40.04 -51.18 6.23
C ASP J 133 39.41 -51.33 7.60
N ILE J 134 38.29 -50.65 7.85
CA ILE J 134 37.58 -50.82 9.11
C ILE J 134 36.91 -52.19 9.19
N ASP J 135 36.64 -52.81 8.05
CA ASP J 135 36.13 -54.17 8.00
C ASP J 135 37.21 -55.21 7.79
N ALA J 136 38.29 -54.85 7.11
CA ALA J 136 39.34 -55.81 6.77
C ALA J 136 40.14 -56.22 7.99
N GLU J 137 40.28 -55.33 8.96
CA GLU J 137 41.07 -55.58 10.15
C GLU J 137 40.40 -56.55 11.12
N LYS J 138 39.13 -56.88 10.88
CA LYS J 138 38.37 -57.75 11.76
C LYS J 138 38.14 -59.13 11.18
N LEU J 139 38.58 -59.37 9.95
CA LEU J 139 38.39 -60.67 9.30
C LEU J 139 39.61 -61.52 9.59
N MET J 140 39.53 -62.31 10.66
CA MET J 140 40.69 -63.04 11.17
C MET J 140 40.56 -64.54 11.02
N CYS J 141 39.57 -65.04 10.29
CA CYS J 141 39.51 -66.45 9.94
C CYS J 141 38.86 -66.53 8.56
N PRO J 142 38.97 -67.67 7.87
CA PRO J 142 38.26 -67.79 6.57
C PRO J 142 36.76 -67.67 6.66
N GLN J 143 36.15 -68.10 7.77
CA GLN J 143 34.70 -68.05 7.89
C GLN J 143 34.20 -66.62 8.00
N GLU J 144 34.94 -65.74 8.66
CA GLU J 144 34.57 -64.33 8.73
C GLU J 144 34.65 -63.67 7.36
N ILE J 145 35.64 -64.08 6.55
CA ILE J 145 35.75 -63.57 5.19
C ILE J 145 34.59 -64.05 4.34
N VAL J 146 34.22 -65.33 4.48
CA VAL J 146 33.09 -65.89 3.73
C VAL J 146 31.78 -65.22 4.13
N ASP J 147 31.61 -64.95 5.43
CA ASP J 147 30.41 -64.28 5.90
C ASP J 147 30.35 -62.83 5.44
N TYR J 148 31.51 -62.18 5.36
CA TYR J 148 31.54 -60.80 4.89
C TYR J 148 31.19 -60.72 3.40
N ILE J 149 31.76 -61.61 2.59
CA ILE J 149 31.46 -61.65 1.17
C ILE J 149 30.03 -62.07 0.93
N ALA J 150 29.50 -62.95 1.77
CA ALA J 150 28.10 -63.33 1.72
C ALA J 150 27.18 -62.15 2.00
N ASP J 151 27.55 -61.33 2.99
CA ASP J 151 26.72 -60.20 3.35
C ASP J 151 26.80 -59.09 2.30
N LYS J 152 27.97 -58.90 1.69
CA LYS J 152 28.11 -57.83 0.71
C LYS J 152 27.64 -58.23 -0.69
N LYS J 153 27.31 -59.50 -0.91
CA LYS J 153 26.83 -59.94 -2.21
C LYS J 153 25.46 -60.60 -2.15
N ASP J 154 24.85 -60.68 -0.96
CA ASP J 154 23.47 -61.12 -0.73
C ASP J 154 23.24 -62.56 -1.18
N VAL J 155 24.13 -63.46 -0.77
CA VAL J 155 24.04 -64.82 -1.26
C VAL J 155 23.06 -65.62 -0.39
N TYR J 156 22.52 -66.67 -0.99
CA TYR J 156 21.33 -67.39 -0.52
C TYR J 156 20.15 -66.44 -0.32
N GLU J 157 19.73 -65.91 -1.46
CA GLU J 157 18.44 -65.30 -1.63
C GLU J 157 17.37 -66.37 -1.66
N PRO K 2 -8.52 63.38 -3.50
CA PRO K 2 -9.84 63.70 -4.06
C PRO K 2 -10.10 65.20 -4.19
N GLY K 3 -11.36 65.57 -4.35
CA GLY K 3 -11.70 66.95 -4.64
C GLY K 3 -11.68 67.84 -3.42
N ILE K 4 -11.75 69.14 -3.68
CA ILE K 4 -11.80 70.15 -2.63
C ILE K 4 -13.24 70.30 -2.16
N VAL K 5 -13.46 70.26 -0.85
CA VAL K 5 -14.79 70.48 -0.30
C VAL K 5 -15.16 71.94 -0.47
N GLU K 6 -16.42 72.20 -0.79
CA GLU K 6 -16.90 73.54 -1.13
C GLU K 6 -17.75 74.04 0.03
N LEU K 7 -17.19 74.96 0.82
CA LEU K 7 -17.90 75.48 1.96
C LEU K 7 -18.41 76.89 1.67
N PRO K 8 -19.59 77.25 2.14
CA PRO K 8 -20.05 78.63 1.99
C PRO K 8 -19.26 79.59 2.87
N SER K 9 -19.20 80.84 2.44
CA SER K 9 -18.38 81.83 3.12
C SER K 9 -19.02 82.25 4.44
N LEU K 10 -18.27 83.01 5.21
CA LEU K 10 -18.77 83.52 6.49
C LEU K 10 -19.83 84.60 6.29
N GLU K 11 -19.84 85.27 5.14
CA GLU K 11 -20.89 86.22 4.84
C GLU K 11 -22.20 85.53 4.48
N ASP K 12 -22.13 84.36 3.85
CA ASP K 12 -23.31 83.61 3.46
C ASP K 12 -23.97 82.91 4.64
N LEU K 13 -23.33 82.89 5.80
CA LEU K 13 -23.87 82.27 6.99
C LEU K 13 -24.36 83.29 8.01
N LYS K 14 -24.22 84.58 7.73
CA LYS K 14 -24.71 85.61 8.62
C LYS K 14 -26.23 85.69 8.53
N VAL K 15 -26.89 85.68 9.70
CA VAL K 15 -28.34 85.81 9.77
C VAL K 15 -28.64 86.39 11.15
N GLN K 16 -29.80 87.02 11.29
CA GLN K 16 -30.23 87.55 12.57
C GLN K 16 -30.74 86.41 13.43
N GLU K 17 -30.01 86.09 14.49
CA GLU K 17 -30.25 84.89 15.27
C GLU K 17 -31.49 85.05 16.16
N VAL K 18 -32.06 83.91 16.55
CA VAL K 18 -33.14 83.88 17.54
C VAL K 18 -32.46 83.69 18.88
N LYS K 19 -32.16 84.80 19.55
CA LYS K 19 -31.35 84.79 20.77
C LYS K 19 -32.22 84.67 22.02
N VAL K 20 -33.11 83.69 22.03
CA VAL K 20 -33.94 83.45 23.20
C VAL K 20 -33.61 82.07 23.75
N SER K 21 -33.92 81.87 25.02
CA SER K 21 -33.57 80.62 25.68
C SER K 21 -34.56 79.52 25.31
N SER K 22 -34.23 78.29 25.74
CA SER K 22 -35.02 77.14 25.37
C SER K 22 -36.37 77.09 26.09
N SER K 23 -36.49 77.74 27.24
CA SER K 23 -37.78 77.81 27.91
C SER K 23 -38.70 78.78 27.20
N VAL K 24 -38.14 79.87 26.66
CA VAL K 24 -38.90 80.78 25.80
C VAL K 24 -39.40 80.06 24.57
N LEU K 25 -38.53 79.27 23.95
CA LEU K 25 -38.88 78.49 22.78
C LEU K 25 -39.93 77.44 23.09
N LYS K 26 -39.80 76.77 24.24
CA LYS K 26 -40.76 75.73 24.59
C LYS K 26 -42.12 76.33 24.96
N ALA K 27 -42.11 77.51 25.57
CA ALA K 27 -43.36 78.19 25.87
C ALA K 27 -44.06 78.67 24.60
N ALA K 28 -43.29 79.12 23.61
CA ALA K 28 -43.86 79.58 22.37
C ALA K 28 -44.00 78.49 21.31
N ALA K 29 -43.67 77.24 21.66
CA ALA K 29 -43.47 76.17 20.68
C ALA K 29 -44.73 75.81 19.91
N HIS K 30 -45.87 75.67 20.59
CA HIS K 30 -47.08 75.21 19.89
C HIS K 30 -47.62 76.28 18.94
N HIS K 31 -47.65 77.53 19.39
CA HIS K 31 -48.03 78.61 18.48
C HIS K 31 -46.99 78.87 17.41
N TYR K 32 -45.73 78.52 17.66
CA TYR K 32 -44.71 78.64 16.63
C TYR K 32 -44.86 77.57 15.56
N GLY K 33 -45.22 76.36 15.97
CA GLY K 33 -45.49 75.31 15.00
C GLY K 33 -46.76 75.54 14.24
N ALA K 34 -47.72 76.26 14.83
CA ALA K 34 -48.92 76.62 14.10
C ALA K 34 -48.67 77.78 13.13
N GLN K 35 -48.01 78.83 13.58
CA GLN K 35 -47.92 80.04 12.79
C GLN K 35 -46.79 80.00 11.76
N CYS K 36 -45.67 79.39 12.11
CA CYS K 36 -44.50 79.34 11.24
C CYS K 36 -44.37 77.99 10.57
N ASP K 37 -45.50 77.41 10.18
CA ASP K 37 -45.52 76.07 9.60
C ASP K 37 -44.82 76.01 8.25
N LYS K 38 -45.15 76.95 7.35
CA LYS K 38 -44.79 76.78 5.94
C LYS K 38 -43.29 76.90 5.67
N PRO K 39 -42.55 77.94 6.12
CA PRO K 39 -41.11 77.92 5.85
C PRO K 39 -40.36 76.85 6.61
N ASN K 40 -40.86 76.45 7.78
CA ASN K 40 -40.25 75.33 8.52
C ASN K 40 -40.38 74.04 7.73
N LYS K 41 -41.56 73.76 7.18
CA LYS K 41 -41.73 72.51 6.44
C LYS K 41 -41.04 72.56 5.09
N GLU K 42 -40.95 73.74 4.46
CA GLU K 42 -40.13 73.90 3.27
C GLU K 42 -38.66 73.60 3.57
N PHE K 43 -38.16 74.10 4.70
CA PHE K 43 -36.78 73.83 5.08
C PHE K 43 -36.54 72.37 5.40
N MET K 44 -37.46 71.72 6.11
CA MET K 44 -37.21 70.34 6.48
C MET K 44 -37.41 69.39 5.31
N LEU K 45 -38.30 69.74 4.38
CA LEU K 45 -38.39 69.00 3.12
C LEU K 45 -37.10 69.15 2.32
N CYS K 46 -36.57 70.38 2.23
CA CYS K 46 -35.32 70.61 1.53
C CYS K 46 -34.17 69.91 2.23
N ARG K 47 -34.26 69.76 3.54
CA ARG K 47 -33.16 69.23 4.33
C ARG K 47 -33.12 67.70 4.25
N TRP K 48 -34.29 67.05 4.22
CA TRP K 48 -34.35 65.63 3.97
C TRP K 48 -34.25 65.24 2.49
N GLU K 49 -34.49 66.15 1.56
CA GLU K 49 -34.29 65.77 0.16
C GLU K 49 -32.87 66.05 -0.32
N GLU K 50 -32.30 67.19 0.02
CA GLU K 50 -30.96 67.52 -0.46
C GLU K 50 -29.88 66.74 0.27
N LYS K 51 -30.12 66.38 1.53
CA LYS K 51 -29.20 65.64 2.39
C LYS K 51 -27.87 66.37 2.56
N ASP K 52 -27.92 67.70 2.51
CA ASP K 52 -26.76 68.57 2.48
C ASP K 52 -27.17 69.91 3.08
N PRO K 53 -26.55 70.36 4.17
CA PRO K 53 -26.90 71.67 4.72
C PRO K 53 -26.55 72.84 3.83
N ARG K 54 -25.51 72.70 3.01
CA ARG K 54 -25.07 73.77 2.13
C ARG K 54 -26.09 74.10 1.06
N ARG K 55 -26.92 73.13 0.70
CA ARG K 55 -27.99 73.33 -0.26
C ARG K 55 -29.27 73.82 0.39
N CYS K 56 -29.25 74.10 1.69
CA CYS K 56 -30.48 74.43 2.41
C CYS K 56 -30.36 75.73 3.19
N LEU K 57 -29.42 76.61 2.82
CA LEU K 57 -29.13 77.77 3.64
C LEU K 57 -30.23 78.81 3.56
N GLU K 58 -30.68 79.13 2.34
CA GLU K 58 -31.63 80.22 2.13
C GLU K 58 -32.98 79.92 2.79
N GLU K 59 -33.49 78.70 2.58
CA GLU K 59 -34.67 78.21 3.29
C GLU K 59 -34.47 78.29 4.81
N GLY K 60 -33.26 77.94 5.27
CA GLY K 60 -32.96 78.05 6.69
C GLY K 60 -33.02 79.48 7.18
N LYS K 61 -32.54 80.42 6.34
CA LYS K 61 -32.65 81.83 6.69
C LYS K 61 -34.09 82.27 6.76
N LEU K 62 -34.95 81.69 5.90
CA LEU K 62 -36.38 82.00 5.97
C LEU K 62 -36.97 81.52 7.28
N VAL K 63 -36.48 80.39 7.79
CA VAL K 63 -36.86 79.93 9.13
C VAL K 63 -36.45 80.96 10.15
N ASN K 64 -35.19 81.39 10.08
CA ASN K 64 -34.70 82.41 11.00
C ASN K 64 -35.29 83.78 10.67
N GLN K 65 -35.94 83.94 9.52
CA GLN K 65 -36.67 85.17 9.28
C GLN K 65 -38.10 85.07 9.81
N CYS K 66 -38.68 83.88 9.80
CA CYS K 66 -40.08 83.75 10.17
C CYS K 66 -40.26 83.56 11.66
N ALA K 67 -39.24 83.07 12.35
CA ALA K 67 -39.31 82.96 13.80
C ALA K 67 -39.29 84.33 14.47
N LEU K 68 -38.43 85.22 13.98
CA LEU K 68 -38.30 86.55 14.58
C LEU K 68 -39.59 87.36 14.42
N GLU K 69 -40.20 87.29 13.24
CA GLU K 69 -41.51 87.89 13.02
C GLU K 69 -42.58 87.24 13.90
N PHE K 70 -42.37 85.98 14.27
CA PHE K 70 -43.23 85.34 15.27
C PHE K 70 -43.07 86.00 16.63
N PHE K 71 -41.83 86.30 17.04
CA PHE K 71 -41.64 86.79 18.40
C PHE K 71 -41.95 88.26 18.54
N ARG K 72 -41.66 89.05 17.50
CA ARG K 72 -42.01 90.48 17.51
C ARG K 72 -43.50 90.67 17.66
N GLN K 73 -44.28 89.84 16.97
CA GLN K 73 -45.73 89.89 17.07
C GLN K 73 -46.22 89.44 18.44
N ILE K 74 -45.42 88.68 19.18
CA ILE K 74 -45.70 88.45 20.59
C ILE K 74 -45.24 89.64 21.42
N LYS K 75 -44.10 90.23 21.05
CA LYS K 75 -43.54 91.33 21.83
C LYS K 75 -44.37 92.61 21.66
N ARG K 76 -45.05 92.76 20.52
CA ARG K 76 -45.88 93.94 20.31
C ARG K 76 -47.21 93.87 21.07
N HIS K 77 -47.72 92.67 21.32
CA HIS K 77 -49.07 92.51 21.83
C HIS K 77 -49.14 91.88 23.21
N CYS K 78 -48.46 90.77 23.41
CA CYS K 78 -48.66 89.90 24.57
C CYS K 78 -47.34 89.57 25.24
N ALA K 79 -46.54 90.60 25.50
CA ALA K 79 -45.21 90.37 26.07
C ALA K 79 -45.28 89.93 27.52
N GLU K 80 -46.21 90.50 28.29
CA GLU K 80 -46.26 90.19 29.73
C GLU K 80 -46.89 88.84 30.07
N PRO K 81 -48.02 88.39 29.48
CA PRO K 81 -48.45 87.01 29.75
C PRO K 81 -47.48 85.97 29.23
N PHE K 82 -46.81 86.23 28.11
CA PHE K 82 -45.79 85.31 27.62
C PHE K 82 -44.58 85.27 28.54
N THR K 83 -44.18 86.43 29.09
CA THR K 83 -43.05 86.47 30.01
C THR K 83 -43.37 85.73 31.30
N GLU K 84 -44.57 85.95 31.82
CA GLU K 84 -45.02 85.25 33.02
C GLU K 84 -45.16 83.75 32.77
N TYR K 85 -45.45 83.34 31.52
CA TYR K 85 -45.56 81.93 31.22
C TYR K 85 -44.20 81.26 31.03
N TRP K 86 -43.28 81.87 30.28
CA TRP K 86 -42.01 81.19 30.09
C TRP K 86 -41.14 81.25 31.33
N THR K 87 -41.37 82.22 32.24
CA THR K 87 -40.66 82.19 33.52
C THR K 87 -41.06 80.98 34.35
N CYS K 88 -42.35 80.65 34.35
CA CYS K 88 -42.82 79.47 35.08
C CYS K 88 -42.36 78.18 34.40
N ILE K 89 -42.30 78.16 33.07
CA ILE K 89 -41.68 77.03 32.37
C ILE K 89 -40.20 76.93 32.75
N ASP K 90 -39.53 78.07 32.87
CA ASP K 90 -38.10 78.15 33.06
C ASP K 90 -37.69 77.74 34.47
N TYR K 91 -38.60 77.80 35.44
CA TYR K 91 -38.27 77.35 36.80
C TYR K 91 -37.98 75.86 36.84
N SER K 92 -38.74 75.07 36.10
CA SER K 92 -38.69 73.62 36.26
C SER K 92 -37.42 73.02 35.65
N GLY K 93 -36.97 71.92 36.24
CA GLY K 93 -35.77 71.27 35.75
C GLY K 93 -36.01 70.49 34.47
N LEU K 94 -37.16 69.83 34.36
CA LEU K 94 -37.57 69.19 33.12
C LEU K 94 -38.40 70.11 32.25
N GLN K 95 -38.66 71.35 32.71
CA GLN K 95 -39.45 72.37 32.01
C GLN K 95 -40.85 71.85 31.66
N LEU K 96 -41.60 71.50 32.70
CA LEU K 96 -42.88 70.85 32.48
C LEU K 96 -43.94 71.82 31.99
N PHE K 97 -44.74 71.37 31.03
CA PHE K 97 -45.95 72.08 30.66
C PHE K 97 -47.02 71.97 31.73
N ARG K 98 -47.08 70.83 32.43
CA ARG K 98 -48.17 70.56 33.35
C ARG K 98 -48.06 71.33 34.65
N ARG K 99 -46.91 71.91 34.95
CA ARG K 99 -46.77 72.76 36.13
C ARG K 99 -47.25 74.19 35.89
N CYS K 100 -47.63 74.53 34.67
CA CYS K 100 -47.76 75.92 34.25
C CYS K 100 -49.04 76.15 33.49
N ARG K 101 -50.13 75.49 33.89
CA ARG K 101 -51.33 75.49 33.06
C ARG K 101 -52.10 76.81 33.14
N LYS K 102 -52.04 77.53 34.25
CA LYS K 102 -52.79 78.79 34.32
C LYS K 102 -52.06 79.92 33.61
N GLU K 103 -50.73 79.92 33.64
CA GLU K 103 -49.99 80.89 32.83
C GLU K 103 -50.12 80.58 31.35
N GLN K 104 -50.17 79.30 31.00
CA GLN K 104 -50.50 78.89 29.65
C GLN K 104 -51.89 79.35 29.24
N ALA K 105 -52.86 79.26 30.16
CA ALA K 105 -54.22 79.68 29.85
C ALA K 105 -54.31 81.18 29.64
N GLN K 106 -53.56 81.96 30.43
CA GLN K 106 -53.54 83.40 30.24
C GLN K 106 -52.84 83.78 28.94
N PHE K 107 -51.74 83.09 28.60
CA PHE K 107 -51.05 83.36 27.35
C PHE K 107 -51.90 82.98 26.14
N ASP K 108 -52.58 81.83 26.21
CA ASP K 108 -53.44 81.41 25.11
C ASP K 108 -54.67 82.30 24.98
N LYS K 109 -55.20 82.79 26.10
CA LYS K 109 -56.31 83.75 26.08
C LYS K 109 -55.89 85.04 25.41
N CYS K 110 -54.73 85.59 25.81
CA CYS K 110 -54.28 86.87 25.26
C CYS K 110 -53.88 86.74 23.79
N VAL K 111 -53.36 85.59 23.40
CA VAL K 111 -52.97 85.36 22.01
C VAL K 111 -54.19 85.12 21.12
N LEU K 112 -55.18 84.35 21.61
CA LEU K 112 -56.40 84.15 20.84
C LEU K 112 -57.22 85.42 20.73
N ASP K 113 -57.16 86.30 21.73
CA ASP K 113 -57.88 87.56 21.64
C ASP K 113 -57.16 88.55 20.73
N LYS K 114 -55.90 88.85 21.02
CA LYS K 114 -55.23 89.95 20.34
C LYS K 114 -54.67 89.56 18.98
N LEU K 115 -54.47 88.26 18.73
CA LEU K 115 -53.88 87.82 17.47
C LEU K 115 -54.68 86.74 16.76
N GLY K 116 -55.65 86.11 17.41
CA GLY K 116 -56.48 85.12 16.75
C GLY K 116 -55.82 83.78 16.53
N TRP K 117 -54.74 83.47 17.22
CA TRP K 117 -54.02 82.22 17.01
C TRP K 117 -54.63 81.14 17.89
N VAL K 118 -54.92 79.99 17.30
CA VAL K 118 -55.44 78.83 18.02
C VAL K 118 -54.28 77.89 18.28
N ARG K 119 -54.15 77.44 19.53
CA ARG K 119 -53.12 76.47 19.86
C ARG K 119 -53.48 75.11 19.26
N PRO K 120 -52.52 74.41 18.67
CA PRO K 120 -52.83 73.11 18.05
C PRO K 120 -53.21 72.05 19.07
N ASP K 121 -54.11 71.17 18.66
CA ASP K 121 -54.55 70.09 19.53
C ASP K 121 -53.47 69.02 19.67
N LEU K 122 -53.74 68.07 20.56
CA LEU K 122 -52.83 66.96 20.77
C LEU K 122 -52.87 66.05 19.56
N GLY K 123 -51.74 65.94 18.86
CA GLY K 123 -51.66 65.14 17.67
C GLY K 123 -51.43 65.90 16.39
N GLU K 124 -51.60 67.22 16.40
CA GLU K 124 -51.59 67.96 15.13
C GLU K 124 -50.18 68.27 14.66
N LEU K 125 -49.30 68.73 15.54
CA LEU K 125 -47.95 69.08 15.13
C LEU K 125 -47.10 67.87 14.76
N SER K 126 -47.54 66.66 15.08
CA SER K 126 -46.86 65.44 14.71
C SER K 126 -47.38 64.86 13.40
N LYS K 127 -48.29 65.55 12.71
CA LYS K 127 -48.79 65.07 11.44
C LYS K 127 -47.73 65.25 10.35
N VAL K 128 -47.74 64.33 9.39
CA VAL K 128 -46.96 64.49 8.17
C VAL K 128 -47.78 65.34 7.20
N THR K 129 -47.26 66.50 6.84
CA THR K 129 -47.95 67.42 5.95
C THR K 129 -47.32 67.39 4.57
N LYS K 130 -47.98 68.05 3.62
CA LYS K 130 -47.46 68.15 2.25
C LYS K 130 -47.03 69.58 1.97
N VAL K 131 -45.96 69.72 1.21
CA VAL K 131 -45.30 71.00 0.98
C VAL K 131 -45.22 71.23 -0.52
N LYS K 132 -45.65 72.41 -0.96
CA LYS K 132 -45.55 72.81 -2.36
C LYS K 132 -44.27 73.63 -2.53
N THR K 133 -43.30 73.07 -3.25
CA THR K 133 -42.02 73.72 -3.48
C THR K 133 -41.84 74.03 -4.96
N ASP K 134 -41.00 75.04 -5.22
CA ASP K 134 -40.61 75.38 -6.58
C ASP K 134 -39.24 74.85 -6.96
N ARG K 135 -38.43 74.43 -5.98
CA ARG K 135 -37.15 73.84 -6.29
C ARG K 135 -37.35 72.43 -6.87
N PRO K 136 -36.46 71.97 -7.73
CA PRO K 136 -36.62 70.64 -8.32
C PRO K 136 -36.22 69.53 -7.35
N LEU K 137 -36.78 68.36 -7.60
CA LEU K 137 -36.43 67.16 -6.84
C LEU K 137 -35.00 66.77 -7.16
N PRO K 138 -34.16 66.49 -6.17
CA PRO K 138 -32.78 66.05 -6.44
C PRO K 138 -32.78 64.66 -7.08
N GLU K 139 -32.27 64.60 -8.30
CA GLU K 139 -32.27 63.33 -9.04
C GLU K 139 -31.20 62.37 -8.55
N ASN K 140 -30.14 62.86 -7.92
CA ASN K 140 -29.09 62.00 -7.38
C ASN K 140 -28.57 62.63 -6.09
N PRO K 141 -29.33 62.52 -5.00
CA PRO K 141 -28.90 63.18 -3.75
C PRO K 141 -27.75 62.47 -3.07
N TYR K 142 -27.55 61.19 -3.34
CA TYR K 142 -26.42 60.45 -2.79
C TYR K 142 -25.15 60.62 -3.61
N HIS K 143 -25.22 61.31 -4.75
CA HIS K 143 -24.09 61.54 -5.65
C HIS K 143 -23.46 60.24 -6.09
N SER K 144 -24.30 59.23 -6.33
CA SER K 144 -23.83 57.90 -6.67
C SER K 144 -23.40 57.86 -8.13
N ARG K 145 -22.36 57.08 -8.40
CA ARG K 145 -21.91 56.87 -9.76
C ARG K 145 -22.74 55.73 -10.39
N ALA K 146 -22.35 55.32 -11.59
CA ALA K 146 -23.08 54.28 -12.29
C ALA K 146 -22.85 52.93 -11.62
N ARG K 147 -23.93 52.18 -11.44
CA ARG K 147 -23.85 50.86 -10.85
C ARG K 147 -23.22 49.88 -11.83
N PRO K 148 -22.51 48.86 -11.34
CA PRO K 148 -21.93 47.87 -12.24
C PRO K 148 -23.01 47.04 -12.91
N GLU K 149 -22.74 46.67 -14.16
CA GLU K 149 -23.69 45.88 -14.92
C GLU K 149 -23.81 44.48 -14.33
N PRO K 150 -25.00 43.93 -14.24
CA PRO K 150 -25.16 42.60 -13.62
C PRO K 150 -24.63 41.51 -14.52
N ASN K 151 -24.42 40.34 -13.92
CA ASN K 151 -24.04 39.17 -14.67
C ASN K 151 -25.22 38.72 -15.52
N PRO K 152 -24.95 38.09 -16.67
CA PRO K 152 -26.05 37.57 -17.49
C PRO K 152 -26.80 36.45 -16.79
N GLU K 153 -28.12 36.48 -16.91
CA GLU K 153 -28.97 35.49 -16.26
C GLU K 153 -28.91 34.17 -17.02
N VAL K 154 -29.58 33.16 -16.49
CA VAL K 154 -29.72 31.90 -17.19
C VAL K 154 -30.97 31.97 -18.06
N GLU K 155 -30.83 31.45 -19.28
CA GLU K 155 -31.97 31.36 -20.19
C GLU K 155 -31.75 30.20 -21.12
N GLY K 156 -32.84 29.71 -21.69
CA GLY K 156 -32.77 28.58 -22.59
C GLY K 156 -33.27 27.30 -21.94
N ASP K 157 -33.61 26.34 -22.78
CA ASP K 157 -34.08 25.05 -22.31
C ASP K 157 -32.90 24.21 -21.83
N LEU K 158 -33.14 23.45 -20.77
CA LEU K 158 -32.09 22.64 -20.14
C LEU K 158 -32.04 21.29 -20.83
N LYS K 159 -31.01 21.08 -21.63
CA LYS K 159 -30.75 19.84 -22.33
C LYS K 159 -29.94 18.91 -21.44
N PRO K 160 -29.98 17.59 -21.67
CA PRO K 160 -29.14 16.68 -20.89
C PRO K 160 -27.66 16.89 -21.16
N ALA K 161 -26.84 16.42 -20.22
CA ALA K 161 -25.41 16.56 -20.35
C ALA K 161 -24.91 15.68 -21.48
N ARG K 162 -24.03 16.25 -22.32
CA ARG K 162 -23.52 15.54 -23.48
C ARG K 162 -22.62 14.40 -23.05
N HIS K 163 -23.08 13.17 -23.36
CA HIS K 163 -22.41 11.91 -23.01
C HIS K 163 -22.24 11.76 -21.50
N GLY K 164 -23.17 12.32 -20.73
CA GLY K 164 -23.22 12.10 -19.30
C GLY K 164 -22.28 12.96 -18.48
N SER K 165 -21.76 12.37 -17.40
CA SER K 165 -20.93 13.09 -16.45
C SER K 165 -19.55 13.39 -17.00
N ARG K 166 -19.06 12.59 -17.95
CA ARG K 166 -17.71 12.65 -18.51
C ARG K 166 -16.62 12.47 -17.44
N LEU K 167 -16.94 11.79 -16.35
CA LEU K 167 -15.98 11.58 -15.26
C LEU K 167 -15.21 10.29 -15.56
N PHE K 168 -14.10 10.45 -16.27
CA PHE K 168 -13.01 9.52 -16.54
C PHE K 168 -13.33 8.26 -17.33
N PHE K 169 -14.39 7.57 -16.99
CA PHE K 169 -14.80 6.40 -17.74
C PHE K 169 -16.28 6.10 -17.62
N TRP K 170 -17.02 6.89 -16.86
CA TRP K 170 -18.45 6.66 -16.73
C TRP K 170 -19.15 7.17 -17.98
N THR K 171 -20.02 6.34 -18.54
CA THR K 171 -20.75 6.68 -19.74
C THR K 171 -22.06 7.39 -19.44
N MET K 172 -22.54 7.32 -18.20
CA MET K 172 -23.73 8.08 -17.82
C MET K 172 -23.39 9.19 -16.84
N SER L 3 -2.50 -24.38 -57.67
CA SER L 3 -1.37 -23.71 -58.31
C SER L 3 -1.29 -22.25 -57.91
N TRP L 4 -0.42 -21.51 -58.60
CA TRP L 4 -0.12 -20.13 -58.28
C TRP L 4 0.10 -19.38 -59.57
N ASP L 5 0.45 -18.10 -59.46
CA ASP L 5 0.77 -17.30 -60.62
C ASP L 5 2.26 -17.36 -60.88
N LYS L 6 2.63 -17.76 -62.10
CA LYS L 6 4.01 -17.97 -62.49
C LYS L 6 4.74 -16.68 -62.82
N ASP L 7 4.12 -15.53 -62.65
CA ASP L 7 4.79 -14.25 -62.79
C ASP L 7 5.26 -13.69 -61.47
N VAL L 8 4.44 -13.79 -60.42
CA VAL L 8 4.88 -13.36 -59.10
C VAL L 8 5.87 -14.37 -58.51
N TYR L 9 5.75 -15.65 -58.88
CA TYR L 9 6.72 -16.67 -58.48
C TYR L 9 7.31 -17.30 -59.74
N PRO L 10 8.28 -16.64 -60.37
CA PRO L 10 8.76 -17.12 -61.67
C PRO L 10 9.75 -18.27 -61.54
N GLU L 11 9.75 -19.11 -62.58
CA GLU L 11 10.73 -20.17 -62.72
C GLU L 11 11.23 -20.18 -64.16
N PRO L 12 12.53 -20.38 -64.37
CA PRO L 12 13.05 -20.59 -65.71
C PRO L 12 12.62 -21.95 -66.24
N PRO L 13 12.64 -22.15 -67.57
CA PRO L 13 12.24 -23.45 -68.12
C PRO L 13 13.20 -24.56 -67.72
N ARG L 14 12.62 -25.72 -67.39
CA ARG L 14 13.40 -26.85 -66.93
C ARG L 14 13.99 -27.59 -68.12
N ARG L 15 15.31 -27.80 -68.07
CA ARG L 15 16.03 -28.54 -69.11
C ARG L 15 16.61 -29.78 -68.45
N THR L 16 15.89 -30.90 -68.55
CA THR L 16 16.57 -32.07 -68.03
C THR L 16 17.24 -32.83 -69.16
N PRO L 17 18.41 -33.43 -68.94
CA PRO L 17 19.04 -34.20 -70.01
C PRO L 17 18.40 -35.56 -70.18
N ALA L 18 18.46 -36.06 -71.40
CA ALA L 18 17.97 -37.40 -71.68
C ALA L 18 18.88 -38.43 -71.03
N PRO L 19 18.33 -39.54 -70.54
CA PRO L 19 19.17 -40.60 -69.96
C PRO L 19 20.03 -41.25 -71.03
N SER L 20 21.35 -41.20 -70.84
CA SER L 20 22.32 -41.78 -71.76
C SER L 20 23.15 -42.80 -71.01
N PRO L 21 22.63 -44.02 -70.82
CA PRO L 21 23.37 -45.01 -70.02
C PRO L 21 24.57 -45.56 -70.79
N GLN L 22 25.72 -45.51 -70.14
CA GLN L 22 26.95 -46.04 -70.72
C GLN L 22 27.23 -47.47 -70.28
N THR L 23 26.79 -47.84 -69.09
CA THR L 23 27.03 -49.17 -68.55
C THR L 23 25.94 -50.14 -68.97
N SER L 24 26.18 -51.42 -68.72
CA SER L 24 25.18 -52.46 -68.93
C SER L 24 24.44 -52.81 -67.65
N LEU L 25 24.88 -52.28 -66.51
CA LEU L 25 24.20 -52.54 -65.25
C LEU L 25 22.91 -51.73 -65.19
N PRO L 26 21.79 -52.35 -64.82
CA PRO L 26 20.55 -51.58 -64.66
C PRO L 26 20.57 -50.83 -63.34
N ASN L 27 20.30 -49.53 -63.41
CA ASN L 27 20.26 -48.74 -62.19
C ASN L 27 18.99 -49.04 -61.40
N PRO L 28 19.08 -49.09 -60.07
CA PRO L 28 17.87 -49.35 -59.26
C PRO L 28 16.87 -48.21 -59.26
N ILE L 29 17.27 -47.01 -59.71
CA ILE L 29 16.42 -45.84 -59.59
C ILE L 29 15.24 -45.92 -60.55
N THR L 30 15.46 -46.50 -61.74
CA THR L 30 14.36 -46.67 -62.68
C THR L 30 13.35 -47.70 -62.20
N TYR L 31 13.83 -48.79 -61.60
CA TYR L 31 12.94 -49.81 -61.06
C TYR L 31 12.17 -49.27 -59.85
N LEU L 32 12.84 -48.49 -59.01
CA LEU L 32 12.16 -47.88 -57.86
C LEU L 32 11.21 -46.77 -58.30
N THR L 33 11.49 -46.10 -59.42
CA THR L 33 10.57 -45.12 -59.95
C THR L 33 9.32 -45.79 -60.49
N LYS L 34 9.48 -46.93 -61.18
CA LYS L 34 8.32 -47.69 -61.66
C LYS L 34 7.53 -48.27 -60.49
N ALA L 35 8.21 -48.72 -59.44
CA ALA L 35 7.54 -49.22 -58.25
C ALA L 35 6.83 -48.10 -57.49
N PHE L 36 7.38 -46.90 -57.50
CA PHE L 36 6.70 -45.76 -56.88
C PHE L 36 5.51 -45.31 -57.70
N ASP L 37 5.60 -45.44 -59.03
CA ASP L 37 4.47 -45.07 -59.87
C ASP L 37 3.33 -46.07 -59.71
N LEU L 38 3.64 -47.36 -59.63
CA LEU L 38 2.60 -48.37 -59.47
C LEU L 38 2.05 -48.40 -58.05
N LEU L 39 2.91 -48.59 -57.06
CA LEU L 39 2.44 -48.91 -55.71
C LEU L 39 2.00 -47.68 -54.94
N VAL L 40 2.50 -46.50 -55.28
CA VAL L 40 2.27 -45.30 -54.49
C VAL L 40 1.47 -44.27 -55.27
N ASP L 41 1.91 -43.92 -56.47
CA ASP L 41 1.39 -42.74 -57.16
C ASP L 41 -0.02 -43.00 -57.70
N ARG L 42 -0.29 -44.20 -58.21
CA ARG L 42 -1.64 -44.51 -58.69
C ARG L 42 -2.69 -44.63 -57.57
N PRO L 43 -2.44 -45.26 -56.41
CA PRO L 43 -3.47 -45.20 -55.35
C PRO L 43 -3.70 -43.81 -54.80
N VAL L 44 -2.65 -43.00 -54.65
CA VAL L 44 -2.80 -41.62 -54.21
C VAL L 44 -3.60 -40.82 -55.23
N THR L 45 -3.34 -41.05 -56.52
CA THR L 45 -4.07 -40.38 -57.58
C THR L 45 -5.55 -40.78 -57.58
N LEU L 46 -5.84 -42.06 -57.35
CA LEU L 46 -7.23 -42.50 -57.33
C LEU L 46 -8.00 -41.94 -56.14
N VAL L 47 -7.35 -41.89 -54.96
CA VAL L 47 -7.97 -41.29 -53.78
C VAL L 47 -8.23 -39.80 -54.01
N ARG L 48 -7.27 -39.11 -54.63
CA ARG L 48 -7.45 -37.68 -54.89
C ARG L 48 -8.52 -37.44 -55.94
N GLU L 49 -8.66 -38.32 -56.93
CA GLU L 49 -9.73 -38.19 -57.91
C GLU L 49 -11.10 -38.41 -57.27
N PHE L 50 -11.18 -39.33 -56.32
CA PHE L 50 -12.41 -39.51 -55.54
C PHE L 50 -12.77 -38.26 -54.76
N ILE L 51 -11.80 -37.71 -54.02
CA ILE L 51 -12.05 -36.51 -53.23
C ILE L 51 -12.35 -35.30 -54.11
N GLU L 52 -11.75 -35.25 -55.30
CA GLU L 52 -12.00 -34.15 -56.23
C GLU L 52 -13.39 -34.24 -56.85
N ARG L 53 -13.88 -35.46 -57.10
CA ARG L 53 -15.28 -35.63 -57.51
C ARG L 53 -16.23 -35.20 -56.40
N GLN L 54 -15.89 -35.52 -55.15
CA GLN L 54 -16.73 -35.09 -54.05
C GLN L 54 -16.68 -33.57 -53.85
N HIS L 55 -15.57 -32.93 -54.21
CA HIS L 55 -15.56 -31.47 -54.21
C HIS L 55 -16.43 -30.90 -55.33
N ALA L 56 -16.34 -31.51 -56.52
CA ALA L 56 -17.09 -31.02 -57.67
C ALA L 56 -18.58 -31.21 -57.53
N LYS L 57 -19.02 -32.13 -56.65
CA LYS L 57 -20.45 -32.25 -56.38
C LYS L 57 -21.02 -31.02 -55.69
N ASN L 58 -20.22 -30.33 -54.86
CA ASN L 58 -20.71 -29.13 -54.15
C ASN L 58 -19.66 -28.01 -54.21
N LYS L 59 -19.74 -27.20 -55.26
CA LYS L 59 -18.78 -26.14 -55.51
C LYS L 59 -19.27 -24.83 -54.90
N TYR L 60 -18.39 -24.16 -54.18
CA TYR L 60 -18.72 -22.87 -53.58
C TYR L 60 -17.43 -22.06 -53.51
N TYR L 61 -17.57 -20.76 -53.25
CA TYR L 61 -16.49 -19.84 -53.53
C TYR L 61 -16.17 -18.96 -52.34
N TYR L 62 -14.91 -18.55 -52.26
CA TYR L 62 -14.50 -17.51 -51.34
C TYR L 62 -13.84 -16.40 -52.12
N TYR L 63 -13.65 -15.27 -51.46
CA TYR L 63 -13.28 -14.03 -52.14
C TYR L 63 -12.09 -13.39 -51.47
N HIS L 64 -11.31 -12.68 -52.25
CA HIS L 64 -10.21 -11.85 -51.74
C HIS L 64 -10.78 -10.48 -51.44
N ARG L 65 -10.61 -10.03 -50.20
CA ARG L 65 -11.26 -8.82 -49.74
C ARG L 65 -10.57 -7.59 -50.33
N GLU L 66 -11.37 -6.73 -50.96
CA GLU L 66 -10.89 -5.51 -51.59
C GLU L 66 -11.18 -4.33 -50.69
N PHE L 67 -10.14 -3.69 -50.20
CA PHE L 67 -10.26 -2.45 -49.44
C PHE L 67 -10.13 -1.28 -50.41
N ARG L 68 -11.13 -0.41 -50.44
CA ARG L 68 -10.96 0.79 -51.24
C ARG L 68 -10.01 1.76 -50.54
N ARG L 69 -9.46 2.70 -51.31
CA ARG L 69 -8.49 3.62 -50.74
C ARG L 69 -9.23 4.75 -50.03
N VAL L 70 -8.91 4.93 -48.75
CA VAL L 70 -9.44 6.02 -47.94
C VAL L 70 -8.38 7.10 -47.95
N PRO L 71 -8.67 8.34 -47.55
CA PRO L 71 -7.61 9.37 -47.47
C PRO L 71 -6.53 9.02 -46.47
N ASP L 72 -5.28 9.29 -46.85
CA ASP L 72 -4.14 8.96 -46.01
C ASP L 72 -3.92 10.03 -44.95
N ILE L 73 -2.84 9.87 -44.18
CA ILE L 73 -2.63 10.67 -42.99
C ILE L 73 -2.27 12.12 -43.33
N THR L 74 -1.80 12.37 -44.55
CA THR L 74 -1.37 13.72 -44.91
C THR L 74 -2.55 14.66 -45.09
N GLU L 75 -3.69 14.14 -45.50
CA GLU L 75 -4.89 14.96 -45.70
C GLU L 75 -5.93 14.72 -44.61
N CYS L 76 -5.47 14.30 -43.43
CA CYS L 76 -6.28 14.27 -42.22
C CYS L 76 -5.89 15.47 -41.38
N HIS L 77 -6.90 16.19 -40.88
CA HIS L 77 -6.63 17.27 -39.94
C HIS L 77 -6.07 16.73 -38.64
N GLU L 78 -5.29 17.57 -37.97
CA GLU L 78 -4.60 17.14 -36.76
C GLU L 78 -5.60 16.90 -35.64
N LYS L 79 -5.44 15.76 -34.96
CA LYS L 79 -6.31 15.29 -33.87
C LYS L 79 -7.75 15.04 -34.30
N ASP L 80 -7.95 14.73 -35.58
CA ASP L 80 -9.27 14.37 -36.12
C ASP L 80 -9.31 12.85 -36.21
N VAL L 81 -9.79 12.20 -35.13
CA VAL L 81 -9.67 10.75 -34.98
C VAL L 81 -10.49 9.97 -36.00
N LEU L 82 -11.55 10.55 -36.55
CA LEU L 82 -12.38 9.78 -37.46
C LEU L 82 -11.70 9.61 -38.81
N CYS L 83 -10.98 10.63 -39.27
CA CYS L 83 -10.26 10.53 -40.52
C CYS L 83 -8.92 9.82 -40.32
N MET L 84 -8.21 10.16 -39.25
CA MET L 84 -6.88 9.61 -39.06
C MET L 84 -6.92 8.18 -38.54
N PHE L 85 -8.05 7.74 -37.98
CA PHE L 85 -8.28 6.32 -37.73
C PHE L 85 -8.27 5.53 -39.02
N GLU L 86 -9.03 5.98 -40.02
CA GLU L 86 -9.10 5.28 -41.30
C GLU L 86 -7.77 5.33 -42.03
N ALA L 87 -7.08 6.47 -41.94
CA ALA L 87 -5.74 6.59 -42.50
C ALA L 87 -4.76 5.64 -41.82
N GLU L 88 -4.87 5.49 -40.50
CA GLU L 88 -3.99 4.60 -39.76
C GLU L 88 -4.26 3.14 -40.09
N MET L 89 -5.53 2.78 -40.27
CA MET L 89 -5.87 1.40 -40.66
C MET L 89 -5.38 1.09 -42.07
N GLN L 90 -5.49 2.07 -42.97
CA GLN L 90 -4.99 1.91 -44.32
C GLN L 90 -3.47 1.75 -44.32
N TRP L 91 -2.79 2.53 -43.48
CA TRP L 91 -1.34 2.45 -43.37
C TRP L 91 -0.90 1.12 -42.80
N LYS L 92 -1.64 0.60 -41.81
CA LYS L 92 -1.28 -0.70 -41.24
C LYS L 92 -1.49 -1.83 -42.24
N ARG L 93 -2.55 -1.76 -43.04
CA ARG L 93 -2.75 -2.77 -44.07
C ARG L 93 -1.67 -2.69 -45.14
N ASP L 94 -1.28 -1.48 -45.55
CA ASP L 94 -0.23 -1.32 -46.55
C ASP L 94 1.12 -1.77 -46.01
N TYR L 95 1.36 -1.58 -44.72
CA TYR L 95 2.60 -2.03 -44.11
C TYR L 95 2.65 -3.56 -44.04
N LYS L 96 1.53 -4.21 -43.71
CA LYS L 96 1.46 -5.66 -43.72
C LYS L 96 1.64 -6.23 -45.12
N VAL L 97 1.11 -5.55 -46.14
CA VAL L 97 1.27 -5.99 -47.52
C VAL L 97 2.71 -5.78 -48.00
N ASP L 98 3.35 -4.68 -47.59
CA ASP L 98 4.76 -4.44 -47.93
C ASP L 98 5.67 -5.48 -47.30
N GLN L 99 5.34 -5.89 -46.07
CA GLN L 99 6.00 -7.02 -45.42
C GLN L 99 5.89 -8.28 -46.26
N GLU L 100 4.70 -8.56 -46.78
CA GLU L 100 4.57 -9.76 -47.62
C GLU L 100 5.23 -9.61 -48.99
N ILE L 101 5.38 -8.39 -49.50
CA ILE L 101 6.11 -8.18 -50.76
C ILE L 101 7.59 -8.49 -50.57
N VAL L 102 8.16 -8.03 -49.46
CA VAL L 102 9.55 -8.38 -49.10
C VAL L 102 9.70 -9.89 -48.93
N ASN L 103 8.68 -10.54 -48.35
CA ASN L 103 8.71 -12.00 -48.22
C ASN L 103 8.68 -12.71 -49.57
N ILE L 104 7.88 -12.21 -50.53
CA ILE L 104 7.84 -12.79 -51.88
C ILE L 104 9.20 -12.67 -52.57
N ILE L 105 9.84 -11.51 -52.44
CA ILE L 105 11.13 -11.32 -53.11
C ILE L 105 12.23 -12.15 -52.45
N GLN L 106 12.15 -12.34 -51.13
CA GLN L 106 13.10 -13.24 -50.46
C GLN L 106 12.89 -14.68 -50.85
N GLU L 107 11.64 -15.10 -51.06
CA GLU L 107 11.37 -16.44 -51.55
C GLU L 107 11.93 -16.65 -52.96
N ARG L 108 11.84 -15.62 -53.81
CA ARG L 108 12.44 -15.69 -55.14
C ARG L 108 13.96 -15.83 -55.05
N LEU L 109 14.58 -15.06 -54.16
CA LEU L 109 16.04 -15.09 -54.00
C LEU L 109 16.51 -16.46 -53.51
N LYS L 110 15.82 -17.04 -52.54
CA LYS L 110 16.21 -18.34 -51.99
C LYS L 110 15.95 -19.46 -52.99
N ALA L 111 14.84 -19.38 -53.75
CA ALA L 111 14.55 -20.37 -54.76
C ALA L 111 15.57 -20.32 -55.90
N CYS L 112 16.04 -19.11 -56.24
CA CYS L 112 17.08 -19.01 -57.25
C CYS L 112 18.39 -19.58 -56.75
N GLN L 113 18.71 -19.37 -55.47
CA GLN L 113 19.97 -19.86 -54.94
C GLN L 113 20.01 -21.39 -54.89
N GLN L 114 18.88 -22.02 -54.52
CA GLN L 114 18.83 -23.48 -54.59
C GLN L 114 18.80 -23.99 -56.02
N ARG L 115 18.05 -23.30 -56.89
CA ARG L 115 17.80 -23.80 -58.23
C ARG L 115 19.04 -23.71 -59.10
N GLU L 116 19.74 -22.59 -59.07
CA GLU L 116 20.92 -22.43 -59.92
C GLU L 116 22.11 -23.20 -59.39
N GLY L 117 22.11 -23.53 -58.11
CA GLY L 117 23.11 -24.45 -57.58
C GLY L 117 24.46 -23.79 -57.48
N GLU L 118 25.47 -24.50 -57.98
CA GLU L 118 26.85 -24.12 -57.76
C GLU L 118 27.24 -22.90 -58.58
N SER L 119 26.46 -22.57 -59.61
CA SER L 119 26.61 -21.31 -60.33
C SER L 119 25.54 -20.31 -59.93
N HIS L 120 25.20 -20.28 -58.64
CA HIS L 120 24.14 -19.40 -58.17
C HIS L 120 24.55 -17.94 -58.16
N ARG L 121 25.85 -17.66 -58.03
CA ARG L 121 26.29 -16.28 -57.83
C ARG L 121 26.18 -15.48 -59.12
N GLN L 122 26.47 -16.09 -60.26
CA GLN L 122 26.31 -15.40 -61.53
C GLN L 122 24.84 -15.35 -61.96
N ASN L 123 24.11 -16.45 -61.77
CA ASN L 123 22.81 -16.62 -62.39
C ASN L 123 21.66 -16.05 -61.58
N CYS L 124 21.93 -15.45 -60.42
CA CYS L 124 20.88 -14.87 -59.60
C CYS L 124 21.12 -13.40 -59.32
N ALA L 125 21.72 -12.70 -60.29
CA ALA L 125 21.99 -11.28 -60.10
C ALA L 125 20.72 -10.44 -60.17
N LYS L 126 19.75 -10.88 -60.98
CA LYS L 126 18.51 -10.11 -61.11
C LYS L 126 17.66 -10.21 -59.85
N GLU L 127 17.57 -11.40 -59.26
CA GLU L 127 16.85 -11.57 -58.01
C GLU L 127 17.55 -10.86 -56.86
N LEU L 128 18.88 -10.85 -56.87
CA LEU L 128 19.64 -10.12 -55.86
C LEU L 128 19.43 -8.61 -56.00
N GLN L 129 19.34 -8.13 -57.24
CA GLN L 129 19.13 -6.70 -57.46
C GLN L 129 17.72 -6.28 -57.06
N GLN L 130 16.71 -7.11 -57.38
CA GLN L 130 15.35 -6.83 -56.95
C GLN L 130 15.22 -6.88 -55.43
N PHE L 131 15.93 -7.82 -54.80
CA PHE L 131 15.97 -7.92 -53.34
C PHE L 131 16.59 -6.68 -52.72
N THR L 132 17.69 -6.18 -53.30
CA THR L 132 18.34 -4.99 -52.77
C THR L 132 17.45 -3.76 -52.92
N GLN L 133 16.78 -3.62 -54.06
CA GLN L 133 15.87 -2.49 -54.27
C GLN L 133 14.69 -2.53 -53.31
N VAL L 134 14.08 -3.70 -53.13
CA VAL L 134 12.89 -3.74 -52.30
C VAL L 134 13.25 -3.65 -50.82
N VAL L 135 14.45 -4.09 -50.42
CA VAL L 135 14.85 -3.94 -49.03
C VAL L 135 15.23 -2.50 -48.74
N LYS L 136 15.84 -1.80 -49.71
CA LYS L 136 16.11 -0.38 -49.54
C LYS L 136 14.82 0.42 -49.43
N ALA L 137 13.81 0.09 -50.24
CA ALA L 137 12.53 0.77 -50.18
C ALA L 137 11.80 0.50 -48.86
N TYR L 138 11.80 -0.76 -48.43
CA TYR L 138 11.17 -1.11 -47.15
C TYR L 138 11.89 -0.46 -45.98
N GLN L 139 13.21 -0.34 -46.06
CA GLN L 139 13.98 0.25 -44.97
C GLN L 139 13.75 1.75 -44.89
N ASP L 140 13.72 2.42 -46.05
CA ASP L 140 13.41 3.84 -46.06
C ASP L 140 11.98 4.10 -45.61
N ARG L 141 11.09 3.16 -45.84
CA ARG L 141 9.71 3.41 -45.50
C ARG L 141 9.40 3.10 -44.04
N TYR L 142 9.94 2.01 -43.48
CA TYR L 142 9.44 1.54 -42.19
C TYR L 142 10.47 1.31 -41.10
N HIS L 143 11.76 1.40 -41.37
CA HIS L 143 12.73 1.03 -40.35
C HIS L 143 12.80 2.13 -39.29
N ASP L 144 13.18 1.74 -38.07
CA ASP L 144 13.44 2.60 -36.92
C ASP L 144 12.20 3.32 -36.42
N LEU L 145 11.00 2.87 -36.77
CA LEU L 145 9.79 3.53 -36.29
C LEU L 145 9.49 3.16 -34.85
N GLY L 146 9.86 1.96 -34.43
CA GLY L 146 9.65 1.50 -33.07
C GLY L 146 8.46 0.58 -32.97
N ALA L 147 8.23 0.11 -31.75
CA ALA L 147 7.10 -0.76 -31.47
C ALA L 147 5.77 -0.01 -31.54
N HIS L 148 5.81 1.30 -31.32
CA HIS L 148 4.60 2.14 -31.34
C HIS L 148 4.49 2.91 -32.64
N TYR L 149 4.81 2.25 -33.76
CA TYR L 149 4.73 2.87 -35.07
C TYR L 149 3.31 3.31 -35.42
N SER L 150 3.22 4.31 -36.29
CA SER L 150 1.95 4.77 -36.82
C SER L 150 2.22 5.39 -38.17
N ALA L 151 1.15 5.87 -38.81
CA ALA L 151 1.31 6.66 -40.02
C ALA L 151 1.94 8.01 -39.73
N ARG L 152 1.77 8.54 -38.52
CA ARG L 152 2.40 9.80 -38.14
C ARG L 152 3.90 9.66 -38.01
N LYS L 153 4.38 8.58 -37.37
CA LYS L 153 5.81 8.31 -37.29
C LYS L 153 6.42 8.12 -38.67
N CYS L 154 5.72 7.43 -39.54
CA CYS L 154 6.21 7.18 -40.89
C CYS L 154 6.24 8.46 -41.72
N LEU L 155 5.24 9.32 -41.53
CA LEU L 155 5.23 10.60 -42.23
C LEU L 155 6.33 11.53 -41.71
N ALA L 156 6.60 11.50 -40.41
CA ALA L 156 7.68 12.30 -39.86
C ALA L 156 9.04 11.81 -40.34
N LYS L 157 9.19 10.49 -40.46
CA LYS L 157 10.42 9.92 -41.01
C LYS L 157 10.60 10.32 -42.47
N GLN L 158 9.53 10.25 -43.26
CA GLN L 158 9.60 10.64 -44.66
C GLN L 158 9.91 12.12 -44.82
N LYS L 159 9.32 12.98 -43.97
CA LYS L 159 9.60 14.41 -44.07
C LYS L 159 11.02 14.73 -43.65
N GLN L 160 11.57 14.01 -42.67
CA GLN L 160 12.98 14.18 -42.33
C GLN L 160 13.89 13.76 -43.47
N ARG L 161 13.56 12.63 -44.12
CA ARG L 161 14.37 12.16 -45.25
C ARG L 161 14.27 13.11 -46.44
N MET L 162 13.09 13.68 -46.68
CA MET L 162 12.91 14.62 -47.77
C MET L 162 13.60 15.95 -47.50
N LEU L 163 13.66 16.38 -46.23
CA LEU L 163 14.45 17.57 -45.90
C LEU L 163 15.93 17.32 -46.10
N ALA L 164 16.41 16.12 -45.74
CA ALA L 164 17.81 15.78 -45.98
C ALA L 164 18.13 15.73 -47.48
N GLU L 165 17.22 15.17 -48.27
CA GLU L 165 17.43 15.11 -49.72
C GLU L 165 17.36 16.48 -50.36
N ARG L 166 16.47 17.35 -49.86
CA ARG L 166 16.37 18.71 -50.40
C ARG L 166 17.60 19.52 -50.05
N LYS L 167 18.12 19.36 -48.83
CA LYS L 167 19.34 20.05 -48.43
C LYS L 167 20.55 19.55 -49.21
N ALA L 168 20.61 18.25 -49.48
CA ALA L 168 21.71 17.71 -50.27
C ALA L 168 21.62 18.14 -51.73
N THR L 169 20.41 18.31 -52.26
CA THR L 169 20.26 18.82 -53.62
C THR L 169 20.62 20.30 -53.68
N LYS L 170 20.27 21.06 -52.64
CA LYS L 170 20.55 22.49 -52.62
C LYS L 170 22.04 22.77 -52.48
N GLU L 171 22.73 22.00 -51.62
CA GLU L 171 24.15 22.26 -51.42
C GLU L 171 25.01 21.76 -52.59
N ALA L 172 24.47 20.91 -53.45
CA ALA L 172 25.19 20.40 -54.61
C ALA L 172 24.86 21.18 -55.88
N ALA L 173 24.36 22.40 -55.75
CA ALA L 173 24.01 23.22 -56.90
C ALA L 173 24.20 24.70 -56.58
N LEU M 36 -35.78 -4.89 21.70
CA LEU M 36 -35.93 -5.55 23.00
C LEU M 36 -37.33 -5.36 23.55
N GLN M 37 -37.54 -5.83 24.77
CA GLN M 37 -38.80 -5.63 25.45
C GLN M 37 -38.78 -4.41 26.34
N TYR M 38 -37.69 -4.22 27.08
CA TYR M 38 -37.49 -3.03 27.91
C TYR M 38 -36.38 -2.20 27.31
N GLY M 39 -36.56 -0.89 27.34
CA GLY M 39 -35.58 0.03 26.83
C GLY M 39 -35.85 1.43 27.33
N PRO M 40 -35.24 2.43 26.68
CA PRO M 40 -35.56 3.82 27.02
C PRO M 40 -36.99 4.21 26.75
N LEU M 41 -37.59 3.66 25.69
CA LEU M 41 -38.96 4.02 25.32
C LEU M 41 -39.97 3.55 26.36
N ALA M 42 -39.79 2.34 26.89
CA ALA M 42 -40.70 1.84 27.92
C ALA M 42 -40.52 2.61 29.23
N TYR M 43 -39.31 3.08 29.52
CA TYR M 43 -39.08 3.93 30.67
C TYR M 43 -39.76 5.29 30.50
N ILE M 44 -39.71 5.84 29.29
CA ILE M 44 -40.38 7.10 29.00
C ILE M 44 -41.90 6.93 29.03
N LEU M 45 -42.40 5.82 28.49
CA LEU M 45 -43.83 5.58 28.44
C LEU M 45 -44.42 5.02 29.73
N GLY M 46 -43.74 5.15 30.87
CA GLY M 46 -44.34 4.97 32.17
C GLY M 46 -43.78 3.84 33.01
N GLU M 47 -43.05 2.89 32.43
CA GLU M 47 -42.62 1.72 33.20
C GLU M 47 -41.49 2.08 34.15
N LYS M 48 -41.86 2.40 35.38
CA LYS M 48 -40.91 2.66 36.45
C LYS M 48 -40.84 1.42 37.33
N THR M 49 -39.65 1.11 37.83
CA THR M 49 -39.48 -0.08 38.64
C THR M 49 -39.69 0.17 40.12
N THR M 50 -39.87 1.42 40.55
CA THR M 50 -40.28 1.67 41.93
C THR M 50 -41.78 1.52 42.13
N LYS M 51 -42.56 1.43 41.05
CA LYS M 51 -43.96 1.06 41.17
C LYS M 51 -44.12 -0.38 41.65
N LYS M 52 -43.22 -1.26 41.23
CA LYS M 52 -43.27 -2.68 41.56
C LYS M 52 -42.30 -3.06 42.67
N MET M 53 -41.49 -2.13 43.15
CA MET M 53 -40.50 -2.40 44.19
C MET M 53 -41.22 -2.33 45.54
N THR M 54 -41.71 -3.48 45.99
CA THR M 54 -42.46 -3.55 47.24
C THR M 54 -41.50 -3.82 48.40
N GLU M 55 -42.05 -4.10 49.58
CA GLU M 55 -41.21 -4.35 50.75
C GLU M 55 -40.56 -5.72 50.71
N ASN M 56 -41.17 -6.67 50.01
CA ASN M 56 -40.65 -8.02 49.92
C ASN M 56 -39.64 -8.19 48.80
N SER M 57 -39.41 -7.12 48.02
CA SER M 57 -38.48 -7.15 46.90
C SER M 57 -37.05 -7.08 47.44
N LYS M 58 -36.56 -8.20 47.94
CA LYS M 58 -35.26 -8.27 48.60
C LYS M 58 -34.40 -9.33 47.94
N LEU M 59 -33.18 -8.96 47.61
CA LEU M 59 -32.18 -9.88 47.10
C LEU M 59 -31.42 -10.46 48.28
N ILE M 60 -31.61 -11.74 48.55
CA ILE M 60 -31.08 -12.41 49.72
C ILE M 60 -30.09 -13.48 49.26
N THR M 61 -28.86 -13.41 49.73
CA THR M 61 -27.83 -14.39 49.39
C THR M 61 -27.51 -15.23 50.62
N VAL M 62 -27.64 -16.55 50.48
CA VAL M 62 -27.35 -17.48 51.57
C VAL M 62 -25.97 -18.06 51.33
N ASP M 63 -25.13 -18.03 52.36
CA ASP M 63 -23.73 -18.42 52.27
C ASP M 63 -23.39 -19.46 53.32
N GLY M 64 -22.29 -20.17 53.09
CA GLY M 64 -21.85 -21.21 53.98
C GLY M 64 -20.78 -22.03 53.32
N ASN M 65 -20.24 -22.97 54.10
CA ASN M 65 -19.15 -23.82 53.62
C ASN M 65 -19.74 -24.95 52.78
N ILE M 66 -18.91 -25.93 52.38
CA ILE M 66 -19.25 -26.85 51.29
C ILE M 66 -20.41 -27.79 51.67
N CYS M 67 -20.56 -28.14 52.93
CA CYS M 67 -21.73 -28.88 53.36
C CYS M 67 -22.40 -28.18 54.53
N SER M 68 -22.66 -26.88 54.37
CA SER M 68 -23.36 -26.14 55.42
C SER M 68 -24.84 -26.51 55.51
N GLY M 69 -25.40 -27.15 54.50
CA GLY M 69 -26.83 -27.41 54.52
C GLY M 69 -27.66 -26.18 54.28
N LYS M 70 -27.08 -25.15 53.66
CA LYS M 70 -27.76 -23.90 53.37
C LYS M 70 -28.75 -24.05 52.23
N LYS M 72 -31.12 -26.09 51.52
CA LYS M 72 -32.53 -26.22 51.81
C LYS M 72 -33.03 -24.95 52.48
N LEU M 73 -32.15 -24.33 53.30
CA LEU M 73 -32.51 -23.13 54.06
C LEU M 73 -32.93 -22.01 53.12
N ALA M 74 -32.11 -21.76 52.10
CA ALA M 74 -32.43 -20.83 51.01
C ALA M 74 -33.80 -21.14 50.42
N LYS M 75 -34.05 -22.41 50.07
CA LYS M 75 -35.33 -22.79 49.50
C LYS M 75 -36.45 -22.56 50.48
N GLU M 76 -36.19 -22.83 51.77
CA GLU M 76 -37.18 -22.61 52.80
C GLU M 76 -37.52 -21.14 52.92
N VAL M 77 -36.49 -20.27 52.83
CA VAL M 77 -36.74 -18.83 52.85
C VAL M 77 -37.55 -18.42 51.63
N ALA M 78 -37.24 -19.02 50.49
CA ALA M 78 -37.96 -18.69 49.27
C ALA M 78 -39.36 -19.26 49.25
N GLU M 79 -39.71 -20.19 50.15
CA GLU M 79 -41.09 -20.62 50.23
C GLU M 79 -41.82 -20.02 51.42
N LYS M 80 -41.15 -19.20 52.21
CA LYS M 80 -41.85 -18.47 53.26
C LYS M 80 -42.10 -17.01 52.91
N LEU M 81 -41.10 -16.36 52.32
CA LEU M 81 -41.21 -14.98 51.88
C LEU M 81 -41.77 -14.85 50.48
N GLY M 82 -42.04 -15.97 49.80
CA GLY M 82 -42.59 -15.92 48.46
C GLY M 82 -41.61 -15.44 47.41
N LEU M 83 -40.34 -15.79 47.56
CA LEU M 83 -39.29 -15.31 46.68
C LEU M 83 -38.93 -16.38 45.66
N LYS M 84 -38.31 -15.95 44.57
CA LYS M 84 -37.86 -16.90 43.55
C LYS M 84 -36.51 -17.45 43.96
N HIS M 85 -36.41 -18.76 44.08
CA HIS M 85 -35.15 -19.40 44.45
C HIS M 85 -34.34 -19.70 43.20
N PHE M 86 -33.11 -19.23 43.18
CA PHE M 86 -32.14 -19.69 42.20
C PHE M 86 -31.24 -20.71 42.87
N PRO M 87 -31.12 -21.92 42.34
CA PRO M 87 -30.09 -22.84 42.80
C PRO M 87 -28.70 -22.31 42.48
N GLU M 88 -27.70 -22.87 43.16
CA GLU M 88 -26.34 -22.39 43.04
C GLU M 88 -25.80 -22.64 41.64
N ALA M 89 -25.24 -21.58 41.04
CA ALA M 89 -24.76 -21.63 39.67
C ALA M 89 -23.52 -22.52 39.60
N GLY M 90 -23.65 -23.64 38.91
CA GLY M 90 -22.54 -24.52 38.65
C GLY M 90 -21.90 -24.22 37.31
N ILE M 91 -21.32 -25.26 36.71
CA ILE M 91 -20.67 -25.12 35.43
C ILE M 91 -21.69 -24.89 34.32
N HIS M 92 -22.88 -25.45 34.46
CA HIS M 92 -23.87 -25.48 33.39
C HIS M 92 -25.07 -24.59 33.70
N TYR M 93 -24.84 -23.44 34.34
CA TYR M 93 -25.94 -22.52 34.60
C TYR M 93 -26.37 -21.81 33.31
N ALA M 94 -25.40 -21.35 32.53
CA ALA M 94 -25.67 -20.71 31.25
C ALA M 94 -26.34 -21.67 30.29
N ASP M 95 -26.02 -22.96 30.40
CA ASP M 95 -26.72 -23.98 29.63
C ASP M 95 -28.17 -24.08 30.04
N SER M 96 -28.46 -23.89 31.33
CA SER M 96 -29.84 -23.95 31.79
C SER M 96 -30.63 -22.74 31.37
N THR M 97 -29.96 -21.61 31.15
CA THR M 97 -30.68 -20.41 30.75
C THR M 97 -30.83 -20.26 29.24
N THR M 98 -30.06 -20.99 28.43
CA THR M 98 -30.08 -20.83 26.99
C THR M 98 -30.43 -22.15 26.31
N GLY M 99 -30.82 -22.05 25.04
CA GLY M 99 -31.06 -23.24 24.23
C GLY M 99 -32.27 -24.00 24.72
N ASP M 100 -32.13 -25.32 24.80
CA ASP M 100 -33.19 -26.17 25.35
C ASP M 100 -33.14 -26.28 26.87
N GLY M 101 -32.21 -25.59 27.52
CA GLY M 101 -32.08 -25.64 28.96
C GLY M 101 -31.29 -26.82 29.48
N LYS M 102 -30.96 -27.77 28.63
CA LYS M 102 -30.23 -28.96 29.04
C LYS M 102 -28.73 -28.66 29.07
N PRO M 103 -27.97 -29.36 29.92
CA PRO M 103 -26.53 -29.10 29.99
C PRO M 103 -25.81 -29.48 28.71
N LEU M 104 -24.93 -28.59 28.28
CA LEU M 104 -24.11 -28.81 27.11
C LEU M 104 -22.95 -29.74 27.48
N PRO M 105 -22.31 -30.38 26.49
CA PRO M 105 -21.08 -31.12 26.78
C PRO M 105 -19.99 -30.20 27.31
N VAL M 106 -19.10 -30.78 28.11
CA VAL M 106 -18.19 -30.00 28.94
C VAL M 106 -17.16 -29.25 28.13
N ARG M 107 -16.91 -29.64 26.88
CA ARG M 107 -16.00 -28.89 26.03
C ARG M 107 -16.61 -27.60 25.51
N PHE M 108 -17.93 -27.46 25.53
CA PHE M 108 -18.59 -26.25 25.07
C PHE M 108 -18.93 -25.30 26.20
N SER M 109 -19.15 -25.82 27.40
CA SER M 109 -19.43 -25.01 28.57
C SER M 109 -18.52 -25.48 29.69
N GLY M 110 -17.73 -24.56 30.22
CA GLY M 110 -16.80 -24.87 31.27
C GLY M 110 -15.39 -25.10 30.79
N ASN M 111 -15.20 -26.17 30.01
CA ASN M 111 -13.89 -26.76 29.71
C ASN M 111 -13.12 -27.00 31.02
N CYS M 112 -13.85 -27.51 32.01
CA CYS M 112 -13.33 -27.61 33.37
C CYS M 112 -14.19 -28.59 34.14
N SER M 113 -13.61 -29.17 35.18
CA SER M 113 -14.26 -30.20 35.96
C SER M 113 -14.09 -29.92 37.44
N LEU M 114 -15.20 -30.00 38.18
CA LEU M 114 -15.13 -29.89 39.63
C LEU M 114 -14.54 -31.17 40.23
N GLU M 115 -14.88 -32.31 39.66
CA GLU M 115 -14.42 -33.59 40.18
C GLU M 115 -12.92 -33.78 39.93
N LYS M 116 -12.41 -33.26 38.83
CA LYS M 116 -10.97 -33.31 38.61
C LYS M 116 -10.23 -32.29 39.47
N PHE M 117 -10.90 -31.21 39.88
CA PHE M 117 -10.35 -30.34 40.91
C PHE M 117 -10.28 -31.04 42.24
N TYR M 118 -11.29 -31.85 42.57
CA TYR M 118 -11.26 -32.62 43.80
C TYR M 118 -10.23 -33.74 43.75
N ASP M 119 -10.00 -34.32 42.58
CA ASP M 119 -9.01 -35.38 42.43
C ASP M 119 -7.60 -34.81 42.40
N ASP M 120 -7.33 -33.93 41.43
CA ASP M 120 -6.00 -33.37 41.21
C ASP M 120 -6.11 -31.86 41.32
N PRO M 121 -5.96 -31.30 42.53
CA PRO M 121 -6.10 -29.84 42.66
C PRO M 121 -4.92 -29.07 42.11
N LYS M 122 -3.71 -29.63 42.19
CA LYS M 122 -2.50 -28.97 41.72
C LYS M 122 -2.13 -29.39 40.31
N SER M 123 -3.14 -29.66 39.47
CA SER M 123 -2.95 -30.28 38.19
C SER M 123 -2.22 -29.37 37.20
N ASN M 124 -1.62 -30.01 36.20
CA ASN M 124 -0.81 -29.28 35.23
C ASN M 124 -1.68 -28.53 34.23
N ASP M 125 -2.83 -29.09 33.84
CA ASP M 125 -3.64 -28.50 32.78
C ASP M 125 -4.33 -27.20 33.18
N GLY M 126 -4.26 -26.81 34.44
CA GLY M 126 -4.86 -25.57 34.87
C GLY M 126 -6.35 -25.66 35.08
N ASN M 127 -6.85 -26.81 35.53
CA ASN M 127 -8.28 -26.98 35.76
C ASN M 127 -8.79 -26.11 36.89
N SER M 128 -7.93 -25.79 37.85
CA SER M 128 -8.36 -25.14 39.07
C SER M 128 -8.82 -23.71 38.82
N TYR M 129 -7.94 -22.88 38.26
CA TYR M 129 -8.35 -21.50 38.00
C TYR M 129 -9.32 -21.41 36.83
N ARG M 130 -9.23 -22.33 35.87
CA ARG M 130 -10.20 -22.32 34.78
C ARG M 130 -11.60 -22.64 35.29
N LEU M 131 -11.69 -23.56 36.25
CA LEU M 131 -12.95 -23.84 36.93
C LEU M 131 -13.42 -22.64 37.74
N GLN M 132 -12.51 -21.96 38.43
CA GLN M 132 -12.90 -20.83 39.25
C GLN M 132 -13.34 -19.63 38.40
N ALA M 133 -12.69 -19.43 37.26
CA ALA M 133 -13.05 -18.32 36.37
C ALA M 133 -14.37 -18.59 35.68
N TRP M 134 -14.60 -19.84 35.27
CA TRP M 134 -15.90 -20.19 34.70
C TRP M 134 -17.01 -20.06 35.73
N LEU M 135 -16.74 -20.44 36.98
CA LEU M 135 -17.77 -20.30 38.00
C LEU M 135 -18.03 -18.85 38.35
N TYR M 136 -17.01 -17.99 38.30
CA TYR M 136 -17.26 -16.57 38.51
C TYR M 136 -18.11 -15.98 37.39
N ALA M 137 -17.85 -16.37 36.14
CA ALA M 137 -18.68 -15.91 35.04
C ALA M 137 -20.11 -16.44 35.15
N SER M 138 -20.26 -17.67 35.65
CA SER M 138 -21.60 -18.25 35.83
C SER M 138 -22.36 -17.53 36.93
N ARG M 139 -21.68 -17.19 38.03
CA ARG M 139 -22.34 -16.46 39.10
C ARG M 139 -22.63 -15.02 38.69
N LEU M 140 -21.81 -14.45 37.81
CA LEU M 140 -22.09 -13.11 37.29
C LEU M 140 -23.33 -13.12 36.43
N LEU M 141 -23.46 -14.14 35.57
CA LEU M 141 -24.67 -14.32 34.79
C LEU M 141 -25.89 -14.57 35.68
N GLN M 142 -25.70 -15.30 36.77
CA GLN M 142 -26.81 -15.60 37.67
C GLN M 142 -27.25 -14.36 38.44
N TYR M 143 -26.28 -13.53 38.85
CA TYR M 143 -26.60 -12.30 39.55
C TYR M 143 -27.29 -11.31 38.62
N ALA M 144 -26.90 -11.30 37.34
CA ALA M 144 -27.60 -10.51 36.33
C ALA M 144 -29.04 -11.01 36.13
N ASP M 145 -29.23 -12.33 36.09
CA ASP M 145 -30.58 -12.90 36.00
C ASP M 145 -31.42 -12.56 37.22
N ALA M 146 -30.82 -12.60 38.40
CA ALA M 146 -31.53 -12.30 39.64
C ALA M 146 -31.95 -10.84 39.71
N LEU M 147 -31.03 -9.94 39.36
CA LEU M 147 -31.38 -8.53 39.30
C LEU M 147 -32.38 -8.22 38.20
N GLU M 148 -32.33 -8.95 37.08
CA GLU M 148 -33.31 -8.73 36.02
C GLU M 148 -34.71 -9.16 36.47
N HIS M 149 -34.80 -10.28 37.17
CA HIS M 149 -36.07 -10.72 37.72
C HIS M 149 -36.59 -9.75 38.78
N LEU M 150 -35.70 -9.28 39.66
CA LEU M 150 -36.10 -8.37 40.72
C LEU M 150 -36.53 -7.01 40.17
N LEU M 151 -35.84 -6.50 39.16
CA LEU M 151 -36.16 -5.18 38.64
C LEU M 151 -37.28 -5.20 37.61
N SER M 152 -37.57 -6.34 37.01
CA SER M 152 -38.68 -6.41 36.06
C SER M 152 -39.98 -6.87 36.69
N THR M 153 -39.93 -7.67 37.76
CA THR M 153 -41.14 -8.21 38.37
C THR M 153 -41.42 -7.67 39.77
N GLY M 154 -40.40 -7.19 40.47
CA GLY M 154 -40.57 -6.80 41.85
C GLY M 154 -40.60 -7.94 42.84
N GLN M 155 -40.31 -9.16 42.40
CA GLN M 155 -40.21 -10.30 43.30
C GLN M 155 -38.77 -10.49 43.72
N GLY M 156 -38.54 -10.66 45.02
CA GLY M 156 -37.20 -10.87 45.50
C GLY M 156 -36.66 -12.24 45.14
N VAL M 157 -35.34 -12.36 45.21
CA VAL M 157 -34.62 -13.54 44.75
C VAL M 157 -33.73 -14.02 45.88
N VAL M 158 -33.76 -15.33 46.15
CA VAL M 158 -32.81 -15.95 47.06
C VAL M 158 -31.74 -16.67 46.24
N LEU M 159 -30.50 -16.25 46.40
CA LEU M 159 -29.33 -16.82 45.75
C LEU M 159 -28.54 -17.65 46.74
N GLU M 160 -27.66 -18.48 46.20
CA GLU M 160 -26.73 -19.28 46.98
C GLU M 160 -25.33 -18.98 46.45
N ARG M 161 -24.52 -18.29 47.26
CA ARG M 161 -23.13 -17.94 46.97
C ARG M 161 -23.01 -17.10 45.69
N SER M 162 -23.38 -15.83 45.83
CA SER M 162 -23.30 -14.89 44.72
C SER M 162 -21.84 -14.53 44.38
N ILE M 163 -21.68 -13.56 43.47
CA ILE M 163 -20.36 -13.07 43.07
C ILE M 163 -19.61 -12.35 44.18
N TYR M 164 -20.30 -11.90 45.22
CA TYR M 164 -19.61 -11.27 46.33
C TYR M 164 -18.88 -12.27 47.21
N SER M 165 -19.30 -13.54 47.19
CA SER M 165 -18.69 -14.58 48.00
C SER M 165 -17.91 -15.58 47.18
N ASP M 166 -17.77 -15.38 45.87
CA ASP M 166 -17.07 -16.34 45.03
C ASP M 166 -15.57 -16.34 45.34
N PHE M 167 -15.01 -15.19 45.69
CA PHE M 167 -13.59 -15.03 45.89
C PHE M 167 -13.07 -15.84 47.07
N VAL M 168 -13.94 -16.21 48.01
CA VAL M 168 -13.49 -16.98 49.16
C VAL M 168 -13.13 -18.40 48.78
N PHE M 169 -13.49 -18.85 47.57
CA PHE M 169 -12.88 -20.09 47.10
C PHE M 169 -11.52 -19.82 46.49
N LEU M 170 -11.40 -18.69 45.77
CA LEU M 170 -10.17 -18.32 45.06
C LEU M 170 -8.99 -18.24 46.01
N GLU M 171 -9.14 -17.43 47.07
CA GLU M 171 -8.10 -17.33 48.09
C GLU M 171 -7.87 -18.66 48.79
N ALA M 172 -8.95 -19.43 49.01
CA ALA M 172 -8.80 -20.74 49.61
C ALA M 172 -8.07 -21.70 48.70
N MET M 173 -8.09 -21.46 47.40
CA MET M 173 -7.24 -22.22 46.51
C MET M 173 -5.82 -21.69 46.55
N TYR M 174 -5.67 -20.36 46.60
CA TYR M 174 -4.34 -19.77 46.57
C TYR M 174 -3.57 -20.02 47.85
N ARG M 175 -4.27 -20.09 48.98
CA ARG M 175 -3.61 -20.45 50.23
C ARG M 175 -3.25 -21.92 50.27
N GLN M 176 -3.86 -22.76 49.44
CA GLN M 176 -3.50 -24.16 49.38
C GLN M 176 -2.50 -24.47 48.28
N GLY M 177 -2.01 -23.44 47.59
CA GLY M 177 -1.11 -23.67 46.47
C GLY M 177 -1.77 -24.29 45.27
N PHE M 178 -3.09 -24.18 45.15
CA PHE M 178 -3.78 -24.83 44.04
C PHE M 178 -3.70 -23.99 42.77
N ILE M 179 -3.67 -22.67 42.92
CA ILE M 179 -3.55 -21.75 41.81
C ILE M 179 -2.36 -20.83 42.07
N ARG M 180 -1.98 -20.10 41.04
CA ARG M 180 -0.83 -19.21 41.11
C ARG M 180 -1.27 -17.80 41.53
N LYS M 181 -0.28 -16.94 41.76
CA LYS M 181 -0.57 -15.55 42.08
C LYS M 181 -1.10 -14.80 40.86
N GLN M 182 -0.63 -15.18 39.67
CA GLN M 182 -1.12 -14.59 38.42
C GLN M 182 -2.59 -14.90 38.18
N CYS M 183 -3.04 -16.07 38.63
CA CYS M 183 -4.46 -16.40 38.54
C CYS M 183 -5.29 -15.51 39.46
N VAL M 184 -4.76 -15.20 40.64
CA VAL M 184 -5.44 -14.30 41.56
C VAL M 184 -5.47 -12.89 40.99
N ASP M 185 -4.41 -12.49 40.29
CA ASP M 185 -4.37 -11.17 39.67
C ASP M 185 -5.39 -11.06 38.53
N HIS M 186 -5.51 -12.11 37.72
CA HIS M 186 -6.52 -12.16 36.67
C HIS M 186 -7.92 -12.12 37.25
N TYR M 187 -8.17 -12.89 38.32
CA TYR M 187 -9.47 -12.89 38.98
C TYR M 187 -9.81 -11.52 39.53
N ASN M 188 -8.83 -10.84 40.13
CA ASN M 188 -9.09 -9.54 40.72
C ASN M 188 -9.32 -8.47 39.67
N GLN M 189 -8.68 -8.60 38.50
CA GLN M 189 -8.98 -7.68 37.40
C GLN M 189 -10.40 -7.87 36.91
N VAL M 190 -10.82 -9.12 36.67
CA VAL M 190 -12.17 -9.40 36.18
C VAL M 190 -13.21 -8.99 37.20
N LYS M 191 -12.96 -9.25 38.49
CA LYS M 191 -13.89 -8.85 39.53
C LYS M 191 -13.93 -7.33 39.68
N LYS M 192 -12.79 -6.66 39.55
CA LYS M 192 -12.70 -5.23 39.70
C LYS M 192 -13.52 -4.50 38.64
N VAL M 193 -13.54 -5.02 37.41
CA VAL M 193 -14.31 -4.34 36.38
C VAL M 193 -15.68 -4.96 36.15
N THR M 194 -16.05 -6.03 36.86
CA THR M 194 -17.41 -6.53 36.72
C THR M 194 -18.31 -6.30 37.94
N VAL M 195 -17.83 -6.50 39.17
CA VAL M 195 -18.73 -6.44 40.32
C VAL M 195 -19.07 -4.99 40.69
N CYS M 196 -18.30 -4.03 40.17
CA CYS M 196 -18.53 -2.61 40.44
C CYS M 196 -19.81 -2.10 39.82
N GLU M 197 -20.39 -2.83 38.86
CA GLU M 197 -21.55 -2.38 38.13
C GLU M 197 -22.87 -2.78 38.79
N TYR M 198 -22.85 -3.46 39.91
CA TYR M 198 -24.03 -4.07 40.48
C TYR M 198 -24.26 -3.58 41.90
N LEU M 199 -25.39 -3.84 42.37
CA LEU M 199 -25.76 -3.57 43.74
C LEU M 199 -25.57 -4.82 44.58
N PRO M 200 -25.14 -4.68 45.83
CA PRO M 200 -25.00 -5.83 46.72
C PRO M 200 -26.36 -6.38 47.11
N PRO M 201 -26.42 -7.58 47.68
CA PRO M 201 -27.70 -8.10 48.17
C PRO M 201 -28.23 -7.27 49.33
N HIS M 202 -29.51 -7.44 49.62
CA HIS M 202 -30.07 -6.80 50.81
C HIS M 202 -29.65 -7.55 52.06
N VAL M 203 -29.84 -8.86 52.07
CA VAL M 203 -29.57 -9.71 53.22
C VAL M 203 -28.53 -10.74 52.80
N VAL M 204 -27.52 -10.92 53.65
CA VAL M 204 -26.54 -12.00 53.49
C VAL M 204 -26.71 -12.95 54.67
N ILE M 205 -27.13 -14.17 54.40
CA ILE M 205 -27.29 -15.19 55.41
C ILE M 205 -26.07 -16.09 55.39
N TYR M 206 -25.41 -16.25 56.53
CA TYR M 206 -24.26 -17.12 56.64
C TYR M 206 -24.57 -18.25 57.62
N VAL M 207 -24.05 -19.44 57.33
CA VAL M 207 -24.31 -20.63 58.12
C VAL M 207 -23.00 -21.10 58.73
N ASP M 208 -22.87 -20.94 60.05
CA ASP M 208 -21.71 -21.44 60.79
C ASP M 208 -21.78 -22.96 60.86
N VAL M 209 -20.91 -23.64 60.12
CA VAL M 209 -20.72 -25.08 60.25
C VAL M 209 -19.21 -25.31 60.35
N PRO M 210 -18.72 -25.96 61.40
CA PRO M 210 -17.27 -26.19 61.54
C PRO M 210 -16.77 -27.22 60.53
N VAL M 211 -15.45 -27.27 60.40
CA VAL M 211 -14.78 -28.11 59.40
C VAL M 211 -15.01 -29.59 59.70
N SER M 212 -15.09 -29.95 60.98
CA SER M 212 -15.36 -31.34 61.36
C SER M 212 -16.76 -31.77 60.95
N GLU M 213 -17.75 -30.90 61.14
CA GLU M 213 -19.11 -31.23 60.72
C GLU M 213 -19.26 -31.20 59.20
N VAL M 214 -18.50 -30.31 58.53
CA VAL M 214 -18.44 -30.31 57.07
C VAL M 214 -17.91 -31.66 56.56
N GLN M 215 -16.82 -32.15 57.16
CA GLN M 215 -16.26 -33.43 56.75
C GLN M 215 -17.16 -34.60 57.10
N SER M 216 -17.90 -34.51 58.22
CA SER M 216 -18.87 -35.54 58.56
C SER M 216 -20.00 -35.60 57.53
N ARG M 217 -20.46 -34.44 57.07
CA ARG M 217 -21.52 -34.43 56.06
C ARG M 217 -20.99 -34.79 54.68
N ILE M 218 -19.70 -34.56 54.43
CA ILE M 218 -19.08 -35.02 53.19
C ILE M 218 -18.99 -36.54 53.17
N GLN M 219 -18.56 -37.14 54.29
CA GLN M 219 -18.48 -38.59 54.36
C GLN M 219 -19.85 -39.24 54.37
N LYS M 220 -20.88 -38.55 54.87
CA LYS M 220 -22.23 -39.06 54.75
C LYS M 220 -22.83 -38.79 53.38
N LYS M 221 -22.26 -37.86 52.61
CA LYS M 221 -22.78 -37.58 51.27
C LYS M 221 -22.48 -38.72 50.31
N GLY M 222 -21.26 -39.25 50.36
CA GLY M 222 -20.89 -40.41 49.57
C GLY M 222 -20.29 -40.11 48.22
N ASN M 223 -20.06 -38.84 47.89
CA ASN M 223 -19.45 -38.47 46.62
C ASN M 223 -17.97 -38.82 46.67
N PRO M 224 -17.48 -39.74 45.82
CA PRO M 224 -16.09 -40.20 45.94
C PRO M 224 -15.06 -39.16 45.59
N HIS M 225 -15.42 -38.13 44.81
CA HIS M 225 -14.49 -37.06 44.53
C HIS M 225 -14.48 -36.03 45.66
N GLU M 226 -15.67 -35.67 46.14
CA GLU M 226 -15.82 -34.67 47.20
C GLU M 226 -15.25 -35.15 48.53
N MET M 227 -15.09 -36.45 48.72
CA MET M 227 -14.41 -36.95 49.91
C MET M 227 -12.89 -36.81 49.85
N LYS M 228 -12.34 -36.24 48.77
CA LYS M 228 -10.91 -35.99 48.68
C LYS M 228 -10.54 -34.57 49.09
N ILE M 229 -11.50 -33.80 49.62
CA ILE M 229 -11.21 -32.43 50.04
C ILE M 229 -10.43 -32.47 51.34
N THR M 230 -9.32 -31.71 51.39
CA THR M 230 -8.49 -31.66 52.58
C THR M 230 -9.16 -30.83 53.66
N SER M 231 -8.61 -30.91 54.87
CA SER M 231 -9.10 -30.09 55.97
C SER M 231 -8.63 -28.65 55.87
N ALA M 232 -7.41 -28.45 55.36
CA ALA M 232 -6.85 -27.11 55.27
C ALA M 232 -7.58 -26.25 54.25
N TYR M 233 -8.11 -26.88 53.19
CA TYR M 233 -8.89 -26.14 52.20
C TYR M 233 -10.22 -25.67 52.77
N LEU M 234 -10.91 -26.54 53.51
CA LEU M 234 -12.15 -26.16 54.18
C LEU M 234 -11.91 -25.11 55.25
N GLN M 235 -10.79 -25.21 55.95
CA GLN M 235 -10.44 -24.22 56.95
C GLN M 235 -10.11 -22.88 56.31
N ASP M 236 -9.50 -22.89 55.13
CA ASP M 236 -9.26 -21.63 54.42
C ASP M 236 -10.55 -21.01 53.91
N ILE M 237 -11.52 -21.86 53.50
CA ILE M 237 -12.83 -21.35 53.11
C ILE M 237 -13.51 -20.66 54.30
N GLU M 238 -13.45 -21.29 55.47
CA GLU M 238 -14.04 -20.69 56.67
C GLU M 238 -13.29 -19.42 57.09
N ASN M 239 -11.97 -19.39 56.90
CA ASN M 239 -11.19 -18.22 57.30
C ASN M 239 -11.46 -17.03 56.41
N VAL M 240 -11.57 -17.24 55.09
CA VAL M 240 -11.86 -16.11 54.21
C VAL M 240 -13.35 -15.72 54.29
N TYR M 241 -14.22 -16.65 54.66
CA TYR M 241 -15.59 -16.30 55.06
C TYR M 241 -15.61 -15.36 56.25
N LYS M 242 -15.05 -15.78 57.37
CA LYS M 242 -15.22 -15.05 58.61
C LYS M 242 -14.31 -13.84 58.73
N GLY M 243 -13.20 -13.81 58.00
CA GLY M 243 -12.24 -12.75 58.19
C GLY M 243 -12.22 -11.71 57.08
N THR M 244 -12.71 -12.07 55.91
CA THR M 244 -12.71 -11.14 54.78
C THR M 244 -14.10 -10.83 54.26
N PHE M 245 -14.92 -11.86 54.05
CA PHE M 245 -16.22 -11.67 53.39
C PHE M 245 -17.24 -11.01 54.30
N LEU M 246 -17.53 -11.63 55.44
CA LEU M 246 -18.51 -11.06 56.38
C LEU M 246 -18.14 -9.69 56.96
N PRO M 247 -16.87 -9.37 57.29
CA PRO M 247 -16.58 -7.97 57.65
C PRO M 247 -16.84 -6.96 56.54
N GLU M 248 -16.56 -7.30 55.28
CA GLU M 248 -16.78 -6.31 54.24
C GLU M 248 -18.23 -6.24 53.79
N MET M 249 -19.02 -7.29 54.02
CA MET M 249 -20.44 -7.22 53.74
C MET M 249 -21.24 -6.70 54.91
N SER M 250 -20.63 -6.57 56.09
CA SER M 250 -21.35 -5.95 57.21
C SER M 250 -21.61 -4.47 57.00
N GLU M 251 -20.85 -3.79 56.12
CA GLU M 251 -21.10 -2.37 55.91
C GLU M 251 -22.10 -2.11 54.78
N LYS M 252 -22.01 -2.86 53.69
CA LYS M 252 -22.84 -2.57 52.53
C LYS M 252 -24.18 -3.30 52.56
N CYS M 253 -24.41 -4.18 53.53
CA CYS M 253 -25.68 -4.87 53.69
C CYS M 253 -25.76 -5.44 55.10
N GLU M 254 -26.77 -6.27 55.33
CA GLU M 254 -27.11 -6.79 56.65
C GLU M 254 -26.79 -8.28 56.68
N VAL M 255 -25.77 -8.65 57.46
CA VAL M 255 -25.35 -10.04 57.54
C VAL M 255 -26.08 -10.72 58.69
N LEU M 256 -26.77 -11.81 58.37
CA LEU M 256 -27.33 -12.71 59.36
C LEU M 256 -26.45 -13.95 59.42
N GLN M 257 -26.18 -14.42 60.63
CA GLN M 257 -25.21 -15.50 60.81
C GLN M 257 -25.79 -16.50 61.79
N TYR M 258 -25.93 -17.75 61.33
CA TYR M 258 -26.57 -18.81 62.08
C TYR M 258 -25.63 -19.99 62.19
N SER M 259 -25.82 -20.80 63.23
CA SER M 259 -25.10 -22.05 63.36
C SER M 259 -25.84 -23.14 62.59
N ALA M 260 -25.41 -24.39 62.75
CA ALA M 260 -26.00 -25.46 61.96
C ALA M 260 -27.37 -25.86 62.46
N TRP M 261 -27.63 -25.72 63.76
CA TRP M 261 -28.91 -26.16 64.32
C TRP M 261 -29.96 -25.07 64.34
N GLU M 262 -29.55 -23.81 64.53
CA GLU M 262 -30.52 -22.72 64.51
C GLU M 262 -30.87 -22.27 63.10
N ALA M 263 -30.15 -22.74 62.09
CA ALA M 263 -30.57 -22.56 60.72
C ALA M 263 -31.59 -23.62 60.28
N GLU M 264 -31.83 -24.64 61.10
CA GLU M 264 -32.82 -25.65 60.76
C GLU M 264 -34.24 -25.11 60.90
N ASP M 265 -34.46 -24.15 61.78
CA ASP M 265 -35.75 -23.51 61.92
C ASP M 265 -35.83 -22.36 60.92
N ALA M 266 -36.62 -22.55 59.87
CA ALA M 266 -36.75 -21.51 58.86
C ALA M 266 -37.59 -20.34 59.37
N GLU M 267 -38.49 -20.59 60.32
CA GLU M 267 -39.37 -19.53 60.80
C GLU M 267 -38.61 -18.47 61.58
N LYS M 268 -37.57 -18.86 62.32
CA LYS M 268 -36.74 -17.88 63.03
C LYS M 268 -35.95 -17.04 62.05
N VAL M 269 -35.46 -17.65 60.95
CA VAL M 269 -34.71 -16.91 59.95
C VAL M 269 -35.61 -15.93 59.21
N VAL M 270 -36.82 -16.37 58.86
CA VAL M 270 -37.76 -15.48 58.18
C VAL M 270 -38.27 -14.39 59.12
N GLU M 271 -38.41 -14.69 60.42
CA GLU M 271 -38.75 -13.68 61.41
C GLU M 271 -37.63 -12.66 61.56
N ASP M 272 -36.38 -13.09 61.47
CA ASP M 272 -35.27 -12.15 61.54
C ASP M 272 -35.19 -11.29 60.29
N ILE M 273 -35.51 -11.87 59.13
CA ILE M 273 -35.47 -11.10 57.88
C ILE M 273 -36.59 -10.06 57.85
N GLN M 274 -37.80 -10.44 58.28
CA GLN M 274 -38.95 -9.54 58.22
C GLN M 274 -38.85 -8.38 59.21
N TYR M 275 -37.98 -8.47 60.21
CA TYR M 275 -37.79 -7.40 61.18
C TYR M 275 -36.40 -6.78 61.08
N LEU M 276 -35.92 -6.60 59.86
CA LEU M 276 -34.68 -5.88 59.62
C LEU M 276 -34.98 -4.43 59.28
N LYS M 277 -34.15 -3.53 59.79
CA LYS M 277 -34.27 -2.09 59.53
C LYS M 277 -33.18 -1.72 58.54
N TYR M 278 -33.54 -1.69 57.26
CA TYR M 278 -32.57 -1.53 56.17
C TYR M 278 -32.06 -0.10 56.15
N ASP M 279 -30.81 0.09 56.55
CA ASP M 279 -30.24 1.42 56.66
C ASP M 279 -28.80 1.49 56.16
N LYS M 280 -28.32 0.49 55.43
CA LYS M 280 -26.97 0.49 54.91
C LYS M 280 -26.98 0.15 53.43
N GLY M 281 -25.89 0.49 52.76
CA GLY M 281 -25.67 0.07 51.41
C GLY M 281 -26.35 0.95 50.38
N PRO M 282 -25.97 0.78 49.12
CA PRO M 282 -26.43 1.70 48.06
C PRO M 282 -27.81 1.39 47.50
N TRP M 283 -28.61 0.55 48.15
CA TRP M 283 -30.00 0.38 47.72
C TRP M 283 -30.89 1.52 48.15
N LEU M 284 -30.46 2.32 49.12
CA LEU M 284 -31.28 3.41 49.61
C LEU M 284 -31.35 4.56 48.60
N ASP M 285 -30.22 4.86 47.96
CA ASP M 285 -30.18 5.90 46.92
C ASP M 285 -30.29 5.30 45.53
N GLN M 286 -31.41 4.63 45.27
CA GLN M 286 -31.72 4.11 43.94
C GLN M 286 -33.06 4.68 43.50
N ASP M 287 -33.03 5.64 42.60
CA ASP M 287 -34.24 6.18 42.02
C ASP M 287 -34.59 5.39 40.75
N ASP M 288 -35.56 5.89 39.98
CA ASP M 288 -35.97 5.21 38.76
C ASP M 288 -34.89 5.28 37.68
N ARG M 289 -34.05 6.31 37.70
CA ARG M 289 -33.03 6.47 36.67
C ARG M 289 -31.90 5.47 36.85
N LYS M 290 -31.38 5.36 38.09
CA LYS M 290 -30.30 4.43 38.37
C LYS M 290 -30.73 2.99 38.20
N LEU M 291 -31.95 2.67 38.62
CA LEU M 291 -32.45 1.31 38.46
C LEU M 291 -32.84 1.04 37.02
N HIS M 292 -33.22 2.07 36.27
CA HIS M 292 -33.38 1.92 34.82
C HIS M 292 -32.06 1.57 34.15
N ASN M 293 -30.98 2.25 34.53
CA ASN M 293 -29.67 1.94 33.97
C ASN M 293 -29.20 0.56 34.36
N LEU M 294 -29.49 0.15 35.60
CA LEU M 294 -29.11 -1.18 36.05
C LEU M 294 -29.91 -2.26 35.32
N ARG M 295 -31.20 -2.02 35.07
CA ARG M 295 -32.00 -2.99 34.33
C ARG M 295 -31.60 -3.04 32.87
N MET M 296 -31.15 -1.92 32.30
CA MET M 296 -30.59 -1.94 30.95
C MET M 296 -29.30 -2.73 30.90
N LEU M 297 -28.49 -2.66 31.96
CA LEU M 297 -27.29 -3.49 32.02
C LEU M 297 -27.61 -4.98 32.12
N VAL M 298 -28.47 -5.36 33.08
CA VAL M 298 -28.61 -6.78 33.42
C VAL M 298 -29.50 -7.55 32.45
N GLN M 299 -30.08 -6.89 31.44
CA GLN M 299 -30.78 -7.61 30.40
C GLN M 299 -29.93 -7.84 29.16
N ASP M 300 -28.79 -7.18 29.05
CA ASP M 300 -27.84 -7.38 27.96
C ASP M 300 -26.76 -8.30 28.50
N LYS M 301 -26.87 -9.59 28.17
CA LYS M 301 -26.01 -10.58 28.81
C LYS M 301 -24.59 -10.57 28.27
N LEU M 302 -24.40 -10.15 27.01
CA LEU M 302 -23.04 -9.99 26.51
C LEU M 302 -22.35 -8.81 27.15
N GLU M 303 -23.10 -7.76 27.51
CA GLU M 303 -22.52 -6.63 28.22
C GLU M 303 -22.21 -7.00 29.67
N VAL M 304 -23.03 -7.87 30.26
CA VAL M 304 -22.72 -8.45 31.57
C VAL M 304 -21.44 -9.26 31.52
N LEU M 305 -21.33 -10.13 30.52
CA LEU M 305 -20.21 -11.05 30.37
C LEU M 305 -19.06 -10.47 29.57
N ASN M 306 -19.01 -9.14 29.44
CA ASN M 306 -18.02 -8.49 28.58
C ASN M 306 -16.61 -8.71 29.09
N TYR M 307 -16.36 -8.39 30.35
CA TYR M 307 -15.00 -8.36 30.85
C TYR M 307 -14.58 -9.66 31.50
N THR M 308 -15.38 -10.71 31.38
CA THR M 308 -14.90 -12.03 31.80
C THR M 308 -13.85 -12.55 30.83
N SER M 309 -13.96 -12.19 29.55
CA SER M 309 -12.95 -12.54 28.55
C SER M 309 -12.06 -11.34 28.24
N ILE M 310 -11.33 -10.83 29.23
CA ILE M 310 -10.39 -9.74 28.94
C ILE M 310 -9.12 -10.34 28.36
N PRO M 311 -8.41 -9.63 27.47
CA PRO M 311 -7.22 -10.20 26.82
C PRO M 311 -5.99 -10.24 27.71
N VAL M 312 -6.10 -10.98 28.81
CA VAL M 312 -4.97 -11.25 29.69
C VAL M 312 -4.59 -12.70 29.44
N PHE M 313 -3.42 -12.91 28.84
CA PHE M 313 -3.06 -14.22 28.33
C PHE M 313 -2.46 -15.04 29.47
N LEU M 314 -3.32 -15.58 30.26
CA LEU M 314 -2.99 -16.45 31.37
C LEU M 314 -3.09 -17.89 30.89
N PRO M 315 -2.09 -18.74 31.16
CA PRO M 315 -2.06 -20.09 30.57
C PRO M 315 -3.18 -21.01 31.01
N GLU M 316 -3.81 -20.75 32.16
CA GLU M 316 -4.92 -21.57 32.60
C GLU M 316 -6.20 -21.28 31.84
N VAL M 317 -6.35 -20.08 31.29
CA VAL M 317 -7.59 -19.71 30.61
C VAL M 317 -7.39 -19.39 29.13
N THR M 318 -6.16 -19.25 28.65
CA THR M 318 -5.94 -18.95 27.24
C THR M 318 -6.20 -20.19 26.40
N ILE M 319 -7.08 -20.06 25.42
CA ILE M 319 -7.33 -21.10 24.44
C ILE M 319 -6.72 -20.64 23.13
N GLY M 320 -5.88 -21.47 22.54
CA GLY M 320 -5.29 -21.11 21.28
C GLY M 320 -6.25 -21.25 20.13
N ALA M 321 -5.83 -20.72 18.98
CA ALA M 321 -6.75 -20.42 17.89
C ALA M 321 -7.29 -21.68 17.21
N HIS M 322 -6.52 -22.75 17.17
CA HIS M 322 -7.00 -23.95 16.49
C HIS M 322 -8.07 -24.66 17.31
N GLN M 323 -7.84 -24.80 18.61
CA GLN M 323 -8.85 -25.33 19.50
C GLN M 323 -10.06 -24.41 19.60
N SER M 324 -9.83 -23.09 19.60
CA SER M 324 -10.95 -22.13 19.66
C SER M 324 -11.83 -22.22 18.42
N ASP M 325 -11.20 -22.25 17.24
CA ASP M 325 -11.90 -22.41 15.97
C ASP M 325 -12.67 -23.72 15.92
N ARG M 326 -12.03 -24.82 16.34
CA ARG M 326 -12.64 -26.14 16.26
C ARG M 326 -13.82 -26.28 17.20
N VAL M 327 -13.69 -25.80 18.44
CA VAL M 327 -14.78 -25.90 19.41
C VAL M 327 -15.90 -24.93 19.06
N PHE M 328 -15.59 -23.76 18.47
CA PHE M 328 -16.63 -22.84 18.00
C PHE M 328 -17.45 -23.47 16.89
N GLN M 329 -16.78 -24.06 15.90
CA GLN M 329 -17.50 -24.65 14.79
C GLN M 329 -18.26 -25.91 15.21
N GLU M 330 -17.79 -26.62 16.24
CA GLU M 330 -18.58 -27.71 16.79
C GLU M 330 -19.77 -27.20 17.58
N PHE M 331 -19.63 -26.02 18.20
CA PHE M 331 -20.76 -25.44 18.95
C PHE M 331 -21.87 -25.00 18.03
N THR M 332 -21.50 -24.46 16.87
CA THR M 332 -22.51 -23.99 15.91
C THR M 332 -23.31 -25.15 15.33
N GLU M 333 -22.74 -26.34 15.25
CA GLU M 333 -23.44 -27.50 14.72
C GLU M 333 -24.35 -28.17 15.74
N LEU M 334 -24.42 -27.67 16.96
CA LEU M 334 -25.37 -28.18 17.94
C LEU M 334 -26.79 -27.76 17.55
N PRO M 335 -27.80 -28.54 17.92
CA PRO M 335 -29.18 -28.20 17.55
C PRO M 335 -29.68 -26.98 18.30
N GLY M 336 -30.27 -26.04 17.55
CA GLY M 336 -30.75 -24.80 18.11
C GLY M 336 -29.69 -23.76 18.35
N ARG M 337 -28.45 -24.00 17.90
CA ARG M 337 -27.33 -23.13 18.21
C ARG M 337 -26.71 -22.48 17.00
N LYS M 338 -27.17 -22.80 15.78
CA LYS M 338 -26.54 -22.23 14.60
C LYS M 338 -26.96 -20.79 14.39
N TYR M 339 -28.22 -20.48 14.64
CA TYR M 339 -28.75 -19.15 14.40
C TYR M 339 -29.26 -18.56 15.71
N ARG M 340 -29.78 -17.35 15.61
CA ARG M 340 -30.55 -16.75 16.69
C ARG M 340 -31.79 -17.60 16.95
N ALA M 341 -32.29 -17.52 18.19
CA ALA M 341 -33.12 -18.58 18.77
C ALA M 341 -34.42 -18.79 18.00
N GLY M 342 -35.02 -17.76 17.46
CA GLY M 342 -36.24 -17.99 16.70
C GLY M 342 -36.05 -18.40 15.26
N TYR M 343 -34.84 -18.82 14.87
CA TYR M 343 -34.48 -18.93 13.46
C TYR M 343 -33.84 -20.27 13.12
N ASN M 344 -34.27 -21.34 13.76
CA ASN M 344 -33.65 -22.65 13.60
C ASN M 344 -34.70 -23.65 13.13
N GLU M 345 -34.65 -24.01 11.85
CA GLU M 345 -35.62 -24.96 11.29
C GLU M 345 -35.43 -26.36 11.86
N ASP M 346 -34.21 -26.70 12.28
CA ASP M 346 -33.95 -28.04 12.77
C ASP M 346 -34.59 -28.32 14.13
N VAL M 347 -34.96 -27.29 14.88
CA VAL M 347 -35.70 -27.46 16.11
C VAL M 347 -37.15 -27.03 15.96
N GLY M 348 -37.59 -26.73 14.74
CA GLY M 348 -38.99 -26.50 14.49
C GLY M 348 -39.45 -25.06 14.58
N ASP M 349 -38.63 -24.13 14.09
CA ASP M 349 -39.02 -22.73 14.06
C ASP M 349 -39.68 -22.44 12.72
N LYS M 350 -40.86 -21.85 12.77
CA LYS M 350 -41.66 -21.57 11.59
C LYS M 350 -41.63 -20.08 11.29
N TRP M 351 -42.16 -19.73 10.11
CA TRP M 351 -42.33 -18.35 9.64
C TRP M 351 -41.01 -17.58 9.57
N ILE M 352 -39.91 -18.26 9.25
CA ILE M 352 -38.60 -17.62 9.29
C ILE M 352 -38.46 -16.60 8.17
N TRP M 353 -39.07 -16.86 7.01
CA TRP M 353 -39.07 -15.94 5.90
C TRP M 353 -39.84 -14.64 6.16
N LEU M 354 -40.64 -14.59 7.22
CA LEU M 354 -41.23 -13.35 7.70
C LEU M 354 -40.67 -12.90 9.03
N LYS M 355 -39.50 -13.40 9.41
CA LYS M 355 -38.83 -12.92 10.61
C LYS M 355 -37.41 -12.47 10.31
N PRO N 2 -21.73 24.12 3.67
CA PRO N 2 -23.17 23.97 3.74
C PRO N 2 -23.82 25.08 4.52
N PHE N 3 -24.10 26.13 3.78
CA PHE N 3 -25.01 27.17 4.18
C PHE N 3 -26.36 26.75 3.63
N PHE N 4 -27.11 25.99 4.42
CA PHE N 4 -28.47 25.65 4.05
C PHE N 4 -29.32 26.87 4.29
N ASP N 5 -29.84 27.47 3.23
CA ASP N 5 -30.51 28.76 3.32
C ASP N 5 -31.99 28.55 3.66
N VAL N 6 -32.20 28.08 4.89
CA VAL N 6 -33.53 27.83 5.44
C VAL N 6 -34.33 29.12 5.57
N GLN N 7 -33.65 30.24 5.85
CA GLN N 7 -34.35 31.50 6.05
C GLN N 7 -34.95 32.02 4.75
N LYS N 8 -34.24 31.86 3.64
CA LYS N 8 -34.81 32.25 2.35
C LYS N 8 -35.81 31.21 1.85
N LYS N 9 -35.60 29.94 2.19
CA LYS N 9 -36.50 28.86 1.77
C LYS N 9 -37.87 28.99 2.42
N LEU N 10 -37.92 29.26 3.72
CA LEU N 10 -39.16 29.36 4.43
C LEU N 10 -39.71 30.79 4.49
N GLY N 11 -38.93 31.76 4.02
CA GLY N 11 -39.37 33.14 4.08
C GLY N 11 -39.36 33.74 5.46
N VAL N 12 -38.55 33.22 6.36
CA VAL N 12 -38.46 33.75 7.71
C VAL N 12 -37.20 34.58 7.85
N ASP N 13 -37.28 35.61 8.68
CA ASP N 13 -36.16 36.51 8.97
C ASP N 13 -35.68 36.17 10.38
N LEU N 14 -34.72 35.26 10.45
CA LEU N 14 -34.16 34.93 11.76
C LEU N 14 -33.09 35.92 12.17
N ASP N 15 -32.18 36.27 11.25
CA ASP N 15 -31.09 37.16 11.64
C ASP N 15 -30.66 38.17 10.58
N HIS N 16 -31.42 38.42 9.52
CA HIS N 16 -30.99 39.39 8.52
C HIS N 16 -31.08 40.82 9.02
N TRP N 17 -31.90 41.05 10.05
CA TRP N 17 -32.20 42.39 10.53
C TRP N 17 -31.00 43.03 11.25
N MET N 18 -30.18 42.26 11.95
CA MET N 18 -29.01 42.83 12.62
C MET N 18 -27.77 42.78 11.73
N THR N 19 -27.89 42.30 10.51
CA THR N 19 -26.72 41.95 9.72
C THR N 19 -25.98 43.19 9.22
N ILE N 20 -26.70 44.21 8.77
CA ILE N 20 -26.10 45.42 8.24
C ILE N 20 -26.58 46.62 9.02
N GLN N 21 -25.81 47.71 8.94
CA GLN N 21 -26.18 48.95 9.62
C GLN N 21 -27.27 49.71 8.87
N SER N 22 -27.37 49.52 7.56
CA SER N 22 -28.37 50.21 6.76
C SER N 22 -29.72 49.51 6.77
N ALA N 23 -29.90 48.50 7.60
CA ALA N 23 -31.19 47.85 7.71
C ALA N 23 -32.15 48.72 8.53
N GLU N 24 -33.38 48.25 8.65
CA GLU N 24 -34.41 48.96 9.42
C GLU N 24 -34.03 48.98 10.89
N GLN N 25 -33.85 50.16 11.43
CA GLN N 25 -33.46 50.37 12.81
C GLN N 25 -34.66 50.82 13.64
N PRO N 26 -34.61 50.65 14.97
CA PRO N 26 -35.67 51.23 15.81
C PRO N 26 -35.66 52.74 15.75
N HIS N 27 -36.86 53.32 15.65
CA HIS N 27 -37.13 54.75 15.57
C HIS N 27 -36.41 55.44 14.41
N ARG N 28 -36.09 54.69 13.36
CA ARG N 28 -35.39 55.17 12.15
C ARG N 28 -34.07 55.86 12.50
N ILE N 29 -33.35 55.32 13.48
CA ILE N 29 -32.05 55.86 13.87
C ILE N 29 -31.03 55.47 12.81
N PRO N 30 -30.38 56.41 12.16
CA PRO N 30 -29.38 56.03 11.16
C PRO N 30 -28.05 55.69 11.80
N ALA N 31 -27.33 54.79 11.17
CA ALA N 31 -25.93 54.64 11.49
C ALA N 31 -25.15 55.83 10.93
N ARG N 32 -23.96 56.04 11.48
CA ARG N 32 -23.14 57.15 11.02
C ARG N 32 -22.61 56.95 9.61
N CYS N 33 -22.52 55.70 9.16
CA CYS N 33 -22.05 55.37 7.82
C CYS N 33 -23.17 54.75 6.99
N HIS N 34 -24.39 55.22 7.20
CA HIS N 34 -25.56 54.68 6.51
C HIS N 34 -25.50 54.90 5.01
N ALA N 35 -25.11 56.10 4.58
CA ALA N 35 -25.06 56.41 3.16
C ALA N 35 -23.94 55.65 2.48
N PHE N 36 -22.77 55.55 3.13
CA PHE N 36 -21.65 54.81 2.56
C PHE N 36 -21.94 53.33 2.47
N GLU N 37 -22.57 52.76 3.50
CA GLU N 37 -22.92 51.35 3.47
C GLU N 37 -24.01 51.07 2.44
N LYS N 38 -24.96 51.99 2.29
CA LYS N 38 -26.00 51.82 1.28
C LYS N 38 -25.39 51.88 -0.12
N GLU N 39 -24.44 52.78 -0.34
CA GLU N 39 -23.77 52.86 -1.63
C GLU N 39 -22.95 51.62 -1.94
N TRP N 40 -22.25 51.09 -0.93
CA TRP N 40 -21.43 49.90 -1.17
C TRP N 40 -22.29 48.66 -1.38
N ILE N 41 -23.42 48.56 -0.66
CA ILE N 41 -24.28 47.40 -0.85
C ILE N 41 -25.00 47.47 -2.19
N GLU N 42 -25.48 48.65 -2.59
CA GLU N 42 -26.18 48.75 -3.85
C GLU N 42 -25.23 48.65 -5.05
N CYS N 43 -23.96 49.02 -4.85
CA CYS N 43 -22.96 48.76 -5.89
C CYS N 43 -22.74 47.26 -6.05
N ALA N 44 -22.41 46.59 -4.96
CA ALA N 44 -21.92 45.22 -5.00
C ALA N 44 -23.03 44.18 -5.09
N HIS N 45 -24.28 44.59 -5.21
CA HIS N 45 -25.39 43.65 -5.16
C HIS N 45 -25.46 42.82 -6.44
N GLY N 46 -25.46 41.50 -6.27
CA GLY N 46 -25.74 40.57 -7.34
C GLY N 46 -24.61 40.29 -8.29
N ILE N 47 -23.55 41.10 -8.30
CA ILE N 47 -22.46 40.92 -9.25
C ILE N 47 -21.42 39.92 -8.75
N GLY N 48 -21.62 39.35 -7.56
CA GLY N 48 -20.67 38.42 -7.01
C GLY N 48 -19.50 39.11 -6.35
N SER N 49 -18.85 38.38 -5.45
CA SER N 49 -17.79 38.95 -4.64
C SER N 49 -16.53 39.23 -5.45
N ILE N 50 -16.25 38.42 -6.47
CA ILE N 50 -15.05 38.59 -7.29
C ILE N 50 -15.14 39.89 -8.09
N ARG N 51 -16.29 40.16 -8.71
CA ARG N 51 -16.46 41.43 -9.38
C ARG N 51 -16.63 42.57 -8.39
N ALA N 52 -17.15 42.30 -7.20
CA ALA N 52 -17.34 43.37 -6.22
C ALA N 52 -16.03 43.84 -5.61
N GLU N 53 -14.99 43.00 -5.58
CA GLU N 53 -13.69 43.44 -5.09
C GLU N 53 -13.09 44.53 -5.96
N LYS N 54 -13.21 44.39 -7.28
CA LYS N 54 -12.57 45.32 -8.19
C LYS N 54 -13.48 46.43 -8.69
N GLU N 55 -14.79 46.21 -8.74
CA GLU N 55 -15.69 47.16 -9.36
C GLU N 55 -16.36 48.09 -8.35
N CYS N 56 -16.31 47.77 -7.06
CA CYS N 56 -16.90 48.59 -6.03
C CYS N 56 -15.86 49.04 -5.02
N LYS N 57 -14.62 49.21 -5.48
CA LYS N 57 -13.53 49.55 -4.59
C LYS N 57 -13.66 50.98 -4.07
N ILE N 58 -14.21 51.89 -4.87
CA ILE N 58 -14.34 53.29 -4.47
C ILE N 58 -15.35 53.43 -3.33
N GLU N 59 -16.52 52.81 -3.49
CA GLU N 59 -17.54 52.87 -2.46
C GLU N 59 -17.10 52.13 -1.20
N PHE N 60 -16.36 51.05 -1.36
CA PHE N 60 -15.90 50.31 -0.20
C PHE N 60 -14.77 51.05 0.53
N GLU N 61 -13.92 51.77 -0.19
CA GLU N 61 -12.89 52.58 0.47
C GLU N 61 -13.49 53.79 1.15
N ASP N 62 -14.51 54.41 0.54
CA ASP N 62 -15.25 55.48 1.22
C ASP N 62 -15.96 54.96 2.47
N PHE N 63 -16.48 53.75 2.41
CA PHE N 63 -17.20 53.21 3.55
C PHE N 63 -16.25 52.77 4.67
N ARG N 64 -15.10 52.19 4.32
CA ARG N 64 -14.11 51.87 5.35
C ARG N 64 -13.52 53.13 5.96
N GLU N 65 -13.37 54.18 5.17
CA GLU N 65 -12.88 55.42 5.73
C GLU N 65 -13.95 56.14 6.54
N CYS N 66 -15.24 55.90 6.28
CA CYS N 66 -16.24 56.36 7.22
C CYS N 66 -16.18 55.58 8.53
N LEU N 67 -15.98 54.26 8.44
CA LEU N 67 -16.04 53.41 9.62
C LEU N 67 -14.89 53.67 10.57
N LEU N 68 -13.67 53.85 10.05
CA LEU N 68 -12.51 53.95 10.91
C LEU N 68 -11.85 55.32 10.94
N ARG N 69 -12.14 56.18 9.95
CA ARG N 69 -11.69 57.58 9.89
C ARG N 69 -10.18 57.71 9.94
N GLN N 70 -9.48 56.80 9.26
CA GLN N 70 -8.02 56.78 9.33
C GLN N 70 -7.40 57.91 8.52
N LYS N 71 -7.94 58.17 7.33
CA LYS N 71 -7.43 59.27 6.51
C LYS N 71 -7.76 60.61 7.14
N THR N 72 -8.95 60.72 7.74
CA THR N 72 -9.36 61.94 8.42
C THR N 72 -8.47 62.24 9.61
N MET N 73 -8.21 61.23 10.44
CA MET N 73 -7.34 61.42 11.60
C MET N 73 -5.90 61.66 11.18
N LYS N 74 -5.45 61.07 10.07
CA LYS N 74 -4.11 61.36 9.58
C LYS N 74 -3.99 62.79 9.08
N ARG N 75 -5.03 63.31 8.44
CA ARG N 75 -5.04 64.70 8.00
C ARG N 75 -5.07 65.66 9.17
N LEU N 76 -5.88 65.35 10.19
CA LEU N 76 -5.91 66.19 11.39
C LEU N 76 -4.60 66.14 12.15
N ASN N 77 -3.93 64.97 12.16
CA ASN N 77 -2.58 64.85 12.67
C ASN N 77 -1.61 65.77 11.96
N ALA N 78 -1.68 65.80 10.63
CA ALA N 78 -0.77 66.64 9.86
C ALA N 78 -1.01 68.13 10.13
N ILE N 79 -2.28 68.54 10.18
CA ILE N 79 -2.61 69.94 10.41
C ILE N 79 -2.20 70.37 11.82
N LYS N 80 -2.51 69.54 12.82
CA LYS N 80 -2.20 69.88 14.20
C LYS N 80 -0.69 69.85 14.46
N ARG N 81 0.04 68.96 13.79
CA ARG N 81 1.49 68.89 13.96
C ARG N 81 2.17 70.09 13.32
N GLN N 82 1.74 70.48 12.11
CA GLN N 82 2.28 71.69 11.48
C GLN N 82 1.93 72.94 12.29
N ARG N 83 0.73 72.96 12.88
CA ARG N 83 0.33 74.07 13.73
C ARG N 83 1.19 74.16 14.98
N ASP N 84 1.48 73.02 15.62
CA ASP N 84 2.34 73.02 16.79
C ASP N 84 3.77 73.42 16.44
N LYS N 85 4.24 73.03 15.26
CA LYS N 85 5.57 73.44 14.81
C LYS N 85 5.63 74.94 14.56
N LEU N 86 4.57 75.52 13.98
CA LEU N 86 4.57 76.96 13.75
C LEU N 86 4.34 77.76 15.03
N ILE N 87 3.66 77.19 16.02
CA ILE N 87 3.56 77.83 17.33
C ILE N 87 4.92 77.82 18.03
N LYS N 88 5.64 76.70 17.93
CA LYS N 88 6.95 76.60 18.54
C LYS N 88 7.96 77.52 17.86
N GLU N 89 7.87 77.66 16.54
CA GLU N 89 8.70 78.60 15.82
C GLU N 89 8.24 80.05 15.96
N GLY N 90 7.03 80.27 16.47
CA GLY N 90 6.50 81.62 16.60
C GLY N 90 6.00 82.23 15.31
N LYS N 91 5.91 81.46 14.24
CA LYS N 91 5.50 81.96 12.93
C LYS N 91 3.99 81.90 12.72
N TYR N 92 3.22 81.65 13.77
CA TYR N 92 1.77 81.57 13.68
C TYR N 92 1.18 81.90 15.04
N THR N 93 0.01 82.54 15.02
CA THR N 93 -0.78 82.74 16.22
C THR N 93 -2.19 82.26 15.97
N PRO N 94 -2.83 81.62 16.96
CA PRO N 94 -4.20 81.18 16.77
C PRO N 94 -5.16 82.36 16.81
N PRO N 95 -6.26 82.30 16.07
CA PRO N 95 -7.21 83.40 16.04
C PRO N 95 -8.02 83.45 17.33
N PRO N 96 -8.77 84.53 17.58
CA PRO N 96 -9.64 84.54 18.77
C PRO N 96 -10.76 83.51 18.74
N HIS N 97 -11.21 83.08 17.57
CA HIS N 97 -12.27 82.07 17.56
C HIS N 97 -11.74 80.66 17.75
N HIS N 98 -10.43 80.45 17.71
CA HIS N 98 -9.83 79.18 18.09
C HIS N 98 -9.13 79.27 19.44
N SER N 99 -9.43 80.31 20.21
CA SER N 99 -8.98 80.42 21.58
C SER N 99 -10.12 80.52 22.59
N GLY N 100 -11.32 80.87 22.15
CA GLY N 100 -12.47 80.86 23.02
C GLY N 100 -13.00 82.24 23.39
N GLN N 101 -12.92 83.18 22.47
CA GLN N 101 -13.25 84.58 22.75
C GLN N 101 -14.21 85.13 21.71
N GLU N 102 -15.24 84.36 21.33
CA GLU N 102 -16.14 84.85 20.29
C GLU N 102 -17.62 84.60 20.48
N ASP N 103 -18.06 83.87 21.52
CA ASP N 103 -19.46 83.75 21.93
C ASP N 103 -20.36 83.18 20.84
N LEU N 104 -20.28 81.85 20.64
CA LEU N 104 -20.79 81.09 19.49
C LEU N 104 -22.21 81.40 19.03
N ARG N 105 -22.49 81.04 17.77
CA ARG N 105 -23.58 81.48 16.90
C ARG N 105 -24.98 81.64 17.48
N PRO N 106 -25.65 80.56 17.96
CA PRO N 106 -27.12 80.64 17.94
C PRO N 106 -27.75 81.51 19.02
N VAL O 5 -60.73 17.46 39.63
CA VAL O 5 -60.52 18.78 39.06
C VAL O 5 -60.98 19.82 40.08
N ALA O 6 -61.80 19.37 41.05
CA ALA O 6 -62.25 20.22 42.14
C ALA O 6 -61.67 19.83 43.48
N ALA O 7 -61.48 18.54 43.73
CA ALA O 7 -60.79 18.11 44.95
C ALA O 7 -59.29 18.31 44.85
N PHE O 8 -58.74 18.19 43.65
CA PHE O 8 -57.31 18.44 43.44
C PHE O 8 -56.97 19.90 43.68
N LEU O 9 -57.84 20.82 43.23
CA LEU O 9 -57.57 22.24 43.41
C LEU O 9 -57.68 22.65 44.87
N LYS O 10 -58.65 22.09 45.59
CA LYS O 10 -58.75 22.37 47.02
C LYS O 10 -57.60 21.74 47.80
N ASN O 11 -57.12 20.58 47.35
CA ASN O 11 -55.98 19.93 48.00
C ASN O 11 -54.71 20.74 47.84
N VAL O 12 -54.44 21.22 46.62
CA VAL O 12 -53.23 22.00 46.39
C VAL O 12 -53.36 23.40 46.98
N TRP O 13 -54.58 23.93 47.12
CA TRP O 13 -54.77 25.20 47.80
C TRP O 13 -54.60 25.06 49.31
N ALA O 14 -54.90 23.88 49.86
CA ALA O 14 -54.65 23.65 51.28
C ALA O 14 -53.18 23.39 51.54
N LYS O 15 -52.51 22.65 50.66
CA LYS O 15 -51.11 22.31 50.90
C LYS O 15 -50.17 23.43 50.48
N GLU O 16 -50.30 23.89 49.22
CA GLU O 16 -49.31 24.78 48.61
C GLU O 16 -50.00 26.02 48.04
N PRO O 17 -50.43 26.95 48.89
CA PRO O 17 -51.13 28.14 48.36
C PRO O 17 -50.22 29.12 47.61
N VAL O 18 -48.92 29.11 47.91
CA VAL O 18 -47.97 29.96 47.19
C VAL O 18 -47.89 29.55 45.72
N LEU O 19 -47.82 28.24 45.46
CA LEU O 19 -47.75 27.77 44.08
C LEU O 19 -49.09 27.92 43.36
N VAL O 20 -50.21 27.79 44.08
CA VAL O 20 -51.51 28.01 43.47
C VAL O 20 -51.66 29.47 43.06
N ALA O 21 -51.22 30.39 43.93
CA ALA O 21 -51.24 31.81 43.59
C ALA O 21 -50.29 32.10 42.44
N SER O 22 -49.14 31.43 42.39
CA SER O 22 -48.18 31.63 41.31
C SER O 22 -48.73 31.21 39.96
N PHE O 23 -49.30 30.00 39.89
CA PHE O 23 -49.87 29.54 38.62
C PHE O 23 -51.12 30.32 38.24
N ALA O 24 -51.89 30.80 39.22
CA ALA O 24 -53.07 31.61 38.90
C ALA O 24 -52.68 32.98 38.34
N ILE O 25 -51.70 33.65 38.96
CA ILE O 25 -51.25 34.94 38.49
C ILE O 25 -50.56 34.83 37.14
N ALA O 26 -49.81 33.75 36.92
CA ALA O 26 -49.17 33.54 35.62
C ALA O 26 -50.19 33.22 34.54
N GLY O 27 -51.24 32.46 34.87
CA GLY O 27 -52.28 32.18 33.90
C GLY O 27 -53.08 33.41 33.54
N LEU O 28 -53.38 34.26 34.52
CA LEU O 28 -54.01 35.55 34.23
C LEU O 28 -53.08 36.48 33.46
N ALA O 29 -51.77 36.33 33.63
CA ALA O 29 -50.84 37.10 32.82
C ALA O 29 -50.87 36.65 31.37
N VAL O 30 -51.04 35.34 31.14
CA VAL O 30 -51.01 34.82 29.78
C VAL O 30 -52.33 35.09 29.05
N ILE O 31 -53.47 34.72 29.63
CA ILE O 31 -54.68 34.66 28.82
C ILE O 31 -55.43 35.99 28.75
N LEU O 32 -55.32 36.84 29.76
CA LEU O 32 -56.12 38.07 29.83
C LEU O 32 -55.79 39.19 28.83
N PRO O 33 -54.54 39.40 28.37
CA PRO O 33 -54.35 40.38 27.28
C PRO O 33 -55.03 40.01 25.97
N THR O 34 -55.30 38.73 25.71
CA THR O 34 -56.08 38.38 24.54
C THR O 34 -57.57 38.63 24.74
N LEU O 35 -58.02 38.79 25.98
CA LEU O 35 -59.41 39.04 26.29
C LEU O 35 -59.67 40.50 26.66
N SER O 36 -58.65 41.34 26.66
CA SER O 36 -58.89 42.72 27.07
C SER O 36 -59.24 43.59 25.87
N PRO O 37 -60.25 44.46 26.01
CA PRO O 37 -60.56 45.41 24.94
C PRO O 37 -59.59 46.58 24.84
N TYR O 38 -58.73 46.76 25.84
CA TYR O 38 -57.81 47.89 25.92
C TYR O 38 -56.42 47.54 25.42
N THR O 39 -56.21 46.31 24.94
CA THR O 39 -54.91 45.93 24.39
C THR O 39 -54.64 46.66 23.08
N LYS O 40 -55.70 46.95 22.32
CA LYS O 40 -55.56 47.71 21.08
C LYS O 40 -55.10 49.14 21.35
N TYR O 41 -55.56 49.73 22.46
CA TYR O 41 -55.21 51.10 22.76
C TYR O 41 -53.75 51.23 23.19
N SER O 42 -53.14 50.17 23.73
CA SER O 42 -51.72 50.19 24.03
C SER O 42 -50.89 50.37 22.76
N LEU O 43 -51.23 49.59 21.73
CA LEU O 43 -50.58 49.70 20.42
C LEU O 43 -50.84 51.07 19.80
N MET O 44 -52.07 51.57 19.92
CA MET O 44 -52.40 52.86 19.34
C MET O 44 -51.64 54.01 20.02
N ILE O 45 -51.49 53.94 21.35
CA ILE O 45 -50.77 54.98 22.08
C ILE O 45 -49.27 54.90 21.78
N ASN O 46 -48.73 53.69 21.63
CA ASN O 46 -47.32 53.57 21.26
C ASN O 46 -47.04 54.07 19.86
N ARG O 47 -47.95 53.83 18.92
CA ARG O 47 -47.70 54.36 17.58
C ARG O 47 -48.10 55.82 17.44
N ALA O 48 -48.81 56.38 18.40
CA ALA O 48 -49.17 57.79 18.38
C ALA O 48 -48.16 58.68 19.09
N THR O 49 -47.03 58.11 19.53
CA THR O 49 -46.04 58.88 20.27
C THR O 49 -44.92 59.31 19.34
N PRO O 50 -44.78 60.61 19.05
CA PRO O 50 -43.85 61.09 18.01
C PRO O 50 -42.40 61.29 18.45
N TYR O 51 -41.63 60.20 18.42
CA TYR O 51 -40.21 60.29 18.76
C TYR O 51 -39.42 61.01 17.68
N ASN O 52 -39.80 60.85 16.42
CA ASN O 52 -39.06 61.39 15.30
C ASN O 52 -39.75 62.63 14.73
N TYR O 53 -39.05 63.28 13.84
CA TYR O 53 -39.63 64.43 13.15
C TYR O 53 -40.54 63.93 12.03
N PRO O 54 -41.76 64.45 11.91
CA PRO O 54 -42.64 64.06 10.82
C PRO O 54 -42.23 64.73 9.51
N VAL O 55 -41.32 64.08 8.78
CA VAL O 55 -40.73 64.60 7.55
C VAL O 55 -41.82 64.83 6.50
N PRO O 56 -41.99 66.05 6.03
CA PRO O 56 -43.12 66.36 5.15
C PRO O 56 -42.92 65.82 3.75
N LEU O 57 -44.01 65.78 3.01
CA LEU O 57 -44.03 65.22 1.67
C LEU O 57 -44.01 66.35 0.64
N ARG O 58 -43.34 66.09 -0.48
CA ARG O 58 -43.43 66.99 -1.62
C ARG O 58 -44.81 66.89 -2.23
N ASP O 59 -45.52 68.01 -2.29
CA ASP O 59 -46.87 68.04 -2.84
C ASP O 59 -46.77 67.87 -4.34
N ASP O 60 -47.00 66.64 -4.81
CA ASP O 60 -46.98 66.38 -6.25
C ASP O 60 -48.19 66.97 -6.96
N GLY O 61 -49.30 67.12 -6.24
CA GLY O 61 -50.49 67.70 -6.83
C GLY O 61 -51.74 66.95 -6.45
N ASN O 62 -51.64 65.65 -6.24
CA ASN O 62 -52.80 64.81 -5.91
C ASN O 62 -52.48 64.02 -4.63
N MET O 63 -52.67 64.65 -3.48
CA MET O 63 -52.69 63.98 -2.18
C MET O 63 -53.78 64.62 -1.34
N PRO O 64 -55.02 64.16 -1.50
CA PRO O 64 -56.12 64.79 -0.75
C PRO O 64 -56.17 64.43 0.72
N ASP O 65 -55.58 63.30 1.12
CA ASP O 65 -55.59 62.88 2.52
C ASP O 65 -54.46 63.47 3.34
N VAL O 66 -53.43 64.01 2.69
CA VAL O 66 -52.30 64.59 3.41
C VAL O 66 -52.56 66.08 3.59
N PRO O 67 -52.52 66.60 4.81
CA PRO O 67 -52.82 68.01 5.02
C PRO O 67 -51.70 68.91 4.57
N SER O 68 -52.00 70.19 4.45
CA SER O 68 -51.00 71.22 4.19
C SER O 68 -50.57 71.94 5.45
N HIS O 69 -51.23 71.68 6.57
CA HIS O 69 -51.00 72.38 7.82
C HIS O 69 -51.44 71.43 8.92
N PRO O 70 -50.84 71.50 10.12
CA PRO O 70 -51.30 70.66 11.24
C PRO O 70 -52.73 70.89 11.65
N GLN O 71 -53.24 72.11 11.55
CA GLN O 71 -54.58 72.41 11.98
C GLN O 71 -55.63 72.17 10.89
N ASP O 72 -55.26 71.51 9.80
CA ASP O 72 -56.19 71.11 8.77
C ASP O 72 -56.99 69.89 9.24
N PRO O 73 -58.18 69.66 8.67
CA PRO O 73 -58.99 68.51 9.13
C PRO O 73 -58.42 67.15 8.78
N GLN O 74 -57.85 66.99 7.59
CA GLN O 74 -57.38 65.67 7.18
C GLN O 74 -56.06 65.34 7.85
N GLY O 75 -55.83 64.04 8.06
CA GLY O 75 -54.69 63.56 8.80
C GLY O 75 -55.11 62.73 9.99
N PRO O 76 -54.16 62.05 10.63
CA PRO O 76 -54.50 61.24 11.80
C PRO O 76 -54.78 62.12 13.02
N SER O 77 -55.85 61.76 13.75
CA SER O 77 -56.32 62.54 14.87
C SER O 77 -56.13 61.76 16.16
N LEU O 78 -56.06 62.50 17.27
CA LEU O 78 -55.97 61.87 18.58
C LEU O 78 -57.12 62.29 19.48
N GLU O 79 -58.35 62.28 18.95
CA GLU O 79 -59.51 62.56 19.80
C GLU O 79 -59.84 61.37 20.68
N TRP O 80 -59.57 60.15 20.20
CA TRP O 80 -59.77 58.94 20.99
C TRP O 80 -58.89 58.92 22.22
N LEU O 81 -57.71 59.52 22.15
CA LEU O 81 -56.79 59.53 23.28
C LEU O 81 -57.12 60.63 24.27
N LYS O 82 -57.62 61.77 23.79
CA LYS O 82 -58.09 62.80 24.70
C LYS O 82 -59.37 62.36 25.41
N ARG O 83 -60.21 61.56 24.75
CA ARG O 83 -61.49 61.16 25.33
C ARG O 83 -61.38 59.86 26.11
N LEU O 84 -61.01 58.77 25.41
CA LEU O 84 -60.93 57.41 25.96
C LEU O 84 -62.22 56.93 26.64
N SER P 12 24.69 -75.24 -10.68
CA SER P 12 24.66 -75.26 -9.22
C SER P 12 26.07 -75.32 -8.65
N LYS P 13 26.52 -76.53 -8.32
CA LYS P 13 27.88 -76.71 -7.82
C LYS P 13 28.89 -76.52 -8.96
N MET P 14 29.88 -75.67 -8.71
CA MET P 14 30.97 -75.46 -9.65
C MET P 14 32.23 -76.15 -9.13
N GLU P 15 32.82 -77.00 -9.96
CA GLU P 15 34.01 -77.75 -9.57
C GLU P 15 35.24 -76.95 -9.94
N LEU P 16 35.94 -76.46 -8.92
CA LEU P 16 37.19 -75.76 -9.14
C LEU P 16 38.28 -76.75 -9.51
N PRO P 17 39.27 -76.34 -10.31
CA PRO P 17 40.41 -77.22 -10.58
C PRO P 17 41.27 -77.39 -9.34
N ASP P 18 42.23 -78.32 -9.44
CA ASP P 18 43.07 -78.63 -8.30
C ASP P 18 44.06 -77.49 -8.06
N TYR P 19 44.33 -77.21 -6.78
CA TYR P 19 45.24 -76.12 -6.46
C TYR P 19 46.70 -76.52 -6.61
N LYS P 20 46.99 -77.83 -6.57
CA LYS P 20 48.37 -78.29 -6.61
C LYS P 20 49.00 -78.20 -7.98
N GLN P 21 48.19 -78.04 -9.03
CA GLN P 21 48.74 -77.94 -10.37
C GLN P 21 49.34 -76.57 -10.67
N TRP P 22 49.05 -75.56 -9.86
CA TRP P 22 49.53 -74.21 -10.15
C TRP P 22 50.91 -74.05 -9.55
N LYS P 23 51.92 -74.43 -10.31
CA LYS P 23 53.31 -74.33 -9.90
C LYS P 23 54.03 -73.32 -10.78
N ILE P 24 54.89 -72.52 -10.16
CA ILE P 24 55.48 -71.37 -10.85
C ILE P 24 56.73 -71.72 -11.65
N GLU P 25 57.09 -72.99 -11.74
CA GLU P 25 58.23 -73.37 -12.57
C GLU P 25 57.83 -73.32 -14.03
N GLY P 26 58.68 -72.71 -14.85
CA GLY P 26 58.38 -72.49 -16.25
C GLY P 26 57.69 -71.17 -16.55
N THR P 27 57.44 -70.36 -15.54
CA THR P 27 56.78 -69.07 -15.64
C THR P 27 57.76 -67.94 -15.30
N PRO P 28 57.42 -66.69 -15.63
CA PRO P 28 58.20 -65.56 -15.10
C PRO P 28 58.14 -65.38 -13.59
N LEU P 29 57.22 -66.04 -12.87
CA LEU P 29 57.29 -66.06 -11.42
C LEU P 29 58.52 -66.81 -10.93
N GLU P 30 59.03 -67.76 -11.71
CA GLU P 30 60.29 -68.43 -11.36
C GLU P 30 61.44 -67.45 -11.42
N THR P 31 61.47 -66.59 -12.45
CA THR P 31 62.49 -65.55 -12.56
C THR P 31 62.37 -64.53 -11.42
N VAL P 32 61.13 -64.21 -11.04
CA VAL P 32 60.90 -63.30 -9.93
C VAL P 32 61.40 -63.91 -8.62
N GLN P 33 61.12 -65.20 -8.40
CA GLN P 33 61.58 -65.85 -7.17
C GLN P 33 63.11 -65.98 -7.13
N GLU P 34 63.73 -66.19 -8.29
CA GLU P 34 65.19 -66.23 -8.35
C GLU P 34 65.80 -64.87 -8.04
N LYS P 35 65.25 -63.80 -8.60
CA LYS P 35 65.79 -62.48 -8.32
C LYS P 35 65.45 -61.98 -6.92
N LEU P 36 64.44 -62.57 -6.27
CA LEU P 36 64.18 -62.26 -4.88
C LEU P 36 65.07 -63.07 -3.94
N ALA P 37 65.33 -64.34 -4.29
CA ALA P 37 66.21 -65.17 -3.49
C ALA P 37 67.67 -64.79 -3.64
N ALA P 38 68.01 -64.03 -4.70
CA ALA P 38 69.35 -63.49 -4.82
C ALA P 38 69.65 -62.43 -3.75
N ARG P 39 68.63 -61.81 -3.18
CA ARG P 39 68.80 -60.85 -2.09
C ARG P 39 68.11 -61.29 -0.81
N GLY P 40 67.91 -62.60 -0.64
CA GLY P 40 67.41 -63.12 0.62
C GLY P 40 65.94 -62.94 0.86
N LEU P 41 65.12 -62.89 -0.19
CA LEU P 41 63.69 -62.72 -0.06
C LEU P 41 62.97 -63.90 -0.71
N ARG P 42 61.66 -63.93 -0.53
CA ARG P 42 60.86 -65.04 -1.03
C ARG P 42 59.45 -64.53 -1.29
N ASP P 43 58.85 -65.01 -2.37
CA ASP P 43 57.52 -64.57 -2.75
C ASP P 43 56.47 -65.60 -2.37
N PRO P 44 55.55 -65.29 -1.45
CA PRO P 44 54.56 -66.27 -1.02
C PRO P 44 53.30 -66.34 -1.86
N TRP P 45 53.06 -65.40 -2.78
CA TRP P 45 51.82 -65.36 -3.55
C TRP P 45 52.04 -65.76 -5.00
N GLY P 46 53.07 -66.54 -5.30
CA GLY P 46 53.38 -66.85 -6.68
C GLY P 46 52.41 -67.84 -7.29
N ARG P 47 52.03 -68.86 -6.53
CA ARG P 47 51.11 -69.87 -7.02
C ARG P 47 49.70 -69.34 -7.18
N ASN P 48 49.36 -68.25 -6.48
CA ASN P 48 48.09 -67.58 -6.70
C ASN P 48 48.07 -66.88 -8.05
N GLU P 49 49.20 -66.36 -8.49
CA GLU P 49 49.32 -65.70 -9.78
C GLU P 49 49.70 -66.64 -10.90
N ALA P 50 49.98 -67.90 -10.60
CA ALA P 50 50.56 -68.82 -11.58
C ALA P 50 49.61 -69.20 -12.69
N TRP P 51 48.29 -69.10 -12.48
CA TRP P 51 47.34 -69.52 -13.51
C TRP P 51 47.34 -68.58 -14.71
N ARG P 52 47.75 -67.33 -14.50
CA ARG P 52 47.78 -66.32 -15.55
C ARG P 52 48.85 -66.62 -16.58
N TYR P 53 49.87 -67.40 -16.21
CA TYR P 53 51.01 -67.67 -17.08
C TYR P 53 51.02 -69.12 -17.56
N MET P 54 49.95 -69.87 -17.29
CA MET P 54 49.86 -71.29 -17.58
C MET P 54 48.65 -71.58 -18.44
N GLY P 55 48.59 -72.81 -18.95
CA GLY P 55 47.39 -73.29 -19.63
C GLY P 55 47.21 -72.66 -20.99
N GLY P 56 45.96 -72.28 -21.28
CA GLY P 56 45.65 -71.60 -22.51
C GLY P 56 45.99 -70.13 -22.54
N PHE P 57 46.37 -69.55 -21.40
CA PHE P 57 46.82 -68.18 -21.36
C PHE P 57 48.32 -68.06 -21.51
N ALA P 58 49.05 -69.16 -21.59
CA ALA P 58 50.47 -69.12 -21.88
C ALA P 58 50.68 -68.99 -23.38
N ASN P 59 51.80 -68.35 -23.74
CA ASN P 59 52.24 -68.14 -25.13
C ASN P 59 51.20 -67.37 -25.94
N ASN P 60 50.96 -66.14 -25.52
CA ASN P 60 50.12 -65.26 -26.32
C ASN P 60 50.97 -64.61 -27.40
N VAL P 61 50.30 -64.04 -28.40
CA VAL P 61 51.00 -63.48 -29.56
C VAL P 61 51.70 -62.18 -29.20
N SER P 62 52.61 -61.74 -30.06
CA SER P 62 53.23 -60.44 -29.92
C SER P 62 52.35 -59.40 -30.61
N PHE P 63 52.83 -58.15 -30.71
CA PHE P 63 52.02 -57.12 -31.31
C PHE P 63 52.00 -57.22 -32.83
N VAL P 64 53.15 -57.52 -33.45
CA VAL P 64 53.16 -57.74 -34.88
C VAL P 64 52.51 -59.07 -35.23
N GLY P 65 52.49 -60.03 -34.29
CA GLY P 65 51.69 -61.21 -34.50
C GLY P 65 50.21 -60.94 -34.34
N ALA P 66 49.85 -59.91 -33.57
CA ALA P 66 48.46 -59.51 -33.46
C ALA P 66 47.98 -58.79 -34.71
N LEU P 67 48.83 -57.92 -35.28
CA LEU P 67 48.44 -57.20 -36.49
C LEU P 67 48.37 -58.11 -37.69
N LEU P 68 49.24 -59.12 -37.75
CA LEU P 68 49.27 -60.06 -38.85
C LEU P 68 48.35 -61.25 -38.65
N LYS P 69 47.33 -61.12 -37.81
CA LYS P 69 46.28 -62.12 -37.71
C LYS P 69 45.53 -62.19 -39.03
N GLY P 70 45.37 -63.41 -39.54
CA GLY P 70 44.70 -63.60 -40.80
C GLY P 70 45.49 -63.18 -42.02
N PHE P 71 46.79 -62.90 -41.88
CA PHE P 71 47.58 -62.50 -43.04
C PHE P 71 47.85 -63.68 -43.96
N LYS P 72 47.91 -64.90 -43.43
CA LYS P 72 48.22 -66.07 -44.23
C LYS P 72 47.09 -66.40 -45.21
N TRP P 73 45.86 -66.50 -44.69
CA TRP P 73 44.72 -66.79 -45.56
C TRP P 73 44.38 -65.58 -46.43
N GLY P 74 44.64 -64.37 -45.95
CA GLY P 74 44.42 -63.20 -46.78
C GLY P 74 45.39 -63.14 -47.95
N PHE P 75 46.64 -63.50 -47.71
CA PHE P 75 47.63 -63.55 -48.79
C PHE P 75 47.35 -64.71 -49.74
N ALA P 76 46.84 -65.83 -49.24
CA ALA P 76 46.47 -66.94 -50.11
C ALA P 76 45.31 -66.56 -51.02
N ALA P 77 44.27 -65.92 -50.46
CA ALA P 77 43.16 -65.44 -51.27
C ALA P 77 43.59 -64.34 -52.23
N PHE P 78 44.58 -63.54 -51.84
CA PHE P 78 45.15 -62.53 -52.74
C PHE P 78 45.83 -63.16 -53.94
N VAL P 79 46.65 -64.19 -53.72
CA VAL P 79 47.35 -64.86 -54.81
C VAL P 79 46.35 -65.56 -55.73
N VAL P 80 45.31 -66.17 -55.15
CA VAL P 80 44.28 -66.84 -55.95
C VAL P 80 43.51 -65.81 -56.79
N ALA P 81 43.19 -64.65 -56.23
CA ALA P 81 42.43 -63.65 -56.98
C ALA P 81 43.27 -62.97 -58.05
N VAL P 82 44.57 -62.76 -57.79
CA VAL P 82 45.45 -62.18 -58.80
C VAL P 82 45.66 -63.15 -59.95
N GLY P 83 45.86 -64.44 -59.65
CA GLY P 83 45.91 -65.42 -60.71
C GLY P 83 44.61 -65.58 -61.46
N ALA P 84 43.48 -65.39 -60.76
CA ALA P 84 42.18 -65.49 -61.40
C ALA P 84 41.96 -64.35 -62.39
N GLU P 85 42.31 -63.11 -62.00
CA GLU P 85 42.15 -62.02 -62.95
C GLU P 85 43.21 -62.05 -64.05
N TYR P 86 44.39 -62.62 -63.76
CA TYR P 86 45.43 -62.73 -64.77
C TYR P 86 45.09 -63.79 -65.81
N TYR P 87 44.33 -64.81 -65.42
CA TYR P 87 43.82 -65.77 -66.39
C TYR P 87 42.52 -65.31 -67.04
N LEU P 88 41.77 -64.45 -66.36
CA LEU P 88 40.48 -63.98 -66.88
C LEU P 88 40.66 -62.86 -67.89
N GLU P 89 41.77 -62.12 -67.82
CA GLU P 89 42.01 -61.08 -68.82
C GLU P 89 42.39 -61.67 -70.17
N SER P 90 42.94 -62.87 -70.18
CA SER P 90 43.34 -63.52 -71.43
C SER P 90 42.34 -64.59 -71.84
N MET Q 3 -18.44 25.79 -6.53
CA MET Q 3 -18.30 26.35 -7.87
C MET Q 3 -19.61 26.86 -8.38
N MET Q 4 -20.60 25.97 -8.53
CA MET Q 4 -21.92 26.32 -9.01
C MET Q 4 -22.86 26.73 -7.87
N THR Q 5 -22.31 27.23 -6.76
CA THR Q 5 -23.14 27.48 -5.58
C THR Q 5 -23.90 28.80 -5.66
N GLY Q 6 -23.48 29.73 -6.50
CA GLY Q 6 -24.30 30.90 -6.77
C GLY Q 6 -25.36 30.65 -7.80
N ARG Q 7 -25.20 29.60 -8.60
CA ARG Q 7 -26.26 29.18 -9.52
C ARG Q 7 -27.50 28.72 -8.77
N GLN Q 8 -27.34 27.82 -7.80
CA GLN Q 8 -28.45 27.41 -6.94
C GLN Q 8 -28.40 28.16 -5.60
N ALA Q 9 -28.53 29.48 -5.69
CA ALA Q 9 -28.66 30.33 -4.51
C ALA Q 9 -29.79 31.34 -4.61
N ARG Q 10 -30.29 31.62 -5.81
CA ARG Q 10 -31.48 32.45 -5.95
C ARG Q 10 -32.72 31.68 -5.51
N ALA Q 11 -32.72 30.37 -5.73
CA ALA Q 11 -33.77 29.45 -5.28
C ALA Q 11 -33.11 28.37 -4.45
N PRO Q 12 -32.92 28.58 -3.15
CA PRO Q 12 -32.14 27.64 -2.34
C PRO Q 12 -32.95 26.44 -1.89
N LEU Q 13 -32.20 25.40 -1.50
CA LEU Q 13 -32.70 24.18 -0.86
C LEU Q 13 -33.72 23.44 -1.70
N GLN Q 14 -33.58 23.49 -3.01
CA GLN Q 14 -34.40 22.71 -3.91
C GLN Q 14 -33.61 21.48 -4.33
N PHE Q 15 -34.11 20.30 -3.96
CA PHE Q 15 -33.44 19.06 -4.33
C PHE Q 15 -33.51 18.86 -5.84
N LEU Q 16 -34.68 19.07 -6.42
CA LEU Q 16 -34.87 19.07 -7.87
C LEU Q 16 -35.65 20.32 -8.22
N PRO Q 17 -35.04 21.31 -8.85
CA PRO Q 17 -35.78 22.51 -9.27
C PRO Q 17 -36.77 22.23 -10.40
N ASP Q 18 -37.51 23.26 -10.81
CA ASP Q 18 -38.56 23.05 -11.79
C ASP Q 18 -37.99 22.84 -13.19
N GLU Q 19 -36.80 23.39 -13.47
CA GLU Q 19 -36.18 23.17 -14.77
C GLU Q 19 -35.65 21.75 -14.92
N ALA Q 20 -35.45 21.03 -13.81
CA ALA Q 20 -35.06 19.63 -13.85
C ALA Q 20 -36.11 18.74 -14.49
N ARG Q 21 -37.36 19.20 -14.52
CA ARG Q 21 -38.43 18.48 -15.19
C ARG Q 21 -38.37 18.61 -16.69
N SER Q 22 -37.51 19.47 -17.23
CA SER Q 22 -37.26 19.48 -18.67
C SER Q 22 -36.39 18.33 -19.12
N LEU Q 23 -35.72 17.71 -18.24
CA LEU Q 23 -34.79 16.63 -18.46
C LEU Q 23 -35.51 15.30 -18.45
N PRO Q 24 -35.06 14.32 -19.22
CA PRO Q 24 -35.64 12.99 -19.14
C PRO Q 24 -35.22 12.33 -17.84
N PRO Q 25 -36.16 11.73 -17.12
CA PRO Q 25 -35.81 11.07 -15.88
C PRO Q 25 -35.04 9.79 -16.15
N PRO Q 26 -34.31 9.27 -15.17
CA PRO Q 26 -33.68 7.96 -15.34
C PRO Q 26 -34.73 6.90 -15.52
N LYS Q 27 -34.43 5.93 -16.37
CA LYS Q 27 -35.30 4.80 -16.54
C LYS Q 27 -35.30 3.96 -15.27
N LEU Q 28 -36.34 3.15 -15.11
CA LEU Q 28 -36.34 2.25 -13.96
C LEU Q 28 -35.40 1.07 -14.16
N THR Q 29 -34.98 0.84 -15.40
CA THR Q 29 -33.97 -0.15 -15.74
C THR Q 29 -32.59 0.50 -15.91
N ASP Q 30 -32.37 1.64 -15.28
CA ASP Q 30 -31.06 2.26 -15.21
C ASP Q 30 -30.09 1.33 -14.50
N PRO Q 31 -28.93 1.01 -15.08
CA PRO Q 31 -27.97 0.13 -14.40
C PRO Q 31 -27.40 0.71 -13.13
N ARG Q 32 -27.34 2.04 -13.01
CA ARG Q 32 -26.99 2.65 -11.73
C ARG Q 32 -28.05 2.36 -10.69
N LEU Q 33 -29.33 2.44 -11.08
CA LEU Q 33 -30.42 2.17 -10.17
C LEU Q 33 -30.49 0.69 -9.81
N ALA Q 34 -30.16 -0.18 -10.77
CA ALA Q 34 -30.04 -1.61 -10.47
C ALA Q 34 -28.88 -1.89 -9.53
N TYR Q 35 -27.79 -1.13 -9.65
CA TYR Q 35 -26.69 -1.29 -8.72
C TYR Q 35 -27.06 -0.82 -7.32
N ILE Q 36 -27.86 0.24 -7.21
CA ILE Q 36 -28.30 0.71 -5.90
C ILE Q 36 -29.25 -0.29 -5.27
N GLY Q 37 -30.12 -0.92 -6.08
CA GLY Q 37 -30.94 -2.00 -5.58
C GLY Q 37 -30.13 -3.21 -5.13
N PHE Q 38 -29.03 -3.50 -5.84
CA PHE Q 38 -28.10 -4.53 -5.41
C PHE Q 38 -27.45 -4.18 -4.08
N LEU Q 39 -27.15 -2.90 -3.86
CA LEU Q 39 -26.60 -2.48 -2.58
C LEU Q 39 -27.62 -2.64 -1.46
N GLY Q 40 -28.89 -2.41 -1.76
CA GLY Q 40 -29.93 -2.70 -0.78
C GLY Q 40 -30.05 -4.17 -0.46
N TYR Q 41 -29.89 -5.02 -1.46
CA TYR Q 41 -29.92 -6.46 -1.23
C TYR Q 41 -28.72 -6.90 -0.39
N CYS Q 42 -27.55 -6.28 -0.63
CA CYS Q 42 -26.37 -6.59 0.18
C CYS Q 42 -26.53 -6.12 1.61
N SER Q 43 -27.17 -4.96 1.81
CA SER Q 43 -27.47 -4.50 3.16
C SER Q 43 -28.43 -5.43 3.87
N GLY Q 44 -29.43 -5.96 3.15
CA GLY Q 44 -30.32 -6.94 3.76
C GLY Q 44 -29.61 -8.23 4.15
N LEU Q 45 -28.66 -8.66 3.32
CA LEU Q 45 -27.90 -9.86 3.66
C LEU Q 45 -26.98 -9.63 4.85
N ILE Q 46 -26.34 -8.46 4.93
CA ILE Q 46 -25.49 -8.15 6.09
C ILE Q 46 -26.34 -7.99 7.34
N ASP Q 47 -27.56 -7.49 7.21
CA ASP Q 47 -28.46 -7.37 8.34
C ASP Q 47 -28.88 -8.74 8.86
N ASN Q 48 -29.11 -9.70 7.97
CA ASN Q 48 -29.31 -11.07 8.45
C ASN Q 48 -28.04 -11.67 9.04
N ALA Q 49 -26.87 -11.32 8.50
CA ALA Q 49 -25.65 -11.98 8.94
C ALA Q 49 -25.21 -11.52 10.33
N ILE Q 50 -25.34 -10.22 10.62
CA ILE Q 50 -24.86 -9.72 11.90
C ILE Q 50 -25.80 -10.07 13.05
N ARG Q 51 -27.06 -10.36 12.76
CA ARG Q 51 -28.01 -10.79 13.78
C ARG Q 51 -28.19 -12.28 13.81
N ARG Q 52 -27.35 -13.00 13.06
CA ARG Q 52 -27.29 -14.47 13.03
C ARG Q 52 -28.63 -15.08 12.62
N ARG Q 53 -29.27 -14.45 11.68
CA ARG Q 53 -30.40 -15.02 10.97
C ARG Q 53 -29.88 -15.80 9.77
N PRO Q 54 -30.65 -16.76 9.25
CA PRO Q 54 -30.28 -17.37 7.97
C PRO Q 54 -30.35 -16.34 6.84
N VAL Q 55 -29.24 -16.25 6.11
CA VAL Q 55 -28.90 -15.03 5.38
C VAL Q 55 -29.84 -14.82 4.20
N LEU Q 56 -30.06 -15.86 3.40
CA LEU Q 56 -30.90 -15.70 2.23
C LEU Q 56 -32.39 -15.81 2.56
N SER Q 57 -32.74 -16.55 3.60
CA SER Q 57 -34.13 -16.93 3.83
C SER Q 57 -34.86 -16.02 4.80
N ALA Q 58 -34.22 -15.58 5.88
CA ALA Q 58 -34.93 -14.91 6.95
C ALA Q 58 -35.26 -13.48 6.57
N GLY Q 59 -36.48 -13.06 6.93
CA GLY Q 59 -36.95 -11.70 6.78
C GLY Q 59 -36.96 -11.19 5.36
N LEU Q 60 -37.74 -11.86 4.49
CA LEU Q 60 -37.83 -11.43 3.11
C LEU Q 60 -38.53 -10.08 2.97
N HIS Q 61 -39.43 -9.77 3.90
CA HIS Q 61 -40.04 -8.45 3.96
C HIS Q 61 -39.00 -7.39 4.25
N ARG Q 62 -38.02 -7.71 5.09
CA ARG Q 62 -36.99 -6.75 5.46
C ARG Q 62 -35.99 -6.56 4.32
N GLN Q 63 -35.63 -7.66 3.65
CA GLN Q 63 -34.77 -7.58 2.47
C GLN Q 63 -35.42 -6.78 1.36
N PHE Q 64 -36.73 -6.96 1.18
CA PHE Q 64 -37.44 -6.23 0.16
C PHE Q 64 -37.59 -4.76 0.51
N LEU Q 65 -37.72 -4.43 1.80
CA LEU Q 65 -37.74 -3.01 2.16
C LEU Q 65 -36.37 -2.36 2.04
N TYR Q 66 -35.29 -3.12 2.27
CA TYR Q 66 -33.95 -2.64 1.96
C TYR Q 66 -33.79 -2.29 0.48
N ILE Q 67 -34.17 -3.23 -0.39
CA ILE Q 67 -34.08 -3.01 -1.83
C ILE Q 67 -34.94 -1.83 -2.26
N THR Q 68 -36.17 -1.78 -1.76
CA THR Q 68 -37.13 -0.75 -2.12
C THR Q 68 -36.68 0.63 -1.65
N SER Q 69 -36.17 0.72 -0.43
CA SER Q 69 -35.73 1.99 0.11
C SER Q 69 -34.47 2.49 -0.60
N PHE Q 70 -33.56 1.59 -0.96
CA PHE Q 70 -32.38 2.07 -1.70
C PHE Q 70 -32.76 2.51 -3.10
N VAL Q 71 -33.63 1.75 -3.79
CA VAL Q 71 -34.08 2.15 -5.13
C VAL Q 71 -34.82 3.47 -5.08
N PHE Q 72 -35.64 3.67 -4.03
CA PHE Q 72 -36.41 4.89 -3.87
C PHE Q 72 -35.51 6.10 -3.67
N VAL Q 73 -34.53 5.99 -2.77
CA VAL Q 73 -33.62 7.12 -2.54
C VAL Q 73 -32.72 7.34 -3.77
N GLY Q 74 -32.25 6.24 -4.38
CA GLY Q 74 -31.30 6.34 -5.46
C GLY Q 74 -31.87 6.89 -6.74
N TYR Q 75 -33.18 6.69 -6.98
CA TYR Q 75 -33.83 7.28 -8.14
C TYR Q 75 -33.76 8.81 -8.10
N TYR Q 76 -34.08 9.38 -6.95
CA TYR Q 76 -34.01 10.83 -6.82
C TYR Q 76 -32.57 11.33 -6.79
N LEU Q 77 -31.64 10.54 -6.25
CA LEU Q 77 -30.24 10.92 -6.30
C LEU Q 77 -29.72 10.95 -7.74
N LEU Q 78 -30.16 10.00 -8.57
CA LEU Q 78 -29.76 10.00 -9.96
C LEU Q 78 -30.41 11.14 -10.74
N LYS Q 79 -31.65 11.49 -10.39
CA LYS Q 79 -32.30 12.67 -10.99
C LYS Q 79 -31.50 13.94 -10.68
N ARG Q 80 -31.08 14.10 -9.42
CA ARG Q 80 -30.30 15.29 -9.08
C ARG Q 80 -28.93 15.28 -9.72
N GLN Q 81 -28.30 14.10 -9.82
CA GLN Q 81 -27.01 13.96 -10.49
C GLN Q 81 -27.06 14.40 -11.94
N ASP Q 82 -28.05 13.87 -12.68
CA ASP Q 82 -28.21 14.21 -14.09
C ASP Q 82 -28.58 15.67 -14.27
N TYR Q 83 -29.38 16.22 -13.34
CA TYR Q 83 -29.68 17.64 -13.34
C TYR Q 83 -28.44 18.50 -13.18
N MET Q 84 -27.56 18.13 -12.26
CA MET Q 84 -26.40 18.97 -12.00
C MET Q 84 -25.39 18.91 -13.14
N TYR Q 85 -25.23 17.75 -13.78
CA TYR Q 85 -24.36 17.72 -14.96
C TYR Q 85 -24.99 18.46 -16.15
N ALA Q 86 -26.32 18.42 -16.28
CA ALA Q 86 -26.99 19.22 -17.30
C ALA Q 86 -26.83 20.72 -17.07
N VAL Q 87 -26.88 21.14 -15.80
CA VAL Q 87 -26.66 22.54 -15.44
C VAL Q 87 -25.22 22.95 -15.74
N ARG Q 88 -24.27 22.07 -15.44
CA ARG Q 88 -22.86 22.27 -15.76
C ARG Q 88 -22.65 22.51 -17.24
N ASP Q 89 -23.26 21.68 -18.09
CA ASP Q 89 -23.08 21.87 -19.53
C ASP Q 89 -23.83 23.07 -20.06
N HIS Q 90 -25.00 23.38 -19.50
CA HIS Q 90 -25.76 24.54 -19.90
C HIS Q 90 -24.99 25.83 -19.61
N ASP Q 91 -24.38 25.90 -18.43
CA ASP Q 91 -23.56 27.06 -18.07
C ASP Q 91 -22.31 27.16 -18.92
N MET Q 92 -21.67 26.01 -19.20
CA MET Q 92 -20.48 25.99 -20.05
C MET Q 92 -20.79 26.51 -21.45
N PHE Q 93 -21.87 26.04 -22.04
CA PHE Q 93 -22.20 26.41 -23.41
C PHE Q 93 -22.67 27.85 -23.50
N SER Q 94 -23.42 28.31 -22.50
CA SER Q 94 -23.83 29.71 -22.48
C SER Q 94 -22.66 30.65 -22.25
N TYR Q 95 -21.64 30.19 -21.52
CA TYR Q 95 -20.48 31.05 -21.30
C TYR Q 95 -19.57 31.09 -22.52
N ILE Q 96 -19.45 29.97 -23.23
CA ILE Q 96 -18.68 29.96 -24.48
C ILE Q 96 -19.38 30.80 -25.53
N LYS Q 97 -20.71 30.73 -25.58
CA LYS Q 97 -21.47 31.50 -26.56
C LYS Q 97 -21.41 33.00 -26.27
N SER Q 98 -21.27 33.39 -25.01
CA SER Q 98 -21.23 34.79 -24.64
C SER Q 98 -19.83 35.38 -24.59
N HIS Q 99 -18.80 34.56 -24.74
CA HIS Q 99 -17.42 35.03 -24.74
C HIS Q 99 -16.66 34.44 -25.93
N PRO Q 100 -16.91 34.96 -27.15
CA PRO Q 100 -16.21 34.40 -28.32
C PRO Q 100 -14.75 34.79 -28.40
N GLU Q 101 -14.36 35.90 -27.78
CA GLU Q 101 -12.97 36.34 -27.78
C GLU Q 101 -12.07 35.41 -26.97
N ASP Q 102 -12.64 34.69 -26.01
CA ASP Q 102 -11.91 33.72 -25.20
C ASP Q 102 -11.89 32.34 -25.83
N PHE Q 103 -12.79 32.06 -26.76
CA PHE Q 103 -12.89 30.76 -27.40
C PHE Q 103 -12.90 30.96 -28.91
N PRO Q 104 -11.74 31.23 -29.51
CA PRO Q 104 -11.69 31.38 -30.96
C PRO Q 104 -11.69 30.02 -31.64
N GLU Q 105 -12.06 30.03 -32.92
CA GLU Q 105 -12.02 28.81 -33.71
C GLU Q 105 -10.60 28.62 -34.22
N LYS Q 106 -9.92 27.59 -33.71
CA LYS Q 106 -8.54 27.33 -34.09
C LYS Q 106 -8.47 26.78 -35.50
N ASP Q 107 -7.51 27.28 -36.28
CA ASP Q 107 -7.28 26.80 -37.63
C ASP Q 107 -6.69 25.39 -37.57
N LYS Q 108 -7.44 24.41 -38.04
CA LYS Q 108 -6.96 23.04 -38.05
C LYS Q 108 -6.12 22.80 -39.30
N LYS Q 109 -4.91 22.29 -39.10
CA LYS Q 109 -3.98 22.01 -40.18
C LYS Q 109 -3.92 20.52 -40.44
N THR Q 110 -3.89 20.14 -41.71
CA THR Q 110 -3.67 18.75 -42.07
C THR Q 110 -2.20 18.39 -41.87
N TYR Q 111 -1.92 17.10 -41.79
CA TYR Q 111 -0.55 16.65 -41.53
C TYR Q 111 0.38 16.80 -42.72
N ARG Q 112 -0.08 17.26 -43.88
CA ARG Q 112 0.86 17.60 -44.93
C ARG Q 112 1.58 18.90 -44.63
N GLU Q 113 0.96 19.82 -43.88
CA GLU Q 113 1.65 21.02 -43.44
C GLU Q 113 2.28 20.88 -42.07
N VAL Q 114 1.74 20.00 -41.24
CA VAL Q 114 2.22 19.86 -39.86
C VAL Q 114 3.55 19.12 -39.87
N PHE Q 115 4.59 19.78 -39.38
CA PHE Q 115 5.90 19.17 -39.24
C PHE Q 115 6.05 18.61 -37.84
N GLU Q 116 6.28 17.31 -37.75
CA GLU Q 116 6.59 16.63 -36.50
C GLU Q 116 8.00 16.09 -36.58
N GLU Q 117 8.73 16.19 -35.48
CA GLU Q 117 10.09 15.68 -35.45
C GLU Q 117 10.08 14.16 -35.34
N PHE Q 118 10.88 13.50 -36.17
CA PHE Q 118 10.98 12.05 -36.13
C PHE Q 118 12.09 11.63 -35.19
N HIS Q 119 11.80 10.63 -34.36
CA HIS Q 119 12.78 10.09 -33.42
C HIS Q 119 12.95 8.61 -33.71
N PRO Q 120 14.08 8.20 -34.27
CA PRO Q 120 14.26 6.79 -34.63
C PRO Q 120 14.49 5.92 -33.41
N VAL Q 121 13.85 4.76 -33.42
CA VAL Q 121 14.07 3.74 -32.40
C VAL Q 121 15.05 2.76 -33.01
N ARG Q 122 16.32 2.94 -32.68
CA ARG Q 122 17.37 2.11 -33.22
C ARG Q 122 18.45 1.96 -32.16
N SER R 3 64.91 -33.13 -0.29
CA SER R 3 64.43 -34.49 -0.56
C SER R 3 63.24 -34.46 -1.52
N PHE R 4 62.04 -34.72 -0.98
CA PHE R 4 60.75 -34.75 -1.65
C PHE R 4 60.13 -33.37 -1.65
N PRO R 5 59.40 -33.02 -2.73
CA PRO R 5 58.67 -31.74 -2.76
C PRO R 5 57.56 -31.73 -1.73
N LYS R 6 57.59 -30.74 -0.85
CA LYS R 6 56.58 -30.62 0.20
C LYS R 6 55.24 -30.24 -0.41
N TYR R 7 54.17 -30.88 0.06
CA TYR R 7 52.84 -30.58 -0.41
C TYR R 7 52.42 -29.18 0.05
N GLU R 8 52.02 -28.35 -0.90
CA GLU R 8 51.58 -27.00 -0.60
C GLU R 8 50.06 -26.97 -0.70
N PRO R 9 49.33 -26.93 0.41
CA PRO R 9 47.86 -26.95 0.33
C PRO R 9 47.31 -25.60 -0.11
N SER R 10 46.18 -25.66 -0.81
CA SER R 10 45.50 -24.49 -1.30
C SER R 10 44.07 -24.49 -0.78
N ARG R 11 43.31 -23.46 -1.18
CA ARG R 11 41.92 -23.36 -0.77
C ARG R 11 41.07 -24.46 -1.42
N LEU R 12 41.39 -24.82 -2.65
CA LEU R 12 40.62 -25.79 -3.41
C LEU R 12 41.35 -27.13 -3.53
N ALA R 13 42.49 -27.27 -2.86
CA ALA R 13 43.22 -28.54 -2.79
C ALA R 13 43.79 -28.61 -1.37
N SER R 14 43.04 -29.23 -0.46
CA SER R 14 43.40 -29.23 0.95
C SER R 14 44.56 -30.18 1.22
N LEU R 15 45.06 -30.11 2.44
CA LEU R 15 46.14 -30.99 2.90
C LEU R 15 45.58 -32.39 3.15
N PRO R 16 46.31 -33.44 2.76
CA PRO R 16 45.87 -34.80 3.06
C PRO R 16 45.91 -35.08 4.55
N THR R 17 45.09 -36.05 4.95
CA THR R 17 45.04 -36.48 6.35
C THR R 17 46.36 -37.11 6.76
N THR R 18 46.98 -37.86 5.86
CA THR R 18 48.22 -38.57 6.15
C THR R 18 49.44 -37.67 6.17
N LEU R 19 49.35 -36.45 5.64
CA LEU R 19 50.44 -35.49 5.68
C LEU R 19 50.26 -34.42 6.73
N ASP R 20 49.18 -34.46 7.49
CA ASP R 20 48.93 -33.45 8.50
C ASP R 20 49.69 -33.80 9.78
N PRO R 21 50.45 -32.87 10.36
CA PRO R 21 51.22 -33.18 11.58
C PRO R 21 50.35 -33.41 12.81
N ALA R 22 49.15 -32.84 12.86
CA ALA R 22 48.27 -33.03 14.01
C ALA R 22 47.52 -34.35 13.97
N GLU R 23 47.66 -35.13 12.89
CA GLU R 23 47.04 -36.44 12.82
C GLU R 23 47.76 -37.45 13.72
N TYR R 24 49.03 -37.19 14.04
CA TYR R 24 49.84 -38.11 14.82
C TYR R 24 49.96 -37.67 16.28
N ASP R 25 49.03 -36.84 16.76
CA ASP R 25 49.02 -36.43 18.15
C ASP R 25 48.45 -37.56 19.00
N ILE R 26 49.26 -38.06 19.94
CA ILE R 26 48.85 -39.12 20.84
C ILE R 26 48.57 -38.58 22.23
N SER R 27 48.44 -37.27 22.38
CA SER R 27 48.27 -36.66 23.69
C SER R 27 46.87 -36.92 24.22
N SER R 28 46.75 -36.87 25.55
CA SER R 28 45.51 -37.28 26.21
C SER R 28 44.38 -36.28 25.99
N GLU R 29 44.72 -35.00 25.79
CA GLU R 29 43.67 -34.01 25.52
C GLU R 29 43.08 -34.20 24.12
N THR R 30 43.89 -34.64 23.16
CA THR R 30 43.33 -34.95 21.84
C THR R 30 42.51 -36.23 21.89
N ARG R 31 42.90 -37.19 22.75
CA ARG R 31 42.07 -38.39 22.92
C ARG R 31 40.74 -38.04 23.57
N LYS R 32 40.74 -37.10 24.51
CA LYS R 32 39.49 -36.66 25.13
C LYS R 32 38.62 -35.91 24.13
N ALA R 33 39.23 -35.09 23.27
CA ALA R 33 38.46 -34.38 22.25
C ALA R 33 37.87 -35.33 21.21
N GLN R 34 38.65 -36.32 20.79
CA GLN R 34 38.16 -37.31 19.83
C GLN R 34 37.08 -38.19 20.44
N ALA R 35 37.23 -38.58 21.70
CA ALA R 35 36.21 -39.39 22.37
C ALA R 35 34.95 -38.57 22.62
N GLU R 36 35.07 -37.28 22.89
CA GLU R 36 33.89 -36.45 23.11
C GLU R 36 33.15 -36.20 21.79
N ARG R 37 33.89 -36.05 20.69
CA ARG R 37 33.26 -35.97 19.38
C ARG R 37 32.58 -37.28 19.00
N LEU R 38 33.21 -38.41 19.32
CA LEU R 38 32.58 -39.71 19.11
C LEU R 38 31.32 -39.86 19.95
N ALA R 39 31.33 -39.31 21.17
CA ALA R 39 30.16 -39.40 22.04
C ALA R 39 29.01 -38.56 21.51
N ILE R 40 29.29 -37.35 21.03
CA ILE R 40 28.26 -36.50 20.44
C ILE R 40 27.69 -37.15 19.18
N ARG R 41 28.56 -37.72 18.35
CA ARG R 41 28.11 -38.36 17.12
C ARG R 41 27.33 -39.64 17.40
N SER R 42 27.68 -40.36 18.46
CA SER R 42 26.96 -41.58 18.81
C SER R 42 25.61 -41.25 19.42
N ARG R 43 25.53 -40.16 20.18
CA ARG R 43 24.25 -39.73 20.72
C ARG R 43 23.30 -39.27 19.62
N LEU R 44 23.80 -38.48 18.67
CA LEU R 44 22.99 -38.06 17.53
C LEU R 44 22.62 -39.25 16.65
N LYS R 45 23.53 -40.23 16.52
CA LYS R 45 23.25 -41.42 15.74
C LYS R 45 22.13 -42.24 16.36
N ARG R 46 22.19 -42.44 17.69
CA ARG R 46 21.16 -43.19 18.39
C ARG R 46 19.82 -42.46 18.35
N GLU R 47 19.85 -41.14 18.51
CA GLU R 47 18.63 -40.34 18.46
C GLU R 47 18.00 -40.38 17.07
N TYR R 48 18.82 -40.41 16.03
CA TYR R 48 18.31 -40.57 14.67
C TYR R 48 17.70 -41.93 14.46
N GLN R 49 18.45 -42.99 14.75
CA GLN R 49 18.00 -44.32 14.33
C GLN R 49 17.02 -44.94 15.30
N LEU R 50 16.72 -44.33 16.44
CA LEU R 50 15.53 -44.72 17.19
C LEU R 50 14.27 -44.22 16.51
N GLN R 51 14.35 -43.10 15.79
CA GLN R 51 13.19 -42.61 15.06
C GLN R 51 13.11 -43.25 13.68
N TYR R 52 14.26 -43.49 13.07
CA TYR R 52 14.33 -44.07 11.73
C TYR R 52 13.83 -45.51 11.69
N ASN R 53 14.06 -46.27 12.76
CA ASN R 53 13.66 -47.67 12.81
C ASN R 53 12.32 -47.90 13.45
N ASP R 54 11.61 -46.84 13.81
CA ASP R 54 10.30 -46.95 14.46
C ASP R 54 9.26 -47.43 13.45
N PRO R 55 8.56 -48.54 13.72
CA PRO R 55 7.49 -48.97 12.81
C PRO R 55 6.30 -48.04 12.76
N SER R 56 5.96 -47.39 13.87
CA SER R 56 4.79 -46.53 13.87
C SER R 56 5.02 -45.22 13.15
N ARG R 57 6.29 -44.82 12.99
CA ARG R 57 6.59 -43.55 12.35
C ARG R 57 6.36 -43.63 10.85
N ARG R 58 5.62 -42.65 10.33
CA ARG R 58 5.43 -42.53 8.89
C ARG R 58 5.47 -41.05 8.57
N GLY R 59 6.57 -40.59 7.98
CA GLY R 59 6.73 -39.19 7.69
C GLY R 59 8.17 -38.80 7.42
N VAL R 60 8.56 -37.64 7.92
CA VAL R 60 9.91 -37.11 7.77
C VAL R 60 10.51 -37.02 9.15
N VAL R 61 11.64 -37.68 9.36
CA VAL R 61 12.42 -37.45 10.58
C VAL R 61 13.03 -36.06 10.44
N GLU R 62 12.48 -35.09 11.17
CA GLU R 62 12.97 -33.73 11.02
C GLU R 62 14.35 -33.60 11.63
N ASP R 63 15.25 -32.98 10.88
CA ASP R 63 16.58 -32.70 11.37
C ASP R 63 16.62 -31.25 11.78
N PRO R 64 16.83 -30.94 13.06
CA PRO R 64 16.96 -29.54 13.46
C PRO R 64 18.23 -28.90 12.95
N ALA R 65 19.24 -29.70 12.57
CA ALA R 65 20.43 -29.14 11.94
C ALA R 65 20.14 -28.60 10.54
N LEU R 66 19.30 -29.31 9.78
CA LEU R 66 18.91 -28.85 8.46
C LEU R 66 18.04 -27.60 8.53
N ILE R 67 17.05 -27.60 9.44
CA ILE R 67 16.20 -26.44 9.67
C ILE R 67 17.03 -25.26 10.14
N ARG R 68 18.02 -25.54 10.98
CA ARG R 68 18.89 -24.52 11.53
C ARG R 68 19.76 -23.91 10.44
N TRP R 69 20.24 -24.74 9.51
CA TRP R 69 21.00 -24.28 8.35
C TRP R 69 20.16 -23.41 7.43
N THR R 70 18.94 -23.87 7.10
CA THR R 70 18.10 -23.09 6.18
C THR R 70 17.59 -21.81 6.82
N CYS R 71 17.48 -21.77 8.14
CA CYS R 71 17.10 -20.54 8.82
C CYS R 71 18.28 -19.58 8.88
N ALA R 72 19.50 -20.10 9.04
CA ALA R 72 20.67 -19.23 9.05
C ALA R 72 20.93 -18.64 7.68
N ARG R 73 20.67 -19.41 6.62
CA ARG R 73 20.97 -18.93 5.27
C ARG R 73 20.02 -17.82 4.82
N SER R 74 18.81 -17.76 5.36
CA SER R 74 17.83 -16.78 4.91
C SER R 74 17.44 -15.75 5.96
N ALA R 75 16.91 -16.19 7.10
CA ALA R 75 16.17 -15.28 7.97
C ALA R 75 17.02 -14.65 9.07
N ASN R 76 18.20 -15.18 9.35
CA ASN R 76 19.02 -14.66 10.41
C ASN R 76 20.03 -13.63 9.90
N VAL R 77 20.04 -13.35 8.60
CA VAL R 77 21.11 -12.55 8.01
C VAL R 77 20.94 -11.08 8.36
N TYR R 78 19.76 -10.51 8.10
CA TYR R 78 19.54 -9.09 8.41
C TYR R 78 19.51 -8.77 9.91
N PRO R 79 18.98 -9.61 10.82
CA PRO R 79 19.20 -9.34 12.26
C PRO R 79 20.65 -9.34 12.70
N ASN R 80 21.57 -9.92 11.91
CA ASN R 80 22.98 -9.93 12.24
C ASN R 80 23.81 -9.13 11.24
N PHE R 81 23.17 -8.22 10.50
CA PHE R 81 23.87 -7.26 9.67
C PHE R 81 24.10 -5.97 10.43
N ARG R 82 25.32 -5.46 10.37
CA ARG R 82 25.69 -4.16 10.88
C ARG R 82 26.33 -3.36 9.76
N PRO R 83 25.79 -2.20 9.38
CA PRO R 83 26.49 -1.36 8.39
C PRO R 83 27.76 -0.75 8.95
N ASN R 84 28.90 -1.19 8.41
CA ASN R 84 30.21 -0.72 8.82
C ASN R 84 31.02 -0.47 7.55
N THR R 85 32.33 -0.32 7.70
CA THR R 85 33.18 0.00 6.55
C THR R 85 33.22 -1.16 5.56
N LYS R 86 33.31 -2.39 6.06
CA LYS R 86 33.43 -3.56 5.20
C LYS R 86 32.16 -3.82 4.40
N THR R 87 31.00 -3.81 5.07
CA THR R 87 29.76 -4.10 4.38
C THR R 87 29.34 -2.97 3.45
N SER R 88 29.70 -1.73 3.76
CA SER R 88 29.39 -0.63 2.86
C SER R 88 30.29 -0.63 1.63
N LEU R 89 31.59 -0.86 1.84
CA LEU R 89 32.51 -0.91 0.70
C LEU R 89 32.34 -2.15 -0.15
N LEU R 90 31.81 -3.24 0.41
CA LEU R 90 31.50 -4.39 -0.43
C LEU R 90 30.13 -4.26 -1.08
N GLY R 91 29.16 -3.63 -0.40
CA GLY R 91 27.85 -3.47 -0.97
C GLY R 91 27.81 -2.47 -2.10
N ALA R 92 28.71 -1.49 -2.09
CA ALA R 92 28.79 -0.50 -3.15
C ALA R 92 29.73 -0.92 -4.27
N LEU R 93 30.71 -1.77 -4.00
CA LEU R 93 31.56 -2.27 -5.08
C LEU R 93 30.83 -3.30 -5.93
N PHE R 94 30.11 -4.22 -5.29
CA PHE R 94 29.44 -5.30 -6.00
C PHE R 94 27.99 -4.99 -6.29
N GLY R 95 27.46 -3.87 -5.80
CA GLY R 95 26.08 -3.54 -6.03
C GLY R 95 25.84 -2.48 -7.10
N ILE R 96 26.59 -1.38 -7.07
CA ILE R 96 26.44 -0.34 -8.07
C ILE R 96 27.64 -0.22 -8.99
N GLY R 97 28.77 -0.87 -8.66
CA GLY R 97 29.93 -0.94 -9.53
C GLY R 97 29.68 -1.54 -10.91
N PRO R 98 29.14 -2.76 -10.99
CA PRO R 98 28.78 -3.32 -12.30
C PRO R 98 27.72 -2.54 -13.04
N LEU R 99 26.79 -1.88 -12.33
CA LEU R 99 25.79 -1.05 -12.99
C LEU R 99 26.43 0.13 -13.71
N ILE R 100 27.38 0.80 -13.05
CA ILE R 100 28.12 1.90 -13.66
C ILE R 100 28.96 1.38 -14.83
N PHE R 101 29.58 0.21 -14.65
CA PHE R 101 30.41 -0.39 -15.70
C PHE R 101 29.61 -0.69 -16.96
N TRP R 102 28.51 -1.43 -16.82
CA TRP R 102 27.72 -1.79 -17.99
C TRP R 102 26.98 -0.59 -18.56
N TYR R 103 26.67 0.40 -17.73
CA TYR R 103 26.11 1.65 -18.23
C TYR R 103 27.07 2.34 -19.17
N TYR R 104 28.33 2.48 -18.77
CA TYR R 104 29.28 3.17 -19.65
C TYR R 104 29.64 2.34 -20.88
N VAL R 105 29.65 1.01 -20.76
CA VAL R 105 29.91 0.16 -21.92
C VAL R 105 28.79 0.29 -22.96
N PHE R 106 27.54 0.11 -22.53
CA PHE R 106 26.42 0.16 -23.46
C PHE R 106 26.15 1.57 -23.96
N LYS R 107 26.41 2.58 -23.13
CA LYS R 107 26.23 3.97 -23.54
C LYS R 107 27.26 4.37 -24.57
N THR R 108 28.54 3.99 -24.37
CA THR R 108 29.58 4.29 -25.34
C THR R 108 29.34 3.56 -26.66
N ASP R 109 28.90 2.30 -26.57
CA ASP R 109 28.59 1.54 -27.79
C ASP R 109 27.44 2.15 -28.57
N ARG R 110 26.37 2.55 -27.88
CA ARG R 110 25.24 3.09 -28.61
C ARG R 110 25.45 4.51 -29.08
N ASP R 111 26.27 5.30 -28.37
CA ASP R 111 26.65 6.62 -28.90
C ASP R 111 27.51 6.49 -30.15
N ARG R 112 28.46 5.56 -30.15
CA ARG R 112 29.31 5.33 -31.31
C ARG R 112 28.49 4.81 -32.49
N LYS R 113 27.54 3.90 -32.23
CA LYS R 113 26.73 3.34 -33.30
C LYS R 113 25.73 4.36 -33.84
N GLU R 114 25.17 5.20 -32.97
CA GLU R 114 24.24 6.23 -33.41
C GLU R 114 24.95 7.29 -34.25
N LYS R 115 26.18 7.63 -33.86
CA LYS R 115 26.98 8.56 -34.65
C LYS R 115 27.32 7.98 -36.01
N LEU R 116 27.65 6.68 -36.07
CA LEU R 116 27.94 6.04 -37.35
C LEU R 116 26.71 5.97 -38.25
N ILE R 117 25.52 5.76 -37.67
CA ILE R 117 24.31 5.67 -38.47
C ILE R 117 23.91 7.05 -38.99
N GLN R 118 23.97 8.08 -38.14
CA GLN R 118 23.58 9.39 -38.61
C GLN R 118 24.62 10.04 -39.51
N GLU R 119 25.86 9.54 -39.50
CA GLU R 119 26.85 9.96 -40.48
C GLU R 119 26.88 9.06 -41.71
N GLY R 120 25.97 8.10 -41.80
CA GLY R 120 25.89 7.24 -42.96
C GLY R 120 27.02 6.24 -43.10
N LYS R 121 27.68 5.88 -42.01
CA LYS R 121 28.85 5.01 -42.09
C LYS R 121 28.55 3.56 -41.72
N LEU R 122 27.58 3.30 -40.85
CA LEU R 122 27.29 1.94 -40.46
C LEU R 122 26.55 1.22 -41.57
N ASP R 123 27.07 0.07 -41.98
CA ASP R 123 26.45 -0.73 -43.03
C ASP R 123 25.15 -1.31 -42.52
N ARG R 124 24.04 -0.76 -43.00
CA ARG R 124 22.71 -1.15 -42.54
C ARG R 124 21.88 -1.54 -43.75
N THR R 125 22.51 -2.27 -44.67
CA THR R 125 22.01 -2.44 -46.03
C THR R 125 20.78 -3.34 -46.07
N PHE R 126 20.86 -4.51 -45.43
CA PHE R 126 19.74 -5.44 -45.43
C PHE R 126 19.07 -5.51 -44.07
N ASN R 127 19.35 -4.55 -43.19
CA ASN R 127 18.78 -4.52 -41.85
C ASN R 127 17.39 -3.90 -41.92
N ILE R 128 16.36 -4.75 -41.93
CA ILE R 128 14.98 -4.29 -41.85
C ILE R 128 14.21 -4.97 -40.74
N SER R 129 14.79 -5.94 -40.05
CA SER R 129 14.21 -6.52 -38.85
C SER R 129 14.92 -5.94 -37.64
N TYR R 130 14.16 -5.52 -36.64
CA TYR R 130 14.74 -4.89 -35.47
C TYR R 130 13.89 -5.10 -34.23
N VAL S 6 -54.57 33.56 115.73
CA VAL S 6 -53.14 33.73 115.96
C VAL S 6 -52.51 34.46 114.79
N LYS S 7 -51.19 34.68 114.87
CA LYS S 7 -50.44 35.34 113.80
C LYS S 7 -49.97 34.27 112.82
N GLN S 8 -50.88 33.86 111.95
CA GLN S 8 -50.62 32.83 110.97
C GLN S 8 -51.16 33.28 109.62
N ASP S 9 -50.33 33.18 108.58
CA ASP S 9 -50.75 33.57 107.24
C ASP S 9 -51.75 32.56 106.69
N MET S 10 -52.96 33.03 106.42
CA MET S 10 -54.07 32.18 106.03
C MET S 10 -54.83 32.83 104.88
N PRO S 11 -55.50 32.04 104.04
CA PRO S 11 -56.43 32.61 103.06
C PRO S 11 -57.63 33.22 103.76
N PRO S 12 -58.36 34.14 103.10
CA PRO S 12 -59.50 34.78 103.77
C PRO S 12 -60.72 33.88 103.95
N VAL S 13 -61.81 34.45 104.44
CA VAL S 13 -62.97 33.66 104.85
C VAL S 13 -63.68 33.06 103.64
N GLY S 14 -64.06 33.90 102.68
CA GLY S 14 -64.66 33.41 101.47
C GLY S 14 -63.70 32.77 100.49
N GLY S 15 -62.40 32.92 100.72
CA GLY S 15 -61.39 32.44 99.79
C GLY S 15 -61.07 33.47 98.73
N TYR S 16 -60.05 33.15 97.93
CA TYR S 16 -59.64 34.04 96.86
C TYR S 16 -60.57 33.88 95.66
N GLY S 17 -60.38 34.74 94.68
CA GLY S 17 -61.17 34.72 93.47
C GLY S 17 -60.72 33.64 92.51
N PRO S 18 -61.47 33.48 91.42
CA PRO S 18 -61.11 32.51 90.39
C PRO S 18 -59.90 33.00 89.59
N ILE S 19 -58.83 32.22 89.61
CA ILE S 19 -57.63 32.55 88.85
C ILE S 19 -57.76 31.95 87.46
N ASP S 20 -57.65 32.80 86.44
CA ASP S 20 -57.65 32.32 85.06
C ASP S 20 -56.33 31.64 84.74
N TYR S 21 -56.40 30.45 84.13
CA TYR S 21 -55.22 29.69 83.79
C TYR S 21 -55.23 29.13 82.37
N LYS S 22 -56.38 29.03 81.73
CA LYS S 22 -56.47 28.42 80.41
C LYS S 22 -55.89 29.35 79.35
N ARG S 23 -55.66 28.79 78.16
CA ARG S 23 -55.16 29.58 77.04
C ARG S 23 -56.26 30.50 76.51
N ASN S 24 -55.92 31.77 76.34
CA ASN S 24 -56.83 32.77 75.81
C ASN S 24 -56.16 33.39 74.59
N LEU S 25 -56.47 32.86 73.41
CA LEU S 25 -56.11 33.51 72.16
C LEU S 25 -57.36 34.13 71.57
N PRO S 26 -57.45 35.46 71.49
CA PRO S 26 -58.76 36.12 71.32
C PRO S 26 -59.43 35.94 69.96
N ARG S 27 -58.70 35.44 68.94
CA ARG S 27 -59.19 35.23 67.57
C ARG S 27 -59.73 36.53 66.97
N ARG S 28 -58.79 37.44 66.74
CA ARG S 28 -59.09 38.71 66.10
C ARG S 28 -58.77 38.64 64.61
N GLY S 29 -59.22 39.66 63.89
CA GLY S 29 -58.97 39.76 62.46
C GLY S 29 -60.18 39.41 61.63
N LEU S 30 -60.01 39.58 60.31
CA LEU S 30 -61.05 39.29 59.35
C LEU S 30 -60.99 37.84 58.92
N SER S 31 -61.95 37.45 58.08
CA SER S 31 -61.93 36.13 57.46
C SER S 31 -60.88 36.07 56.36
N GLY S 32 -60.65 34.87 55.86
CA GLY S 32 -59.74 34.71 54.74
C GLY S 32 -60.29 35.33 53.47
N TYR S 33 -61.58 35.12 53.20
CA TYR S 33 -62.22 35.70 52.03
C TYR S 33 -62.24 37.22 52.11
N SER S 34 -62.43 37.76 53.32
CA SER S 34 -62.44 39.21 53.48
C SER S 34 -61.07 39.80 53.28
N MET S 35 -60.01 39.11 53.73
CA MET S 35 -58.66 39.63 53.55
C MET S 35 -58.22 39.55 52.09
N PHE S 36 -58.57 38.47 51.39
CA PHE S 36 -58.29 38.44 49.96
C PHE S 36 -59.13 39.45 49.20
N ALA S 37 -60.35 39.74 49.65
CA ALA S 37 -61.16 40.76 48.99
C ALA S 37 -60.59 42.15 49.19
N VAL S 38 -60.08 42.45 50.39
CA VAL S 38 -59.45 43.74 50.66
C VAL S 38 -58.16 43.89 49.86
N GLY S 39 -57.37 42.82 49.76
CA GLY S 39 -56.14 42.88 48.98
C GLY S 39 -56.38 43.04 47.49
N ILE S 40 -57.35 42.30 46.95
CA ILE S 40 -57.68 42.44 45.53
C ILE S 40 -58.33 43.79 45.25
N GLY S 41 -59.08 44.34 46.21
CA GLY S 41 -59.62 45.68 46.01
C GLY S 41 -58.55 46.76 46.03
N ALA S 42 -57.53 46.57 46.87
CA ALA S 42 -56.39 47.50 46.85
C ALA S 42 -55.62 47.40 45.53
N LEU S 43 -55.48 46.18 45.02
CA LEU S 43 -54.87 46.00 43.70
C LEU S 43 -55.68 46.68 42.60
N LEU S 44 -57.00 46.55 42.63
CA LEU S 44 -57.83 47.13 41.58
C LEU S 44 -57.84 48.65 41.66
N PHE S 45 -57.82 49.21 42.87
CA PHE S 45 -57.70 50.65 43.04
C PHE S 45 -56.37 51.17 42.50
N GLY S 46 -55.28 50.46 42.81
CA GLY S 46 -53.98 50.85 42.28
C GLY S 46 -53.90 50.74 40.77
N TYR S 47 -54.53 49.71 40.20
CA TYR S 47 -54.47 49.51 38.75
C TYR S 47 -55.29 50.57 38.03
N TRP S 48 -56.45 50.93 38.58
CA TRP S 48 -57.27 51.98 37.99
C TRP S 48 -56.60 53.35 38.07
N SER S 49 -55.99 53.66 39.22
CA SER S 49 -55.32 54.94 39.38
C SER S 49 -54.10 55.04 38.48
N MET S 50 -53.31 53.97 38.39
CA MET S 50 -52.16 53.98 37.50
C MET S 50 -52.58 53.96 36.05
N MET S 51 -53.75 53.42 35.73
CA MET S 51 -54.26 53.49 34.37
C MET S 51 -54.56 54.92 33.96
N ARG S 52 -55.32 55.63 34.79
CA ARG S 52 -55.65 57.03 34.48
C ARG S 52 -54.39 57.90 34.43
N TRP S 53 -53.49 57.72 35.39
CA TRP S 53 -52.33 58.60 35.45
C TRP S 53 -51.28 58.25 34.39
N ASN S 54 -51.13 56.99 34.00
CA ASN S 54 -50.22 56.71 32.90
C ASN S 54 -50.78 57.15 31.56
N ARG S 55 -52.10 57.11 31.37
CA ARG S 55 -52.67 57.67 30.14
C ARG S 55 -52.48 59.18 30.07
N GLU S 56 -52.63 59.87 31.21
CA GLU S 56 -52.35 61.30 31.25
C GLU S 56 -50.89 61.59 30.99
N ARG S 57 -49.98 60.79 31.54
CA ARG S 57 -48.55 60.98 31.30
C ARG S 57 -48.17 60.70 29.85
N ARG S 58 -48.87 59.80 29.17
CA ARG S 58 -48.60 59.61 27.75
C ARG S 58 -49.06 60.80 26.93
N ARG S 59 -50.21 61.40 27.29
CA ARG S 59 -50.65 62.61 26.60
C ARG S 59 -49.69 63.77 26.85
N LEU S 60 -49.17 63.89 28.06
CA LEU S 60 -48.19 64.91 28.39
C LEU S 60 -46.88 64.69 27.64
N GLN S 61 -46.49 63.42 27.45
CA GLN S 61 -45.29 63.12 26.69
C GLN S 61 -45.45 63.50 25.23
N ILE S 62 -46.66 63.27 24.67
CA ILE S 62 -46.92 63.66 23.28
C ILE S 62 -46.89 65.17 23.13
N GLU S 63 -47.38 65.91 24.14
CA GLU S 63 -47.29 67.36 24.10
C GLU S 63 -45.85 67.86 24.16
N ASP S 64 -45.01 67.23 24.99
CA ASP S 64 -43.58 67.55 25.04
C ASP S 64 -42.89 67.26 23.72
N PHE S 65 -43.23 66.12 23.11
CA PHE S 65 -42.58 65.72 21.87
C PHE S 65 -43.00 66.60 20.71
N GLU S 66 -44.22 67.11 20.74
CA GLU S 66 -44.65 68.03 19.69
C GLU S 66 -44.10 69.42 19.89
N ALA S 67 -43.83 69.84 21.13
CA ALA S 67 -43.07 71.07 21.33
C ALA S 67 -41.66 70.94 20.76
N ARG S 68 -41.04 69.78 20.98
CA ARG S 68 -39.75 69.47 20.36
C ARG S 68 -39.82 69.50 18.84
N ILE S 69 -40.87 68.91 18.26
CA ILE S 69 -41.03 68.84 16.81
C ILE S 69 -41.23 70.23 16.22
N ALA S 70 -42.02 71.07 16.87
CA ALA S 70 -42.22 72.43 16.40
C ALA S 70 -40.95 73.26 16.52
N LEU S 71 -40.05 72.90 17.44
CA LEU S 71 -38.78 73.62 17.52
C LEU S 71 -37.68 73.07 16.63
N MET S 72 -37.79 71.83 16.16
CA MET S 72 -36.71 71.23 15.37
C MET S 72 -36.28 71.92 14.07
N PRO S 73 -37.14 72.59 13.27
CA PRO S 73 -36.58 73.28 12.09
C PRO S 73 -35.68 74.45 12.41
N LEU S 74 -36.01 75.23 13.44
CA LEU S 74 -35.14 76.33 13.87
C LEU S 74 -33.80 75.81 14.38
N LEU S 75 -33.85 74.75 15.19
CA LEU S 75 -32.63 74.14 15.72
C LEU S 75 -31.80 73.51 14.61
N GLN S 76 -32.45 72.94 13.59
CA GLN S 76 -31.70 72.35 12.48
C GLN S 76 -31.03 73.42 11.63
N ALA S 77 -31.71 74.53 11.38
CA ALA S 77 -31.09 75.63 10.63
C ALA S 77 -29.92 76.23 11.40
N GLU S 78 -30.08 76.40 12.71
CA GLU S 78 -28.99 76.91 13.55
C GLU S 78 -27.82 75.94 13.60
N LYS S 79 -28.10 74.64 13.67
CA LYS S 79 -27.05 73.63 13.70
C LYS S 79 -26.29 73.59 12.38
N ASP S 80 -27.00 73.74 11.27
CA ASP S 80 -26.35 73.76 9.96
C ASP S 80 -25.42 74.95 9.81
N ARG S 81 -25.90 76.14 10.18
CA ARG S 81 -25.05 77.33 10.12
C ARG S 81 -23.90 77.26 11.11
N ARG S 82 -24.13 76.60 12.25
CA ARG S 82 -23.10 76.38 13.26
C ARG S 82 -21.96 75.51 12.71
N VAL S 83 -22.31 74.37 12.12
CA VAL S 83 -21.27 73.45 11.65
C VAL S 83 -20.59 74.00 10.39
N LEU S 84 -21.30 74.76 9.55
CA LEU S 84 -20.66 75.35 8.39
C LEU S 84 -19.75 76.51 8.78
N GLN S 85 -20.15 77.28 9.80
CA GLN S 85 -19.28 78.28 10.41
C GLN S 85 -17.98 77.67 10.90
N MET S 86 -18.08 76.56 11.65
CA MET S 86 -16.89 75.95 12.22
C MET S 86 -15.99 75.33 11.15
N LEU S 87 -16.59 74.72 10.13
CA LEU S 87 -15.79 74.17 9.03
C LEU S 87 -15.13 75.27 8.21
N ARG S 88 -15.79 76.41 8.03
CA ARG S 88 -15.18 77.50 7.29
C ARG S 88 -14.02 78.12 8.07
N GLU S 89 -14.17 78.24 9.39
CA GLU S 89 -13.07 78.74 10.22
C GLU S 89 -11.89 77.80 10.21
N ASN S 90 -12.16 76.48 10.28
CA ASN S 90 -11.08 75.50 10.19
C ASN S 90 -10.41 75.51 8.82
N LEU S 91 -11.19 75.77 7.76
CA LEU S 91 -10.63 75.82 6.41
C LEU S 91 -9.73 77.03 6.22
N GLU S 92 -10.15 78.18 6.75
CA GLU S 92 -9.32 79.38 6.64
C GLU S 92 -8.04 79.25 7.46
N GLU S 93 -8.12 78.64 8.65
CA GLU S 93 -6.90 78.47 9.42
C GLU S 93 -6.01 77.38 8.85
N GLU S 94 -6.59 76.37 8.19
CA GLU S 94 -5.79 75.39 7.46
C GLU S 94 -5.07 76.06 6.28
N ALA S 95 -5.73 77.00 5.62
CA ALA S 95 -5.10 77.72 4.52
C ALA S 95 -3.96 78.59 5.01
N THR S 96 -4.10 79.22 6.19
CA THR S 96 -3.02 80.06 6.68
C THR S 96 -1.95 79.29 7.46
N ILE S 97 -2.17 78.02 7.78
CA ILE S 97 -1.14 77.18 8.40
C ILE S 97 -0.38 76.36 7.36
N MET S 98 -1.11 75.66 6.48
CA MET S 98 -0.50 74.64 5.63
C MET S 98 0.00 75.25 4.32
N LYS S 99 0.88 76.24 4.44
CA LYS S 99 1.53 76.86 3.29
C LYS S 99 2.92 76.33 3.02
N ASP S 100 3.69 76.07 4.08
CA ASP S 100 5.03 75.51 3.93
C ASP S 100 5.01 74.06 3.47
N VAL S 101 3.92 73.35 3.72
CA VAL S 101 3.82 71.92 3.45
C VAL S 101 3.71 71.68 1.95
N PRO S 102 4.61 70.91 1.34
CA PRO S 102 4.55 70.68 -0.10
C PRO S 102 3.47 69.68 -0.47
N GLY S 103 2.82 69.94 -1.60
CA GLY S 103 1.81 69.05 -2.11
C GLY S 103 0.53 68.98 -1.31
N TRP S 104 0.26 70.00 -0.49
CA TRP S 104 -0.93 70.02 0.35
C TRP S 104 -2.05 70.76 -0.36
N LYS S 105 -3.17 70.09 -0.57
CA LYS S 105 -4.37 70.75 -1.07
C LYS S 105 -5.24 71.13 0.12
N VAL S 106 -5.45 72.42 0.31
CA VAL S 106 -6.27 72.88 1.42
C VAL S 106 -7.74 72.57 1.14
N GLY S 107 -8.40 71.98 2.13
CA GLY S 107 -9.77 71.56 1.95
C GLY S 107 -9.97 70.33 1.12
N GLU S 108 -8.94 69.51 0.95
CA GLU S 108 -9.07 68.30 0.16
C GLU S 108 -9.88 67.26 0.94
N SER S 109 -10.91 66.72 0.29
CA SER S 109 -11.73 65.70 0.91
C SER S 109 -10.96 64.39 0.99
N VAL S 110 -11.19 63.65 2.07
CA VAL S 110 -10.64 62.30 2.16
C VAL S 110 -11.55 61.27 1.53
N PHE S 111 -12.73 61.67 1.08
CA PHE S 111 -13.69 60.77 0.46
C PHE S 111 -13.68 60.97 -1.05
N HIS S 112 -13.84 59.88 -1.79
CA HIS S 112 -13.94 59.98 -3.23
C HIS S 112 -15.27 60.58 -3.67
N THR S 113 -16.33 60.33 -2.91
CA THR S 113 -17.62 60.90 -3.23
C THR S 113 -17.65 62.39 -2.90
N THR S 114 -18.47 63.12 -3.65
CA THR S 114 -18.67 64.55 -3.42
C THR S 114 -19.94 64.82 -2.63
N ARG S 115 -20.57 63.76 -2.11
CA ARG S 115 -21.70 63.88 -1.22
C ARG S 115 -21.26 64.54 0.09
N TRP S 116 -22.17 65.30 0.69
CA TRP S 116 -21.96 65.83 2.02
C TRP S 116 -21.78 64.70 3.03
N VAL S 117 -20.71 64.79 3.81
CA VAL S 117 -20.45 63.88 4.92
C VAL S 117 -20.60 64.67 6.20
N THR S 118 -21.31 64.10 7.17
CA THR S 118 -21.49 64.73 8.47
C THR S 118 -20.14 64.92 9.14
N PRO S 119 -19.82 66.12 9.62
CA PRO S 119 -18.48 66.38 10.15
C PRO S 119 -18.21 65.64 11.44
N MET S 120 -17.00 65.11 11.54
CA MET S 120 -16.55 64.38 12.70
C MET S 120 -16.23 65.39 13.81
N MET S 121 -16.08 64.87 15.04
CA MET S 121 -15.84 65.75 16.18
C MET S 121 -14.48 66.44 16.09
N GLY S 122 -13.45 65.71 15.69
CA GLY S 122 -12.15 66.29 15.46
C GLY S 122 -12.08 67.19 14.25
N GLU S 123 -13.01 67.04 13.30
CA GLU S 123 -13.04 67.95 12.16
C GLU S 123 -13.54 69.32 12.56
N LEU S 124 -14.48 69.39 13.50
CA LEU S 124 -15.05 70.66 13.93
C LEU S 124 -14.23 71.31 15.03
N TYR S 125 -13.85 70.53 16.05
CA TYR S 125 -13.23 71.06 17.25
C TYR S 125 -11.74 70.75 17.33
N GLY S 126 -11.09 70.45 16.20
CA GLY S 126 -9.70 70.05 16.24
C GLY S 126 -8.75 71.19 16.55
N LEU S 127 -9.04 72.38 16.05
CA LEU S 127 -8.17 73.52 16.21
C LEU S 127 -8.56 74.40 17.40
N ARG S 128 -9.52 73.97 18.20
CA ARG S 128 -10.02 74.77 19.31
C ARG S 128 -9.40 74.31 20.62
N THR S 129 -9.76 74.99 21.70
CA THR S 129 -9.14 74.75 23.00
C THR S 129 -9.73 73.52 23.67
N GLY S 130 -9.02 73.04 24.70
CA GLY S 130 -9.39 71.81 25.35
C GLY S 130 -10.68 71.89 26.14
N GLU S 131 -11.04 73.09 26.60
CA GLU S 131 -12.29 73.25 27.35
C GLU S 131 -13.50 73.06 26.45
N GLU S 132 -13.45 73.67 25.26
CA GLU S 132 -14.53 73.50 24.28
C GLU S 132 -14.58 72.08 23.76
N ILE S 133 -13.40 71.46 23.57
CA ILE S 133 -13.33 70.06 23.15
C ILE S 133 -13.99 69.16 24.20
N LEU S 134 -13.59 69.30 25.46
CA LEU S 134 -14.12 68.48 26.54
C LEU S 134 -15.60 68.67 26.74
N SER S 135 -16.07 69.92 26.63
CA SER S 135 -17.50 70.19 26.72
C SER S 135 -18.26 69.49 25.60
N SER S 136 -17.87 69.74 24.35
CA SER S 136 -18.61 69.18 23.22
C SER S 136 -18.50 67.67 23.08
N THR S 137 -17.49 67.04 23.68
CA THR S 137 -17.40 65.60 23.53
C THR S 137 -17.76 64.79 24.78
N TYR S 138 -17.70 65.36 25.99
CA TYR S 138 -18.08 64.59 27.17
C TYR S 138 -19.04 65.34 28.07
N GLY S 139 -19.68 66.40 27.60
CA GLY S 139 -20.50 67.20 28.48
C GLY S 139 -21.80 66.51 28.84
N PHE S 140 -22.46 65.93 27.84
CA PHE S 140 -23.71 65.22 28.10
C PHE S 140 -23.47 63.94 28.88
N ILE S 141 -22.37 63.23 28.59
CA ILE S 141 -22.06 62.00 29.30
C ILE S 141 -21.69 62.31 30.75
N TRP S 142 -20.93 63.37 30.97
CA TRP S 142 -20.49 63.73 32.31
C TRP S 142 -21.49 64.58 33.07
N TYR S 143 -22.63 64.93 32.47
CA TYR S 143 -23.59 65.79 33.13
C TYR S 143 -24.39 64.97 34.12
N THR S 144 -23.94 64.98 35.37
CA THR S 144 -24.76 64.72 36.55
C THR S 144 -25.36 63.31 36.61
N SER T 2 43.71 -58.13 16.20
CA SER T 2 42.50 -58.62 16.86
C SER T 2 41.27 -58.33 16.01
N GLY T 3 40.38 -59.33 15.91
CA GLY T 3 39.19 -59.19 15.10
C GLY T 3 38.02 -58.59 15.84
N TYR T 4 36.86 -59.25 15.76
CA TYR T 4 35.66 -58.75 16.40
C TYR T 4 35.68 -59.01 17.90
N THR T 5 34.86 -58.24 18.61
CA THR T 5 34.48 -58.58 19.97
C THR T 5 33.36 -59.61 19.90
N PRO T 6 33.12 -60.36 20.99
CA PRO T 6 32.01 -61.35 20.95
C PRO T 6 30.63 -60.75 20.78
N ASP T 7 30.41 -59.51 21.22
CA ASP T 7 29.14 -58.84 20.94
C ASP T 7 28.98 -58.53 19.47
N GLU T 8 30.08 -58.13 18.81
CA GLU T 8 30.03 -57.87 17.37
C GLU T 8 29.80 -59.16 16.59
N LYS T 9 30.46 -60.25 16.99
CA LYS T 9 30.24 -61.55 16.35
C LYS T 9 28.80 -62.02 16.52
N LEU T 10 28.25 -61.85 17.72
CA LEU T 10 26.89 -62.32 17.97
C LEU T 10 25.87 -61.46 17.22
N ARG T 11 26.07 -60.14 17.21
CA ARG T 11 25.15 -59.27 16.48
C ARG T 11 25.23 -59.51 14.98
N LEU T 12 26.42 -59.71 14.43
CA LEU T 12 26.53 -60.01 13.01
C LEU T 12 25.95 -61.38 12.67
N GLN T 13 26.06 -62.35 13.57
CA GLN T 13 25.45 -63.65 13.31
C GLN T 13 23.92 -63.55 13.28
N GLN T 14 23.35 -62.79 14.23
CA GLN T 14 21.90 -62.67 14.29
C GLN T 14 21.35 -61.83 13.13
N LEU T 15 22.02 -60.72 12.80
CA LEU T 15 21.68 -59.95 11.61
C LEU T 15 21.87 -60.75 10.34
N ARG T 16 22.86 -61.65 10.30
CA ARG T 16 23.09 -62.50 9.14
C ARG T 16 21.95 -63.49 8.95
N GLU T 17 21.49 -64.09 10.04
CA GLU T 17 20.37 -65.03 9.97
C GLU T 17 19.08 -64.33 9.53
N LEU T 18 18.81 -63.15 10.09
CA LEU T 18 17.62 -62.40 9.69
C LEU T 18 17.71 -61.91 8.26
N ARG T 19 18.90 -61.48 7.81
CA ARG T 19 19.10 -61.02 6.45
C ARG T 19 18.93 -62.15 5.44
N ARG T 20 19.43 -63.34 5.77
CA ARG T 20 19.27 -64.46 4.85
C ARG T 20 17.83 -64.97 4.83
N ARG T 21 17.11 -64.86 5.95
CA ARG T 21 15.67 -65.12 5.93
C ARG T 21 14.94 -64.11 5.07
N TRP T 22 15.32 -62.84 5.14
CA TRP T 22 14.69 -61.81 4.33
C TRP T 22 14.95 -62.03 2.85
N LEU T 23 16.20 -62.38 2.49
CA LEU T 23 16.53 -62.62 1.09
C LEU T 23 15.90 -63.88 0.55
N LYS T 24 15.73 -64.90 1.39
CA LYS T 24 14.97 -66.08 0.97
C LYS T 24 13.50 -65.75 0.74
N ASP T 25 12.96 -64.81 1.50
CA ASP T 25 11.56 -64.41 1.36
C ASP T 25 11.33 -63.47 0.19
N GLN T 26 12.33 -63.19 -0.64
CA GLN T 26 12.15 -62.41 -1.84
C GLN T 26 11.90 -63.26 -3.06
N GLU T 27 12.05 -64.58 -2.95
CA GLU T 27 11.79 -65.47 -4.07
C GLU T 27 10.30 -65.55 -4.36
N LEU T 28 9.96 -65.75 -5.62
CA LEU T 28 8.56 -65.85 -5.96
C LEU T 28 8.06 -67.27 -5.77
N SER T 29 6.75 -67.40 -5.59
CA SER T 29 6.07 -68.66 -5.71
C SER T 29 6.02 -69.06 -7.19
N PRO T 30 5.83 -70.35 -7.50
CA PRO T 30 5.65 -70.74 -8.90
C PRO T 30 4.37 -70.23 -9.53
N ARG T 31 3.36 -69.84 -8.74
CA ARG T 31 2.18 -69.21 -9.31
C ARG T 31 2.34 -67.71 -9.51
N GLU T 32 3.32 -67.10 -8.87
CA GLU T 32 3.53 -65.65 -8.96
C GLU T 32 4.40 -65.31 -10.17
N PRO T 33 4.10 -64.23 -10.90
CA PRO T 33 3.02 -63.26 -10.70
C PRO T 33 1.66 -63.75 -11.18
N VAL T 34 0.65 -63.65 -10.30
CA VAL T 34 -0.71 -64.07 -10.62
C VAL T 34 -1.31 -63.00 -11.53
N LEU T 35 -1.37 -63.29 -12.78
CA LEU T 35 -1.79 -62.28 -13.74
C LEU T 35 -3.31 -62.32 -13.93
N PRO T 36 -3.92 -61.18 -14.26
CA PRO T 36 -5.33 -61.18 -14.65
C PRO T 36 -5.52 -61.87 -15.98
N PRO T 37 -6.71 -62.38 -16.27
CA PRO T 37 -6.94 -63.07 -17.55
C PRO T 37 -6.95 -62.09 -18.72
N ARG T 38 -6.06 -62.34 -19.68
CA ARG T 38 -5.96 -61.49 -20.87
C ARG T 38 -7.08 -61.81 -21.86
N ARG T 66 -0.51 -61.29 -42.54
CA ARG T 66 0.11 -60.69 -41.37
C ARG T 66 1.47 -61.35 -41.13
N HIS T 67 2.38 -61.11 -42.06
CA HIS T 67 3.78 -61.50 -41.91
C HIS T 67 4.66 -60.31 -42.26
N SER T 68 4.16 -59.46 -43.16
CA SER T 68 4.85 -58.24 -43.54
C SER T 68 3.98 -57.03 -43.23
N ILE T 69 3.39 -57.02 -42.04
CA ILE T 69 2.58 -55.89 -41.62
C ILE T 69 3.44 -54.66 -41.28
N PHE T 70 4.73 -54.87 -41.00
CA PHE T 70 5.60 -53.74 -40.72
C PHE T 70 5.85 -52.90 -41.97
N ALA T 71 6.08 -53.56 -43.10
CA ALA T 71 6.30 -52.84 -44.35
C ALA T 71 5.04 -52.19 -44.88
N PHE T 72 3.88 -52.61 -44.38
CA PHE T 72 2.62 -51.99 -44.79
C PHE T 72 2.26 -50.80 -43.92
N THR T 73 2.41 -50.91 -42.60
CA THR T 73 1.96 -49.87 -41.68
C THR T 73 3.02 -48.81 -41.41
N HIS T 74 4.30 -49.16 -41.48
CA HIS T 74 5.36 -48.21 -41.17
C HIS T 74 6.05 -47.65 -42.39
N VAL T 75 5.93 -48.31 -43.53
CA VAL T 75 6.52 -47.81 -44.77
C VAL T 75 5.44 -47.32 -45.71
N LEU T 76 4.56 -48.20 -46.15
CA LEU T 76 3.76 -47.98 -47.33
C LEU T 76 2.59 -47.03 -47.06
N ILE T 77 1.96 -47.12 -45.90
CA ILE T 77 0.96 -46.13 -45.50
C ILE T 77 1.60 -44.77 -45.24
N PRO T 78 2.78 -44.65 -44.60
CA PRO T 78 3.47 -43.34 -44.63
C PRO T 78 3.89 -42.85 -46.01
N VAL T 79 4.29 -43.72 -46.95
CA VAL T 79 4.62 -43.22 -48.29
C VAL T 79 3.36 -42.71 -48.97
N TRP T 80 2.23 -43.38 -48.76
CA TRP T 80 0.95 -42.93 -49.30
C TRP T 80 0.55 -41.57 -48.74
N ILE T 81 0.61 -41.42 -47.41
CA ILE T 81 0.23 -40.17 -46.77
C ILE T 81 1.16 -39.03 -47.17
N ILE T 82 2.47 -39.29 -47.19
CA ILE T 82 3.42 -38.24 -47.49
C ILE T 82 3.42 -37.89 -48.97
N HIS T 83 3.16 -38.85 -49.84
CA HIS T 83 3.06 -38.54 -51.26
C HIS T 83 1.79 -37.75 -51.57
N TYR T 84 0.69 -38.06 -50.89
CA TYR T 84 -0.53 -37.25 -51.01
C TYR T 84 -0.29 -35.83 -50.53
N TYR T 85 0.35 -35.69 -49.37
CA TYR T 85 0.63 -34.38 -48.79
C TYR T 85 1.57 -33.56 -49.65
N LEU T 86 2.61 -34.19 -50.20
CA LEU T 86 3.55 -33.45 -51.02
C LEU T 86 2.98 -33.13 -52.39
N LYS T 87 2.19 -34.04 -52.97
CA LYS T 87 1.72 -33.83 -54.33
C LYS T 87 0.56 -32.85 -54.39
N TYR T 88 -0.35 -32.89 -53.43
CA TYR T 88 -1.56 -32.09 -53.55
C TYR T 88 -1.64 -30.95 -52.56
N HIS T 89 -0.65 -30.77 -51.69
CA HIS T 89 -0.72 -29.65 -50.76
C HIS T 89 0.58 -28.85 -50.68
N VAL T 90 1.70 -29.49 -50.95
CA VAL T 90 3.00 -28.83 -50.83
C VAL T 90 3.48 -28.31 -52.18
N THR T 91 3.41 -29.13 -53.22
CA THR T 91 3.84 -28.69 -54.53
C THR T 91 2.78 -27.89 -55.26
N THR T 92 1.58 -27.74 -54.70
CA THR T 92 0.60 -26.82 -55.23
C THR T 92 0.83 -25.39 -54.79
N LYS T 93 1.77 -25.18 -53.89
CA LYS T 93 2.22 -23.90 -53.40
C LYS T 93 3.58 -23.57 -54.00
N PRO T 94 3.86 -22.28 -54.24
CA PRO T 94 5.14 -21.94 -54.88
C PRO T 94 6.32 -22.07 -53.95
N TYR T 95 7.43 -22.54 -54.51
CA TYR T 95 8.77 -22.51 -53.91
C TYR T 95 8.84 -23.34 -52.62
N THR T 96 8.01 -24.36 -52.51
CA THR T 96 8.03 -25.21 -51.32
C THR T 96 8.99 -26.38 -51.50
N ILE T 97 8.91 -27.05 -52.64
CA ILE T 97 9.95 -27.98 -53.05
C ILE T 97 10.66 -27.32 -54.23
N VAL T 98 11.83 -26.74 -53.95
CA VAL T 98 12.69 -26.19 -54.97
C VAL T 98 13.86 -27.15 -55.16
N GLU T 99 13.96 -27.69 -56.37
CA GLU T 99 14.97 -28.66 -56.72
C GLU T 99 16.07 -27.95 -57.48
N LYS T 100 17.31 -28.33 -57.23
CA LYS T 100 18.42 -27.85 -58.04
C LYS T 100 18.24 -28.34 -59.46
N LYS T 101 18.44 -27.44 -60.42
CA LYS T 101 18.22 -27.79 -61.81
C LYS T 101 19.27 -28.82 -62.25
N PRO T 102 18.91 -29.76 -63.12
CA PRO T 102 19.82 -30.85 -63.43
C PRO T 102 21.03 -30.39 -64.22
N ARG T 103 22.14 -31.04 -63.92
CA ARG T 103 23.44 -30.67 -64.46
C ARG T 103 23.54 -31.07 -65.93
N ILE T 104 23.84 -30.10 -66.79
CA ILE T 104 23.83 -30.26 -68.23
C ILE T 104 25.27 -30.39 -68.72
N PHE T 105 25.54 -31.41 -69.52
CA PHE T 105 26.86 -31.62 -70.08
C PHE T 105 26.86 -31.42 -71.59
N PRO T 106 28.00 -31.11 -72.19
CA PRO T 106 28.11 -31.12 -73.65
C PRO T 106 27.92 -32.51 -74.22
N GLY T 107 26.97 -32.63 -75.14
CA GLY T 107 26.56 -33.89 -75.69
C GLY T 107 25.20 -34.35 -75.24
N ASP T 108 24.61 -33.70 -74.24
CA ASP T 108 23.31 -34.09 -73.74
C ASP T 108 22.20 -33.65 -74.69
N THR T 109 21.05 -34.28 -74.55
CA THR T 109 19.85 -33.93 -75.29
C THR T 109 18.76 -33.59 -74.29
N ILE T 110 18.13 -32.44 -74.47
CA ILE T 110 17.12 -31.96 -73.53
C ILE T 110 15.81 -32.68 -73.82
N LEU T 111 15.16 -33.19 -72.76
CA LEU T 111 13.89 -33.89 -72.96
C LEU T 111 12.76 -32.92 -73.27
N GLU T 112 12.76 -31.74 -72.65
CA GLU T 112 11.68 -30.80 -72.85
C GLU T 112 11.74 -30.10 -74.22
N THR T 113 12.90 -30.06 -74.84
CA THR T 113 13.07 -29.33 -76.09
C THR T 113 13.51 -30.21 -77.24
N GLY T 114 14.45 -31.13 -77.01
CA GLY T 114 15.08 -31.86 -78.09
C GLY T 114 16.34 -31.22 -78.60
N GLU T 115 16.76 -30.10 -78.01
CA GLU T 115 17.93 -29.36 -78.47
C GLU T 115 19.18 -30.06 -77.95
N VAL T 116 19.96 -30.63 -78.86
CA VAL T 116 21.19 -31.32 -78.50
C VAL T 116 22.24 -30.30 -78.09
N ILE T 117 22.77 -30.45 -76.88
CA ILE T 117 23.88 -29.60 -76.45
C ILE T 117 25.12 -29.97 -77.26
N PRO T 118 25.80 -28.99 -77.89
CA PRO T 118 26.95 -29.34 -78.72
C PRO T 118 28.13 -29.78 -77.86
N PRO T 119 28.97 -30.68 -78.37
CA PRO T 119 30.09 -31.17 -77.57
C PRO T 119 31.19 -30.13 -77.45
N MET T 120 32.18 -30.45 -76.63
CA MET T 120 33.27 -29.53 -76.36
C MET T 120 34.21 -29.43 -77.56
N LYS T 121 35.06 -28.41 -77.51
CA LYS T 121 36.11 -28.23 -78.49
C LYS T 121 37.09 -29.39 -78.42
N GLU T 122 37.71 -29.72 -79.55
CA GLU T 122 38.64 -30.84 -79.60
C GLU T 122 39.87 -30.58 -78.76
N PHE T 123 40.32 -31.60 -78.04
CA PHE T 123 41.30 -31.36 -77.00
C PHE T 123 42.71 -31.26 -77.60
N PRO T 124 43.52 -30.33 -77.11
CA PRO T 124 44.96 -30.39 -77.39
C PRO T 124 45.60 -31.50 -76.58
N ASP T 125 45.59 -32.71 -77.14
CA ASP T 125 45.85 -33.96 -76.42
C ASP T 125 47.22 -33.98 -75.76
N GLN T 126 47.26 -34.47 -74.52
CA GLN T 126 48.40 -34.31 -73.64
C GLN T 126 49.21 -35.58 -73.43
N HIS T 127 48.63 -36.75 -73.66
CA HIS T 127 49.33 -38.01 -73.40
C HIS T 127 48.81 -39.13 -74.29
N GLY U 2 60.64 -28.46 -49.06
CA GLY U 2 60.50 -27.45 -48.03
C GLY U 2 61.79 -26.72 -47.75
N ALA U 3 62.77 -26.89 -48.64
CA ALA U 3 64.03 -26.17 -48.53
C ALA U 3 63.86 -24.69 -48.84
N HIS U 4 62.84 -24.34 -49.63
CA HIS U 4 62.56 -22.95 -49.93
C HIS U 4 62.07 -22.18 -48.71
N LEU U 5 61.41 -22.86 -47.76
CA LEU U 5 61.04 -22.22 -46.50
C LEU U 5 62.29 -21.83 -45.71
N ALA U 6 63.28 -22.72 -45.69
CA ALA U 6 64.53 -22.41 -45.01
C ALA U 6 65.34 -21.36 -45.74
N ARG U 7 65.23 -21.31 -47.07
CA ARG U 7 65.95 -20.29 -47.82
C ARG U 7 65.30 -18.92 -47.69
N ARG U 8 63.99 -18.87 -47.45
CA ARG U 8 63.34 -17.58 -47.26
C ARG U 8 63.39 -17.10 -45.81
N TYR U 9 63.27 -18.02 -44.85
CA TYR U 9 63.14 -17.64 -43.45
C TYR U 9 64.48 -17.55 -42.75
N LEU U 10 65.38 -18.48 -43.02
CA LEU U 10 66.71 -18.46 -42.40
C LEU U 10 67.74 -17.75 -43.26
N GLY U 11 67.59 -17.81 -44.58
CA GLY U 11 68.46 -17.06 -45.47
C GLY U 11 67.94 -15.66 -45.71
N ASP U 12 68.12 -15.14 -46.92
CA ASP U 12 67.64 -13.82 -47.28
C ASP U 12 66.32 -13.90 -48.05
N ALA U 13 65.43 -12.96 -47.77
CA ALA U 13 64.14 -12.91 -48.43
C ALA U 13 64.13 -12.06 -49.69
N SER U 14 65.21 -11.32 -49.96
CA SER U 14 65.26 -10.47 -51.13
C SER U 14 65.45 -11.27 -52.42
N VAL U 15 65.94 -12.50 -52.31
CA VAL U 15 66.17 -13.35 -53.48
C VAL U 15 65.08 -14.41 -53.64
N GLU U 16 64.24 -14.59 -52.63
CA GLU U 16 63.15 -15.56 -52.61
C GLU U 16 61.83 -14.91 -52.98
N PRO U 17 61.03 -15.54 -53.83
CA PRO U 17 59.75 -14.94 -54.24
C PRO U 17 58.72 -15.04 -53.13
N GLU U 18 58.02 -13.93 -52.90
CA GLU U 18 56.93 -13.91 -51.95
C GLU U 18 55.68 -14.50 -52.58
N PRO U 19 55.04 -15.48 -51.96
CA PRO U 19 53.94 -16.20 -52.64
C PRO U 19 52.69 -15.37 -52.79
N LEU U 20 52.42 -14.46 -51.85
CA LEU U 20 51.17 -13.71 -51.88
C LEU U 20 51.16 -12.68 -53.00
N ARG U 21 52.32 -12.14 -53.37
CA ARG U 21 52.43 -11.20 -54.48
C ARG U 21 53.56 -11.63 -55.42
N MET U 22 53.21 -12.52 -56.35
CA MET U 22 54.10 -12.93 -57.42
C MET U 22 53.24 -13.44 -58.56
N PRO U 23 53.66 -13.27 -59.82
CA PRO U 23 54.89 -12.70 -60.39
C PRO U 23 55.05 -11.19 -60.26
N THR U 24 56.27 -10.75 -59.98
CA THR U 24 56.59 -9.33 -59.91
C THR U 24 57.31 -8.84 -61.15
N PHE U 25 57.59 -9.72 -62.09
CA PHE U 25 58.22 -9.45 -63.37
C PHE U 25 57.19 -9.53 -64.49
N PRO U 26 57.41 -8.83 -65.61
CA PRO U 26 56.48 -8.95 -66.73
C PRO U 26 56.55 -10.33 -67.34
N PRO U 27 55.43 -10.83 -67.89
CA PRO U 27 55.43 -12.18 -68.48
C PRO U 27 56.19 -12.26 -69.79
N ASP U 28 56.38 -11.15 -70.49
CA ASP U 28 57.19 -11.13 -71.71
C ASP U 28 58.66 -10.90 -71.43
N TYR U 29 59.04 -10.66 -70.18
CA TYR U 29 60.43 -10.37 -69.83
C TYR U 29 61.23 -11.67 -69.90
N GLY U 30 61.84 -11.92 -71.05
CA GLY U 30 62.60 -13.13 -71.28
C GLY U 30 61.95 -14.10 -72.26
N PHE U 31 60.80 -13.76 -72.80
CA PHE U 31 60.08 -14.65 -73.72
C PHE U 31 59.80 -13.94 -75.03
N PRO U 32 60.47 -14.31 -76.13
CA PRO U 32 60.04 -13.84 -77.46
C PRO U 32 58.80 -14.59 -77.91
N GLU U 33 57.70 -13.84 -78.07
CA GLU U 33 56.39 -14.34 -78.57
C GLU U 33 55.84 -15.46 -77.69
N ARG U 34 55.54 -15.11 -76.44
CA ARG U 34 54.98 -16.06 -75.49
C ARG U 34 53.48 -16.20 -75.72
N LYS U 35 53.00 -17.43 -75.81
CA LYS U 35 51.61 -17.67 -76.15
C LYS U 35 50.76 -17.81 -74.89
N GLU U 36 49.46 -17.57 -75.07
CA GLU U 36 48.50 -17.63 -73.98
C GLU U 36 48.05 -19.06 -73.72
N ARG U 37 47.49 -19.29 -72.54
CA ARG U 37 46.90 -20.57 -72.22
C ARG U 37 45.54 -20.67 -72.90
N GLU U 38 45.31 -21.77 -73.59
CA GLU U 38 44.07 -21.98 -74.33
C GLU U 38 43.05 -22.65 -73.41
N MET U 39 41.89 -22.02 -73.27
CA MET U 39 40.80 -22.58 -72.48
C MET U 39 39.88 -23.37 -73.38
N VAL U 40 39.73 -24.66 -73.09
CA VAL U 40 38.96 -25.54 -73.96
C VAL U 40 37.48 -25.45 -73.67
N ALA U 41 37.10 -25.59 -72.40
CA ALA U 41 35.69 -25.58 -72.02
C ALA U 41 35.14 -24.16 -72.12
N THR U 42 33.98 -24.05 -72.78
CA THR U 42 33.29 -22.78 -72.90
C THR U 42 32.79 -22.35 -71.53
N GLN U 43 32.73 -21.03 -71.33
CA GLN U 43 32.22 -20.45 -70.10
C GLN U 43 30.78 -20.87 -69.83
N GLN U 44 29.97 -20.93 -70.89
CA GLN U 44 28.60 -21.44 -70.75
C GLN U 44 28.58 -22.94 -70.50
N GLU U 45 29.57 -23.69 -71.00
CA GLU U 45 29.59 -25.13 -70.80
C GLU U 45 29.87 -25.49 -69.34
N MET U 46 30.84 -24.83 -68.72
CA MET U 46 31.08 -25.09 -67.31
C MET U 46 30.14 -24.30 -66.40
N ASN U 47 29.39 -23.35 -66.96
CA ASN U 47 28.25 -22.79 -66.25
C ASN U 47 27.10 -23.80 -66.16
N ASP U 48 26.78 -24.45 -67.29
CA ASP U 48 25.71 -25.43 -67.32
C ASP U 48 26.08 -26.71 -66.60
N ALA U 49 27.38 -27.03 -66.56
CA ALA U 49 27.84 -28.21 -65.83
C ALA U 49 27.93 -27.95 -64.33
N GLN U 50 27.66 -26.73 -63.88
CA GLN U 50 27.55 -26.35 -62.46
C GLN U 50 28.82 -26.68 -61.69
N LEU U 51 29.97 -26.42 -62.31
CA LEU U 51 31.23 -26.70 -61.64
C LEU U 51 31.45 -25.72 -60.50
N VAL U 52 32.19 -26.17 -59.50
CA VAL U 52 32.62 -25.29 -58.43
C VAL U 52 33.58 -24.27 -59.02
N LEU U 53 33.53 -23.03 -58.51
CA LEU U 53 34.38 -21.97 -59.04
C LEU U 53 35.86 -22.22 -58.81
N GLN U 54 36.21 -23.04 -57.83
CA GLN U 54 37.58 -23.52 -57.71
C GLN U 54 37.96 -24.45 -58.86
N GLN U 55 36.97 -25.16 -59.39
CA GLN U 55 37.17 -26.18 -60.40
C GLN U 55 37.08 -25.65 -61.83
N ARG U 56 36.73 -24.38 -62.01
CA ARG U 56 36.63 -23.80 -63.35
C ARG U 56 37.96 -23.20 -63.79
N ASP U 57 39.02 -23.99 -63.71
CA ASP U 57 40.35 -23.57 -64.10
C ASP U 57 40.59 -23.94 -65.55
N TYR U 58 41.85 -23.87 -66.00
CA TYR U 58 42.25 -24.16 -67.39
C TYR U 58 42.22 -25.63 -67.74
N CYS U 59 41.69 -26.52 -66.91
CA CYS U 59 41.59 -27.94 -67.24
C CYS U 59 40.25 -28.49 -66.76
N ALA U 60 39.22 -27.66 -66.84
CA ALA U 60 37.86 -28.04 -66.45
C ALA U 60 37.18 -28.94 -67.47
N HIS U 61 37.71 -29.04 -68.69
CA HIS U 61 37.07 -29.85 -69.72
C HIS U 61 37.21 -31.33 -69.44
N TYR U 62 38.36 -31.75 -68.90
CA TYR U 62 38.49 -33.13 -68.45
C TYR U 62 37.60 -33.42 -67.25
N LEU U 63 37.37 -32.42 -66.39
CA LEU U 63 36.43 -32.59 -65.29
C LEU U 63 35.00 -32.75 -65.78
N ILE U 64 34.62 -31.99 -66.82
CA ILE U 64 33.29 -32.13 -67.39
C ILE U 64 33.11 -33.50 -68.03
N ARG U 65 34.15 -33.98 -68.73
CA ARG U 65 34.12 -35.33 -69.29
C ARG U 65 34.01 -36.40 -68.20
N PHE U 66 34.74 -36.22 -67.09
CA PHE U 66 34.69 -37.18 -66.00
C PHE U 66 33.34 -37.18 -65.29
N LEU U 67 32.74 -36.00 -65.10
CA LEU U 67 31.44 -35.95 -64.45
C LEU U 67 30.33 -36.51 -65.35
N LYS U 68 30.44 -36.30 -66.67
CA LYS U 68 29.47 -36.92 -67.58
C LYS U 68 29.63 -38.43 -67.60
N CYS U 69 30.87 -38.93 -67.53
CA CYS U 69 31.10 -40.37 -67.41
C CYS U 69 30.52 -40.91 -66.11
N LYS U 70 30.77 -40.20 -65.00
CA LYS U 70 30.33 -40.63 -63.69
C LYS U 70 28.81 -40.67 -63.58
N ARG U 71 28.12 -39.74 -64.27
CA ARG U 71 26.67 -39.83 -64.34
C ARG U 71 26.24 -41.00 -65.22
N ASP U 72 26.83 -41.14 -66.40
CA ASP U 72 26.36 -42.10 -67.38
C ASP U 72 26.71 -43.55 -67.05
N SER U 73 27.63 -43.79 -66.12
CA SER U 73 28.04 -45.15 -65.79
C SER U 73 27.49 -45.63 -64.46
N PHE U 74 26.49 -44.95 -63.91
CA PHE U 74 25.85 -45.39 -62.68
C PHE U 74 25.06 -46.68 -62.94
N PRO U 75 25.06 -47.64 -62.01
CA PRO U 75 25.68 -47.71 -60.68
C PRO U 75 27.12 -48.20 -60.64
N ASN U 76 27.73 -48.44 -61.80
CA ASN U 76 29.11 -48.90 -61.81
C ASN U 76 30.02 -47.72 -61.47
N PHE U 77 30.31 -47.55 -60.18
CA PHE U 77 31.08 -46.40 -59.70
C PHE U 77 32.57 -46.57 -59.85
N LEU U 78 33.04 -47.66 -60.44
CA LEU U 78 34.46 -47.89 -60.66
C LEU U 78 34.82 -47.81 -62.13
N ALA U 79 33.93 -47.26 -62.96
CA ALA U 79 34.01 -47.40 -64.40
C ALA U 79 34.54 -46.15 -65.11
N CYS U 80 35.03 -45.16 -64.37
CA CYS U 80 35.53 -43.94 -64.98
C CYS U 80 36.89 -43.58 -64.41
N LYS U 81 37.77 -44.58 -64.32
CA LYS U 81 39.11 -44.33 -63.84
C LYS U 81 39.95 -43.57 -64.85
N HIS U 82 39.66 -43.75 -66.15
CA HIS U 82 40.48 -43.14 -67.18
C HIS U 82 40.20 -41.64 -67.31
N GLU U 83 38.92 -41.25 -67.24
CA GLU U 83 38.58 -39.84 -67.29
C GLU U 83 39.07 -39.11 -66.04
N GLN U 84 38.98 -39.78 -64.89
CA GLN U 84 39.51 -39.22 -63.65
C GLN U 84 41.02 -39.08 -63.71
N HIS U 85 41.70 -40.05 -64.31
CA HIS U 85 43.15 -39.94 -64.45
C HIS U 85 43.55 -38.87 -65.46
N ASP U 86 42.73 -38.64 -66.49
CA ASP U 86 43.00 -37.56 -67.42
C ASP U 86 42.87 -36.21 -66.73
N TRP U 87 41.83 -36.04 -65.92
CA TRP U 87 41.67 -34.80 -65.16
C TRP U 87 42.77 -34.62 -64.13
N ASP U 88 43.18 -35.71 -63.46
CA ASP U 88 44.26 -35.64 -62.48
C ASP U 88 45.60 -35.33 -63.13
N TYR U 89 45.84 -35.87 -64.33
CA TYR U 89 47.09 -35.60 -65.02
C TYR U 89 47.14 -34.19 -65.56
N CYS U 90 46.00 -33.64 -65.99
CA CYS U 90 46.05 -32.26 -66.47
C CYS U 90 46.14 -31.28 -65.31
N GLU U 91 45.57 -31.64 -64.14
CA GLU U 91 45.81 -30.86 -62.93
C GLU U 91 47.28 -30.95 -62.51
N HIS U 92 47.89 -32.11 -62.68
CA HIS U 92 49.33 -32.26 -62.44
C HIS U 92 50.15 -31.35 -63.33
N LEU U 93 49.79 -31.27 -64.61
CA LEU U 93 50.51 -30.40 -65.53
C LEU U 93 50.32 -28.93 -65.17
N ASP U 94 49.12 -28.56 -64.71
CA ASP U 94 48.88 -27.20 -64.22
C ASP U 94 49.74 -26.89 -63.00
N TYR U 95 49.88 -27.85 -62.09
CA TYR U 95 50.70 -27.66 -60.91
C TYR U 95 52.18 -27.56 -61.27
N VAL U 96 52.61 -28.31 -62.29
CA VAL U 96 53.98 -28.19 -62.79
C VAL U 96 54.22 -26.82 -63.40
N LYS U 97 53.21 -26.28 -64.09
CA LYS U 97 53.32 -24.91 -64.61
C LYS U 97 53.42 -23.89 -63.49
N ARG U 98 52.70 -24.11 -62.39
CA ARG U 98 52.82 -23.23 -61.22
C ARG U 98 54.21 -23.32 -60.60
N MET U 99 54.78 -24.52 -60.56
CA MET U 99 56.16 -24.70 -60.09
C MET U 99 57.15 -24.01 -61.01
N LYS U 100 56.90 -24.03 -62.31
CA LYS U 100 57.77 -23.36 -63.27
C LYS U 100 57.68 -21.85 -63.12
N GLU U 101 56.51 -21.33 -62.80
CA GLU U 101 56.38 -19.90 -62.51
C GLU U 101 57.15 -19.52 -61.25
N PHE U 102 57.10 -20.38 -60.24
CA PHE U 102 57.85 -20.11 -59.01
C PHE U 102 59.36 -20.12 -59.26
N GLU U 103 59.83 -21.12 -60.01
CA GLU U 103 61.26 -21.20 -60.30
C GLU U 103 61.72 -20.08 -61.23
N ARG U 104 60.86 -19.64 -62.15
CA ARG U 104 61.15 -18.51 -63.00
C ARG U 104 61.32 -17.23 -62.19
N GLU U 105 60.41 -17.00 -61.23
CA GLU U 105 60.52 -15.81 -60.40
C GLU U 105 61.73 -15.87 -59.47
N ARG U 106 62.08 -17.06 -59.00
CA ARG U 106 63.25 -17.20 -58.15
C ARG U 106 64.54 -16.95 -58.92
N ARG U 107 64.62 -17.45 -60.15
CA ARG U 107 65.82 -17.21 -60.96
C ARG U 107 65.91 -15.76 -61.44
N LEU U 108 64.77 -15.10 -61.66
CA LEU U 108 64.84 -13.68 -62.00
C LEU U 108 65.22 -12.82 -60.80
N LEU U 109 64.82 -13.22 -59.59
CA LEU U 109 65.32 -12.50 -58.42
C LEU U 109 66.81 -12.74 -58.20
N GLN U 110 67.30 -13.95 -58.52
CA GLN U 110 68.74 -14.18 -58.54
C GLN U 110 69.44 -13.32 -59.58
N ARG U 111 68.79 -13.13 -60.74
CA ARG U 111 69.35 -12.26 -61.77
C ARG U 111 69.42 -10.81 -61.31
N LYS U 112 68.38 -10.33 -60.64
CA LYS U 112 68.39 -8.97 -60.11
C LYS U 112 69.45 -8.80 -59.01
N LYS U 113 69.63 -9.84 -58.18
CA LYS U 113 70.66 -9.80 -57.15
C LYS U 113 72.06 -9.73 -57.77
N ARG U 114 72.32 -10.57 -58.78
CA ARG U 114 73.61 -10.54 -59.46
C ARG U 114 73.81 -9.24 -60.24
N ARG U 115 72.72 -8.66 -60.76
CA ARG U 115 72.79 -7.40 -61.47
C ARG U 115 73.18 -6.26 -60.54
N GLU U 116 72.54 -6.17 -59.37
CA GLU U 116 72.86 -5.09 -58.46
C GLU U 116 74.22 -5.30 -57.80
N GLN U 117 74.65 -6.55 -57.61
CA GLN U 117 75.99 -6.79 -57.09
C GLN U 117 77.07 -6.45 -58.12
N ARG U 118 76.80 -6.73 -59.40
CA ARG U 118 77.75 -6.35 -60.45
C ARG U 118 77.78 -4.84 -60.64
N GLU U 119 76.64 -4.17 -60.48
CA GLU U 119 76.62 -2.72 -60.55
C GLU U 119 77.33 -2.09 -59.35
N ALA U 120 77.25 -2.71 -58.18
CA ALA U 120 77.94 -2.18 -57.01
C ALA U 120 79.45 -2.42 -57.10
N ASP U 121 79.86 -3.58 -57.62
CA ASP U 121 81.28 -3.88 -57.74
C ASP U 121 81.93 -3.13 -58.89
N MET U 122 81.19 -2.87 -59.97
CA MET U 122 81.76 -2.18 -61.12
C MET U 122 81.83 -0.68 -60.89
N ALA U 123 80.69 -0.05 -60.66
CA ALA U 123 80.65 1.40 -60.43
C ALA U 123 80.51 1.71 -58.94
N ALA V 2 40.66 -40.99 13.08
CA ALA V 2 40.22 -39.73 12.48
C ALA V 2 38.70 -39.66 12.38
N PHE V 3 38.09 -40.66 11.76
CA PHE V 3 36.63 -40.71 11.65
C PHE V 3 36.22 -42.17 11.48
N LEU V 4 35.75 -42.79 12.56
CA LEU V 4 35.39 -44.20 12.57
C LEU V 4 34.13 -44.38 13.40
N PRO V 5 33.26 -45.34 13.04
CA PRO V 5 32.01 -45.50 13.79
C PRO V 5 32.19 -46.05 15.21
N SER V 6 33.06 -47.04 15.39
CA SER V 6 33.27 -47.60 16.73
C SER V 6 34.41 -46.90 17.46
N ALA V 7 35.61 -46.91 16.87
CA ALA V 7 36.75 -46.30 17.51
C ALA V 7 36.74 -44.79 17.33
N ALA V 8 37.32 -44.09 18.30
CA ALA V 8 37.46 -42.64 18.21
C ALA V 8 38.66 -42.22 17.38
N TYR V 9 39.57 -43.12 17.06
CA TYR V 9 40.81 -42.79 16.37
C TYR V 9 41.33 -44.03 15.66
N LEU V 10 42.44 -43.85 14.97
CA LEU V 10 43.22 -44.95 14.43
C LEU V 10 44.44 -45.14 15.32
N THR V 11 44.75 -46.38 15.66
CA THR V 11 45.99 -46.63 16.38
C THR V 11 47.16 -46.58 15.41
N HIS V 12 48.37 -46.64 15.96
CA HIS V 12 49.57 -46.62 15.13
C HIS V 12 49.66 -47.85 14.25
N GLN V 13 49.27 -49.01 14.78
CA GLN V 13 49.27 -50.26 14.04
C GLN V 13 48.28 -50.22 12.88
N GLN V 14 47.11 -49.61 13.12
CA GLN V 14 46.12 -49.46 12.06
C GLN V 14 46.59 -48.49 10.98
N LYS V 15 47.30 -47.42 11.37
CA LYS V 15 47.85 -46.49 10.39
C LYS V 15 48.92 -47.15 9.53
N VAL V 16 49.76 -47.98 10.14
CA VAL V 16 50.79 -48.70 9.39
C VAL V 16 50.16 -49.67 8.41
N LEU V 17 49.12 -50.38 8.84
CA LEU V 17 48.50 -51.36 7.94
C LEU V 17 47.74 -50.69 6.80
N GLN V 18 47.10 -49.54 7.07
CA GLN V 18 46.42 -48.82 6.00
C GLN V 18 47.41 -48.21 5.02
N LEU V 19 48.56 -47.73 5.51
CA LEU V 19 49.62 -47.28 4.61
C LEU V 19 50.16 -48.43 3.76
N TYR V 20 50.31 -49.61 4.37
CA TYR V 20 50.83 -50.76 3.65
C TYR V 20 49.88 -51.20 2.54
N LYS V 21 48.57 -51.18 2.81
CA LYS V 21 47.61 -51.56 1.78
C LYS V 21 47.52 -50.50 0.67
N ARG V 22 47.51 -49.20 1.03
CA ARG V 22 47.50 -48.15 0.02
C ARG V 22 48.77 -48.18 -0.84
N ALA V 23 49.92 -48.46 -0.23
CA ALA V 23 51.17 -48.50 -0.96
C ALA V 23 51.21 -49.69 -1.90
N LEU V 24 50.65 -50.84 -1.48
CA LEU V 24 50.62 -51.99 -2.39
C LEU V 24 49.65 -51.78 -3.54
N ARG V 25 48.51 -51.12 -3.30
CA ARG V 25 47.57 -50.87 -4.39
C ARG V 25 48.13 -49.86 -5.38
N HIS V 26 48.77 -48.79 -4.89
CA HIS V 26 49.41 -47.84 -5.79
C HIS V 26 50.62 -48.45 -6.50
N LEU V 27 51.35 -49.35 -5.84
CA LEU V 27 52.44 -50.04 -6.51
C LEU V 27 51.93 -50.98 -7.58
N GLU V 28 50.76 -51.58 -7.38
CA GLU V 28 50.16 -52.40 -8.41
C GLU V 28 49.66 -51.57 -9.58
N SER V 29 49.19 -50.36 -9.30
CA SER V 29 48.81 -49.44 -10.38
C SER V 29 50.04 -48.99 -11.18
N ARG V 30 51.16 -48.72 -10.50
CA ARG V 30 52.38 -48.36 -11.21
C ARG V 30 52.97 -49.54 -11.96
N CYS V 31 52.78 -50.75 -11.45
CA CYS V 31 53.54 -51.95 -11.81
C CYS V 31 52.65 -53.01 -12.41
N VAL V 32 51.89 -52.63 -13.44
CA VAL V 32 50.71 -53.30 -14.03
C VAL V 32 50.81 -54.81 -14.11
N HIS V 33 51.96 -55.31 -14.54
CA HIS V 33 52.13 -56.74 -14.79
C HIS V 33 52.33 -57.50 -13.48
N ARG V 34 51.84 -58.74 -13.45
CA ARG V 34 51.66 -59.43 -12.18
C ARG V 34 52.98 -59.90 -11.59
N ASP V 35 53.92 -60.34 -12.44
CA ASP V 35 55.23 -60.73 -11.94
C ASP V 35 56.05 -59.52 -11.49
N LYS V 36 55.89 -58.39 -12.19
CA LYS V 36 56.65 -57.20 -11.86
C LYS V 36 56.12 -56.57 -10.57
N TYR V 37 54.79 -56.51 -10.44
CA TYR V 37 54.16 -56.17 -9.17
C TYR V 37 54.56 -57.13 -8.07
N ARG V 38 54.69 -58.41 -8.38
CA ARG V 38 54.94 -59.40 -7.35
C ARG V 38 56.35 -59.25 -6.79
N TYR V 39 57.32 -58.97 -7.67
CA TYR V 39 58.68 -58.63 -7.27
C TYR V 39 58.73 -57.36 -6.41
N PHE V 40 58.14 -56.26 -6.89
CA PHE V 40 58.24 -55.02 -6.12
C PHE V 40 57.37 -55.04 -4.87
N ALA V 41 56.34 -55.87 -4.83
CA ALA V 41 55.55 -56.02 -3.61
C ALA V 41 56.32 -56.78 -2.55
N CYS V 42 57.13 -57.76 -2.96
CA CYS V 42 58.03 -58.39 -1.99
C CYS V 42 59.10 -57.43 -1.50
N LEU V 43 59.59 -56.55 -2.38
CA LEU V 43 60.56 -55.55 -1.93
C LEU V 43 59.93 -54.55 -0.96
N LEU V 44 58.67 -54.17 -1.19
CA LEU V 44 57.99 -53.27 -0.28
C LEU V 44 57.67 -53.94 1.05
N ARG V 45 57.30 -55.22 1.02
CA ARG V 45 57.15 -55.99 2.25
C ARG V 45 58.46 -56.11 3.00
N ALA V 46 59.58 -56.20 2.30
CA ALA V 46 60.87 -56.20 2.97
C ALA V 46 61.19 -54.85 3.60
N ARG V 47 60.75 -53.76 2.96
CA ARG V 47 60.94 -52.45 3.58
C ARG V 47 60.04 -52.28 4.81
N PHE V 48 58.87 -52.88 4.81
CA PHE V 48 57.99 -52.83 5.99
C PHE V 48 58.44 -53.77 7.11
N ASP V 49 59.12 -54.86 6.78
CA ASP V 49 59.58 -55.78 7.81
C ASP V 49 60.87 -55.32 8.49
N GLU V 50 61.56 -54.34 7.92
CA GLU V 50 62.82 -53.88 8.49
C GLU V 50 62.59 -53.14 9.81
N HIS V 51 61.58 -52.28 9.86
CA HIS V 51 61.27 -51.51 11.05
C HIS V 51 60.07 -52.07 11.79
N LYS V 52 59.81 -53.37 11.64
CA LYS V 52 58.64 -53.98 12.27
C LYS V 52 58.83 -54.12 13.77
N ASN V 53 60.03 -54.51 14.20
CA ASN V 53 60.31 -54.70 15.62
C ASN V 53 60.99 -53.44 16.17
N GLU V 54 60.24 -52.35 16.11
CA GLU V 54 60.68 -51.05 16.61
C GLU V 54 59.88 -50.73 17.87
N LYS V 55 60.58 -50.62 18.99
CA LYS V 55 59.91 -50.40 20.28
C LYS V 55 59.73 -48.92 20.60
N ASP V 56 60.59 -48.06 20.08
CA ASP V 56 60.49 -46.62 20.32
C ASP V 56 59.34 -46.07 19.48
N MET V 57 58.26 -45.66 20.14
CA MET V 57 57.07 -45.21 19.43
C MET V 57 57.26 -43.83 18.78
N VAL V 58 58.16 -43.02 19.31
CA VAL V 58 58.48 -41.75 18.65
C VAL V 58 59.23 -42.01 17.35
N LYS V 59 60.19 -42.95 17.38
CA LYS V 59 60.92 -43.34 16.18
C LYS V 59 59.98 -44.00 15.17
N ALA V 60 59.05 -44.81 15.65
CA ALA V 60 58.10 -45.47 14.76
C ALA V 60 57.11 -44.47 14.16
N THR V 61 56.70 -43.47 14.93
CA THR V 61 55.82 -42.42 14.40
C THR V 61 56.55 -41.57 13.37
N GLN V 62 57.84 -41.31 13.59
CA GLN V 62 58.65 -40.58 12.62
C GLN V 62 58.81 -41.36 11.33
N LEU V 63 59.08 -42.67 11.44
CA LEU V 63 59.20 -43.53 10.27
C LEU V 63 57.88 -43.61 9.50
N LEU V 64 56.76 -43.66 10.22
CA LEU V 64 55.44 -43.65 9.58
C LEU V 64 55.19 -42.33 8.86
N ARG V 65 55.64 -41.22 9.44
CA ARG V 65 55.39 -39.91 8.84
C ARG V 65 56.21 -39.71 7.57
N GLU V 66 57.51 -40.04 7.60
CA GLU V 66 58.27 -39.95 6.36
C GLU V 66 57.89 -41.04 5.36
N ALA V 67 57.31 -42.16 5.81
CA ALA V 67 56.78 -43.12 4.87
C ALA V 67 55.52 -42.62 4.20
N GLU V 68 54.72 -41.80 4.89
CA GLU V 68 53.59 -41.17 4.24
C GLU V 68 54.04 -40.12 3.23
N LYS V 69 55.13 -39.40 3.54
CA LYS V 69 55.69 -38.48 2.54
C LYS V 69 56.25 -39.24 1.34
N GLU V 70 56.87 -40.40 1.58
CA GLU V 70 57.31 -41.32 0.54
C GLU V 70 56.15 -41.74 -0.36
N PHE V 71 55.03 -42.14 0.26
CA PHE V 71 53.85 -42.55 -0.50
C PHE V 71 53.26 -41.40 -1.29
N TRP V 72 53.21 -40.20 -0.69
CA TRP V 72 52.60 -39.08 -1.38
C TRP V 72 53.44 -38.63 -2.57
N HIS V 73 54.76 -38.78 -2.49
CA HIS V 73 55.57 -38.55 -3.67
C HIS V 73 55.36 -39.65 -4.70
N GLY V 74 55.25 -40.90 -4.26
CA GLY V 74 55.24 -42.00 -5.21
C GLY V 74 53.89 -42.59 -5.58
N GLN V 75 52.80 -41.89 -5.31
CA GLN V 75 51.49 -42.44 -5.63
C GLN V 75 51.20 -42.32 -7.12
N HIS V 76 50.27 -43.17 -7.59
CA HIS V 76 49.83 -43.10 -8.97
C HIS V 76 48.81 -41.98 -9.11
N PRO V 77 48.87 -41.19 -10.19
CA PRO V 77 47.84 -40.14 -10.38
C PRO V 77 46.45 -40.70 -10.63
N GLN V 78 46.35 -41.80 -11.39
CA GLN V 78 45.10 -42.56 -11.56
C GLN V 78 45.34 -43.97 -11.04
N PRO V 79 45.18 -44.20 -9.75
CA PRO V 79 45.29 -45.57 -9.24
C PRO V 79 44.09 -46.40 -9.67
N TYR V 80 44.27 -47.71 -9.61
CA TYR V 80 43.16 -48.60 -9.89
C TYR V 80 42.13 -48.52 -8.79
N ILE V 81 40.88 -48.31 -9.19
CA ILE V 81 39.74 -48.33 -8.28
C ILE V 81 38.86 -49.48 -8.73
N PHE V 82 38.44 -50.32 -7.79
CA PHE V 82 37.45 -51.35 -8.09
C PHE V 82 36.16 -50.69 -8.55
N PRO V 83 35.41 -51.33 -9.46
CA PRO V 83 34.27 -50.64 -10.09
C PRO V 83 33.15 -50.25 -9.15
N GLU V 84 32.77 -51.09 -8.19
CA GLU V 84 31.77 -50.66 -7.22
C GLU V 84 32.36 -49.88 -6.05
N SER V 85 33.65 -49.67 -6.02
CA SER V 85 34.29 -48.93 -4.95
C SER V 85 34.17 -47.43 -5.20
N PRO V 86 34.11 -46.60 -4.12
CA PRO V 86 34.02 -45.14 -4.29
C PRO V 86 35.07 -44.49 -5.16
N GLY V 87 34.61 -43.77 -6.18
CA GLY V 87 35.46 -43.31 -7.24
C GLY V 87 35.53 -44.23 -8.43
N GLY V 88 34.92 -45.41 -8.34
CA GLY V 88 34.92 -46.35 -9.44
C GLY V 88 33.92 -45.99 -10.51
N THR V 89 34.02 -46.70 -11.63
CA THR V 89 33.18 -46.39 -12.78
C THR V 89 31.77 -46.95 -12.63
N SER V 90 31.58 -47.90 -11.73
CA SER V 90 30.26 -48.48 -11.48
C SER V 90 29.79 -48.21 -10.05
N TYR V 91 30.46 -47.32 -9.35
CA TYR V 91 30.08 -46.97 -7.99
C TYR V 91 28.76 -46.22 -7.97
N GLU V 92 27.89 -46.64 -7.04
CA GLU V 92 26.52 -46.15 -6.82
C GLU V 92 25.72 -46.08 -8.12
N ARG V 93 25.98 -47.02 -9.03
CA ARG V 93 25.28 -47.09 -10.30
C ARG V 93 23.85 -47.59 -10.12
N TYR V 94 23.64 -48.53 -9.21
CA TYR V 94 22.35 -49.18 -9.07
C TYR V 94 21.49 -48.55 -7.99
N GLU V 95 21.88 -47.39 -7.47
CA GLU V 95 21.10 -46.72 -6.42
C GLU V 95 19.77 -46.23 -6.94
N CYS V 96 19.67 -45.96 -8.24
CA CYS V 96 18.39 -45.62 -8.84
C CYS V 96 17.44 -46.80 -8.90
N TYR V 97 17.93 -48.03 -8.71
CA TYR V 97 17.06 -49.19 -8.70
C TYR V 97 16.79 -49.70 -7.29
N LYS V 98 17.36 -49.08 -6.27
CA LYS V 98 17.22 -49.55 -4.90
C LYS V 98 16.01 -48.87 -4.26
N VAL V 99 14.84 -49.32 -4.66
CA VAL V 99 13.58 -48.82 -4.12
C VAL V 99 13.43 -49.32 -2.69
N PRO V 100 13.12 -48.46 -1.72
CA PRO V 100 12.93 -48.93 -0.34
C PRO V 100 11.66 -49.74 -0.19
N GLU V 101 11.64 -50.58 0.86
CA GLU V 101 10.58 -51.57 1.02
C GLU V 101 9.23 -50.94 1.36
N TRP V 102 9.22 -49.76 2.00
CA TRP V 102 7.98 -49.13 2.44
C TRP V 102 7.10 -48.71 1.28
N CYS V 103 7.65 -48.58 0.08
CA CYS V 103 6.87 -48.28 -1.12
C CYS V 103 5.88 -49.38 -1.44
N LEU V 104 6.17 -50.62 -1.01
CA LEU V 104 5.22 -51.71 -1.19
C LEU V 104 3.96 -51.52 -0.37
N ASP V 105 4.01 -50.68 0.66
CA ASP V 105 2.80 -50.35 1.39
C ASP V 105 1.85 -49.48 0.57
N ASP V 106 2.37 -48.76 -0.43
CA ASP V 106 1.55 -47.86 -1.23
C ASP V 106 1.05 -48.51 -2.51
N TRP V 107 1.29 -49.80 -2.71
CA TRP V 107 0.77 -50.47 -3.89
C TRP V 107 -0.74 -50.59 -3.82
N HIS V 108 -1.35 -50.57 -5.01
CA HIS V 108 -2.78 -50.78 -5.15
C HIS V 108 -3.09 -52.24 -4.82
N PRO V 109 -4.30 -52.53 -4.33
CA PRO V 109 -4.67 -53.94 -4.07
C PRO V 109 -4.71 -54.81 -5.31
N SER V 110 -4.85 -54.25 -6.51
CA SER V 110 -4.83 -55.08 -7.72
C SER V 110 -3.42 -55.54 -8.06
N GLU V 111 -2.41 -54.77 -7.70
CA GLU V 111 -1.03 -55.18 -7.92
C GLU V 111 -0.41 -55.86 -6.71
N LYS V 112 -1.04 -55.77 -5.53
CA LYS V 112 -0.68 -56.65 -4.43
C LYS V 112 -1.26 -58.04 -4.61
N ALA V 113 -2.39 -58.15 -5.29
CA ALA V 113 -3.01 -59.46 -5.55
C ALA V 113 -2.24 -60.24 -6.60
N MET V 114 -1.36 -59.58 -7.35
CA MET V 114 -0.51 -60.27 -8.31
C MET V 114 0.56 -61.09 -7.61
N TYR V 115 0.88 -60.76 -6.36
CA TYR V 115 1.89 -61.47 -5.57
C TYR V 115 1.28 -61.81 -4.22
N PRO V 116 0.43 -62.84 -4.14
CA PRO V 116 -0.29 -63.09 -2.88
C PRO V 116 0.61 -63.65 -1.79
N ASP V 117 1.48 -64.59 -2.15
CA ASP V 117 2.33 -65.24 -1.17
C ASP V 117 3.44 -64.31 -0.69
N TYR V 118 3.93 -63.43 -1.58
CA TYR V 118 4.95 -62.46 -1.19
C TYR V 118 4.42 -61.49 -0.15
N PHE V 119 3.24 -60.93 -0.38
CA PHE V 119 2.72 -59.97 0.57
C PHE V 119 2.20 -60.63 1.83
N ALA V 120 1.71 -61.87 1.73
CA ALA V 120 1.37 -62.63 2.93
C ALA V 120 2.61 -62.94 3.76
N LYS V 121 3.77 -63.07 3.12
CA LYS V 121 5.01 -63.29 3.84
C LYS V 121 5.63 -61.97 4.31
N ARG V 122 5.30 -60.87 3.63
CA ARG V 122 5.73 -59.54 4.06
C ARG V 122 5.00 -59.12 5.33
N GLU V 123 3.73 -59.50 5.47
CA GLU V 123 2.97 -59.08 6.63
C GLU V 123 3.45 -59.73 7.91
N GLN V 124 4.00 -60.94 7.84
CA GLN V 124 4.54 -61.52 9.06
C GLN V 124 5.91 -60.97 9.42
N TRP V 125 6.68 -60.47 8.44
CA TRP V 125 7.86 -59.66 8.75
C TRP V 125 7.47 -58.36 9.43
N LYS V 126 6.42 -57.71 8.95
CA LYS V 126 5.97 -56.47 9.57
C LYS V 126 5.43 -56.71 10.98
N LYS V 127 4.76 -57.84 11.19
CA LYS V 127 4.27 -58.21 12.50
C LYS V 127 5.41 -58.52 13.46
N LEU V 128 6.43 -59.26 12.98
CA LEU V 128 7.63 -59.54 13.77
C LEU V 128 8.35 -58.26 14.17
N ARG V 129 8.42 -57.30 13.25
CA ARG V 129 9.11 -56.05 13.53
C ARG V 129 8.35 -55.21 14.57
N ARG V 130 7.03 -55.14 14.45
CA ARG V 130 6.30 -54.34 15.43
C ARG V 130 6.11 -55.03 16.77
N GLU V 131 6.23 -56.36 16.87
CA GLU V 131 6.33 -56.92 18.20
C GLU V 131 7.74 -56.97 18.76
N SER V 132 8.76 -56.79 17.93
CA SER V 132 10.11 -56.72 18.46
C SER V 132 10.53 -55.32 18.89
N TRP V 133 9.83 -54.29 18.41
CA TRP V 133 10.29 -52.91 18.58
C TRP V 133 10.36 -52.46 20.03
N GLU V 134 9.32 -52.72 20.82
CA GLU V 134 9.32 -52.21 22.18
C GLU V 134 10.31 -52.95 23.07
N ARG V 135 10.51 -54.24 22.81
CA ARG V 135 11.53 -55.00 23.54
C ARG V 135 12.93 -54.52 23.20
N GLU V 136 13.16 -54.14 21.95
CA GLU V 136 14.51 -53.72 21.62
C GLU V 136 14.79 -52.27 22.03
N VAL V 137 13.75 -51.43 22.09
CA VAL V 137 13.91 -50.10 22.70
C VAL V 137 14.23 -50.22 24.18
N LYS V 138 13.48 -51.07 24.91
CA LYS V 138 13.78 -51.22 26.32
C LYS V 138 15.06 -52.00 26.57
N GLN V 139 15.56 -52.74 25.58
CA GLN V 139 16.91 -53.28 25.67
C GLN V 139 17.96 -52.18 25.53
N LEU V 140 17.75 -51.26 24.58
CA LEU V 140 18.73 -50.19 24.38
C LEU V 140 18.79 -49.24 25.58
N GLN V 141 17.65 -48.93 26.18
CA GLN V 141 17.70 -47.95 27.26
C GLN V 141 18.13 -48.55 28.59
N GLU V 142 18.10 -49.87 28.74
CA GLU V 142 18.61 -50.52 29.95
C GLU V 142 20.08 -50.89 29.82
N GLU V 143 20.68 -50.64 28.66
CA GLU V 143 22.05 -51.02 28.39
C GLU V 143 22.93 -49.83 28.02
N THR V 144 22.34 -48.74 27.54
CA THR V 144 23.10 -47.52 27.29
C THR V 144 23.42 -46.85 28.62
N PRO V 145 24.65 -46.42 28.84
CA PRO V 145 24.99 -45.71 30.09
C PRO V 145 24.37 -44.33 30.16
N VAL V 146 24.55 -43.69 31.31
CA VAL V 146 24.00 -42.36 31.50
C VAL V 146 24.83 -41.34 30.73
N GLY V 147 24.14 -40.39 30.09
CA GLY V 147 24.79 -39.45 29.22
C GLY V 147 24.77 -39.82 27.75
N GLY V 148 24.26 -41.00 27.42
CA GLY V 148 24.17 -41.42 26.04
C GLY V 148 25.20 -42.49 25.70
N PRO V 149 25.11 -43.05 24.50
CA PRO V 149 26.09 -44.05 24.09
C PRO V 149 27.44 -43.43 23.79
N ARG V 150 28.50 -44.17 24.12
CA ARG V 150 29.84 -43.67 23.87
C ARG V 150 30.26 -43.91 22.42
N THR V 151 30.08 -45.13 21.94
CA THR V 151 30.37 -45.49 20.56
C THR V 151 29.07 -45.78 19.83
N GLU V 152 29.16 -45.94 18.52
CA GLU V 152 28.00 -46.22 17.70
C GLU V 152 27.69 -47.70 17.59
N ALA V 153 28.39 -48.56 18.35
CA ALA V 153 28.15 -49.98 18.29
C ALA V 153 26.83 -50.33 18.99
N LEU V 154 26.09 -51.18 18.37
CA LEU V 154 24.81 -51.63 18.91
C LEU V 154 24.97 -53.02 19.53
N PRO V 155 24.20 -53.35 20.57
CA PRO V 155 24.34 -54.66 21.21
C PRO V 155 23.62 -55.72 20.41
N PRO V 156 23.93 -56.99 20.63
CA PRO V 156 23.13 -58.07 20.06
C PRO V 156 21.89 -58.33 20.92
N ALA V 157 21.08 -59.28 20.47
CA ALA V 157 19.99 -59.78 21.29
C ALA V 157 20.54 -60.67 22.38
N ARG V 158 20.05 -60.50 23.60
CA ARG V 158 20.59 -61.21 24.74
C ARG V 158 19.70 -62.36 25.19
N LYS V 159 18.40 -62.32 24.89
CA LYS V 159 17.47 -63.36 25.25
C LYS V 159 17.14 -64.22 24.02
N GLN V 160 16.56 -65.39 24.30
CA GLN V 160 16.10 -66.29 23.24
C GLN V 160 14.68 -65.88 22.87
N GLY V 161 14.53 -65.28 21.71
CA GLY V 161 13.24 -64.79 21.28
C GLY V 161 13.31 -63.33 20.88
N ASP V 162 14.33 -62.63 21.37
CA ASP V 162 14.55 -61.24 21.01
C ASP V 162 15.35 -61.15 19.72
N LEU V 163 15.12 -60.09 19.00
CA LEU V 163 15.86 -59.69 17.83
C LEU V 163 16.86 -58.62 18.22
N PRO V 164 17.94 -58.43 17.45
CA PRO V 164 18.91 -57.40 17.79
C PRO V 164 18.29 -56.03 17.65
N PRO V 165 18.60 -55.09 18.53
CA PRO V 165 17.99 -53.76 18.44
C PRO V 165 18.44 -53.00 17.21
N LEU V 166 17.46 -52.33 16.59
CA LEU V 166 17.62 -51.52 15.38
C LEU V 166 18.11 -52.37 14.21
N TRP V 167 17.28 -53.34 13.83
CA TRP V 167 17.66 -54.35 12.86
C TRP V 167 16.99 -54.21 11.50
N TRP V 168 15.88 -53.45 11.41
CA TRP V 168 15.00 -53.53 10.26
C TRP V 168 15.63 -52.99 8.99
N HIS V 169 16.28 -51.83 9.08
CA HIS V 169 16.89 -51.28 7.87
C HIS V 169 18.23 -51.89 7.55
N ILE V 170 18.78 -52.74 8.42
CA ILE V 170 19.93 -53.54 8.05
C ILE V 170 19.48 -54.80 7.32
N VAL V 171 18.41 -55.42 7.81
CA VAL V 171 17.93 -56.67 7.25
C VAL V 171 17.17 -56.43 5.95
N THR V 172 16.27 -55.46 5.95
CA THR V 172 15.42 -55.20 4.79
C THR V 172 16.01 -54.18 3.84
N ARG V 173 17.33 -54.00 3.84
CA ARG V 173 17.95 -53.10 2.89
C ARG V 173 17.86 -53.70 1.48
N PRO V 174 17.89 -52.87 0.44
CA PRO V 174 17.84 -53.40 -0.92
C PRO V 174 19.07 -54.21 -1.27
N ARG V 175 18.91 -55.03 -2.31
CA ARG V 175 20.04 -55.77 -2.84
C ARG V 175 20.98 -54.83 -3.58
N GLU V 176 22.24 -55.25 -3.74
CA GLU V 176 23.17 -54.45 -4.53
C GLU V 176 22.83 -54.53 -6.01
N ARG V 177 22.19 -55.61 -6.45
CA ARG V 177 21.67 -55.75 -7.81
C ARG V 177 20.18 -56.03 -7.70
N PRO V 178 19.34 -54.99 -7.54
CA PRO V 178 17.90 -55.21 -7.32
C PRO V 178 17.17 -55.74 -8.55
N ALA W 41 24.35 -75.35 -26.64
CA ALA W 41 24.85 -75.23 -25.27
C ALA W 41 25.60 -73.91 -25.09
N HIS W 42 25.18 -73.12 -24.11
CA HIS W 42 25.83 -71.84 -23.85
C HIS W 42 27.18 -72.06 -23.17
N ILE W 43 27.95 -70.99 -23.07
CA ILE W 43 29.30 -71.07 -22.53
C ILE W 43 29.22 -71.16 -21.00
N GLU W 44 29.83 -72.18 -20.46
CA GLU W 44 29.91 -72.38 -19.01
C GLU W 44 31.15 -71.66 -18.48
N PRO W 45 31.05 -70.89 -17.41
CA PRO W 45 32.22 -70.17 -16.91
C PRO W 45 33.24 -71.10 -16.28
N ARG W 46 34.50 -70.71 -16.39
CA ARG W 46 35.61 -71.49 -15.90
C ARG W 46 36.37 -70.71 -14.83
N TYR W 47 37.21 -71.42 -14.09
CA TYR W 47 37.92 -70.84 -12.95
C TYR W 47 39.41 -71.01 -13.16
N ARG W 48 40.12 -69.88 -13.25
CA ARG W 48 41.58 -69.79 -13.37
C ARG W 48 42.12 -70.47 -14.63
N GLN W 49 41.30 -70.58 -15.67
CA GLN W 49 41.74 -71.27 -16.87
C GLN W 49 41.07 -70.66 -18.08
N PHE W 50 41.58 -71.03 -19.25
CA PHE W 50 41.19 -70.40 -20.50
C PHE W 50 39.73 -70.73 -20.83
N PRO W 51 38.94 -69.74 -21.26
CA PRO W 51 37.51 -69.95 -21.42
C PRO W 51 37.17 -70.87 -22.59
N GLN W 52 35.92 -71.33 -22.58
CA GLN W 52 35.40 -72.13 -23.68
C GLN W 52 35.17 -71.24 -24.88
N LEU W 53 35.66 -71.68 -26.04
CA LEU W 53 35.46 -70.95 -27.29
C LEU W 53 34.52 -71.74 -28.18
N THR W 54 33.66 -71.01 -28.89
CA THR W 54 32.83 -71.58 -29.93
C THR W 54 33.65 -71.64 -31.22
N ARG W 55 33.37 -72.63 -32.06
CA ARG W 55 34.01 -72.71 -33.37
C ARG W 55 33.59 -71.54 -34.25
N SER W 56 32.35 -71.08 -34.10
CA SER W 56 31.79 -70.06 -34.98
C SER W 56 32.49 -68.71 -34.81
N GLN W 57 32.77 -68.31 -33.56
CA GLN W 57 33.44 -67.03 -33.34
C GLN W 57 34.88 -67.08 -33.82
N VAL W 58 35.53 -68.24 -33.76
CA VAL W 58 36.90 -68.36 -34.24
C VAL W 58 36.95 -68.27 -35.76
N ILE W 59 36.01 -68.93 -36.44
CA ILE W 59 36.04 -68.88 -37.90
C ILE W 59 35.58 -67.51 -38.42
N GLN W 60 34.68 -66.84 -37.70
CA GLN W 60 34.30 -65.47 -38.09
C GLN W 60 35.45 -64.49 -37.89
N ALA W 61 36.16 -64.61 -36.76
CA ALA W 61 37.29 -63.72 -36.50
C ALA W 61 38.41 -63.93 -37.51
N GLU W 62 38.72 -65.20 -37.83
CA GLU W 62 39.75 -65.48 -38.82
C GLU W 62 39.32 -65.04 -40.21
N PHE W 63 38.02 -65.17 -40.53
CA PHE W 63 37.54 -64.75 -41.84
C PHE W 63 37.64 -63.24 -42.00
N PHE W 64 37.31 -62.46 -40.97
CA PHE W 64 37.39 -61.03 -41.15
C PHE W 64 38.82 -60.49 -41.07
N SER W 65 39.70 -61.16 -40.32
CA SER W 65 41.12 -60.81 -40.40
C SER W 65 41.70 -61.11 -41.79
N ALA W 66 41.33 -62.26 -42.36
CA ALA W 66 41.77 -62.59 -43.71
C ALA W 66 41.16 -61.67 -44.75
N THR W 67 39.93 -61.21 -44.52
CA THR W 67 39.29 -60.26 -45.43
C THR W 67 39.98 -58.91 -45.38
N MET W 68 40.41 -58.48 -44.18
CA MET W 68 41.17 -57.24 -44.07
C MET W 68 42.48 -57.32 -44.83
N TRP W 69 43.24 -58.40 -44.63
CA TRP W 69 44.52 -58.49 -45.32
C TRP W 69 44.38 -58.72 -46.81
N PHE W 70 43.35 -59.45 -47.23
CA PHE W 70 43.05 -59.56 -48.66
C PHE W 70 42.72 -58.21 -49.28
N TRP W 71 41.93 -57.40 -48.58
CA TRP W 71 41.55 -56.09 -49.11
C TRP W 71 42.74 -55.15 -49.19
N ILE W 72 43.61 -55.17 -48.16
CA ILE W 72 44.81 -54.33 -48.16
C ILE W 72 45.74 -54.73 -49.29
N LEU W 73 45.97 -56.04 -49.48
CA LEU W 73 46.88 -56.48 -50.54
C LEU W 73 46.28 -56.28 -51.92
N TRP W 74 44.98 -56.47 -52.07
CA TRP W 74 44.31 -56.29 -53.35
C TRP W 74 44.32 -54.82 -53.78
N ARG W 75 43.92 -53.93 -52.87
CA ARG W 75 43.95 -52.51 -53.18
C ARG W 75 45.36 -51.98 -53.34
N PHE W 76 46.35 -52.56 -52.65
CA PHE W 76 47.72 -52.13 -52.87
C PHE W 76 48.26 -52.65 -54.18
N TRP W 77 47.76 -53.79 -54.65
CA TRP W 77 48.14 -54.30 -55.96
C TRP W 77 47.56 -53.44 -57.07
N HIS W 78 46.31 -52.99 -56.90
CA HIS W 78 45.64 -52.28 -57.97
C HIS W 78 45.83 -50.78 -57.93
N ASP W 79 45.90 -50.16 -56.75
CA ASP W 79 46.01 -48.71 -56.73
C ASP W 79 47.46 -48.26 -56.67
N SER W 80 48.16 -48.58 -55.58
CA SER W 80 49.61 -48.42 -55.39
C SER W 80 50.13 -46.98 -55.46
N ASP W 81 49.26 -46.02 -55.71
CA ASP W 81 49.64 -44.63 -55.89
C ASP W 81 48.96 -43.71 -54.90
N ALA W 82 47.86 -44.15 -54.29
CA ALA W 82 47.33 -43.46 -53.12
C ALA W 82 48.27 -43.56 -51.93
N VAL W 83 49.12 -44.58 -51.90
CA VAL W 83 50.14 -44.71 -50.87
C VAL W 83 51.47 -44.11 -51.30
N LEU W 84 51.95 -44.51 -52.48
CA LEU W 84 53.32 -44.21 -52.90
C LEU W 84 53.46 -42.96 -53.74
N GLY W 85 52.36 -42.42 -54.28
CA GLY W 85 52.47 -41.24 -55.12
C GLY W 85 51.91 -41.46 -56.51
N HIS W 86 51.16 -40.49 -57.01
CA HIS W 86 50.48 -40.62 -58.30
C HIS W 86 51.35 -40.16 -59.45
N PHE W 87 51.96 -38.98 -59.34
CA PHE W 87 52.66 -38.34 -60.44
C PHE W 87 54.08 -37.99 -60.01
N PRO W 88 55.03 -37.99 -60.93
CA PRO W 88 56.42 -37.67 -60.57
C PRO W 88 56.57 -36.20 -60.24
N TYR W 89 57.14 -35.92 -59.08
CA TYR W 89 57.39 -34.55 -58.66
C TYR W 89 58.65 -34.04 -59.36
N PRO W 90 58.56 -33.00 -60.18
CA PRO W 90 59.72 -32.56 -60.95
C PRO W 90 60.74 -31.83 -60.10
N ASP W 91 61.97 -31.84 -60.60
CA ASP W 91 63.07 -31.16 -59.93
C ASP W 91 63.23 -29.77 -60.51
N PRO W 92 63.05 -28.70 -59.73
CA PRO W 92 63.15 -27.35 -60.29
C PRO W 92 64.56 -26.94 -60.69
N SER W 93 65.59 -27.57 -60.13
CA SER W 93 66.95 -27.23 -60.51
C SER W 93 67.33 -27.80 -61.86
N GLN W 94 66.65 -28.85 -62.33
CA GLN W 94 66.93 -29.45 -63.61
C GLN W 94 66.31 -28.70 -64.78
N TRP W 95 65.50 -27.67 -64.51
CA TRP W 95 64.85 -26.90 -65.56
C TRP W 95 65.84 -25.92 -66.18
N THR W 96 65.91 -25.92 -67.50
CA THR W 96 66.83 -25.03 -68.21
C THR W 96 66.30 -23.61 -68.19
N ASP W 97 67.22 -22.66 -68.42
CA ASP W 97 66.84 -21.25 -68.48
C ASP W 97 66.15 -20.90 -69.78
N GLU W 98 66.23 -21.76 -70.79
CA GLU W 98 65.56 -21.49 -72.05
C GLU W 98 64.05 -21.65 -71.92
N GLU W 99 63.60 -22.70 -71.23
CA GLU W 99 62.18 -22.92 -71.05
C GLU W 99 61.58 -22.03 -69.96
N LEU W 100 62.40 -21.44 -69.10
CA LEU W 100 61.94 -20.50 -68.11
C LEU W 100 62.13 -19.05 -68.53
N GLY W 101 62.85 -18.81 -69.61
CA GLY W 101 63.04 -17.46 -70.11
C GLY W 101 63.91 -16.60 -69.22
N ILE W 102 65.17 -16.98 -69.06
CA ILE W 102 66.14 -16.24 -68.28
C ILE W 102 67.22 -15.73 -69.21
N PRO W 103 67.17 -14.46 -69.62
CA PRO W 103 68.21 -13.91 -70.50
C PRO W 103 69.54 -13.75 -69.78
N PRO W 104 70.61 -14.34 -70.31
CA PRO W 104 71.92 -14.20 -69.66
C PRO W 104 72.56 -12.85 -69.94
N ASP W 105 72.54 -11.98 -68.92
CA ASP W 105 73.24 -10.71 -69.00
C ASP W 105 74.07 -10.49 -67.74
N ILE X 32 10.56 -27.93 16.33
CA ILE X 32 11.61 -26.91 16.42
C ILE X 32 11.07 -25.73 17.23
N THR X 33 11.96 -25.01 17.89
CA THR X 33 11.59 -23.90 18.77
C THR X 33 12.68 -22.84 18.71
N LYS X 34 12.52 -21.78 19.51
CA LYS X 34 13.30 -20.57 19.31
C LYS X 34 14.73 -20.70 19.81
N ASP X 35 14.95 -21.43 20.91
CA ASP X 35 16.31 -21.55 21.41
C ASP X 35 17.14 -22.61 20.69
N MET X 36 16.60 -23.23 19.66
CA MET X 36 17.37 -24.11 18.79
C MET X 36 17.59 -23.51 17.42
N LEU X 37 17.07 -22.32 17.16
CA LEU X 37 17.32 -21.58 15.94
C LEU X 37 18.61 -20.78 16.07
N PRO X 38 19.24 -20.42 14.95
CA PRO X 38 20.42 -19.56 15.02
C PRO X 38 20.07 -18.17 15.52
N GLY X 39 21.03 -17.56 16.20
CA GLY X 39 20.82 -16.25 16.77
C GLY X 39 21.99 -15.32 16.54
N PRO X 40 22.16 -14.34 17.43
CA PRO X 40 23.22 -13.36 17.26
C PRO X 40 24.58 -13.94 17.63
N TYR X 41 25.62 -13.15 17.34
CA TYR X 41 26.99 -13.57 17.57
C TYR X 41 27.25 -13.74 19.07
N PRO X 42 27.87 -14.84 19.49
CA PRO X 42 28.10 -15.06 20.92
C PRO X 42 29.29 -14.25 21.43
N LYS X 43 29.06 -13.52 22.52
CA LYS X 43 30.08 -12.64 23.08
C LYS X 43 30.62 -13.13 24.41
N THR X 44 29.75 -13.39 25.37
CA THR X 44 30.19 -13.96 26.63
C THR X 44 30.51 -15.45 26.43
N PRO X 45 31.40 -16.01 27.26
CA PRO X 45 31.74 -17.44 27.09
C PRO X 45 30.60 -18.39 27.40
N GLU X 46 29.65 -18.03 28.26
CA GLU X 46 28.51 -18.91 28.49
C GLU X 46 27.55 -18.87 27.32
N GLU X 47 27.46 -17.74 26.61
CA GLU X 47 26.68 -17.69 25.39
C GLU X 47 27.32 -18.52 24.29
N ARG X 48 28.66 -18.48 24.21
CA ARG X 48 29.38 -19.34 23.27
C ARG X 48 29.22 -20.81 23.61
N ALA X 49 29.16 -21.12 24.91
CA ALA X 49 28.96 -22.51 25.34
C ALA X 49 27.56 -23.01 25.00
N ALA X 50 26.53 -22.18 25.22
CA ALA X 50 25.18 -22.64 24.94
C ALA X 50 24.90 -22.69 23.44
N ALA X 51 25.55 -21.82 22.65
CA ALA X 51 25.37 -21.96 21.22
C ALA X 51 26.21 -23.10 20.65
N ALA X 52 27.33 -23.45 21.29
CA ALA X 52 28.04 -24.68 20.92
C ALA X 52 27.19 -25.91 21.22
N LYS X 53 26.48 -25.89 22.35
CA LYS X 53 25.56 -26.97 22.67
C LYS X 53 24.39 -27.02 21.69
N LYS X 54 23.95 -25.88 21.18
CA LYS X 54 22.85 -25.83 20.23
C LYS X 54 23.19 -26.50 18.91
N TYR X 55 24.39 -26.27 18.39
CA TYR X 55 24.80 -26.84 17.12
C TYR X 55 25.38 -28.25 17.25
N ASN X 56 25.21 -28.89 18.42
CA ASN X 56 25.61 -30.28 18.68
C ASN X 56 27.11 -30.50 18.46
N MET X 57 27.92 -29.67 19.11
CA MET X 57 29.36 -29.75 18.91
C MET X 57 30.05 -29.24 20.15
N ARG X 58 31.34 -29.55 20.25
CA ARG X 58 32.13 -29.18 21.42
C ARG X 58 32.40 -27.68 21.43
N VAL X 59 32.59 -27.13 22.63
CA VAL X 59 32.91 -25.72 22.78
C VAL X 59 34.30 -25.45 22.23
N GLU X 60 35.22 -26.41 22.40
CA GLU X 60 36.58 -26.27 21.88
C GLU X 60 36.63 -26.38 20.36
N ASP X 61 35.58 -26.92 19.73
CA ASP X 61 35.52 -27.00 18.28
C ASP X 61 34.65 -25.92 17.65
N TYR X 62 33.77 -25.30 18.43
CA TYR X 62 32.86 -24.28 17.93
C TYR X 62 33.63 -22.98 17.71
N GLU X 63 33.72 -22.55 16.46
CA GLU X 63 34.19 -21.23 16.11
C GLU X 63 33.15 -20.58 15.22
N PRO X 64 32.56 -19.46 15.61
CA PRO X 64 31.65 -18.75 14.72
C PRO X 64 32.43 -17.95 13.69
N TYR X 65 31.69 -17.47 12.69
CA TYR X 65 32.26 -16.52 11.74
C TYR X 65 32.56 -15.21 12.46
N PRO X 66 33.63 -14.51 12.08
CA PRO X 66 34.01 -13.29 12.80
C PRO X 66 32.97 -12.18 12.63
N ASP X 67 32.66 -11.53 13.75
CA ASP X 67 31.54 -10.59 13.82
C ASP X 67 31.94 -9.30 13.11
N ASP X 68 31.78 -9.31 11.79
CA ASP X 68 32.04 -8.14 10.97
C ASP X 68 30.78 -7.58 10.33
N GLY X 69 29.61 -8.09 10.71
CA GLY X 69 28.36 -7.58 10.19
C GLY X 69 27.93 -8.13 8.87
N MET X 70 28.41 -9.31 8.48
CA MET X 70 28.00 -9.92 7.22
C MET X 70 26.72 -10.71 7.33
N GLY X 71 26.29 -11.07 8.54
CA GLY X 71 25.03 -11.73 8.74
C GLY X 71 25.10 -13.20 9.08
N TYR X 72 26.22 -13.68 9.61
CA TYR X 72 26.34 -15.10 9.95
C TYR X 72 25.77 -15.42 11.32
N GLY X 73 25.87 -14.48 12.26
CA GLY X 73 25.35 -14.74 13.59
C GLY X 73 26.23 -15.70 14.36
N ASP X 74 25.59 -16.64 15.04
CA ASP X 74 26.29 -17.65 15.82
C ASP X 74 26.56 -18.93 15.05
N TYR X 75 26.36 -18.92 13.74
CA TYR X 75 26.47 -20.15 12.97
C TYR X 75 27.94 -20.56 12.88
N PRO X 76 28.24 -21.85 13.05
CA PRO X 76 29.65 -22.26 13.15
C PRO X 76 30.37 -22.16 11.82
N LYS X 77 31.64 -21.75 11.88
CA LYS X 77 32.52 -21.80 10.72
C LYS X 77 33.14 -23.19 10.69
N LEU X 78 32.58 -24.06 9.87
CA LEU X 78 33.07 -25.42 9.72
C LEU X 78 34.27 -25.41 8.76
N PRO X 79 35.16 -26.45 8.78
CA PRO X 79 36.48 -26.32 8.16
C PRO X 79 36.63 -26.11 6.65
N ASP X 80 35.55 -25.89 5.89
CA ASP X 80 35.57 -25.52 4.46
C ASP X 80 36.10 -26.65 3.57
N ARG X 81 35.63 -27.86 3.83
CA ARG X 81 35.96 -28.99 2.98
C ARG X 81 34.75 -29.45 2.20
N SER X 82 35.00 -30.01 1.03
CA SER X 82 33.95 -30.62 0.25
C SER X 82 33.46 -31.90 0.91
N GLN X 83 32.24 -32.29 0.55
CA GLN X 83 31.70 -33.56 1.03
C GLN X 83 32.34 -34.75 0.34
N GLN X 84 33.07 -34.52 -0.76
CA GLN X 84 33.86 -35.57 -1.38
C GLN X 84 34.99 -36.04 -0.47
N GLU X 85 35.50 -35.16 0.39
CA GLU X 85 36.60 -35.55 1.27
C GLU X 85 36.16 -36.41 2.45
N ARG X 86 34.87 -36.52 2.70
CA ARG X 86 34.38 -37.38 3.77
C ARG X 86 34.68 -38.84 3.47
N ASP X 87 34.77 -39.64 4.53
CA ASP X 87 34.99 -41.07 4.41
C ASP X 87 33.79 -41.72 3.73
N PRO X 88 33.98 -42.33 2.56
CA PRO X 88 32.83 -42.92 1.87
C PRO X 88 32.41 -44.28 2.42
N TRP X 89 33.28 -44.96 3.16
CA TRP X 89 32.94 -46.26 3.70
C TRP X 89 32.21 -46.17 5.03
N TYR X 90 32.15 -44.99 5.63
CA TYR X 90 31.38 -44.80 6.85
C TYR X 90 29.88 -44.90 6.56
N ASP X 91 29.15 -45.44 7.52
CA ASP X 91 27.69 -45.55 7.43
C ASP X 91 27.07 -44.17 7.67
N TRP X 92 26.99 -43.39 6.59
CA TRP X 92 26.38 -42.08 6.68
C TRP X 92 24.87 -42.20 6.72
N ASP X 93 24.23 -41.28 7.44
CA ASP X 93 22.78 -41.23 7.43
C ASP X 93 22.27 -40.77 6.08
N HIS X 94 23.00 -39.85 5.43
CA HIS X 94 22.72 -39.40 4.07
C HIS X 94 23.94 -39.81 3.26
N PRO X 95 23.90 -40.98 2.61
CA PRO X 95 25.13 -41.51 1.99
C PRO X 95 25.55 -40.75 0.75
N ASP X 96 24.59 -40.25 -0.03
CA ASP X 96 24.92 -39.45 -1.20
C ASP X 96 25.48 -38.09 -0.81
N LEU X 97 25.08 -37.57 0.35
CA LEU X 97 25.59 -36.30 0.84
C LEU X 97 26.79 -36.45 1.75
N ARG X 98 27.02 -37.67 2.27
CA ARG X 98 28.06 -38.00 3.25
C ARG X 98 27.94 -37.09 4.48
N LEU X 99 26.78 -37.20 5.12
CA LEU X 99 26.39 -36.26 6.15
C LEU X 99 25.49 -36.98 7.12
N ASN X 100 25.73 -36.83 8.41
CA ASN X 100 24.87 -37.46 9.41
C ASN X 100 23.70 -36.57 9.78
N TRP X 101 22.76 -37.18 10.51
CA TRP X 101 21.64 -36.48 11.09
C TRP X 101 22.10 -35.71 12.32
N GLY X 102 21.70 -34.45 12.44
CA GLY X 102 22.05 -33.63 13.60
C GLY X 102 23.43 -33.03 13.57
N GLU X 103 24.29 -33.48 12.67
CA GLU X 103 25.58 -32.86 12.45
C GLU X 103 25.38 -31.44 11.91
N PRO X 104 26.10 -30.45 12.43
CA PRO X 104 25.96 -29.08 11.92
C PRO X 104 26.45 -28.97 10.49
N MET X 105 25.54 -28.56 9.61
CA MET X 105 25.88 -28.43 8.20
C MET X 105 26.73 -27.20 7.97
N HIS X 106 27.66 -27.30 7.03
CA HIS X 106 28.46 -26.16 6.63
C HIS X 106 27.56 -25.10 6.01
N TRP X 107 27.97 -23.84 6.15
CA TRP X 107 27.22 -22.72 5.59
C TRP X 107 27.05 -22.84 4.08
N ASP X 108 28.02 -23.42 3.41
CA ASP X 108 28.05 -23.64 1.97
C ASP X 108 27.93 -25.12 1.65
N LEU X 109 27.06 -25.84 2.37
CA LEU X 109 26.87 -27.27 2.13
C LEU X 109 26.33 -27.52 0.73
N ASP X 110 25.38 -26.70 0.27
CA ASP X 110 24.87 -26.81 -1.09
C ASP X 110 25.93 -26.49 -2.13
N MET X 111 26.98 -25.79 -1.74
CA MET X 111 28.11 -25.54 -2.60
C MET X 111 29.13 -26.68 -2.56
N TYR X 112 29.30 -27.34 -1.41
CA TYR X 112 30.28 -28.41 -1.27
C TYR X 112 29.68 -29.80 -1.44
N ILE X 113 28.51 -29.92 -2.08
CA ILE X 113 28.01 -31.23 -2.47
C ILE X 113 28.92 -31.86 -3.52
N ARG X 114 28.79 -33.17 -3.70
CA ARG X 114 29.68 -33.88 -4.61
C ARG X 114 29.37 -33.64 -6.07
N ASN X 115 28.25 -32.98 -6.39
CA ASN X 115 27.95 -32.50 -7.73
C ASN X 115 28.70 -31.22 -8.08
N ARG X 116 29.42 -30.65 -7.12
CA ARG X 116 29.92 -29.29 -7.19
C ARG X 116 31.34 -29.27 -6.66
N VAL X 117 31.79 -28.11 -6.16
CA VAL X 117 33.17 -27.80 -5.79
C VAL X 117 33.85 -28.87 -4.95
N ASP X 118 34.94 -29.42 -5.47
CA ASP X 118 35.75 -30.42 -4.80
C ASP X 118 36.98 -29.73 -4.23
N THR X 119 37.33 -30.06 -2.99
CA THR X 119 38.50 -29.47 -2.34
C THR X 119 39.54 -30.54 -2.01
N SER X 120 39.40 -31.72 -2.60
CA SER X 120 40.21 -32.88 -2.26
C SER X 120 41.69 -32.65 -2.60
N PRO X 121 42.61 -33.28 -1.86
CA PRO X 121 44.03 -33.15 -2.18
C PRO X 121 44.37 -33.77 -3.53
N THR X 122 45.12 -33.06 -4.28
CA THR X 122 45.56 -33.34 -5.64
C THR X 122 46.97 -33.90 -5.64
N PRO X 123 47.29 -34.79 -6.58
CA PRO X 123 48.65 -35.36 -6.61
C PRO X 123 49.73 -34.37 -6.96
N VAL X 124 49.39 -33.32 -7.71
CA VAL X 124 50.29 -32.24 -8.04
C VAL X 124 49.79 -31.01 -7.30
N ASN X 125 50.72 -30.20 -6.79
CA ASN X 125 50.38 -28.98 -6.07
C ASN X 125 49.62 -28.01 -6.97
N TRP X 126 48.78 -27.18 -6.33
CA TRP X 126 47.87 -26.30 -7.06
C TRP X 126 48.62 -25.25 -7.85
N ASN X 127 49.63 -24.64 -7.25
CA ASN X 127 50.40 -23.59 -7.93
C ASN X 127 51.21 -24.16 -9.07
N LEU X 128 51.73 -25.38 -8.91
CA LEU X 128 52.48 -26.01 -9.98
C LEU X 128 51.55 -26.42 -11.13
N MET X 129 50.33 -26.86 -10.80
CA MET X 129 49.32 -27.13 -11.82
C MET X 129 48.97 -25.88 -12.61
N CYS X 130 48.82 -24.74 -11.92
CA CYS X 130 48.51 -23.49 -12.60
C CYS X 130 49.67 -23.04 -13.47
N LYS X 131 50.91 -23.20 -12.98
CA LYS X 131 52.10 -22.85 -13.78
C LYS X 131 52.19 -23.72 -15.03
N HIS X 132 51.97 -25.03 -14.91
CA HIS X 132 52.10 -25.91 -16.06
C HIS X 132 51.00 -25.69 -17.08
N LEU X 133 49.75 -25.50 -16.63
CA LEU X 133 48.65 -25.25 -17.55
C LEU X 133 48.80 -23.91 -18.26
N PHE X 134 49.14 -22.85 -17.51
CA PHE X 134 49.31 -21.53 -18.13
C PHE X 134 50.51 -21.51 -19.06
N GLY X 135 51.60 -22.18 -18.68
CA GLY X 135 52.77 -22.22 -19.55
C GLY X 135 52.53 -22.98 -20.83
N PHE X 136 51.77 -24.08 -20.75
CA PHE X 136 51.45 -24.85 -21.94
C PHE X 136 50.55 -24.06 -22.88
N VAL X 137 49.49 -23.44 -22.34
CA VAL X 137 48.56 -22.70 -23.18
C VAL X 137 49.22 -21.46 -23.78
N ALA X 138 50.03 -20.76 -22.99
CA ALA X 138 50.72 -19.56 -23.48
C ALA X 138 51.78 -19.91 -24.52
N PHE X 139 52.50 -21.02 -24.32
CA PHE X 139 53.49 -21.45 -25.30
C PHE X 139 52.84 -21.87 -26.61
N MET X 140 51.69 -22.56 -26.52
CA MET X 140 51.02 -22.97 -27.74
C MET X 140 50.44 -21.79 -28.50
N LEU X 141 49.88 -20.81 -27.80
CA LEU X 141 49.37 -19.60 -28.47
C LEU X 141 50.50 -18.80 -29.10
N PHE X 142 51.64 -18.70 -28.40
CA PHE X 142 52.80 -18.03 -28.95
C PHE X 142 53.32 -18.73 -30.20
N MET X 143 53.34 -20.06 -30.20
CA MET X 143 53.86 -20.77 -31.36
C MET X 143 52.88 -20.78 -32.52
N PHE X 144 51.57 -20.74 -32.26
CA PHE X 144 50.62 -20.53 -33.35
C PHE X 144 50.78 -19.13 -33.95
N TRP X 145 51.10 -18.13 -33.12
CA TRP X 145 51.38 -16.80 -33.66
C TRP X 145 52.67 -16.79 -34.49
N VAL X 146 53.69 -17.51 -34.03
CA VAL X 146 54.96 -17.59 -34.77
C VAL X 146 54.76 -18.29 -36.11
N GLY X 147 54.06 -19.43 -36.11
CA GLY X 147 53.78 -20.12 -37.34
C GLY X 147 52.82 -19.40 -38.26
N GLU X 148 51.99 -18.51 -37.70
CA GLU X 148 51.17 -17.65 -38.55
C GLU X 148 52.02 -16.57 -39.20
N THR X 149 53.00 -16.04 -38.46
CA THR X 149 53.91 -15.05 -39.03
C THR X 149 54.85 -15.68 -40.07
N TYR X 150 55.26 -16.92 -39.86
CA TYR X 150 56.14 -17.65 -40.77
C TYR X 150 55.41 -18.90 -41.27
N PRO X 151 54.49 -18.76 -42.23
CA PRO X 151 53.70 -19.90 -42.65
C PRO X 151 54.48 -20.82 -43.59
N THR X 152 53.99 -22.05 -43.70
CA THR X 152 54.48 -22.94 -44.73
C THR X 152 53.68 -22.77 -46.01
N TYR X 153 54.30 -23.09 -47.12
CA TYR X 153 53.66 -23.06 -48.44
C TYR X 153 54.43 -24.00 -49.34
N GLN X 154 54.02 -24.05 -50.59
CA GLN X 154 54.64 -24.90 -51.60
C GLN X 154 55.31 -24.04 -52.68
N PRO X 155 56.37 -24.54 -53.33
CA PRO X 155 57.06 -23.70 -54.32
C PRO X 155 56.29 -23.60 -55.64
N VAL X 156 55.15 -22.91 -55.59
CA VAL X 156 54.27 -22.75 -56.75
C VAL X 156 53.87 -21.30 -56.88
N GLY X 157 53.46 -20.94 -58.09
CA GLY X 157 52.81 -19.68 -58.32
C GLY X 157 51.35 -19.74 -57.96
N PRO X 158 50.65 -18.63 -58.19
CA PRO X 158 49.22 -18.60 -57.88
C PRO X 158 48.43 -19.43 -58.88
N LYS X 159 47.29 -19.93 -58.42
CA LYS X 159 46.40 -20.72 -59.27
C LYS X 159 45.79 -19.82 -60.33
N GLN X 160 45.80 -20.28 -61.57
CA GLN X 160 45.42 -19.47 -62.71
C GLN X 160 44.04 -19.88 -63.20
N TYR X 161 43.14 -18.90 -63.28
CA TYR X 161 41.78 -19.12 -63.73
C TYR X 161 41.53 -18.36 -65.02
N PRO X 162 40.80 -18.94 -65.96
CA PRO X 162 40.52 -18.26 -67.22
C PRO X 162 39.44 -17.20 -67.07
N TYR X 163 39.18 -16.52 -68.19
CA TYR X 163 38.06 -15.58 -68.37
C TYR X 163 38.12 -14.44 -67.35
N ASN X 164 39.29 -13.78 -67.32
CA ASN X 164 39.58 -12.62 -66.47
C ASN X 164 39.40 -12.95 -64.99
N ASN X 165 40.04 -14.04 -64.57
CA ASN X 165 39.98 -14.60 -63.22
C ASN X 165 38.53 -14.91 -62.83
N LEU X 166 37.78 -15.47 -63.77
CA LEU X 166 36.36 -15.85 -63.63
C LEU X 166 35.51 -14.66 -63.20
N TYR X 167 35.58 -13.59 -63.98
CA TYR X 167 34.98 -12.31 -63.59
C TYR X 167 33.46 -12.40 -63.50
N LEU X 168 32.82 -13.04 -64.48
CA LEU X 168 31.38 -13.15 -64.46
C LEU X 168 30.91 -14.18 -63.44
N GLU X 169 31.72 -15.23 -63.21
CA GLU X 169 31.38 -16.26 -62.25
C GLU X 169 31.42 -15.75 -60.82
N ARG X 170 32.39 -14.90 -60.50
CA ARG X 170 32.50 -14.30 -59.17
C ARG X 170 31.47 -13.22 -58.89
N GLY X 171 30.58 -12.92 -59.84
CA GLY X 171 29.55 -11.94 -59.63
C GLY X 171 29.83 -10.58 -60.21
N GLY X 172 30.84 -10.46 -61.08
CA GLY X 172 31.09 -9.20 -61.74
C GLY X 172 29.98 -8.89 -62.73
N ASP X 173 29.62 -7.61 -62.80
CA ASP X 173 28.49 -7.22 -63.63
C ASP X 173 28.88 -7.20 -65.11
N PRO X 174 28.01 -7.70 -65.99
CA PRO X 174 28.38 -7.81 -67.40
C PRO X 174 28.34 -6.50 -68.16
N ASN X 175 27.70 -5.46 -67.62
CA ASN X 175 27.70 -4.17 -68.31
C ASN X 175 29.05 -3.48 -68.22
N LYS X 176 29.78 -3.70 -67.14
CA LYS X 176 31.15 -3.24 -67.03
C LYS X 176 32.09 -4.27 -67.66
N GLU X 177 33.32 -3.86 -67.89
CA GLU X 177 34.32 -4.75 -68.45
C GLU X 177 35.62 -4.63 -67.67
N PRO X 178 36.14 -5.71 -67.12
CA PRO X 178 37.34 -5.63 -66.28
C PRO X 178 38.58 -5.48 -67.13
N GLU X 179 39.72 -5.29 -66.44
CA GLU X 179 40.99 -5.33 -67.14
C GLU X 179 41.29 -6.78 -67.53
N PRO X 180 41.92 -7.00 -68.69
CA PRO X 180 42.19 -8.37 -69.15
C PRO X 180 43.26 -9.03 -68.30
N VAL X 181 42.88 -10.13 -67.64
CA VAL X 181 43.78 -10.94 -66.85
C VAL X 181 44.25 -12.07 -67.77
N VAL X 182 45.47 -11.96 -68.27
CA VAL X 182 45.99 -12.86 -69.30
C VAL X 182 47.03 -13.77 -68.67
N HIS X 183 46.86 -15.07 -68.86
CA HIS X 183 47.82 -16.06 -68.39
C HIS X 183 48.48 -16.73 -69.59
N TYR X 184 49.77 -17.02 -69.46
CA TYR X 184 50.56 -17.52 -70.57
C TYR X 184 51.09 -18.92 -70.25
N GLU X 185 51.55 -19.59 -71.30
CA GLU X 185 52.13 -20.91 -71.17
C GLU X 185 53.54 -20.82 -70.59
N ILE X 186 53.93 -21.86 -69.86
CA ILE X 186 55.29 -21.99 -69.37
C ILE X 186 55.60 -23.48 -69.21
N THR Y 52 6.23 -23.83 34.96
CA THR Y 52 4.93 -23.54 34.37
C THR Y 52 4.80 -24.19 33.00
N LEU Y 53 3.65 -23.98 32.36
CA LEU Y 53 3.35 -24.56 31.06
C LEU Y 53 2.71 -23.49 30.17
N ARG Y 54 2.41 -23.87 28.93
CA ARG Y 54 1.82 -22.96 27.96
C ARG Y 54 0.32 -23.30 27.86
N TRP Y 55 -0.39 -22.67 26.92
CA TRP Y 55 -1.85 -22.61 26.99
C TRP Y 55 -2.50 -23.95 26.57
N GLN Y 56 -3.82 -23.92 26.47
CA GLN Y 56 -4.62 -25.06 26.04
C GLN Y 56 -4.73 -25.05 24.52
N GLU Y 57 -4.09 -26.03 23.88
CA GLU Y 57 -3.97 -26.05 22.43
C GLU Y 57 -4.24 -27.46 21.92
N ASP Y 58 -4.94 -27.55 20.79
CA ASP Y 58 -5.02 -28.83 20.09
C ASP Y 58 -3.64 -29.24 19.58
N PRO Y 59 -3.27 -30.50 19.70
CA PRO Y 59 -2.03 -30.98 19.08
C PRO Y 59 -2.15 -31.01 17.57
N GLU Y 60 -1.01 -31.17 16.93
CA GLU Y 60 -0.91 -31.25 15.49
C GLU Y 60 -1.64 -32.48 14.97
N PRO Y 61 -2.63 -32.33 14.09
CA PRO Y 61 -3.27 -33.50 13.50
C PRO Y 61 -2.34 -34.17 12.50
N GLU Y 62 -2.34 -35.50 12.52
CA GLU Y 62 -1.46 -36.24 11.63
C GLU Y 62 -1.95 -36.10 10.18
N ASP Y 63 -0.99 -36.08 9.27
CA ASP Y 63 -1.29 -35.85 7.86
C ASP Y 63 -2.00 -37.07 7.26
N GLU Y 64 -3.15 -36.82 6.63
CA GLU Y 64 -3.98 -37.92 6.20
C GLU Y 64 -3.49 -38.48 4.86
N ASN Y 65 -3.66 -39.77 4.69
CA ASN Y 65 -3.39 -40.47 3.45
C ASN Y 65 -4.73 -40.82 2.82
N LEU Y 66 -5.02 -40.23 1.66
CA LEU Y 66 -6.27 -40.51 0.98
C LEU Y 66 -6.32 -41.93 0.42
N TYR Y 67 -5.17 -42.57 0.24
CA TYR Y 67 -5.15 -43.93 -0.27
C TYR Y 67 -5.47 -44.98 0.79
N GLU Y 68 -5.48 -44.61 2.07
CA GLU Y 68 -5.77 -45.60 3.11
C GLU Y 68 -7.24 -45.99 3.12
N LYS Y 69 -8.13 -45.02 3.22
CA LYS Y 69 -9.55 -45.33 3.20
C LYS Y 69 -10.09 -45.53 1.80
N ASN Y 70 -9.38 -45.05 0.79
CA ASN Y 70 -9.82 -45.15 -0.61
C ASN Y 70 -8.58 -45.39 -1.45
N PRO Y 71 -8.22 -46.66 -1.68
CA PRO Y 71 -7.05 -46.93 -2.53
C PRO Y 71 -7.26 -46.62 -4.00
N ASP Y 72 -8.50 -46.40 -4.44
CA ASP Y 72 -8.80 -45.95 -5.78
C ASP Y 72 -8.96 -44.43 -5.88
N SER Y 73 -8.37 -43.69 -4.94
CA SER Y 73 -8.58 -42.26 -4.88
C SER Y 73 -7.87 -41.55 -6.03
N HIS Y 74 -8.55 -40.57 -6.60
CA HIS Y 74 -7.95 -39.66 -7.56
C HIS Y 74 -7.39 -38.41 -6.88
N GLY Y 75 -7.54 -38.30 -5.57
CA GLY Y 75 -6.98 -37.18 -4.84
C GLY Y 75 -7.81 -35.93 -4.83
N TYR Y 76 -9.05 -36.00 -5.28
CA TYR Y 76 -9.90 -34.82 -5.31
C TYR Y 76 -10.71 -34.67 -4.02
N ASP Y 77 -11.14 -35.78 -3.43
CA ASP Y 77 -12.05 -35.73 -2.29
C ASP Y 77 -11.94 -37.05 -1.55
N LYS Y 78 -12.32 -37.03 -0.28
CA LYS Y 78 -12.31 -38.27 0.50
C LYS Y 78 -13.55 -39.13 0.25
N ASP Y 79 -14.65 -38.51 -0.15
CA ASP Y 79 -15.82 -39.27 -0.61
C ASP Y 79 -15.50 -39.84 -1.98
N PRO Y 80 -15.56 -41.16 -2.18
CA PRO Y 80 -15.13 -41.73 -3.46
C PRO Y 80 -16.01 -41.38 -4.65
N ALA Y 81 -17.31 -41.22 -4.46
CA ALA Y 81 -18.18 -40.83 -5.57
C ALA Y 81 -17.92 -39.38 -5.99
N VAL Y 82 -17.75 -38.50 -5.01
CA VAL Y 82 -17.39 -37.11 -5.28
C VAL Y 82 -16.01 -37.03 -5.90
N ASP Y 83 -15.09 -37.90 -5.47
CA ASP Y 83 -13.74 -37.94 -6.02
C ASP Y 83 -13.75 -38.34 -7.49
N VAL Y 84 -14.52 -39.38 -7.82
CA VAL Y 84 -14.59 -39.85 -9.20
C VAL Y 84 -15.31 -38.82 -10.09
N TRP Y 85 -16.33 -38.14 -9.56
CA TRP Y 85 -17.00 -37.18 -10.42
C TRP Y 85 -16.21 -35.90 -10.57
N ASN Y 86 -15.41 -35.52 -9.58
CA ASN Y 86 -14.48 -34.41 -9.73
C ASN Y 86 -13.42 -34.75 -10.77
N MET Y 87 -12.93 -36.00 -10.76
CA MET Y 87 -12.00 -36.44 -11.80
C MET Y 87 -12.63 -36.37 -13.18
N ARG Y 88 -13.87 -36.83 -13.32
CA ARG Y 88 -14.51 -36.83 -14.63
C ARG Y 88 -14.80 -35.41 -15.11
N VAL Y 89 -15.14 -34.52 -14.19
CA VAL Y 89 -15.38 -33.12 -14.56
C VAL Y 89 -14.09 -32.46 -15.04
N VAL Y 90 -12.99 -32.67 -14.30
CA VAL Y 90 -11.69 -32.14 -14.69
C VAL Y 90 -11.25 -32.69 -16.03
N PHE Y 91 -11.43 -33.99 -16.26
CA PHE Y 91 -10.86 -34.58 -17.47
C PHE Y 91 -11.74 -34.32 -18.69
N PHE Y 92 -13.07 -34.36 -18.53
CA PHE Y 92 -13.93 -34.08 -19.66
C PHE Y 92 -13.92 -32.61 -20.02
N PHE Y 93 -14.13 -31.72 -19.05
CA PHE Y 93 -14.20 -30.32 -19.42
C PHE Y 93 -12.82 -29.69 -19.59
N GLY Y 94 -11.77 -30.33 -19.11
CA GLY Y 94 -10.43 -29.82 -19.30
C GLY Y 94 -9.77 -30.35 -20.56
N PHE Y 95 -9.79 -31.66 -20.75
CA PHE Y 95 -9.09 -32.24 -21.89
C PHE Y 95 -10.01 -32.45 -23.08
N SER Y 96 -11.19 -33.03 -22.86
CA SER Y 96 -12.08 -33.32 -23.98
C SER Y 96 -12.71 -32.07 -24.54
N ILE Y 97 -12.94 -31.06 -23.71
CA ILE Y 97 -13.62 -29.86 -24.17
C ILE Y 97 -12.65 -28.74 -24.47
N VAL Y 98 -11.87 -28.28 -23.48
CA VAL Y 98 -11.08 -27.08 -23.72
C VAL Y 98 -9.87 -27.37 -24.58
N LEU Y 99 -9.12 -28.43 -24.28
CA LEU Y 99 -7.89 -28.72 -25.03
C LEU Y 99 -8.19 -29.15 -26.46
N VAL Y 100 -9.04 -30.14 -26.65
CA VAL Y 100 -9.27 -30.69 -27.99
C VAL Y 100 -10.03 -29.69 -28.86
N LEU Y 101 -11.21 -29.27 -28.40
CA LEU Y 101 -12.02 -28.36 -29.21
C LEU Y 101 -11.40 -26.97 -29.25
N GLY Y 102 -10.63 -26.60 -28.24
CA GLY Y 102 -9.95 -25.32 -28.26
C GLY Y 102 -8.77 -25.29 -29.21
N SER Y 103 -8.00 -26.37 -29.27
CA SER Y 103 -6.94 -26.47 -30.25
C SER Y 103 -7.49 -26.57 -31.67
N THR Y 104 -8.66 -27.21 -31.82
CA THR Y 104 -9.32 -27.25 -33.12
C THR Y 104 -9.83 -25.86 -33.51
N PHE Y 105 -10.30 -25.09 -32.54
CA PHE Y 105 -10.75 -23.72 -32.78
C PHE Y 105 -9.59 -22.84 -33.21
N VAL Y 106 -8.47 -22.91 -32.49
CA VAL Y 106 -7.30 -22.10 -32.83
C VAL Y 106 -6.71 -22.52 -34.17
N ALA Y 107 -6.75 -23.82 -34.48
CA ALA Y 107 -6.24 -24.34 -35.75
C ALA Y 107 -7.02 -23.82 -36.95
N TYR Y 108 -8.30 -23.48 -36.77
CA TYR Y 108 -9.15 -23.04 -37.85
C TYR Y 108 -9.65 -21.61 -37.63
N LEU Y 109 -8.80 -20.77 -37.07
CA LEU Y 109 -9.15 -19.35 -36.95
C LEU Y 109 -9.21 -18.70 -38.33
N PRO Y 110 -10.24 -17.92 -38.59
CA PRO Y 110 -10.44 -17.37 -39.94
C PRO Y 110 -9.41 -16.31 -40.29
N ASP Y 111 -8.22 -16.73 -40.71
CA ASP Y 111 -7.13 -15.87 -41.16
C ASP Y 111 -6.74 -14.86 -40.07
N TYR Y 112 -6.16 -15.40 -38.99
CA TYR Y 112 -5.82 -14.64 -37.80
C TYR Y 112 -4.89 -13.48 -38.13
N ARG Y 113 -5.44 -12.27 -37.99
CA ARG Y 113 -4.76 -11.00 -38.22
C ARG Y 113 -4.29 -10.86 -39.67
N MET Y 114 -5.16 -11.26 -40.60
CA MET Y 114 -5.12 -11.06 -42.06
C MET Y 114 -3.78 -11.30 -42.72
N GLN Y 115 -3.03 -12.28 -42.21
CA GLN Y 115 -1.73 -12.65 -42.79
C GLN Y 115 -1.90 -13.24 -44.18
N GLU Y 116 -2.81 -14.20 -44.33
CA GLU Y 116 -3.00 -14.89 -45.60
C GLU Y 116 -3.50 -13.94 -46.67
N TRP Y 117 -4.51 -13.13 -46.33
CA TRP Y 117 -4.93 -11.99 -47.14
C TRP Y 117 -3.74 -11.15 -47.60
N ALA Y 118 -2.85 -10.85 -46.65
CA ALA Y 118 -1.74 -9.96 -46.94
C ALA Y 118 -0.75 -10.59 -47.89
N ARG Y 119 -0.63 -11.92 -47.88
CA ARG Y 119 0.18 -12.54 -48.91
C ARG Y 119 -0.50 -12.41 -50.26
N ARG Y 120 -1.80 -12.69 -50.28
CA ARG Y 120 -2.55 -12.76 -51.52
C ARG Y 120 -2.64 -11.38 -52.17
N GLU Y 121 -2.88 -10.36 -51.34
CA GLU Y 121 -2.86 -8.97 -51.79
C GLU Y 121 -1.49 -8.56 -52.30
N ALA Y 122 -0.41 -9.03 -51.64
CA ALA Y 122 0.93 -8.75 -52.13
C ALA Y 122 1.16 -9.43 -53.47
N GLU Y 123 0.62 -10.64 -53.63
CA GLU Y 123 0.70 -11.33 -54.91
C GLU Y 123 -0.12 -10.63 -55.98
N ARG Y 124 -1.08 -9.81 -55.60
CA ARG Y 124 -1.71 -8.95 -56.58
C ARG Y 124 -0.77 -7.83 -56.99
N LEU Y 125 -0.20 -7.13 -55.99
CA LEU Y 125 0.47 -5.86 -56.28
C LEU Y 125 1.75 -6.06 -57.06
N VAL Y 126 2.55 -7.06 -56.66
CA VAL Y 126 3.73 -7.49 -57.40
C VAL Y 126 3.37 -7.79 -58.85
N LYS Y 127 2.29 -8.54 -59.05
CA LYS Y 127 1.86 -8.91 -60.39
C LYS Y 127 1.35 -7.69 -61.16
N TYR Y 128 0.87 -6.67 -60.47
CA TYR Y 128 0.50 -5.46 -61.17
C TYR Y 128 1.72 -4.66 -61.60
N ARG Y 129 2.77 -4.64 -60.78
CA ARG Y 129 3.86 -3.71 -61.02
C ARG Y 129 5.12 -4.38 -61.54
N GLU Y 130 5.17 -5.71 -61.58
CA GLU Y 130 6.14 -6.37 -62.45
C GLU Y 130 5.80 -6.15 -63.90
N ALA Y 131 4.51 -6.21 -64.24
CA ALA Y 131 4.08 -6.13 -65.63
C ALA Y 131 4.12 -4.71 -66.17
N HIS Y 132 3.81 -3.73 -65.33
CA HIS Y 132 3.78 -2.33 -65.74
C HIS Y 132 5.12 -1.63 -65.57
N GLY Y 133 6.18 -2.37 -65.27
CA GLY Y 133 7.51 -1.79 -65.18
C GLY Y 133 7.76 -0.91 -63.98
N LEU Y 134 6.83 -0.86 -63.03
CA LEU Y 134 6.96 -0.04 -61.85
C LEU Y 134 7.92 -0.71 -60.86
N PRO Y 135 8.54 0.05 -59.96
CA PRO Y 135 9.29 -0.59 -58.89
C PRO Y 135 8.37 -1.29 -57.92
N LEU Y 136 8.90 -2.35 -57.30
CA LEU Y 136 8.09 -3.21 -56.44
C LEU Y 136 7.67 -2.51 -55.16
N MET Y 137 8.44 -1.52 -54.74
CA MET Y 137 8.08 -0.73 -53.57
C MET Y 137 8.77 0.62 -53.72
N GLU Y 138 8.05 1.68 -53.37
CA GLU Y 138 8.64 3.01 -53.34
C GLU Y 138 9.31 3.23 -51.99
N SER Y 139 10.31 4.11 -51.97
CA SER Y 139 10.88 4.51 -50.69
C SER Y 139 9.94 5.43 -49.93
N ASN Y 140 9.08 6.15 -50.64
CA ASN Y 140 8.15 7.07 -50.01
C ASN Y 140 6.84 6.34 -49.74
N CYS Y 141 6.41 6.35 -48.47
CA CYS Y 141 5.11 5.79 -48.14
C CYS Y 141 3.99 6.69 -48.64
N PHE Y 142 4.23 7.99 -48.67
CA PHE Y 142 3.23 8.97 -49.05
C PHE Y 142 3.75 9.74 -50.25
N ASP Y 143 2.80 10.13 -51.11
CA ASP Y 143 3.11 10.86 -52.32
C ASP Y 143 3.77 12.19 -51.98
N PRO Y 144 4.96 12.48 -52.54
CA PRO Y 144 5.62 13.77 -52.23
C PRO Y 144 4.88 14.99 -52.76
N SER Y 145 3.90 14.82 -53.66
CA SER Y 145 3.10 15.94 -54.10
C SER Y 145 2.15 16.43 -53.01
N LYS Y 146 1.73 15.53 -52.12
CA LYS Y 146 0.82 15.87 -51.02
C LYS Y 146 1.57 16.03 -49.71
N ILE Y 147 2.77 16.59 -49.75
CA ILE Y 147 3.54 16.91 -48.55
C ILE Y 147 4.12 18.32 -48.71
N GLN Y 148 3.85 19.19 -47.74
CA GLN Y 148 4.52 20.48 -47.65
C GLN Y 148 5.72 20.36 -46.72
N LEU Y 149 6.87 20.73 -47.19
CA LEU Y 149 7.97 20.73 -46.26
C LEU Y 149 8.10 22.11 -45.61
N PRO Y 150 8.61 22.19 -44.37
CA PRO Y 150 8.92 23.50 -43.79
C PRO Y 150 10.09 24.13 -44.53
N GLU Y 151 9.83 25.27 -45.16
CA GLU Y 151 10.81 25.88 -46.06
C GLU Y 151 11.98 26.47 -45.29
N ASP Y 152 13.14 26.51 -45.95
CA ASP Y 152 14.36 26.99 -45.33
C ASP Y 152 15.35 27.42 -46.41
N LYS Z 28 -42.29 -28.06 22.59
CA LYS Z 28 -41.37 -26.94 22.53
C LYS Z 28 -39.93 -27.41 22.42
N PHE Z 29 -39.02 -26.48 22.16
CA PHE Z 29 -37.59 -26.73 22.27
C PHE Z 29 -36.94 -25.85 23.33
N TYR Z 30 -37.21 -24.56 23.32
CA TYR Z 30 -36.45 -23.64 24.15
C TYR Z 30 -36.97 -23.57 25.58
N ILE Z 31 -36.05 -23.37 26.51
CA ILE Z 31 -36.41 -23.23 27.92
C ILE Z 31 -37.00 -21.85 28.20
N GLN Z 32 -36.65 -20.84 27.39
CA GLN Z 32 -37.23 -19.52 27.47
C GLN Z 32 -37.78 -19.17 26.11
N GLU Z 33 -38.96 -18.55 26.09
CA GLU Z 33 -39.56 -18.16 24.83
C GLU Z 33 -38.75 -17.04 24.19
N PRO Z 34 -38.23 -17.23 22.99
CA PRO Z 34 -37.36 -16.22 22.38
C PRO Z 34 -38.17 -15.00 21.96
N PRO Z 35 -37.53 -13.84 21.83
CA PRO Z 35 -38.26 -12.66 21.35
C PRO Z 35 -38.74 -12.78 19.92
N HIS Z 36 -38.03 -13.53 19.10
CA HIS Z 36 -38.35 -13.69 17.69
C HIS Z 36 -38.82 -15.10 17.39
N GLY Z 37 -39.52 -15.73 18.34
CA GLY Z 37 -40.09 -17.04 18.09
C GLY Z 37 -41.33 -16.97 17.21
N SER Z 38 -42.12 -15.90 17.35
CA SER Z 38 -43.26 -15.63 16.52
C SER Z 38 -43.03 -14.33 15.76
N PRO Z 39 -43.48 -14.23 14.51
CA PRO Z 39 -43.25 -12.99 13.76
C PRO Z 39 -44.10 -11.84 14.26
N ASN Z 40 -43.47 -10.68 14.34
CA ASN Z 40 -44.12 -9.44 14.74
C ASN Z 40 -45.01 -8.99 13.59
N TRP Z 41 -46.30 -9.35 13.65
CA TRP Z 41 -47.19 -9.18 12.51
C TRP Z 41 -47.49 -7.71 12.24
N LEU Z 42 -47.49 -6.87 13.28
CA LEU Z 42 -47.59 -5.44 13.07
C LEU Z 42 -46.40 -4.91 12.29
N LYS Z 43 -45.21 -5.36 12.63
CA LYS Z 43 -44.00 -4.87 11.97
C LYS Z 43 -43.86 -5.44 10.57
N VAL Z 44 -44.27 -6.70 10.34
CA VAL Z 44 -44.29 -7.26 9.00
C VAL Z 44 -45.31 -6.53 8.12
N GLY Z 45 -46.47 -6.20 8.69
CA GLY Z 45 -47.47 -5.46 7.94
C GLY Z 45 -47.02 -4.05 7.60
N LEU Z 46 -46.38 -3.36 8.56
CA LEU Z 46 -45.83 -2.04 8.28
C LEU Z 46 -44.71 -2.10 7.25
N THR Z 47 -43.91 -3.17 7.29
CA THR Z 47 -42.81 -3.34 6.33
C THR Z 47 -43.33 -3.50 4.92
N LEU Z 48 -44.28 -4.43 4.72
CA LEU Z 48 -44.82 -4.69 3.40
C LEU Z 48 -45.65 -3.52 2.89
N GLY Z 49 -46.39 -2.84 3.79
CA GLY Z 49 -47.17 -1.70 3.37
C GLY Z 49 -46.32 -0.51 2.99
N THR Z 50 -45.25 -0.24 3.75
CA THR Z 50 -44.33 0.83 3.41
C THR Z 50 -43.58 0.55 2.11
N SER Z 51 -43.19 -0.71 1.90
CA SER Z 51 -42.49 -1.05 0.66
C SER Z 51 -43.39 -0.94 -0.55
N ALA Z 52 -44.65 -1.41 -0.43
CA ALA Z 52 -45.60 -1.27 -1.53
C ALA Z 52 -45.95 0.18 -1.79
N PHE Z 53 -46.04 0.99 -0.74
CA PHE Z 53 -46.30 2.42 -0.91
C PHE Z 53 -45.15 3.11 -1.62
N LEU Z 54 -43.91 2.76 -1.27
CA LEU Z 54 -42.76 3.36 -1.93
C LEU Z 54 -42.68 2.92 -3.39
N TRP Z 55 -43.05 1.68 -3.71
CA TRP Z 55 -43.05 1.28 -5.12
C TRP Z 55 -44.14 1.98 -5.93
N ILE Z 56 -45.35 2.13 -5.37
CA ILE Z 56 -46.39 2.77 -6.16
C ILE Z 56 -46.13 4.27 -6.27
N TYR Z 57 -45.52 4.87 -5.23
CA TYR Z 57 -45.14 6.28 -5.32
C TYR Z 57 -44.00 6.48 -6.30
N LEU Z 58 -43.07 5.52 -6.38
CA LEU Z 58 -41.97 5.63 -7.32
C LEU Z 58 -42.44 5.50 -8.77
N ILE Z 59 -43.35 4.55 -9.02
CA ILE Z 59 -43.87 4.37 -10.38
C ILE Z 59 -44.75 5.56 -10.77
N LYS Z 60 -45.52 6.11 -9.81
CA LYS Z 60 -46.31 7.31 -10.09
C LYS Z 60 -45.43 8.52 -10.38
N GLN Z 61 -44.35 8.69 -9.61
CA GLN Z 61 -43.39 9.76 -9.84
C GLN Z 61 -42.72 9.62 -11.20
N HIS Z 62 -42.34 8.40 -11.57
CA HIS Z 62 -41.66 8.18 -12.85
C HIS Z 62 -42.59 8.42 -14.02
N ASN Z 63 -43.86 8.01 -13.91
CA ASN Z 63 -44.82 8.25 -14.99
C ASN Z 63 -45.14 9.73 -15.12
N GLU Z 64 -45.28 10.42 -13.98
CA GLU Z 64 -45.48 11.87 -14.02
C GLU Z 64 -44.27 12.59 -14.59
N ASP Z 65 -43.07 12.09 -14.32
CA ASP Z 65 -41.86 12.74 -14.84
C ASP Z 65 -41.67 12.51 -16.33
N VAL Z 66 -41.98 11.31 -16.83
CA VAL Z 66 -41.88 11.10 -18.28
C VAL Z 66 -42.98 11.87 -19.00
N LEU Z 67 -44.15 12.04 -18.36
CA LEU Z 67 -45.22 12.81 -18.98
C LEU Z 67 -44.88 14.30 -19.01
N GLU Z 68 -44.24 14.80 -17.96
CA GLU Z 68 -43.82 16.20 -17.92
C GLU Z 68 -42.67 16.46 -18.89
N TYR Z 69 -41.76 15.50 -19.03
CA TYR Z 69 -40.69 15.61 -20.02
C TYR Z 69 -41.23 15.66 -21.44
N LYS Z 70 -42.16 14.76 -21.76
CA LYS Z 70 -42.76 14.76 -23.09
C LYS Z 70 -43.62 16.00 -23.33
N ARG Z 71 -44.20 16.56 -22.28
CA ARG Z 71 -44.99 17.78 -22.46
C ARG Z 71 -44.09 19.00 -22.67
N ARG Z 72 -43.01 19.11 -21.90
CA ARG Z 72 -42.13 20.26 -22.03
C ARG Z 72 -41.31 20.21 -23.32
N ASN Z 73 -41.00 19.02 -23.82
CA ASN Z 73 -40.20 18.92 -25.03
C ASN Z 73 -41.01 18.54 -26.27
N GLY Z 74 -42.32 18.37 -26.14
CA GLY Z 74 -43.18 18.15 -27.29
C GLY Z 74 -42.98 16.82 -28.00
N LEU Z 75 -43.04 15.72 -27.24
CA LEU Z 75 -42.88 14.38 -27.80
C LEU Z 75 -44.10 13.55 -27.40
N GLU Z 76 -45.20 13.71 -28.14
CA GLU Z 76 -46.45 13.02 -27.83
C GLU Z 76 -47.11 12.54 -29.11
N ARG AA 9 -36.28 -27.50 -11.45
CA ARG AA 9 -35.20 -28.25 -12.07
C ARG AA 9 -34.30 -28.83 -10.99
N ASP AA 10 -33.89 -30.08 -11.17
CA ASP AA 10 -33.05 -30.76 -10.20
C ASP AA 10 -31.59 -30.32 -10.24
N HIS AA 11 -31.16 -29.71 -11.35
CA HIS AA 11 -29.80 -29.24 -11.53
C HIS AA 11 -29.79 -27.79 -11.93
N TRP AA 12 -30.55 -26.97 -11.20
CA TRP AA 12 -30.73 -25.56 -11.52
C TRP AA 12 -29.46 -24.73 -11.28
N ILE AA 13 -28.48 -25.26 -10.56
CA ILE AA 13 -27.30 -24.45 -10.27
C ILE AA 13 -26.32 -24.46 -11.44
N HIS AA 14 -26.45 -25.42 -12.35
CA HIS AA 14 -25.55 -25.50 -13.49
C HIS AA 14 -25.98 -24.61 -14.65
N VAL AA 15 -26.98 -23.75 -14.46
CA VAL AA 15 -27.36 -22.80 -15.48
C VAL AA 15 -26.99 -21.38 -15.12
N LEU AA 16 -26.38 -21.15 -13.95
CA LEU AA 16 -26.04 -19.79 -13.52
C LEU AA 16 -24.97 -19.18 -14.41
N VAL AA 17 -23.86 -19.87 -14.58
CA VAL AA 17 -22.76 -19.44 -15.44
C VAL AA 17 -23.12 -19.53 -16.93
N PRO AA 18 -23.82 -20.56 -17.47
CA PRO AA 18 -24.22 -20.49 -18.88
C PRO AA 18 -25.18 -19.37 -19.25
N VAL AA 19 -26.27 -19.18 -18.48
CA VAL AA 19 -27.20 -18.10 -18.76
C VAL AA 19 -26.53 -16.74 -18.56
N GLY AA 20 -25.66 -16.65 -17.56
CA GLY AA 20 -24.83 -15.47 -17.39
C GLY AA 20 -23.88 -15.23 -18.55
N PHE AA 21 -23.53 -16.28 -19.27
CA PHE AA 21 -22.86 -16.08 -20.55
C PHE AA 21 -23.81 -15.48 -21.57
N VAL AA 22 -24.98 -16.12 -21.75
CA VAL AA 22 -25.90 -15.76 -22.82
C VAL AA 22 -26.42 -14.35 -22.64
N PHE AA 23 -26.87 -14.04 -21.42
CA PHE AA 23 -27.30 -12.70 -21.07
C PHE AA 23 -26.18 -11.68 -21.26
N GLY AA 24 -24.96 -12.07 -20.87
CA GLY AA 24 -23.82 -11.20 -21.11
C GLY AA 24 -23.58 -10.99 -22.59
N TYR AA 25 -23.67 -12.08 -23.36
CA TYR AA 25 -23.59 -11.99 -24.82
C TYR AA 25 -24.69 -11.10 -25.36
N TYR AA 26 -25.90 -11.23 -24.79
CA TYR AA 26 -27.04 -10.42 -25.18
C TYR AA 26 -26.75 -8.94 -24.98
N LEU AA 27 -26.17 -8.59 -23.83
CA LEU AA 27 -25.93 -7.19 -23.55
C LEU AA 27 -24.89 -6.61 -24.47
N ASP AA 28 -23.92 -7.44 -24.88
CA ASP AA 28 -22.90 -6.99 -25.81
C ASP AA 28 -23.53 -6.66 -27.15
N ARG AA 29 -24.45 -7.51 -27.62
CA ARG AA 29 -25.15 -7.23 -28.86
C ARG AA 29 -26.05 -6.02 -28.70
N LYS AA 30 -26.66 -5.89 -27.51
CA LYS AA 30 -27.50 -4.74 -27.23
C LYS AA 30 -26.68 -3.46 -27.13
N ASN AA 31 -25.38 -3.58 -26.83
CA ASN AA 31 -24.55 -2.39 -26.82
C ASN AA 31 -24.17 -1.98 -28.23
N ASP AA 32 -24.16 -2.92 -29.18
CA ASP AA 32 -23.69 -2.61 -30.53
C ASP AA 32 -24.66 -1.69 -31.24
N GLU AA 33 -25.96 -1.85 -30.98
CA GLU AA 33 -26.97 -0.93 -31.49
C GLU AA 33 -26.85 0.46 -30.90
N LYS AA 34 -26.18 0.62 -29.75
CA LYS AA 34 -25.90 1.94 -29.23
C LYS AA 34 -24.62 2.54 -29.78
N LEU AA 35 -23.86 1.79 -30.56
CA LEU AA 35 -22.62 2.28 -31.14
C LEU AA 35 -22.65 2.17 -32.66
N ALA AA 36 -23.80 2.47 -33.24
CA ALA AA 36 -24.05 2.29 -34.67
C ALA AA 36 -24.23 3.62 -35.40
N ALA AA 37 -23.56 4.67 -34.93
CA ALA AA 37 -23.67 5.97 -35.57
C ALA AA 37 -22.98 5.99 -36.93
N PHE AA 38 -21.95 5.18 -37.11
CA PHE AA 38 -21.20 5.12 -38.35
C PHE AA 38 -21.47 3.85 -39.15
N ARG AA 39 -22.57 3.17 -38.85
CA ARG AA 39 -22.97 2.01 -39.64
C ARG AA 39 -23.32 2.44 -41.05
N ASN AA 40 -22.62 1.84 -42.02
CA ASN AA 40 -22.69 2.16 -43.46
C ASN AA 40 -22.32 3.61 -43.72
N LYS AA 41 -21.41 4.17 -42.93
CA LYS AA 41 -20.98 5.55 -43.09
C LYS AA 41 -19.47 5.74 -43.09
N SER AA 42 -18.69 4.70 -42.82
CA SER AA 42 -17.25 4.78 -42.97
C SER AA 42 -16.87 4.93 -44.43
N LEU AA 43 -15.77 5.63 -44.69
CA LEU AA 43 -15.31 5.79 -46.06
C LEU AA 43 -14.83 4.47 -46.63
N LEU AA 44 -14.40 3.54 -45.77
CA LEU AA 44 -13.93 2.26 -46.25
C LEU AA 44 -15.10 1.39 -46.70
N TYR AA 45 -16.18 1.36 -45.93
CA TYR AA 45 -17.20 0.34 -46.12
C TYR AA 45 -18.57 0.87 -46.48
N LYS AA 46 -18.72 2.16 -46.80
CA LYS AA 46 -20.04 2.64 -47.18
C LYS AA 46 -20.42 2.11 -48.56
N ARG AA 47 -21.68 1.74 -48.70
CA ARG AA 47 -22.16 1.11 -49.91
C ARG AA 47 -23.67 1.32 -50.00
N GLU AA 48 -24.20 1.06 -51.19
CA GLU AA 48 -25.64 1.06 -51.37
C GLU AA 48 -26.23 -0.21 -50.78
N LEU AA 49 -27.42 -0.08 -50.23
CA LEU AA 49 -28.07 -1.21 -49.57
C LEU AA 49 -28.63 -2.18 -50.60
N LYS AA 50 -28.45 -3.47 -50.33
CA LYS AA 50 -29.01 -4.52 -51.16
C LYS AA 50 -30.53 -4.56 -50.98
N PRO AA 51 -31.27 -5.15 -51.93
CA PRO AA 51 -32.72 -5.32 -51.73
C PRO AA 51 -33.03 -6.23 -50.56
N GLN AA 52 -34.13 -5.90 -49.87
CA GLN AA 52 -34.56 -6.53 -48.62
C GLN AA 52 -33.48 -6.46 -47.54
N GLU AA 53 -32.82 -5.30 -47.45
CA GLU AA 53 -31.82 -5.04 -46.43
C GLU AA 53 -32.08 -3.65 -45.86
N GLU AA 54 -32.04 -3.51 -44.54
CA GLU AA 54 -32.22 -2.22 -43.91
C GLU AA 54 -30.97 -1.71 -43.20
N VAL AA 55 -30.10 -2.60 -42.71
CA VAL AA 55 -28.85 -2.23 -42.07
C VAL AA 55 -27.76 -3.17 -42.58
N THR AA 56 -26.53 -2.65 -42.62
CA THR AA 56 -25.43 -3.47 -43.09
C THR AA 56 -24.91 -4.42 -42.02
N TRP AA 57 -25.07 -4.07 -40.75
CA TRP AA 57 -24.78 -5.00 -39.66
C TRP AA 57 -25.73 -4.71 -38.52
N LYS AA 58 -25.81 -5.65 -37.58
CA LYS AA 58 -26.70 -5.50 -36.45
C LYS AA 58 -25.89 -5.53 -35.15
N MET BA 1 -41.23 57.05 79.48
CA MET BA 1 -41.93 55.94 78.87
C MET BA 1 -41.56 55.78 77.39
N TRP BA 2 -42.56 55.60 76.53
CA TRP BA 2 -42.29 55.35 75.12
C TRP BA 2 -41.77 56.58 74.39
N PHE BA 3 -42.05 57.78 74.89
CA PHE BA 3 -41.55 59.01 74.28
C PHE BA 3 -40.08 59.28 74.56
N GLU BA 4 -39.41 58.40 75.31
CA GLU BA 4 -37.98 58.51 75.55
C GLU BA 4 -37.16 58.17 74.32
N VAL BA 5 -37.73 57.42 73.36
CA VAL BA 5 -37.00 57.08 72.15
C VAL BA 5 -37.02 58.23 71.15
N LEU BA 6 -37.96 59.17 71.29
CA LEU BA 6 -38.16 60.30 70.39
C LEU BA 6 -37.02 61.31 70.27
N PRO BA 7 -36.18 61.59 71.30
CA PRO BA 7 -35.01 62.45 71.02
C PRO BA 7 -34.01 61.86 70.03
N GLY BA 8 -33.67 60.58 70.16
CA GLY BA 8 -32.77 59.97 69.18
C GLY BA 8 -33.37 59.87 67.80
N ILE BA 9 -34.69 59.59 67.74
CA ILE BA 9 -35.40 59.56 66.47
C ILE BA 9 -35.43 60.95 65.85
N ALA BA 10 -35.56 61.99 66.67
CA ALA BA 10 -35.58 63.36 66.15
C ALA BA 10 -34.20 63.77 65.64
N VAL BA 11 -33.14 63.37 66.33
CA VAL BA 11 -31.78 63.68 65.87
C VAL BA 11 -31.49 62.95 64.57
N MET BA 12 -31.87 61.68 64.49
CA MET BA 12 -31.71 60.91 63.26
C MET BA 12 -32.56 61.47 62.12
N GLY BA 13 -33.74 62.00 62.43
CA GLY BA 13 -34.57 62.59 61.40
C GLY BA 13 -34.05 63.91 60.88
N VAL BA 14 -33.44 64.72 61.76
CA VAL BA 14 -32.76 65.92 61.31
C VAL BA 14 -31.56 65.56 60.44
N CYS BA 15 -30.83 64.51 60.81
CA CYS BA 15 -29.69 64.07 60.01
C CYS BA 15 -30.12 63.50 58.66
N LEU BA 16 -31.33 62.95 58.57
CA LEU BA 16 -31.82 62.55 57.25
C LEU BA 16 -32.46 63.71 56.49
N PHE BA 17 -32.91 64.75 57.18
CA PHE BA 17 -33.50 65.91 56.52
C PHE BA 17 -32.44 66.81 55.89
N ILE BA 18 -31.24 66.83 56.48
CA ILE BA 18 -30.16 67.70 55.98
C ILE BA 18 -29.77 67.47 54.52
N PRO BA 19 -29.54 66.22 54.03
CA PRO BA 19 -29.02 66.09 52.65
C PRO BA 19 -29.97 66.55 51.55
N GLY BA 20 -31.27 66.27 51.66
CA GLY BA 20 -32.19 66.69 50.62
C GLY BA 20 -32.42 68.19 50.61
N MET BA 21 -32.59 68.79 51.79
CA MET BA 21 -32.73 70.23 51.90
C MET BA 21 -31.46 70.94 51.43
N ALA BA 22 -30.30 70.34 51.72
CA ALA BA 22 -29.03 70.91 51.32
C ALA BA 22 -28.86 70.88 49.81
N THR BA 23 -29.18 69.75 49.16
CA THR BA 23 -29.02 69.70 47.71
C THR BA 23 -30.07 70.55 46.99
N ALA BA 24 -31.26 70.72 47.58
CA ALA BA 24 -32.25 71.61 46.99
C ALA BA 24 -31.79 73.07 47.04
N ARG BA 25 -31.27 73.51 48.18
CA ARG BA 25 -30.79 74.88 48.29
C ARG BA 25 -29.52 75.11 47.47
N ILE BA 26 -28.67 74.09 47.34
CA ILE BA 26 -27.45 74.25 46.53
C ILE BA 26 -27.79 74.28 45.05
N HIS BA 27 -28.79 73.51 44.61
CA HIS BA 27 -29.23 73.59 43.22
C HIS BA 27 -29.85 74.95 42.91
N ARG BA 28 -30.67 75.48 43.82
CA ARG BA 28 -31.24 76.80 43.57
C ARG BA 28 -30.20 77.90 43.66
N PHE BA 29 -29.15 77.71 44.47
CA PHE BA 29 -28.10 78.71 44.52
C PHE BA 29 -27.22 78.67 43.26
N SER BA 30 -26.94 77.48 42.76
CA SER BA 30 -26.03 77.30 41.64
C SER BA 30 -26.72 77.44 40.30
N ASN BA 31 -28.05 77.51 40.26
CA ASN BA 31 -28.75 77.49 38.99
C ASN BA 31 -29.71 78.67 38.85
N GLY BA 32 -29.34 79.82 39.42
CA GLY BA 32 -30.08 81.05 39.25
C GLY BA 32 -31.44 81.12 39.90
N GLY BA 33 -31.57 80.58 41.12
CA GLY BA 33 -32.84 80.60 41.81
C GLY BA 33 -33.84 79.59 41.33
N ARG BA 34 -33.43 78.61 40.55
CA ARG BA 34 -34.32 77.66 39.93
C ARG BA 34 -33.80 76.25 40.14
N GLU BA 35 -34.57 75.28 39.67
CA GLU BA 35 -34.13 73.89 39.73
C GLU BA 35 -32.96 73.66 38.78
N LYS BA 36 -32.16 72.66 39.11
CA LYS BA 36 -31.11 72.22 38.21
C LYS BA 36 -31.75 71.61 36.98
N ARG BA 37 -31.20 71.93 35.81
CA ARG BA 37 -31.71 71.40 34.56
C ARG BA 37 -31.45 69.91 34.49
N VAL BA 38 -32.48 69.16 34.15
CA VAL BA 38 -32.35 67.72 33.97
C VAL BA 38 -32.10 67.45 32.50
N ALA BA 39 -30.93 66.93 32.17
CA ALA BA 39 -30.59 66.54 30.81
C ALA BA 39 -30.26 65.05 30.84
N HIS BA 40 -31.30 64.23 30.76
CA HIS BA 40 -31.13 62.78 30.62
C HIS BA 40 -30.98 62.36 29.18
N TYR BA 41 -31.41 63.21 28.26
CA TYR BA 41 -31.49 62.91 26.84
C TYR BA 41 -30.70 63.99 26.11
N SER BA 42 -30.17 63.64 24.94
CA SER BA 42 -29.27 64.53 24.24
C SER BA 42 -29.96 65.76 23.68
N TYR BA 43 -31.27 65.72 23.48
CA TYR BA 43 -32.00 66.92 23.09
C TYR BA 43 -32.04 67.95 24.22
N GLN BA 44 -32.23 67.50 25.44
CA GLN BA 44 -32.21 68.38 26.60
C GLN BA 44 -30.83 68.99 26.80
N TRP BA 45 -29.78 68.20 26.55
CA TRP BA 45 -28.42 68.73 26.59
C TRP BA 45 -28.17 69.72 25.48
N TYR BA 46 -28.73 69.47 24.28
CA TYR BA 46 -28.59 70.39 23.17
C TYR BA 46 -29.23 71.73 23.49
N LEU BA 47 -30.43 71.70 24.08
CA LEU BA 47 -31.10 72.94 24.48
C LEU BA 47 -30.35 73.65 25.57
N MET BA 48 -29.74 72.90 26.49
CA MET BA 48 -29.01 73.49 27.59
C MET BA 48 -27.73 74.17 27.11
N GLU BA 49 -27.02 73.54 26.16
CA GLU BA 49 -25.85 74.17 25.57
C GLU BA 49 -26.22 75.33 24.67
N ARG BA 50 -27.39 75.28 24.03
CA ARG BA 50 -27.87 76.43 23.29
C ARG BA 50 -28.19 77.59 24.22
N ASP BA 51 -28.73 77.30 25.41
CA ASP BA 51 -28.99 78.36 26.38
C ASP BA 51 -27.70 78.95 26.90
N ARG BA 52 -26.68 78.10 27.08
CA ARG BA 52 -25.36 78.58 27.46
C ARG BA 52 -24.72 79.45 26.39
N ARG BA 53 -24.99 79.16 25.12
CA ARG BA 53 -24.45 79.99 24.05
C ARG BA 53 -25.24 81.28 23.85
N VAL BA 54 -26.57 81.26 24.06
CA VAL BA 54 -27.36 82.46 23.86
C VAL BA 54 -27.38 83.37 25.07
N SER BA 55 -26.90 82.91 26.22
CA SER BA 55 -26.88 83.80 27.39
C SER BA 55 -25.78 84.85 27.29
N GLY BA 56 -24.67 84.54 26.63
CA GLY BA 56 -23.58 85.47 26.49
C GLY BA 56 -22.67 85.59 27.68
N VAL BA 57 -22.98 84.93 28.79
CA VAL BA 57 -22.14 84.93 29.98
C VAL BA 57 -21.65 83.54 30.33
N ASN BA 58 -21.80 82.58 29.40
CA ASN BA 58 -21.35 81.19 29.53
C ASN BA 58 -22.00 80.49 30.71
N ARG BA 59 -23.28 80.81 30.94
CA ARG BA 59 -24.09 80.18 31.97
C ARG BA 59 -25.42 79.80 31.34
N TYR BA 60 -25.81 78.53 31.42
CA TYR BA 60 -27.02 78.08 30.74
C TYR BA 60 -28.27 78.66 31.37
N TYR BA 61 -28.23 78.95 32.66
CA TYR BA 61 -29.41 79.33 33.40
C TYR BA 61 -29.76 80.80 33.26
N VAL BA 62 -28.86 81.63 32.76
CA VAL BA 62 -29.20 83.03 32.53
C VAL BA 62 -30.10 83.10 31.31
N SER BA 63 -31.39 83.30 31.55
CA SER BA 63 -32.39 83.18 30.49
C SER BA 63 -32.57 84.51 29.77
N LYS BA 64 -32.73 84.41 28.44
CA LYS BA 64 -32.96 85.57 27.59
C LYS BA 64 -34.35 85.43 26.99
N GLY BA 65 -35.18 86.44 27.20
CA GLY BA 65 -36.54 86.43 26.71
C GLY BA 65 -36.71 87.31 25.49
N LEU BA 66 -37.85 88.00 25.43
CA LEU BA 66 -38.15 88.86 24.30
C LEU BA 66 -37.33 90.14 24.28
N GLU BA 67 -36.64 90.47 25.37
CA GLU BA 67 -35.80 91.65 25.39
C GLU BA 67 -34.53 91.46 24.55
N ASN BA 68 -34.16 90.22 24.24
CA ASN BA 68 -32.94 89.97 23.50
C ASN BA 68 -33.14 90.02 22.00
N ILE BA 69 -34.39 89.89 21.54
CA ILE BA 69 -34.70 90.17 20.15
C ILE BA 69 -35.16 91.62 20.06
N ASP BA 70 -35.13 92.17 18.85
CA ASP BA 70 -35.43 93.58 18.64
C ASP BA 70 -36.90 93.94 18.90
N ALA CA 34 2.69 -28.37 10.67
CA ALA CA 34 2.35 -28.45 9.25
C ALA CA 34 0.99 -27.81 9.00
N ARG CA 35 0.24 -27.57 10.07
CA ARG CA 35 -0.95 -26.77 9.94
C ARG CA 35 -0.57 -25.30 9.86
N GLN CA 36 -1.56 -24.46 9.57
CA GLN CA 36 -1.33 -23.03 9.40
C GLN CA 36 -0.90 -22.41 10.72
N TRP CA 37 0.14 -21.59 10.67
CA TRP CA 37 0.55 -20.82 11.83
C TRP CA 37 -0.54 -19.81 12.19
N GLN CA 38 -0.93 -19.81 13.45
CA GLN CA 38 -1.75 -18.75 14.00
C GLN CA 38 -0.97 -18.06 15.11
N PRO CA 39 -1.28 -16.79 15.41
CA PRO CA 39 -0.50 -16.06 16.41
C PRO CA 39 -0.54 -16.68 17.80
N ASP CA 40 0.62 -16.72 18.43
CA ASP CA 40 0.76 -17.28 19.76
C ASP CA 40 0.52 -16.17 20.79
N VAL CA 41 0.76 -16.47 22.07
CA VAL CA 41 0.69 -15.45 23.11
C VAL CA 41 1.80 -14.42 22.92
N GLU CA 42 2.97 -14.85 22.46
CA GLU CA 42 4.09 -13.94 22.23
C GLU CA 42 3.81 -12.96 21.10
N TRP CA 43 3.13 -13.41 20.05
CA TRP CA 43 2.75 -12.50 18.97
C TRP CA 43 1.69 -11.52 19.44
N ALA CA 44 0.72 -11.99 20.23
CA ALA CA 44 -0.41 -11.17 20.61
C ALA CA 44 -0.06 -10.15 21.68
N GLU CA 45 0.92 -10.46 22.54
CA GLU CA 45 1.33 -9.53 23.60
C GLU CA 45 1.99 -8.27 23.06
N GLN CA 46 2.45 -8.27 21.81
CA GLN CA 46 3.01 -7.07 21.21
C GLN CA 46 1.95 -6.02 20.91
N TYR CA 47 0.67 -6.40 20.89
CA TYR CA 47 -0.43 -5.49 20.60
C TYR CA 47 -1.21 -5.12 21.86
N GLY CA 48 -0.66 -5.40 23.03
CA GLY CA 48 -1.36 -5.13 24.27
C GLY CA 48 -0.68 -4.09 25.13
N GLY CA 49 0.40 -3.50 24.62
CA GLY CA 49 1.09 -2.46 25.35
C GLY CA 49 0.33 -1.14 25.33
N ALA CA 50 0.85 -0.19 26.10
CA ALA CA 50 0.28 1.15 26.09
C ALA CA 50 0.50 1.84 24.75
N VAL CA 51 1.69 1.68 24.18
CA VAL CA 51 1.97 2.14 22.84
C VAL CA 51 2.38 0.95 21.99
N MET CA 52 2.69 1.21 20.72
CA MET CA 52 3.14 0.15 19.83
C MET CA 52 4.65 0.00 19.84
N TYR CA 53 5.38 1.09 20.01
CA TYR CA 53 6.85 1.09 19.97
C TYR CA 53 7.36 1.73 21.25
N PRO CA 54 7.60 0.93 22.29
CA PRO CA 54 8.01 1.50 23.59
C PRO CA 54 9.43 2.05 23.55
N THR CA 55 9.56 3.35 23.75
CA THR CA 55 10.85 4.00 23.85
C THR CA 55 11.22 4.16 25.32
N LYS CA 56 12.31 4.89 25.57
CA LYS CA 56 12.75 5.15 26.94
C LYS CA 56 11.79 6.09 27.66
N GLU CA 57 11.19 7.04 26.94
CA GLU CA 57 10.25 7.97 27.55
C GLU CA 57 8.93 7.28 27.86
N THR CA 58 8.36 6.60 26.87
CA THR CA 58 7.06 5.94 27.04
C THR CA 58 7.23 4.49 27.49
N ALA CA 59 7.99 4.27 28.55
CA ALA CA 59 8.14 2.95 29.14
C ALA CA 59 7.48 2.81 30.50
N HIS CA 60 7.19 3.92 31.16
CA HIS CA 60 6.42 3.90 32.40
C HIS CA 60 4.92 3.90 32.14
N TRP CA 61 4.49 3.97 30.89
CA TRP CA 61 3.06 4.00 30.57
C TRP CA 61 2.48 2.60 30.70
N LYS CA 62 1.45 2.48 31.49
CA LYS CA 62 0.67 1.27 31.56
C LYS CA 62 -0.57 1.42 30.70
N PRO CA 63 -1.19 0.31 30.25
CA PRO CA 63 -2.43 0.44 29.50
C PRO CA 63 -3.56 0.92 30.40
N PRO CA 64 -4.56 1.60 29.83
CA PRO CA 64 -5.68 2.11 30.63
C PRO CA 64 -6.54 0.99 31.18
N PRO CA 65 -7.41 1.28 32.17
CA PRO CA 65 -8.29 0.22 32.69
C PRO CA 65 -9.28 -0.28 31.64
N TRP CA 66 -9.85 -1.45 31.93
CA TRP CA 66 -10.69 -2.11 30.94
C TRP CA 66 -12.03 -1.41 30.81
N ASN CA 67 -12.63 -1.01 31.93
CA ASN CA 67 -13.87 -0.25 31.91
C ASN CA 67 -13.63 1.26 31.89
N ASP CA 68 -12.36 1.66 31.76
CA ASP CA 68 -11.92 3.06 31.70
C ASP CA 68 -12.29 3.85 32.95
N VAL CA 69 -12.31 3.17 34.09
CA VAL CA 69 -12.64 3.79 35.37
C VAL CA 69 -11.42 3.67 36.27
N ASP CA 70 -10.96 4.76 36.74
CA ASP CA 70 -9.86 4.94 37.67
C ASP CA 70 -10.39 5.04 39.10
N PRO CA 71 -9.64 4.52 40.08
CA PRO CA 71 -10.11 4.56 41.46
C PRO CA 71 -10.07 5.97 42.00
N PRO CA 72 -10.99 6.33 42.92
CA PRO CA 72 -11.18 7.75 43.26
C PRO CA 72 -10.11 8.35 44.15
N LYS CA 73 -9.13 7.55 44.60
CA LYS CA 73 -7.94 7.99 45.36
C LYS CA 73 -8.28 8.70 46.68
#